data_9DB0
#
_entry.id   9DB0
#
loop_
_entity.id
_entity.type
_entity.pdbx_description
1 polymer 'Spike glycoprotein'
2 branched 2-acetamido-2-deoxy-beta-D-glucopyranose-(1-4)-2-acetamido-2-deoxy-beta-D-glucopyranose
3 branched beta-D-mannopyranose-(1-4)-2-acetamido-2-deoxy-beta-D-glucopyranose-(1-4)-2-acetamido-2-deoxy-beta-D-glucopyranose
4 branched alpha-D-mannopyranose-(1-3)-[alpha-D-mannopyranose-(1-6)]beta-D-mannopyranose-(1-4)-2-acetamido-2-deoxy-beta-D-glucopyranose-(1-4)-2-acetamido-2-deoxy-beta-D-glucopyranose
5 branched alpha-D-mannopyranose-(1-3)-beta-D-mannopyranose-(1-4)-2-acetamido-2-deoxy-beta-D-glucopyranose-(1-4)-2-acetamido-2-deoxy-beta-D-glucopyranose
6 non-polymer 2-acetamido-2-deoxy-beta-D-glucopyranose
7 non-polymer 'PALMITOLEIC ACID'
8 water water
#
_entity_poly.entity_id   1
_entity_poly.type   'polypeptide(L)'
_entity_poly.pdbx_seq_one_letter_code
;MGILPSPGMPALLSLVSLLSVLLMGCVAETGTIKPNNDCRQVNVTQLDGNENLIRDFLFQNFKEEGTNVFAPTVGGYIPD
GFSFNNWFLLTNDSTFVSGRFVTNQPLLVNCLWPVPSFGVAAQEFCFEGAQFSQCNGVSLNNTVDVIRFNLNFTADVQSG
MGATVFSLNTTGGVILEISCYNDTVRESSFYSYGEIPFGITDGPKYCYVLYNGTALKYLGTLPPSVKEIAISKWGHFYIN
GYNFFSTFPIDCISFNLTTSTSGAFWTIAYTSYTEALVQVENTAIKKVTYCNSHINNIKCSQLTANLQNGFYPVASSEVG
LVNKSVVLLPSFYSHTSVNITIDLGMKLSGYGQPIASALSNITLPMQDNNTDVYCIRSNQFSVYVHSTCKSSLWDNVFNS
DCTDVLHATAVIKTGTCPFSFDKLNNYLTFNKFCLSLHPVGANCKFDVAARTRTNEQVVRSLYVIYEEGDNIAGVPSDNS
GLHDLSVLHLDSCTDYNIYGKTGIGIIRQTNSTLLSGLYYTSLSGDLLGFKNVTDGVVYSVTPCDVSAQAAVIDGTIVGA
MTSINSELLGLTHWTTTPNFYYYSIYNYTNERTRGTAIDSNDVDCEPIITYSNIGVCKNGALVFINVTHSDGDVQPISTG
NVTIPTNFTISVQVEYIQVYTTPVSIDCSRYVCNGNPRCNKLLTQYVSACQTIEQALAMGARLENMEVDSMLFVSENALK
LASVEAFNSTEHLDPIYKEWPNIGGSWLGGLKDILPSHNSKRKYRSAIEDLLFDKVVTSGLGTVDEDYKRCTGGYDIADL
VCAQYYNGIMVLPGVANDDKMTMYTASLAGGITLGALGGGAVAIPFAVAVQARLNYVALQTDVLNKNQQILANAFNQAIG
NITQAFGKVNDAIHQTSKGLATVAKALAKVQDVVNTQGQALSHLTVQLQNNFQAISSSISDIYNRLDPPSADAQVDRLIT
GRLTALNAFVSQTLTRQAEVRASRQLAKDKVNECVRSQSQRFGFCGNGTHLFSLANAAPNGMIFFHTVLLPTAYETVTAW
SGICASDGDHTFGLVVKDVQLTLFRNLDDKFYLTPRTMYQPRVATISDFVQIEGCDVLFVNATVIELPGIIPDYIDINQT
VQDILENYRPNWTVPELTLDIFNSTYLNLTGEINDLEFRSEKLHNTTVELAVLIDNINNTLVNLEWLNRIETYVKSGGYI
PEAPRDGQAYVRKDGEWVLLSTFLVPRGSGGSGGSGLNDIFEAQKIEWHEGGSHHHHHHHH
;
_entity_poly.pdbx_strand_id   A,B,C
#
loop_
_chem_comp.id
_chem_comp.type
_chem_comp.name
_chem_comp.formula
BMA D-saccharide, beta linking beta-D-mannopyranose 'C6 H12 O6'
MAN D-saccharide, alpha linking alpha-D-mannopyranose 'C6 H12 O6'
NAG D-saccharide, beta linking 2-acetamido-2-deoxy-beta-D-glucopyranose 'C8 H15 N O6'
PAM non-polymer 'PALMITOLEIC ACID' 'C16 H30 O2'
#
# COMPACT_ATOMS: atom_id res chain seq x y z
N THR A 67 -49.07 17.46 -1.49
CA THR A 67 -50.02 17.27 -0.40
C THR A 67 -49.39 16.52 0.75
N ASN A 68 -49.93 16.72 1.95
CA ASN A 68 -49.44 16.05 3.15
C ASN A 68 -50.16 14.74 3.45
N VAL A 69 -51.17 14.44 2.66
CA VAL A 69 -51.94 13.19 2.88
C VAL A 69 -51.55 12.19 1.80
N PHE A 70 -51.23 10.99 2.20
CA PHE A 70 -50.82 9.93 1.28
C PHE A 70 -51.56 8.68 1.74
N ALA A 71 -51.70 7.71 0.86
CA ALA A 71 -52.35 6.44 1.23
C ALA A 71 -51.30 5.33 1.26
N PRO A 72 -51.01 4.69 2.42
CA PRO A 72 -50.03 3.62 2.48
C PRO A 72 -50.37 2.46 1.53
N THR A 73 -49.38 1.91 0.82
CA THR A 73 -49.53 0.76 -0.06
C THR A 73 -49.62 -0.51 0.78
N VAL A 74 -49.55 -1.67 0.11
CA VAL A 74 -49.56 -2.94 0.82
C VAL A 74 -48.27 -3.11 1.59
N GLY A 75 -48.38 -3.40 2.88
CA GLY A 75 -47.23 -3.49 3.75
C GLY A 75 -46.92 -2.23 4.52
N GLY A 76 -47.56 -1.12 4.19
CA GLY A 76 -47.36 0.13 4.90
C GLY A 76 -46.17 0.94 4.43
N TYR A 77 -46.04 1.09 3.12
CA TYR A 77 -44.92 1.81 2.52
C TYR A 77 -45.40 3.11 1.91
N ILE A 78 -44.67 4.19 2.16
CA ILE A 78 -45.06 5.51 1.66
C ILE A 78 -44.91 5.53 0.14
N PRO A 79 -45.91 6.04 -0.59
CA PRO A 79 -45.81 6.07 -2.06
C PRO A 79 -44.66 6.95 -2.53
N ASP A 80 -44.13 6.62 -3.71
CA ASP A 80 -42.99 7.33 -4.26
C ASP A 80 -43.33 8.78 -4.63
N GLY A 81 -44.60 9.13 -4.71
CA GLY A 81 -44.98 10.49 -5.05
C GLY A 81 -45.08 11.46 -3.89
N PHE A 82 -44.71 11.03 -2.69
CA PHE A 82 -44.82 11.89 -1.53
C PHE A 82 -43.72 12.95 -1.54
N SER A 83 -43.94 14.02 -0.77
CA SER A 83 -43.00 15.14 -0.70
C SER A 83 -42.26 15.23 0.63
N PHE A 84 -42.75 14.59 1.69
CA PHE A 84 -42.10 14.61 3.00
C PHE A 84 -41.88 16.04 3.49
N ASN A 85 -42.95 16.84 3.45
CA ASN A 85 -42.85 18.24 3.85
C ASN A 85 -42.61 18.37 5.35
N ASN A 86 -43.27 17.54 6.16
CA ASN A 86 -43.13 17.60 7.62
C ASN A 86 -42.52 16.33 8.17
N TRP A 87 -41.65 15.69 7.38
CA TRP A 87 -40.98 14.46 7.76
C TRP A 87 -39.48 14.69 7.78
N PHE A 88 -38.83 14.27 8.86
CA PHE A 88 -37.40 14.44 9.04
C PHE A 88 -36.77 13.10 9.40
N LEU A 89 -35.44 13.09 9.38
CA LEU A 89 -34.68 11.95 9.87
C LEU A 89 -34.40 12.13 11.35
N LEU A 90 -34.72 11.10 12.14
CA LEU A 90 -34.47 11.16 13.58
C LEU A 90 -33.01 10.85 13.85
N THR A 91 -32.43 11.68 14.70
CA THR A 91 -31.01 11.53 15.06
C THR A 91 -30.75 11.84 16.53
N ASN A 92 -29.72 11.21 17.08
CA ASN A 92 -29.20 11.58 18.38
C ASN A 92 -27.97 12.47 18.30
N ASP A 93 -27.55 12.90 17.14
CA ASP A 93 -26.29 13.63 17.03
C ASP A 93 -26.46 14.78 16.06
N SER A 94 -25.64 14.80 15.05
CA SER A 94 -25.68 15.84 14.00
C SER A 94 -26.62 15.46 12.86
N THR A 95 -27.14 16.44 12.16
CA THR A 95 -28.08 16.24 11.04
C THR A 95 -27.33 16.23 9.72
N PHE A 96 -27.53 15.18 8.92
CA PHE A 96 -26.98 15.13 7.56
C PHE A 96 -27.58 16.26 6.77
N VAL A 97 -26.75 17.00 6.05
CA VAL A 97 -27.22 18.08 5.19
C VAL A 97 -27.64 17.57 3.82
N SER A 98 -26.80 16.75 3.20
CA SER A 98 -27.09 16.22 1.87
C SER A 98 -26.41 14.88 1.69
N GLY A 99 -27.00 14.04 0.86
CA GLY A 99 -26.44 12.76 0.51
C GLY A 99 -27.46 11.64 0.64
N ARG A 100 -26.99 10.43 0.34
CA ARG A 100 -27.82 9.23 0.41
C ARG A 100 -27.31 8.34 1.54
N PHE A 101 -28.22 7.83 2.36
CA PHE A 101 -27.84 7.04 3.52
C PHE A 101 -28.79 5.86 3.68
N VAL A 102 -28.24 4.70 4.03
CA VAL A 102 -29.04 3.54 4.39
C VAL A 102 -29.22 3.57 5.90
N THR A 103 -30.47 3.77 6.35
CA THR A 103 -30.75 3.99 7.75
C THR A 103 -31.96 3.17 8.18
N ASN A 104 -32.00 2.85 9.47
CA ASN A 104 -33.16 2.23 10.09
C ASN A 104 -34.00 3.34 10.71
N GLN A 105 -35.07 3.72 10.03
CA GLN A 105 -35.89 4.85 10.43
C GLN A 105 -37.35 4.43 10.57
N PRO A 106 -38.12 5.11 11.42
CA PRO A 106 -39.55 4.76 11.54
C PRO A 106 -40.36 5.25 10.37
N LEU A 107 -40.21 4.58 9.22
CA LEU A 107 -40.92 4.95 8.00
C LEU A 107 -41.91 3.90 7.55
N LEU A 108 -42.21 2.88 8.33
CA LEU A 108 -43.26 1.91 7.96
C LEU A 108 -44.55 2.40 8.57
N VAL A 109 -45.35 3.04 7.77
CA VAL A 109 -46.60 3.68 8.19
C VAL A 109 -47.67 2.61 8.33
N ASN A 110 -48.04 2.27 9.57
CA ASN A 110 -49.09 1.29 9.79
C ASN A 110 -50.46 1.88 9.51
N CYS A 111 -50.72 3.09 10.05
CA CYS A 111 -52.00 3.85 9.87
C CYS A 111 -51.72 5.35 9.75
N LEU A 112 -52.29 6.07 8.78
CA LEU A 112 -52.12 7.53 8.72
C LEU A 112 -53.44 8.23 9.02
N TRP A 113 -53.61 8.83 10.20
CA TRP A 113 -54.83 9.60 10.56
C TRP A 113 -54.73 11.02 10.02
N PRO A 114 -55.49 11.41 8.97
CA PRO A 114 -55.52 12.78 8.50
C PRO A 114 -56.51 13.60 9.35
N VAL A 115 -56.13 14.79 9.77
CA VAL A 115 -56.98 15.67 10.57
C VAL A 115 -57.25 16.93 9.75
N PRO A 116 -58.51 17.23 9.44
CA PRO A 116 -58.81 18.44 8.66
C PRO A 116 -58.66 19.69 9.50
N SER A 117 -58.69 20.84 8.81
CA SER A 117 -58.64 22.12 9.50
C SER A 117 -59.85 22.29 10.41
N PHE A 118 -59.63 22.94 11.54
CA PHE A 118 -60.63 23.15 12.58
C PHE A 118 -61.13 21.85 13.20
N GLY A 119 -60.54 20.71 12.84
CA GLY A 119 -60.93 19.45 13.42
C GLY A 119 -60.26 19.21 14.75
N VAL A 120 -60.72 18.16 15.43
CA VAL A 120 -60.22 17.80 16.75
C VAL A 120 -59.69 16.38 16.69
N ALA A 121 -58.44 16.20 17.10
CA ALA A 121 -57.83 14.87 17.21
C ALA A 121 -57.60 14.59 18.69
N ALA A 122 -58.41 13.69 19.26
CA ALA A 122 -58.33 13.34 20.66
C ALA A 122 -58.26 11.84 20.79
N GLN A 123 -57.25 11.34 21.50
CA GLN A 123 -57.06 9.91 21.60
C GLN A 123 -56.12 9.59 22.76
N GLU A 124 -56.28 8.40 23.32
CA GLU A 124 -55.32 7.87 24.30
C GLU A 124 -54.72 6.62 23.64
N PHE A 125 -53.45 6.62 23.27
CA PHE A 125 -52.88 5.47 22.51
C PHE A 125 -51.94 4.65 23.37
N CYS A 126 -52.10 3.34 23.34
CA CYS A 126 -51.14 2.44 24.02
C CYS A 126 -50.31 1.84 22.89
N PHE A 127 -49.00 1.74 23.03
CA PHE A 127 -48.13 1.33 21.90
C PHE A 127 -48.30 -0.17 21.63
N GLU A 128 -48.56 -0.95 22.67
CA GLU A 128 -48.82 -2.40 22.54
C GLU A 128 -50.29 -2.60 22.20
N GLY A 129 -50.92 -1.58 21.62
CA GLY A 129 -52.34 -1.65 21.27
C GLY A 129 -52.66 -0.87 20.00
N ALA A 130 -52.29 -1.40 18.84
CA ALA A 130 -52.67 -0.79 17.53
C ALA A 130 -54.17 -0.49 17.40
N GLN A 131 -54.78 0.14 18.39
CA GLN A 131 -56.12 0.70 18.30
C GLN A 131 -56.06 2.02 17.56
N PHE A 132 -56.80 2.13 16.46
CA PHE A 132 -56.79 3.32 15.62
C PHE A 132 -58.22 3.75 15.33
N SER A 133 -58.35 5.08 15.18
CA SER A 133 -59.64 5.74 14.88
C SER A 133 -60.03 5.94 13.42
N GLN A 134 -59.33 6.87 12.79
CA GLN A 134 -59.57 6.98 11.34
C GLN A 134 -58.25 6.65 10.70
N CYS A 135 -58.21 5.82 9.69
CA CYS A 135 -57.00 5.63 8.87
C CYS A 135 -57.33 5.77 7.40
N ASN A 136 -56.96 6.85 6.75
CA ASN A 136 -57.12 6.91 5.28
C ASN A 136 -56.18 5.83 4.75
N GLY A 137 -56.72 4.78 4.14
CA GLY A 137 -55.88 3.66 3.69
C GLY A 137 -56.02 2.34 4.43
N VAL A 138 -55.26 1.33 4.02
CA VAL A 138 -55.23 0.07 4.75
C VAL A 138 -54.51 0.33 6.07
N SER A 139 -54.91 -0.42 7.11
CA SER A 139 -54.25 -0.31 8.43
C SER A 139 -53.62 -1.64 8.83
N LEU A 140 -52.34 -1.66 9.16
CA LEU A 140 -51.61 -2.86 9.52
C LEU A 140 -52.01 -3.30 10.93
N ASN A 141 -51.53 -4.49 11.31
CA ASN A 141 -51.81 -5.07 12.63
C ASN A 141 -50.56 -5.29 13.45
N ASN A 142 -49.44 -4.70 13.07
CA ASN A 142 -48.20 -4.83 13.82
C ASN A 142 -48.13 -3.79 14.93
N THR A 143 -47.13 -3.94 15.80
CA THR A 143 -46.93 -3.00 16.88
C THR A 143 -46.43 -1.67 16.35
N VAL A 144 -46.77 -0.59 17.05
CA VAL A 144 -46.36 0.77 16.69
C VAL A 144 -45.18 1.17 17.56
N ASP A 145 -44.12 1.67 16.92
CA ASP A 145 -42.93 2.11 17.62
C ASP A 145 -42.90 3.61 17.88
N VAL A 146 -43.26 4.42 16.88
CA VAL A 146 -43.19 5.87 16.97
C VAL A 146 -44.53 6.45 16.54
N ILE A 147 -44.96 7.50 17.23
CA ILE A 147 -46.13 8.27 16.82
C ILE A 147 -45.66 9.67 16.46
N ARG A 148 -45.98 10.12 15.25
CA ARG A 148 -45.49 11.38 14.73
C ARG A 148 -46.66 12.32 14.47
N PHE A 149 -46.53 13.56 14.90
CA PHE A 149 -47.47 14.63 14.60
C PHE A 149 -46.79 15.55 13.59
N ASN A 150 -47.33 15.59 12.37
CA ASN A 150 -46.77 16.41 11.30
C ASN A 150 -47.65 17.63 11.11
N LEU A 151 -47.39 18.66 11.92
CA LEU A 151 -48.17 19.88 11.86
C LEU A 151 -47.30 21.05 12.29
N ASN A 152 -47.70 22.25 11.85
CA ASN A 152 -47.02 23.46 12.25
C ASN A 152 -47.39 23.81 13.69
N PHE A 153 -46.59 23.32 14.65
CA PHE A 153 -46.90 23.48 16.06
C PHE A 153 -46.53 24.90 16.51
N THR A 154 -47.36 25.85 16.09
CA THR A 154 -47.20 27.24 16.46
C THR A 154 -47.96 27.51 17.75
N ALA A 155 -48.11 28.79 18.09
CA ALA A 155 -48.85 29.18 19.28
C ALA A 155 -50.36 29.21 19.05
N ASP A 156 -50.81 28.96 17.82
CA ASP A 156 -52.24 28.94 17.48
C ASP A 156 -52.80 27.52 17.42
N VAL A 157 -52.26 26.60 18.22
CA VAL A 157 -52.75 25.23 18.32
C VAL A 157 -53.31 25.05 19.71
N GLN A 158 -54.59 24.70 19.81
CA GLN A 158 -55.25 24.58 21.09
C GLN A 158 -55.26 23.13 21.56
N SER A 159 -55.21 22.96 22.87
CA SER A 159 -55.24 21.66 23.50
C SER A 159 -56.48 21.55 24.39
N GLY A 160 -57.14 20.40 24.33
CA GLY A 160 -58.34 20.18 25.14
C GLY A 160 -58.08 19.91 26.59
N MET A 161 -56.83 19.69 26.98
CA MET A 161 -56.46 19.44 28.37
C MET A 161 -55.95 20.69 29.06
N GLY A 162 -56.06 21.85 28.44
CA GLY A 162 -55.62 23.09 29.05
C GLY A 162 -54.19 23.41 28.64
N ALA A 163 -53.33 23.63 29.63
CA ALA A 163 -51.93 23.88 29.35
C ALA A 163 -51.22 22.62 28.87
N THR A 164 -51.65 21.45 29.38
CA THR A 164 -51.02 20.19 28.99
C THR A 164 -51.29 19.90 27.52
N VAL A 165 -50.23 19.51 26.80
CA VAL A 165 -50.36 19.20 25.36
C VAL A 165 -50.28 17.67 25.24
N PHE A 166 -49.55 17.03 26.15
CA PHE A 166 -49.38 15.56 26.10
C PHE A 166 -49.42 15.01 27.51
N SER A 167 -50.17 13.92 27.71
CA SER A 167 -50.25 13.24 29.00
C SER A 167 -49.65 11.85 28.85
N LEU A 168 -48.55 11.61 29.55
CA LEU A 168 -47.79 10.38 29.41
C LEU A 168 -48.04 9.47 30.60
N ASN A 169 -48.35 8.21 30.33
CA ASN A 169 -48.46 7.16 31.34
C ASN A 169 -47.24 6.27 31.15
N THR A 170 -46.30 6.32 32.09
CA THR A 170 -45.08 5.55 31.96
C THR A 170 -45.19 4.22 32.71
N THR A 171 -44.10 3.46 32.73
CA THR A 171 -44.08 2.20 33.43
C THR A 171 -44.21 2.41 34.93
N GLY A 172 -44.99 1.56 35.58
CA GLY A 172 -45.25 1.70 37.00
C GLY A 172 -46.36 2.65 37.35
N GLY A 173 -47.09 3.17 36.37
CA GLY A 173 -48.20 4.06 36.64
C GLY A 173 -47.83 5.51 36.87
N VAL A 174 -46.57 5.89 36.67
CA VAL A 174 -46.17 7.28 36.85
C VAL A 174 -46.71 8.11 35.70
N ILE A 175 -47.37 9.21 36.03
CA ILE A 175 -47.99 10.09 35.04
C ILE A 175 -47.13 11.33 34.88
N LEU A 176 -46.72 11.60 33.64
CA LEU A 176 -45.94 12.78 33.30
C LEU A 176 -46.71 13.61 32.29
N GLU A 177 -46.58 14.93 32.39
CA GLU A 177 -47.26 15.85 31.49
C GLU A 177 -46.26 16.79 30.85
N ILE A 178 -46.54 17.18 29.60
CA ILE A 178 -45.71 18.20 28.89
C ILE A 178 -46.63 19.41 28.77
N SER A 179 -46.44 20.44 29.60
CA SER A 179 -47.34 21.58 29.68
C SER A 179 -46.61 22.86 29.35
N CYS A 180 -47.26 23.69 28.51
CA CYS A 180 -46.68 24.98 28.09
C CYS A 180 -47.53 26.04 28.79
N TYR A 181 -46.90 27.13 29.22
CA TYR A 181 -47.57 28.20 29.98
C TYR A 181 -47.11 29.47 29.34
N ASN A 182 -47.77 30.58 29.65
CA ASN A 182 -47.43 31.90 29.13
C ASN A 182 -46.55 32.65 30.11
N ASP A 183 -46.27 32.07 31.28
CA ASP A 183 -45.39 32.68 32.26
C ASP A 183 -44.45 31.62 32.83
N THR A 184 -43.27 32.06 33.23
CA THR A 184 -42.26 31.14 33.74
C THR A 184 -42.71 30.52 35.06
N VAL A 185 -42.49 29.22 35.18
CA VAL A 185 -42.79 28.46 36.39
C VAL A 185 -41.49 28.04 37.04
N ARG A 186 -41.37 28.31 38.35
CA ARG A 186 -40.16 27.93 39.07
C ARG A 186 -40.11 26.42 39.28
N GLU A 187 -38.90 25.93 39.54
CA GLU A 187 -38.70 24.50 39.75
C GLU A 187 -39.41 24.04 41.02
N SER A 188 -39.98 22.83 40.96
CA SER A 188 -40.70 22.23 42.09
C SER A 188 -41.83 23.14 42.58
N SER A 189 -42.51 23.79 41.63
CA SER A 189 -43.62 24.67 41.93
C SER A 189 -44.69 24.48 40.86
N PHE A 190 -45.82 25.15 41.05
CA PHE A 190 -46.96 25.07 40.14
C PHE A 190 -47.30 26.45 39.62
N TYR A 191 -47.93 26.50 38.45
CA TYR A 191 -48.31 27.75 37.81
C TYR A 191 -49.18 28.61 38.71
N PRO A 204 -44.70 34.72 24.32
CA PRO A 204 -43.76 33.60 24.51
C PRO A 204 -44.31 32.51 25.41
N LYS A 205 -44.16 31.25 25.00
CA LYS A 205 -44.64 30.11 25.76
C LYS A 205 -43.45 29.30 26.27
N TYR A 206 -43.45 29.03 27.57
CA TYR A 206 -42.41 28.24 28.22
C TYR A 206 -42.97 26.86 28.53
N CYS A 207 -42.21 25.85 28.11
CA CYS A 207 -42.69 24.45 28.22
C CYS A 207 -41.96 23.70 29.32
N TYR A 208 -42.67 22.84 30.02
CA TYR A 208 -42.15 22.15 31.19
C TYR A 208 -42.63 20.71 31.17
N VAL A 209 -41.90 19.87 31.90
CA VAL A 209 -42.31 18.50 32.19
C VAL A 209 -42.75 18.46 33.64
N LEU A 210 -44.00 18.06 33.88
CA LEU A 210 -44.58 18.01 35.21
C LEU A 210 -44.77 16.56 35.63
N TYR A 211 -44.43 16.27 36.89
CA TYR A 211 -44.56 14.93 37.44
C TYR A 211 -45.83 14.79 38.29
N ASN A 212 -45.97 15.63 39.32
CA ASN A 212 -47.12 15.60 40.21
C ASN A 212 -47.63 17.01 40.43
N GLY A 213 -47.75 17.77 39.34
CA GLY A 213 -48.11 19.17 39.42
C GLY A 213 -46.95 20.10 39.68
N THR A 214 -45.73 19.59 39.78
CA THR A 214 -44.55 20.40 40.02
C THR A 214 -43.62 20.34 38.80
N ALA A 215 -42.95 21.45 38.54
CA ALA A 215 -42.04 21.55 37.40
C ALA A 215 -40.83 20.65 37.64
N LEU A 216 -40.70 19.60 36.84
CA LEU A 216 -39.60 18.65 36.99
C LEU A 216 -38.43 18.99 36.07
N LYS A 217 -38.72 19.39 34.82
CA LYS A 217 -37.67 19.70 33.86
C LYS A 217 -38.12 20.89 33.01
N TYR A 218 -37.21 21.83 32.79
CA TYR A 218 -37.47 22.98 31.95
C TYR A 218 -37.03 22.68 30.52
N LEU A 219 -37.94 22.82 29.56
CA LEU A 219 -37.62 22.46 28.16
C LEU A 219 -37.22 23.70 27.36
N GLY A 220 -37.80 24.85 27.68
CA GLY A 220 -37.47 26.10 26.99
C GLY A 220 -38.69 26.76 26.40
N THR A 221 -38.49 27.90 25.72
CA THR A 221 -39.61 28.57 25.04
C THR A 221 -39.89 27.82 23.75
N LEU A 222 -41.13 27.85 23.26
CA LEU A 222 -41.46 27.20 21.97
C LEU A 222 -40.86 28.00 20.83
N PRO A 223 -39.95 27.44 20.01
CA PRO A 223 -39.43 28.15 18.86
C PRO A 223 -40.56 28.31 17.83
N PRO A 224 -40.51 29.31 16.94
CA PRO A 224 -41.59 29.54 15.95
C PRO A 224 -41.60 28.56 14.80
N SER A 225 -40.60 27.67 14.71
CA SER A 225 -40.50 26.80 13.50
C SER A 225 -40.52 25.30 13.85
N VAL A 226 -41.45 24.87 14.69
CA VAL A 226 -41.65 23.45 14.96
C VAL A 226 -42.60 22.89 13.93
N LYS A 227 -42.20 21.79 13.28
CA LYS A 227 -42.99 21.21 12.21
C LYS A 227 -43.34 19.75 12.40
N GLU A 228 -42.67 19.03 13.30
CA GLU A 228 -43.01 17.65 13.57
C GLU A 228 -42.58 17.29 14.98
N ILE A 229 -43.43 16.53 15.68
CA ILE A 229 -43.09 16.02 17.03
C ILE A 229 -43.24 14.50 16.98
N ALA A 230 -42.16 13.76 17.19
CA ALA A 230 -42.17 12.30 17.17
C ALA A 230 -41.91 11.78 18.58
N ILE A 231 -42.78 10.90 19.06
CA ILE A 231 -42.63 10.30 20.37
C ILE A 231 -42.44 8.80 20.20
N SER A 232 -41.38 8.27 20.79
CA SER A 232 -41.11 6.83 20.73
C SER A 232 -41.61 6.13 21.98
N LYS A 233 -41.87 4.83 21.85
CA LYS A 233 -42.37 4.05 22.96
C LYS A 233 -41.35 3.92 24.08
N TRP A 234 -40.08 4.20 23.80
CA TRP A 234 -39.03 4.14 24.81
C TRP A 234 -38.81 5.47 25.53
N GLY A 235 -39.62 6.48 25.23
CA GLY A 235 -39.61 7.73 25.96
C GLY A 235 -38.87 8.87 25.29
N HIS A 236 -38.37 8.68 24.08
CA HIS A 236 -37.61 9.72 23.39
C HIS A 236 -38.55 10.65 22.64
N PHE A 237 -38.24 11.95 22.70
CA PHE A 237 -38.97 12.98 21.97
C PHE A 237 -38.04 13.56 20.92
N TYR A 238 -38.49 13.58 19.67
CA TYR A 238 -37.76 14.20 18.57
C TYR A 238 -38.56 15.40 18.09
N ILE A 239 -37.91 16.56 18.09
CA ILE A 239 -38.57 17.78 17.53
C ILE A 239 -37.79 18.21 16.30
N ASN A 240 -38.39 18.09 15.11
CA ASN A 240 -37.74 18.46 13.83
C ASN A 240 -36.58 17.50 13.58
N GLY A 241 -36.64 16.29 14.14
CA GLY A 241 -35.65 15.28 13.85
C GLY A 241 -34.60 15.08 14.93
N TYR A 242 -34.49 15.97 15.90
CA TYR A 242 -33.47 15.89 16.93
C TYR A 242 -34.08 15.49 18.26
N ASN A 243 -33.43 14.55 18.93
CA ASN A 243 -33.88 14.08 20.25
C ASN A 243 -33.47 15.10 21.30
N PHE A 244 -34.45 15.85 21.82
CA PHE A 244 -34.14 16.93 22.77
C PHE A 244 -34.37 16.45 24.21
N PHE A 245 -35.31 15.53 24.43
CA PHE A 245 -35.49 14.99 25.80
C PHE A 245 -36.00 13.55 25.79
N SER A 246 -35.63 12.77 26.80
CA SER A 246 -36.11 11.41 26.93
C SER A 246 -36.70 11.23 28.32
N THR A 247 -37.89 10.68 28.39
CA THR A 247 -38.53 10.33 29.65
C THR A 247 -38.40 8.83 29.87
N PHE A 248 -39.09 8.32 30.88
CA PHE A 248 -39.15 6.88 31.10
C PHE A 248 -39.92 6.22 29.97
N PRO A 249 -39.72 4.92 29.76
CA PRO A 249 -40.49 4.23 28.73
C PRO A 249 -41.99 4.43 28.96
N ILE A 250 -42.71 4.72 27.88
CA ILE A 250 -44.11 5.11 27.96
C ILE A 250 -44.96 3.91 27.59
N ASP A 251 -46.07 3.71 28.29
CA ASP A 251 -47.05 2.66 27.95
C ASP A 251 -48.23 3.24 27.20
N CYS A 252 -48.65 4.44 27.52
CA CYS A 252 -49.88 5.03 26.94
C CYS A 252 -49.74 6.55 26.84
N ILE A 253 -50.30 7.17 25.82
CA ILE A 253 -50.12 8.62 25.54
C ILE A 253 -51.47 9.22 25.24
N SER A 254 -51.96 10.08 26.11
CA SER A 254 -53.23 10.79 25.93
C SER A 254 -52.96 12.16 25.32
N PHE A 255 -53.69 12.51 24.25
CA PHE A 255 -53.59 13.84 23.65
C PHE A 255 -54.97 14.29 23.16
N ASN A 256 -55.12 15.60 23.02
CA ASN A 256 -56.36 16.22 22.56
C ASN A 256 -56.00 17.57 21.95
N LEU A 257 -55.90 17.62 20.62
CA LEU A 257 -55.36 18.77 19.92
C LEU A 257 -56.33 19.26 18.84
N THR A 258 -56.21 20.54 18.51
CA THR A 258 -56.96 21.13 17.42
C THR A 258 -56.19 22.34 16.89
N THR A 259 -56.36 22.61 15.60
CA THR A 259 -55.66 23.72 14.97
C THR A 259 -56.50 24.24 13.81
N SER A 260 -56.20 25.48 13.42
CA SER A 260 -56.93 26.15 12.36
C SER A 260 -56.06 26.70 11.24
N THR A 261 -54.76 26.87 11.47
CA THR A 261 -53.85 27.43 10.47
C THR A 261 -53.02 26.36 9.79
N SER A 262 -53.40 25.09 9.91
CA SER A 262 -52.64 24.00 9.30
C SER A 262 -53.12 23.68 7.90
N GLY A 263 -53.19 24.69 7.05
CA GLY A 263 -53.61 24.53 5.67
C GLY A 263 -54.97 23.87 5.52
N ALA A 264 -54.98 22.65 5.00
CA ALA A 264 -56.20 21.85 4.86
C ALA A 264 -56.18 20.58 5.70
N PHE A 265 -55.04 19.92 5.82
CA PHE A 265 -54.93 18.69 6.57
C PHE A 265 -53.58 18.63 7.28
N TRP A 266 -53.58 18.09 8.49
CA TRP A 266 -52.36 17.72 9.20
C TRP A 266 -52.49 16.30 9.70
N THR A 267 -51.37 15.59 9.74
CA THR A 267 -51.39 14.13 9.86
C THR A 267 -50.80 13.66 11.18
N ILE A 268 -51.34 12.55 11.66
CA ILE A 268 -50.78 11.79 12.77
C ILE A 268 -50.46 10.40 12.23
N ALA A 269 -49.19 10.03 12.29
CA ALA A 269 -48.71 8.79 11.69
C ALA A 269 -48.21 7.85 12.78
N TYR A 270 -48.72 6.62 12.75
CA TYR A 270 -48.19 5.54 13.58
C TYR A 270 -47.24 4.73 12.74
N THR A 271 -45.98 4.65 13.16
CA THR A 271 -44.93 4.13 12.31
C THR A 271 -44.07 3.13 13.07
N SER A 272 -43.48 2.21 12.33
CA SER A 272 -42.54 1.23 12.84
C SER A 272 -41.22 1.36 12.08
N TYR A 273 -40.14 0.93 12.75
CA TYR A 273 -38.81 1.05 12.18
C TYR A 273 -38.63 0.11 10.99
N THR A 274 -37.92 0.58 9.98
CA THR A 274 -37.58 -0.23 8.82
C THR A 274 -36.30 0.32 8.22
N GLU A 275 -35.60 -0.55 7.49
CA GLU A 275 -34.37 -0.16 6.80
C GLU A 275 -34.71 0.40 5.43
N ALA A 276 -34.11 1.54 5.09
CA ALA A 276 -34.40 2.17 3.82
C ALA A 276 -33.23 3.04 3.40
N LEU A 277 -33.18 3.31 2.09
CA LEU A 277 -32.15 4.22 1.53
C LEU A 277 -32.82 5.58 1.36
N VAL A 278 -32.35 6.58 2.08
CA VAL A 278 -33.04 7.91 2.06
C VAL A 278 -32.14 8.91 1.37
N GLN A 279 -32.69 9.73 0.48
CA GLN A 279 -31.90 10.83 -0.12
C GLN A 279 -32.28 12.11 0.63
N VAL A 280 -31.29 12.89 1.02
CA VAL A 280 -31.52 14.11 1.78
C VAL A 280 -30.85 15.26 1.05
N GLU A 281 -31.57 16.37 0.89
CA GLU A 281 -31.02 17.60 0.33
C GLU A 281 -31.46 18.76 1.22
N ASN A 282 -30.47 19.48 1.76
CA ASN A 282 -30.72 20.58 2.70
C ASN A 282 -31.53 20.12 3.90
N THR A 283 -31.10 19.00 4.48
CA THR A 283 -31.71 18.40 5.68
C THR A 283 -33.17 18.02 5.47
N ALA A 284 -33.60 17.85 4.24
CA ALA A 284 -34.98 17.49 3.92
C ALA A 284 -35.00 16.19 3.13
N ILE A 285 -35.92 15.30 3.46
CA ILE A 285 -36.05 14.01 2.73
C ILE A 285 -36.58 14.27 1.33
N LYS A 286 -36.02 13.61 0.32
CA LYS A 286 -36.49 13.77 -1.08
C LYS A 286 -37.04 12.44 -1.60
N LYS A 287 -36.41 11.34 -1.26
CA LYS A 287 -36.81 10.01 -1.79
C LYS A 287 -36.53 8.93 -0.75
N VAL A 288 -37.50 8.03 -0.54
CA VAL A 288 -37.30 6.91 0.40
C VAL A 288 -37.48 5.60 -0.36
N THR A 289 -36.41 4.82 -0.52
CA THR A 289 -36.49 3.48 -1.14
C THR A 289 -36.45 2.43 -0.03
N TYR A 290 -37.49 1.63 0.11
CA TYR A 290 -37.50 0.55 1.10
C TYR A 290 -36.78 -0.68 0.56
N CYS A 291 -35.96 -1.29 1.41
CA CYS A 291 -35.28 -2.54 1.05
C CYS A 291 -36.19 -3.73 1.39
N ASN A 292 -37.23 -3.87 0.58
CA ASN A 292 -38.25 -4.89 0.80
C ASN A 292 -38.28 -5.98 -0.27
N SER A 293 -37.57 -5.80 -1.38
CA SER A 293 -37.53 -6.80 -2.44
C SER A 293 -36.07 -7.07 -2.80
N HIS A 294 -35.87 -8.07 -3.67
CA HIS A 294 -34.52 -8.42 -4.09
C HIS A 294 -33.87 -7.28 -4.87
N ILE A 295 -34.60 -6.70 -5.82
CA ILE A 295 -34.07 -5.58 -6.58
C ILE A 295 -33.85 -4.37 -5.65
N ASN A 296 -34.77 -4.18 -4.70
CA ASN A 296 -34.58 -3.11 -3.71
C ASN A 296 -33.41 -3.42 -2.78
N ASN A 297 -33.17 -4.70 -2.49
CA ASN A 297 -31.98 -5.05 -1.71
C ASN A 297 -30.71 -4.68 -2.46
N ILE A 298 -30.67 -4.94 -3.78
CA ILE A 298 -29.51 -4.54 -4.56
C ILE A 298 -29.38 -3.02 -4.59
N LYS A 299 -30.51 -2.31 -4.71
CA LYS A 299 -30.48 -0.85 -4.70
C LYS A 299 -29.93 -0.31 -3.39
N CYS A 300 -30.35 -0.89 -2.27
CA CYS A 300 -29.84 -0.46 -0.97
C CYS A 300 -28.37 -0.81 -0.80
N SER A 301 -27.93 -1.92 -1.39
CA SER A 301 -26.52 -2.30 -1.31
C SER A 301 -25.65 -1.37 -2.15
N GLN A 302 -26.18 -0.85 -3.25
CA GLN A 302 -25.42 0.03 -4.13
C GLN A 302 -25.59 1.51 -3.80
N LEU A 303 -26.38 1.83 -2.76
CA LEU A 303 -26.57 3.22 -2.32
C LEU A 303 -27.11 4.09 -3.45
N THR A 304 -27.98 3.54 -4.28
CA THR A 304 -28.58 4.30 -5.36
C THR A 304 -29.89 3.64 -5.77
N ALA A 305 -30.85 4.46 -6.20
CA ALA A 305 -32.18 3.92 -6.59
C ALA A 305 -32.21 3.71 -8.11
N ASN A 306 -31.15 4.09 -8.82
CA ASN A 306 -31.04 3.81 -10.25
C ASN A 306 -29.82 2.94 -10.47
N LEU A 307 -30.04 1.69 -10.84
CA LEU A 307 -28.97 0.72 -11.03
C LEU A 307 -28.58 0.65 -12.50
N GLN A 308 -27.28 0.76 -12.76
CA GLN A 308 -26.77 0.55 -14.11
C GLN A 308 -26.83 -0.93 -14.46
N ASN A 309 -27.02 -1.21 -15.74
CA ASN A 309 -27.04 -2.59 -16.21
C ASN A 309 -25.71 -3.27 -15.91
N GLY A 310 -25.77 -4.49 -15.40
CA GLY A 310 -24.54 -5.21 -15.12
C GLY A 310 -24.79 -6.41 -14.23
N PHE A 311 -23.71 -6.85 -13.58
CA PHE A 311 -23.74 -8.00 -12.69
C PHE A 311 -23.44 -7.54 -11.27
N TYR A 312 -24.22 -8.02 -10.30
CA TYR A 312 -24.06 -7.63 -8.91
C TYR A 312 -24.00 -8.86 -8.03
N PRO A 313 -23.07 -8.92 -7.08
CA PRO A 313 -23.04 -10.06 -6.15
C PRO A 313 -24.21 -10.01 -5.18
N VAL A 314 -24.80 -11.18 -4.94
CA VAL A 314 -25.92 -11.33 -4.01
C VAL A 314 -25.76 -12.67 -3.28
N ALA A 315 -26.67 -12.91 -2.35
CA ALA A 315 -26.74 -14.17 -1.63
C ALA A 315 -27.83 -15.04 -2.24
N SER A 316 -27.59 -16.36 -2.27
CA SER A 316 -28.54 -17.27 -2.89
C SER A 316 -29.86 -17.29 -2.14
N SER A 317 -29.83 -17.29 -0.81
CA SER A 317 -31.04 -17.35 -0.02
C SER A 317 -30.73 -16.88 1.39
N GLU A 318 -31.73 -16.98 2.27
CA GLU A 318 -31.59 -16.65 3.68
C GLU A 318 -31.92 -17.88 4.52
N VAL A 319 -31.14 -18.09 5.58
CA VAL A 319 -31.27 -19.25 6.45
C VAL A 319 -31.89 -18.81 7.76
N GLY A 320 -32.92 -19.52 8.21
CA GLY A 320 -33.53 -19.24 9.49
C GLY A 320 -34.34 -20.42 9.95
N LEU A 321 -34.46 -20.56 11.28
CA LEU A 321 -35.22 -21.62 11.92
C LEU A 321 -34.72 -23.01 11.50
N VAL A 322 -33.49 -23.30 11.91
CA VAL A 322 -32.86 -24.58 11.62
C VAL A 322 -32.63 -25.35 12.91
N ASN A 323 -32.46 -26.65 12.78
CA ASN A 323 -32.20 -27.52 13.92
C ASN A 323 -30.78 -27.32 14.43
N LYS A 324 -30.47 -27.98 15.55
CA LYS A 324 -29.16 -27.90 16.17
C LYS A 324 -28.54 -29.28 16.27
N SER A 325 -27.27 -29.36 15.93
CA SER A 325 -26.49 -30.59 16.00
C SER A 325 -25.30 -30.39 16.91
N VAL A 326 -25.05 -31.36 17.79
CA VAL A 326 -23.94 -31.32 18.73
C VAL A 326 -23.19 -32.63 18.62
N VAL A 327 -21.87 -32.55 18.44
CA VAL A 327 -21.02 -33.73 18.40
C VAL A 327 -19.86 -33.50 19.36
N LEU A 328 -19.70 -34.40 20.33
CA LEU A 328 -18.66 -34.31 21.33
C LEU A 328 -17.98 -35.66 21.49
N LEU A 329 -16.81 -35.65 22.11
CA LEU A 329 -16.07 -36.89 22.34
C LEU A 329 -16.78 -37.74 23.38
N PRO A 330 -16.63 -39.06 23.32
CA PRO A 330 -17.27 -39.94 24.30
C PRO A 330 -16.79 -39.65 25.72
N SER A 331 -17.70 -39.78 26.67
CA SER A 331 -17.39 -39.49 28.06
C SER A 331 -18.46 -40.13 28.95
N PHE A 332 -18.15 -40.20 30.24
CA PHE A 332 -19.15 -40.57 31.23
C PHE A 332 -20.19 -39.46 31.37
N TYR A 333 -21.39 -39.83 31.78
CA TYR A 333 -22.50 -38.91 31.89
C TYR A 333 -22.87 -38.75 33.36
N SER A 334 -22.34 -37.69 33.99
CA SER A 334 -22.72 -37.31 35.35
C SER A 334 -22.95 -35.82 35.36
N HIS A 335 -24.14 -35.41 35.79
CA HIS A 335 -24.58 -34.03 35.70
C HIS A 335 -24.67 -33.39 37.07
N THR A 336 -24.23 -32.14 37.17
CA THR A 336 -24.29 -31.35 38.39
C THR A 336 -25.04 -30.05 38.13
N SER A 337 -26.00 -29.74 38.99
CA SER A 337 -26.71 -28.47 38.94
C SER A 337 -26.11 -27.53 39.99
N VAL A 338 -25.67 -26.36 39.54
CA VAL A 338 -25.05 -25.37 40.40
C VAL A 338 -26.03 -24.22 40.55
N ASN A 339 -26.58 -24.07 41.74
CA ASN A 339 -27.55 -23.01 42.04
C ASN A 339 -26.87 -21.92 42.84
N ILE A 340 -26.92 -20.69 42.34
CA ILE A 340 -26.39 -19.53 43.03
C ILE A 340 -27.56 -18.76 43.60
N THR A 341 -27.57 -18.59 44.92
CA THR A 341 -28.61 -17.82 45.61
C THR A 341 -28.10 -16.41 45.83
N ILE A 342 -28.90 -15.42 45.44
CA ILE A 342 -28.52 -14.02 45.58
C ILE A 342 -29.61 -13.31 46.39
N ASP A 343 -29.24 -12.84 47.58
CA ASP A 343 -30.15 -12.10 48.45
C ASP A 343 -29.81 -10.62 48.34
N LEU A 344 -30.70 -9.86 47.71
CA LEU A 344 -30.49 -8.44 47.46
C LEU A 344 -31.14 -7.61 48.55
N GLY A 345 -30.46 -6.53 48.94
CA GLY A 345 -31.00 -5.55 49.86
C GLY A 345 -31.22 -4.23 49.13
N MET A 346 -32.39 -3.64 49.35
CA MET A 346 -32.81 -2.46 48.63
C MET A 346 -33.28 -1.40 49.62
N LYS A 347 -33.07 -0.13 49.26
CA LYS A 347 -33.51 0.98 50.06
C LYS A 347 -34.04 2.07 49.13
N LEU A 348 -34.71 3.06 49.72
CA LEU A 348 -35.21 4.22 48.99
C LEU A 348 -34.31 5.40 49.31
N SER A 349 -33.80 6.06 48.27
CA SER A 349 -32.92 7.21 48.45
C SER A 349 -33.74 8.46 48.78
N GLY A 350 -33.04 9.58 48.93
CA GLY A 350 -33.71 10.84 49.23
C GLY A 350 -34.52 11.39 48.08
N TYR A 351 -34.22 10.98 46.85
CA TYR A 351 -34.95 11.41 45.68
C TYR A 351 -35.91 10.35 45.15
N GLY A 352 -36.19 9.32 45.94
CA GLY A 352 -37.15 8.30 45.55
C GLY A 352 -36.64 7.26 44.60
N GLN A 353 -35.32 7.16 44.42
CA GLN A 353 -34.83 6.13 43.51
C GLN A 353 -34.41 4.89 44.29
N PRO A 354 -34.75 3.70 43.80
CA PRO A 354 -34.37 2.47 44.50
C PRO A 354 -32.87 2.21 44.40
N ILE A 355 -32.21 2.12 45.55
CA ILE A 355 -30.77 1.91 45.63
C ILE A 355 -30.52 0.50 46.13
N ALA A 356 -29.73 -0.26 45.39
CA ALA A 356 -29.38 -1.63 45.76
C ALA A 356 -28.17 -1.61 46.69
N SER A 357 -28.27 -2.33 47.80
CA SER A 357 -27.23 -2.32 48.81
C SER A 357 -26.08 -3.24 48.43
N ALA A 358 -24.86 -2.79 48.74
CA ALA A 358 -23.68 -3.64 48.55
C ALA A 358 -23.62 -4.78 49.54
N LEU A 359 -24.47 -4.77 50.56
CA LEU A 359 -24.55 -5.85 51.53
C LEU A 359 -25.32 -7.06 51.03
N SER A 360 -25.63 -7.11 49.73
CA SER A 360 -26.28 -8.28 49.16
C SER A 360 -25.37 -9.50 49.27
N ASN A 361 -25.97 -10.66 49.49
CA ASN A 361 -25.23 -11.88 49.78
C ASN A 361 -25.33 -12.87 48.63
N ILE A 362 -24.24 -13.60 48.41
CA ILE A 362 -24.17 -14.65 47.40
C ILE A 362 -23.87 -15.97 48.11
N THR A 363 -24.67 -16.99 47.82
CA THR A 363 -24.50 -18.32 48.39
C THR A 363 -24.31 -19.31 47.26
N LEU A 364 -23.20 -20.03 47.31
CA LEU A 364 -22.86 -21.12 46.41
C LEU A 364 -23.21 -22.45 47.04
N PRO A 365 -23.35 -23.51 46.24
CA PRO A 365 -23.60 -24.83 46.83
C PRO A 365 -22.47 -25.24 47.77
N MET A 366 -22.85 -25.94 48.83
CA MET A 366 -21.87 -26.36 49.86
C MET A 366 -20.90 -27.38 49.27
N GLN A 367 -19.61 -27.20 49.51
CA GLN A 367 -18.58 -28.11 49.04
C GLN A 367 -17.40 -28.05 49.98
N ASP A 368 -17.08 -29.18 50.62
CA ASP A 368 -15.98 -29.27 51.58
C ASP A 368 -16.16 -28.27 52.72
N ASN A 369 -17.34 -28.30 53.34
CA ASN A 369 -17.68 -27.47 54.51
C ASN A 369 -17.67 -25.98 54.21
N ASN A 370 -17.61 -25.60 52.94
CA ASN A 370 -17.52 -24.20 52.55
C ASN A 370 -18.60 -23.87 51.54
N THR A 371 -19.04 -22.61 51.55
CA THR A 371 -20.03 -22.12 50.60
C THR A 371 -19.52 -20.91 49.82
N ASP A 372 -18.21 -20.69 49.79
CA ASP A 372 -17.62 -19.56 49.08
C ASP A 372 -16.86 -19.96 47.83
N VAL A 373 -16.43 -21.21 47.72
CA VAL A 373 -15.74 -21.72 46.54
C VAL A 373 -16.43 -23.01 46.10
N TYR A 374 -16.74 -23.11 44.82
CA TYR A 374 -17.36 -24.32 44.28
C TYR A 374 -16.70 -24.67 42.95
N CYS A 375 -16.17 -25.88 42.86
CA CYS A 375 -15.53 -26.37 41.65
C CYS A 375 -16.35 -27.50 41.05
N ILE A 376 -16.45 -27.51 39.71
CA ILE A 376 -17.18 -28.55 39.02
C ILE A 376 -16.36 -29.84 39.04
N ARG A 377 -16.97 -30.92 39.54
CA ARG A 377 -16.29 -32.19 39.66
C ARG A 377 -16.95 -33.30 38.87
N SER A 378 -18.02 -33.02 38.14
CA SER A 378 -18.64 -34.00 37.26
C SER A 378 -18.22 -33.72 35.83
N ASN A 379 -18.81 -34.48 34.89
CA ASN A 379 -18.51 -34.28 33.47
C ASN A 379 -19.39 -33.23 32.82
N GLN A 380 -20.63 -33.08 33.28
CA GLN A 380 -21.54 -32.09 32.74
C GLN A 380 -22.14 -31.29 33.89
N PHE A 381 -22.46 -30.02 33.61
CA PHE A 381 -23.05 -29.18 34.63
C PHE A 381 -23.95 -28.14 33.99
N SER A 382 -24.87 -27.63 34.80
CA SER A 382 -25.74 -26.51 34.44
C SER A 382 -25.73 -25.51 35.58
N VAL A 383 -25.98 -24.24 35.26
CA VAL A 383 -25.93 -23.16 36.24
C VAL A 383 -27.29 -22.47 36.27
N TYR A 384 -27.75 -22.16 37.47
CA TYR A 384 -29.01 -21.47 37.68
C TYR A 384 -28.84 -20.42 38.78
N VAL A 385 -29.70 -19.42 38.75
CA VAL A 385 -29.68 -18.32 39.71
C VAL A 385 -31.07 -18.19 40.32
N HIS A 386 -31.07 -18.03 41.66
CA HIS A 386 -32.30 -17.79 42.45
C HIS A 386 -32.12 -16.47 43.18
N SER A 387 -33.09 -15.56 43.10
CA SER A 387 -33.00 -14.22 43.66
C SER A 387 -34.05 -14.02 44.74
N THR A 388 -33.65 -13.41 45.84
CA THR A 388 -34.57 -12.97 46.89
C THR A 388 -34.33 -11.49 47.14
N CYS A 389 -35.39 -10.79 47.55
CA CYS A 389 -35.33 -9.35 47.74
C CYS A 389 -35.78 -8.98 49.15
N LYS A 390 -35.07 -8.03 49.76
CA LYS A 390 -35.46 -7.49 51.05
C LYS A 390 -35.25 -5.99 51.05
N SER A 391 -35.96 -5.29 51.92
CA SER A 391 -35.94 -3.84 51.97
C SER A 391 -35.38 -3.37 53.31
N SER A 392 -34.86 -2.14 53.30
CA SER A 392 -34.26 -1.53 54.49
C SER A 392 -34.77 -0.10 54.63
N LEU A 393 -34.33 0.57 55.68
CA LEU A 393 -34.74 1.93 56.02
C LEU A 393 -33.53 2.80 56.37
N TRP A 394 -32.53 2.79 55.49
CA TRP A 394 -31.30 3.57 55.64
C TRP A 394 -30.48 3.15 56.86
N ASP A 395 -30.77 1.97 57.42
CA ASP A 395 -30.03 1.47 58.57
C ASP A 395 -29.48 0.07 58.32
N ASN A 396 -29.59 -0.45 57.10
CA ASN A 396 -29.04 -1.75 56.72
C ASN A 396 -29.59 -2.89 57.56
N VAL A 397 -30.86 -2.78 57.97
CA VAL A 397 -31.55 -3.86 58.66
C VAL A 397 -32.67 -4.33 57.75
N PHE A 398 -32.41 -5.41 57.01
CA PHE A 398 -33.35 -5.93 56.04
C PHE A 398 -34.30 -6.90 56.73
N ASN A 399 -35.56 -6.47 56.91
CA ASN A 399 -36.55 -7.32 57.56
C ASN A 399 -37.91 -7.25 56.88
N SER A 400 -38.05 -6.54 55.77
CA SER A 400 -39.32 -6.38 55.08
C SER A 400 -39.24 -7.04 53.71
N ASP A 401 -40.34 -6.94 52.97
CA ASP A 401 -40.44 -7.46 51.61
C ASP A 401 -40.44 -6.30 50.62
N CYS A 402 -39.69 -6.46 49.53
CA CYS A 402 -39.57 -5.39 48.55
C CYS A 402 -40.94 -5.08 47.94
N THR A 403 -41.27 -3.79 47.90
CA THR A 403 -42.53 -3.33 47.34
C THR A 403 -42.40 -3.22 45.82
N ASP A 404 -43.39 -2.62 45.17
CA ASP A 404 -43.35 -2.49 43.71
C ASP A 404 -42.17 -1.63 43.27
N VAL A 405 -41.91 -0.53 43.97
CA VAL A 405 -40.81 0.36 43.60
C VAL A 405 -39.47 -0.30 43.89
N LEU A 406 -39.35 -1.01 45.01
CA LEU A 406 -38.09 -1.58 45.45
C LEU A 406 -37.86 -3.01 44.99
N HIS A 407 -38.75 -3.57 44.16
CA HIS A 407 -38.56 -4.93 43.67
C HIS A 407 -37.43 -4.97 42.66
N ALA A 408 -36.53 -5.94 42.82
CA ALA A 408 -35.40 -6.11 41.93
C ALA A 408 -35.15 -7.59 41.69
N THR A 409 -34.54 -7.89 40.55
CA THR A 409 -34.20 -9.26 40.17
C THR A 409 -32.70 -9.37 39.97
N ALA A 410 -32.09 -10.42 40.52
CA ALA A 410 -30.66 -10.60 40.40
C ALA A 410 -30.31 -11.16 39.02
N VAL A 411 -29.32 -10.55 38.38
CA VAL A 411 -28.80 -11.02 37.10
C VAL A 411 -27.29 -11.05 37.19
N ILE A 412 -26.68 -11.83 36.30
CA ILE A 412 -25.23 -11.96 36.22
C ILE A 412 -24.79 -11.49 34.83
N LYS A 413 -23.90 -10.53 34.79
CA LYS A 413 -23.39 -9.93 33.57
C LYS A 413 -21.96 -10.36 33.33
N THR A 414 -21.55 -10.25 32.07
CA THR A 414 -20.27 -10.81 31.63
C THR A 414 -19.10 -10.22 32.40
N GLY A 415 -19.10 -8.90 32.60
CA GLY A 415 -17.97 -8.27 33.26
C GLY A 415 -16.73 -8.34 32.39
N THR A 416 -15.64 -8.86 32.95
CA THR A 416 -14.38 -8.99 32.23
C THR A 416 -14.14 -10.40 31.69
N CYS A 417 -15.08 -11.32 31.87
CA CYS A 417 -14.87 -12.68 31.42
C CYS A 417 -15.02 -12.78 29.91
N PRO A 418 -14.33 -13.73 29.27
CA PRO A 418 -14.48 -13.94 27.83
C PRO A 418 -15.76 -14.65 27.43
N PHE A 419 -16.57 -15.08 28.40
CA PHE A 419 -17.83 -15.74 28.14
C PHE A 419 -18.90 -15.16 29.05
N SER A 420 -20.15 -15.31 28.65
CA SER A 420 -21.28 -14.82 29.43
C SER A 420 -21.80 -15.93 30.33
N PHE A 421 -22.40 -15.53 31.46
CA PHE A 421 -22.95 -16.50 32.39
C PHE A 421 -24.13 -17.25 31.79
N ASP A 422 -24.97 -16.55 31.02
CA ASP A 422 -26.13 -17.19 30.41
C ASP A 422 -25.75 -18.11 29.25
N LYS A 423 -24.51 -18.06 28.78
CA LYS A 423 -24.06 -18.94 27.71
C LYS A 423 -23.24 -20.12 28.20
N LEU A 424 -23.12 -20.30 29.52
CA LEU A 424 -22.37 -21.45 30.04
C LEU A 424 -23.08 -22.77 29.73
N ASN A 425 -24.41 -22.76 29.67
CA ASN A 425 -25.19 -23.94 29.33
C ASN A 425 -25.31 -24.14 27.83
N ASN A 426 -24.42 -23.56 27.04
CA ASN A 426 -24.46 -23.60 25.59
C ASN A 426 -23.34 -24.46 25.02
N TYR A 427 -23.05 -25.58 25.70
CA TYR A 427 -22.04 -26.55 25.27
C TYR A 427 -20.64 -25.92 25.23
N LEU A 428 -20.30 -25.20 26.29
CA LEU A 428 -18.95 -24.69 26.48
C LEU A 428 -18.13 -25.72 27.24
N THR A 429 -16.89 -25.93 26.80
CA THR A 429 -16.05 -26.98 27.34
C THR A 429 -14.89 -26.40 28.12
N PHE A 430 -14.56 -27.02 29.24
CA PHE A 430 -13.47 -26.61 30.10
C PHE A 430 -12.74 -27.84 30.62
N ASN A 431 -11.49 -27.64 31.04
CA ASN A 431 -10.78 -28.64 31.81
C ASN A 431 -10.89 -28.41 33.31
N LYS A 432 -11.27 -27.20 33.73
CA LYS A 432 -11.44 -26.87 35.14
C LYS A 432 -12.27 -25.61 35.21
N PHE A 433 -13.28 -25.60 36.08
CA PHE A 433 -14.16 -24.44 36.23
C PHE A 433 -14.56 -24.30 37.69
N CYS A 434 -14.20 -23.18 38.31
CA CYS A 434 -14.50 -22.91 39.70
C CYS A 434 -15.05 -21.51 39.87
N LEU A 435 -16.07 -21.38 40.70
CA LEU A 435 -16.67 -20.09 41.05
C LEU A 435 -16.31 -19.76 42.49
N SER A 436 -15.90 -18.52 42.72
CA SER A 436 -15.43 -18.11 44.03
C SER A 436 -15.94 -16.70 44.34
N LEU A 437 -15.91 -16.36 45.62
CA LEU A 437 -16.25 -15.02 46.09
C LEU A 437 -15.01 -14.20 46.45
N HIS A 438 -13.82 -14.72 46.18
CA HIS A 438 -12.58 -14.05 46.53
C HIS A 438 -11.76 -13.77 45.27
N PRO A 439 -11.09 -12.61 45.20
CA PRO A 439 -10.45 -12.21 43.95
C PRO A 439 -9.13 -12.88 43.64
N VAL A 440 -8.50 -13.54 44.61
CA VAL A 440 -7.16 -14.08 44.40
C VAL A 440 -7.22 -15.28 43.47
N GLY A 441 -6.26 -15.36 42.55
CA GLY A 441 -6.15 -16.47 41.64
C GLY A 441 -7.17 -16.52 40.53
N ALA A 442 -8.03 -15.51 40.40
CA ALA A 442 -9.11 -15.56 39.44
C ALA A 442 -8.67 -15.02 38.09
N ASN A 443 -9.08 -15.73 37.02
CA ASN A 443 -8.80 -15.25 35.68
C ASN A 443 -9.70 -14.08 35.30
N CYS A 444 -10.96 -14.13 35.73
CA CYS A 444 -11.93 -13.08 35.38
C CYS A 444 -13.03 -13.09 36.43
N LYS A 445 -13.89 -12.08 36.34
CA LYS A 445 -15.00 -11.95 37.28
C LYS A 445 -16.27 -11.57 36.54
N PHE A 446 -17.39 -12.09 37.03
CA PHE A 446 -18.71 -11.71 36.57
C PHE A 446 -19.22 -10.51 37.39
N ASP A 447 -20.27 -9.88 36.92
CA ASP A 447 -20.88 -8.74 37.60
C ASP A 447 -22.27 -9.13 38.08
N VAL A 448 -22.43 -9.25 39.39
CA VAL A 448 -23.75 -9.52 39.96
C VAL A 448 -24.48 -8.18 40.10
N ALA A 449 -25.67 -8.09 39.50
CA ALA A 449 -26.41 -6.85 39.47
C ALA A 449 -27.85 -7.09 39.87
N ALA A 450 -28.49 -6.03 40.37
CA ALA A 450 -29.91 -6.01 40.65
C ALA A 450 -30.59 -5.15 39.61
N ARG A 451 -31.58 -5.73 38.92
CA ARG A 451 -32.33 -5.02 37.85
C ARG A 451 -33.69 -4.58 38.39
N THR A 452 -33.93 -3.28 38.43
CA THR A 452 -35.18 -2.69 38.87
C THR A 452 -36.02 -2.36 37.64
N ARG A 453 -37.15 -1.67 37.87
CA ARG A 453 -38.00 -1.27 36.77
C ARG A 453 -37.40 -0.16 35.91
N THR A 454 -36.33 0.49 36.38
CA THR A 454 -35.80 1.65 35.67
C THR A 454 -34.31 1.51 35.35
N ASN A 455 -33.56 0.88 36.24
CA ASN A 455 -32.10 0.84 36.11
C ASN A 455 -31.61 -0.56 36.43
N GLU A 456 -30.28 -0.71 36.42
CA GLU A 456 -29.63 -2.00 36.75
C GLU A 456 -28.32 -1.64 37.46
N GLN A 457 -28.14 -2.05 38.70
CA GLN A 457 -26.99 -1.62 39.49
C GLN A 457 -26.16 -2.82 39.94
N VAL A 458 -24.86 -2.74 39.74
CA VAL A 458 -23.95 -3.81 40.14
C VAL A 458 -23.70 -3.72 41.65
N VAL A 459 -23.78 -4.86 42.33
CA VAL A 459 -23.61 -4.89 43.78
C VAL A 459 -22.52 -5.85 44.24
N ARG A 460 -22.18 -6.88 43.48
CA ARG A 460 -21.21 -7.87 43.92
C ARG A 460 -20.37 -8.33 42.73
N SER A 461 -19.38 -9.18 43.04
CA SER A 461 -18.51 -9.77 42.03
C SER A 461 -18.40 -11.26 42.28
N LEU A 462 -18.48 -12.05 41.22
CA LEU A 462 -18.31 -13.50 41.28
C LEU A 462 -17.10 -13.86 40.42
N TYR A 463 -16.04 -14.35 41.05
CA TYR A 463 -14.79 -14.61 40.36
C TYR A 463 -14.77 -16.02 39.79
N VAL A 464 -14.10 -16.17 38.64
CA VAL A 464 -14.08 -17.41 37.89
C VAL A 464 -12.62 -17.85 37.71
N ILE A 465 -12.34 -19.11 37.98
CA ILE A 465 -11.06 -19.73 37.68
C ILE A 465 -11.33 -20.85 36.69
N TYR A 466 -10.80 -20.72 35.48
CA TYR A 466 -11.11 -21.68 34.42
C TYR A 466 -9.84 -22.07 33.67
N GLU A 467 -9.89 -23.26 33.07
CA GLU A 467 -8.82 -23.76 32.21
C GLU A 467 -9.44 -24.32 30.94
N GLU A 468 -8.89 -23.91 29.79
CA GLU A 468 -9.42 -24.36 28.51
C GLU A 468 -9.20 -25.85 28.32
N GLY A 469 -10.19 -26.51 27.74
CA GLY A 469 -10.11 -27.95 27.55
C GLY A 469 -11.43 -28.50 27.05
N ASP A 470 -11.61 -29.81 27.24
CA ASP A 470 -12.83 -30.46 26.77
C ASP A 470 -13.37 -31.51 27.75
N ASN A 471 -12.83 -31.60 28.96
CA ASN A 471 -13.27 -32.63 29.89
C ASN A 471 -14.63 -32.32 30.50
N ILE A 472 -14.94 -31.05 30.74
CA ILE A 472 -16.17 -30.64 31.41
C ILE A 472 -16.98 -29.78 30.44
N ALA A 473 -18.24 -30.12 30.25
CA ALA A 473 -19.13 -29.43 29.33
C ALA A 473 -20.35 -28.88 30.05
N GLY A 474 -20.71 -27.65 29.74
CA GLY A 474 -21.94 -27.07 30.25
C GLY A 474 -23.12 -27.38 29.36
N VAL A 475 -24.17 -27.98 29.92
CA VAL A 475 -25.29 -28.46 29.11
C VAL A 475 -26.56 -27.71 29.49
N PRO A 476 -27.54 -27.59 28.60
CA PRO A 476 -28.79 -26.90 28.97
C PRO A 476 -29.54 -27.58 30.10
N SER A 477 -29.52 -28.90 30.16
CA SER A 477 -30.22 -29.64 31.21
C SER A 477 -29.68 -31.06 31.25
N ASP A 478 -30.02 -31.77 32.32
CA ASP A 478 -29.64 -33.17 32.46
C ASP A 478 -30.45 -34.03 31.51
N ASN A 479 -29.81 -35.07 30.98
CA ASN A 479 -30.44 -35.98 30.05
C ASN A 479 -31.49 -36.84 30.75
N ASP A 484 -27.07 -39.66 25.61
CA ASP A 484 -26.12 -39.34 24.56
C ASP A 484 -26.29 -37.90 24.09
N LEU A 485 -25.19 -37.14 24.14
CA LEU A 485 -25.19 -35.75 23.69
C LEU A 485 -24.94 -35.59 22.20
N SER A 486 -24.64 -36.69 21.50
CA SER A 486 -24.28 -36.62 20.08
C SER A 486 -25.55 -36.72 19.25
N VAL A 487 -26.02 -35.59 18.73
CA VAL A 487 -27.15 -35.51 17.83
C VAL A 487 -26.68 -34.85 16.54
N LEU A 488 -26.95 -35.49 15.41
CA LEU A 488 -26.47 -35.02 14.11
C LEU A 488 -27.61 -35.05 13.11
N HIS A 489 -27.91 -33.88 12.54
CA HIS A 489 -28.89 -33.77 11.47
C HIS A 489 -28.16 -33.67 10.14
N LEU A 490 -28.55 -34.51 9.19
CA LEU A 490 -27.84 -34.64 7.92
C LEU A 490 -28.72 -34.16 6.76
N ASP A 491 -28.05 -33.71 5.70
CA ASP A 491 -28.69 -33.34 4.43
C ASP A 491 -29.67 -32.18 4.61
N SER A 492 -29.41 -31.29 5.56
CA SER A 492 -30.24 -30.12 5.75
C SER A 492 -29.42 -29.07 6.49
N CYS A 493 -29.86 -27.82 6.37
CA CYS A 493 -29.20 -26.72 7.06
C CYS A 493 -29.39 -26.86 8.56
N THR A 494 -28.31 -26.65 9.32
CA THR A 494 -28.38 -26.80 10.76
C THR A 494 -27.28 -25.97 11.40
N ASP A 495 -27.51 -25.61 12.65
CA ASP A 495 -26.50 -24.97 13.50
C ASP A 495 -25.72 -26.06 14.21
N TYR A 496 -24.43 -26.17 13.91
CA TYR A 496 -23.63 -27.27 14.40
C TYR A 496 -22.60 -26.79 15.41
N ASN A 497 -22.37 -27.63 16.43
CA ASN A 497 -21.27 -27.50 17.39
C ASN A 497 -20.56 -28.86 17.39
N ILE A 498 -19.49 -28.96 16.61
CA ILE A 498 -18.78 -30.21 16.41
C ILE A 498 -17.37 -30.04 16.95
N TYR A 499 -17.05 -30.77 18.02
CA TYR A 499 -15.71 -30.78 18.62
C TYR A 499 -15.25 -29.38 18.98
N GLY A 500 -16.19 -28.52 19.37
CA GLY A 500 -15.89 -27.16 19.76
C GLY A 500 -16.00 -26.13 18.67
N LYS A 501 -16.14 -26.53 17.41
CA LYS A 501 -16.28 -25.60 16.30
C LYS A 501 -17.75 -25.42 15.97
N THR A 502 -18.19 -24.17 15.89
CA THR A 502 -19.60 -23.86 15.71
C THR A 502 -19.81 -23.17 14.37
N GLY A 503 -21.00 -23.35 13.82
CA GLY A 503 -21.33 -22.71 12.56
C GLY A 503 -22.71 -23.07 12.07
N ILE A 504 -23.01 -22.63 10.85
CA ILE A 504 -24.25 -22.98 10.15
C ILE A 504 -23.87 -23.66 8.85
N GLY A 505 -24.49 -24.80 8.58
CA GLY A 505 -24.14 -25.51 7.36
C GLY A 505 -24.95 -26.77 7.17
N ILE A 506 -24.64 -27.45 6.07
CA ILE A 506 -25.24 -28.72 5.70
C ILE A 506 -24.17 -29.79 5.84
N ILE A 507 -24.48 -30.86 6.55
CA ILE A 507 -23.54 -31.94 6.85
C ILE A 507 -23.96 -33.17 6.06
N ARG A 508 -23.03 -33.71 5.28
CA ARG A 508 -23.29 -34.87 4.44
C ARG A 508 -22.25 -35.94 4.71
N GLN A 509 -22.59 -37.17 4.35
CA GLN A 509 -21.71 -38.32 4.52
C GLN A 509 -20.99 -38.60 3.21
N THR A 510 -19.68 -38.78 3.29
CA THR A 510 -18.84 -39.01 2.11
C THR A 510 -18.26 -40.41 2.13
N ASN A 511 -17.80 -40.85 0.95
CA ASN A 511 -17.13 -42.13 0.79
C ASN A 511 -15.64 -42.06 1.06
N SER A 512 -15.08 -40.86 1.24
CA SER A 512 -13.64 -40.69 1.32
C SER A 512 -13.08 -41.35 2.59
N THR A 513 -11.83 -41.79 2.49
CA THR A 513 -11.13 -42.43 3.60
C THR A 513 -9.86 -41.63 3.89
N LEU A 514 -9.93 -40.76 4.89
CA LEU A 514 -8.77 -40.05 5.39
C LEU A 514 -8.29 -40.76 6.65
N LEU A 515 -7.03 -41.21 6.64
CA LEU A 515 -6.53 -42.09 7.67
C LEU A 515 -6.03 -41.36 8.92
N SER A 516 -6.01 -40.03 8.91
CA SER A 516 -5.42 -39.28 10.01
C SER A 516 -6.36 -38.16 10.43
N GLY A 517 -6.32 -37.84 11.72
CA GLY A 517 -6.98 -36.67 12.24
C GLY A 517 -8.43 -36.90 12.64
N LEU A 518 -8.98 -35.90 13.31
CA LEU A 518 -10.36 -35.90 13.76
C LEU A 518 -11.24 -34.93 12.97
N TYR A 519 -10.74 -33.74 12.66
CA TYR A 519 -11.50 -32.77 11.88
C TYR A 519 -10.53 -31.97 11.02
N TYR A 520 -11.09 -31.30 10.01
CA TYR A 520 -10.30 -30.61 9.00
C TYR A 520 -10.86 -29.21 8.79
N THR A 521 -9.97 -28.24 8.62
CA THR A 521 -10.34 -26.85 8.43
C THR A 521 -9.71 -26.31 7.15
N SER A 522 -10.25 -25.19 6.68
CA SER A 522 -9.74 -24.51 5.50
C SER A 522 -8.64 -23.53 5.90
N LEU A 523 -8.09 -22.85 4.89
CA LEU A 523 -7.03 -21.87 5.14
C LEU A 523 -7.55 -20.69 5.96
N SER A 524 -8.84 -20.37 5.82
CA SER A 524 -9.47 -19.31 6.59
C SER A 524 -9.94 -19.76 7.97
N GLY A 525 -9.78 -21.05 8.30
CA GLY A 525 -10.17 -21.55 9.59
C GLY A 525 -11.58 -22.09 9.70
N ASP A 526 -12.27 -22.29 8.57
CA ASP A 526 -13.63 -22.82 8.58
C ASP A 526 -13.62 -24.34 8.51
N LEU A 527 -14.52 -24.95 9.27
CA LEU A 527 -14.59 -26.41 9.32
C LEU A 527 -15.09 -26.96 7.98
N LEU A 528 -14.35 -27.91 7.42
CA LEU A 528 -14.71 -28.54 6.15
C LEU A 528 -15.17 -29.98 6.32
N GLY A 529 -14.63 -30.71 7.29
CA GLY A 529 -15.06 -32.08 7.50
C GLY A 529 -14.60 -32.58 8.85
N PHE A 530 -15.23 -33.67 9.28
CA PHE A 530 -14.90 -34.27 10.57
C PHE A 530 -15.19 -35.76 10.51
N LYS A 531 -14.58 -36.50 11.42
CA LYS A 531 -14.66 -37.96 11.43
C LYS A 531 -15.48 -38.43 12.62
N ASN A 532 -16.33 -39.43 12.38
CA ASN A 532 -17.02 -40.11 13.46
C ASN A 532 -16.07 -41.10 14.12
N VAL A 533 -15.91 -40.99 15.44
CA VAL A 533 -14.91 -41.78 16.16
C VAL A 533 -15.36 -43.21 16.43
N THR A 534 -16.56 -43.60 16.01
CA THR A 534 -17.02 -44.96 16.24
C THR A 534 -16.75 -45.86 15.05
N ASP A 535 -17.01 -45.39 13.83
CA ASP A 535 -16.83 -46.20 12.63
C ASP A 535 -15.86 -45.59 11.63
N GLY A 536 -15.35 -44.39 11.88
CA GLY A 536 -14.38 -43.77 10.98
C GLY A 536 -14.95 -43.12 9.75
N VAL A 537 -16.28 -42.94 9.68
CA VAL A 537 -16.88 -42.28 8.53
C VAL A 537 -16.59 -40.80 8.57
N VAL A 538 -16.25 -40.23 7.41
CA VAL A 538 -15.93 -38.81 7.28
C VAL A 538 -17.15 -38.08 6.74
N TYR A 539 -17.55 -37.02 7.44
CA TYR A 539 -18.64 -36.15 7.01
C TYR A 539 -18.06 -34.82 6.55
N SER A 540 -18.67 -34.26 5.50
CA SER A 540 -18.31 -32.96 4.97
C SER A 540 -19.35 -31.93 5.38
N VAL A 541 -18.91 -30.67 5.45
CA VAL A 541 -19.76 -29.54 5.84
C VAL A 541 -19.68 -28.50 4.73
N THR A 542 -20.84 -28.03 4.26
CA THR A 542 -20.90 -27.00 3.24
C THR A 542 -21.78 -25.87 3.73
N PRO A 543 -21.58 -24.65 3.22
CA PRO A 543 -22.47 -23.54 3.59
C PRO A 543 -23.89 -23.76 3.09
N CYS A 544 -24.86 -23.24 3.86
CA CYS A 544 -26.25 -23.32 3.44
C CYS A 544 -26.54 -22.38 2.28
N ASP A 545 -25.97 -21.19 2.29
CA ASP A 545 -26.15 -20.20 1.23
C ASP A 545 -24.79 -19.83 0.63
N VAL A 546 -24.78 -19.58 -0.68
CA VAL A 546 -23.57 -19.28 -1.41
C VAL A 546 -23.73 -17.95 -2.14
N SER A 547 -22.62 -17.43 -2.63
CA SER A 547 -22.63 -16.19 -3.41
C SER A 547 -23.12 -16.47 -4.83
N ALA A 548 -23.94 -15.57 -5.34
CA ALA A 548 -24.48 -15.66 -6.69
C ALA A 548 -24.30 -14.32 -7.38
N GLN A 549 -24.45 -14.33 -8.70
CA GLN A 549 -24.36 -13.11 -9.49
C GLN A 549 -25.71 -12.82 -10.14
N ALA A 550 -26.27 -11.65 -9.85
CA ALA A 550 -27.55 -11.25 -10.41
C ALA A 550 -27.31 -10.30 -11.58
N ALA A 551 -27.99 -10.56 -12.69
CA ALA A 551 -27.91 -9.73 -13.89
C ALA A 551 -29.06 -8.74 -13.88
N VAL A 552 -28.74 -7.45 -13.88
CA VAL A 552 -29.74 -6.39 -13.81
C VAL A 552 -29.69 -5.62 -15.12
N ILE A 553 -30.84 -5.57 -15.81
CA ILE A 553 -31.00 -4.82 -17.05
C ILE A 553 -32.25 -3.98 -16.93
N ASP A 554 -32.12 -2.67 -17.12
CA ASP A 554 -33.24 -1.73 -17.04
C ASP A 554 -33.93 -1.78 -15.68
N GLY A 555 -33.13 -1.96 -14.62
CA GLY A 555 -33.66 -1.88 -13.28
C GLY A 555 -34.47 -3.06 -12.83
N THR A 556 -34.34 -4.21 -13.48
CA THR A 556 -35.03 -5.42 -13.07
C THR A 556 -34.06 -6.59 -13.11
N ILE A 557 -34.33 -7.60 -12.31
CA ILE A 557 -33.54 -8.82 -12.28
C ILE A 557 -34.06 -9.76 -13.35
N VAL A 558 -33.22 -10.09 -14.32
CA VAL A 558 -33.60 -10.99 -15.40
C VAL A 558 -32.90 -12.34 -15.33
N GLY A 559 -31.85 -12.47 -14.52
CA GLY A 559 -31.15 -13.74 -14.42
C GLY A 559 -30.22 -13.78 -13.23
N ALA A 560 -29.80 -14.99 -12.90
CA ALA A 560 -28.91 -15.22 -11.77
C ALA A 560 -28.03 -16.43 -12.06
N MET A 561 -26.73 -16.24 -11.91
CA MET A 561 -25.74 -17.31 -11.99
C MET A 561 -25.45 -17.81 -10.58
N THR A 562 -25.59 -19.11 -10.38
CA THR A 562 -25.49 -19.69 -9.05
C THR A 562 -24.88 -21.08 -9.15
N SER A 563 -24.37 -21.56 -8.01
CA SER A 563 -23.76 -22.88 -7.94
C SER A 563 -24.69 -23.94 -7.36
N ILE A 564 -25.82 -23.55 -6.80
CA ILE A 564 -26.80 -24.48 -6.25
C ILE A 564 -28.00 -24.53 -7.19
N ASN A 565 -28.48 -25.73 -7.48
CA ASN A 565 -29.65 -25.91 -8.32
C ASN A 565 -30.93 -25.72 -7.51
N SER A 566 -31.13 -24.49 -7.03
CA SER A 566 -32.31 -24.11 -6.29
C SER A 566 -32.74 -22.73 -6.74
N GLU A 567 -34.05 -22.47 -6.63
CA GLU A 567 -34.59 -21.19 -7.08
C GLU A 567 -34.12 -20.07 -6.16
N LEU A 568 -33.96 -18.88 -6.73
CA LEU A 568 -33.50 -17.72 -5.98
C LEU A 568 -33.98 -16.44 -6.66
N LEU A 569 -34.09 -15.38 -5.85
CA LEU A 569 -34.40 -14.04 -6.33
C LEU A 569 -35.71 -13.98 -7.12
N GLY A 570 -36.62 -14.92 -6.85
CA GLY A 570 -37.89 -14.95 -7.56
C GLY A 570 -37.86 -15.61 -8.92
N LEU A 571 -36.72 -16.16 -9.34
CA LEU A 571 -36.61 -16.81 -10.64
C LEU A 571 -36.93 -18.30 -10.51
N THR A 572 -37.62 -18.83 -11.52
CA THR A 572 -38.08 -20.22 -11.50
C THR A 572 -37.44 -21.05 -12.60
N HIS A 573 -37.48 -20.59 -13.84
CA HIS A 573 -36.87 -21.34 -14.94
C HIS A 573 -35.36 -21.28 -14.85
N TRP A 574 -34.72 -22.37 -15.28
CA TRP A 574 -33.27 -22.47 -15.17
C TRP A 574 -32.71 -23.31 -16.30
N THR A 575 -31.41 -23.14 -16.54
CA THR A 575 -30.67 -23.91 -17.52
C THR A 575 -29.30 -24.26 -16.95
N THR A 576 -28.69 -25.28 -17.52
CA THR A 576 -27.42 -25.82 -17.05
C THR A 576 -26.29 -25.34 -17.96
N THR A 577 -25.21 -24.89 -17.35
CA THR A 577 -24.00 -24.44 -18.02
C THR A 577 -22.84 -25.26 -17.50
N PRO A 578 -21.79 -25.48 -18.30
CA PRO A 578 -20.65 -26.27 -17.82
C PRO A 578 -19.98 -25.73 -16.57
N ASN A 579 -20.24 -24.48 -16.17
CA ASN A 579 -19.61 -23.90 -15.01
C ASN A 579 -20.58 -23.52 -13.89
N PHE A 580 -21.88 -23.39 -14.17
CA PHE A 580 -22.83 -22.91 -13.17
C PHE A 580 -24.24 -23.26 -13.63
N TYR A 581 -25.20 -22.95 -12.78
CA TYR A 581 -26.62 -22.95 -13.13
C TYR A 581 -27.07 -21.53 -13.38
N TYR A 582 -27.92 -21.33 -14.38
CA TYR A 582 -28.41 -20.00 -14.73
C TYR A 582 -29.93 -19.98 -14.64
N TYR A 583 -30.45 -19.28 -13.65
CA TYR A 583 -31.88 -19.06 -13.54
C TYR A 583 -32.26 -17.77 -14.26
N SER A 584 -33.46 -17.75 -14.82
CA SER A 584 -33.85 -16.65 -15.69
C SER A 584 -35.36 -16.49 -15.70
N ILE A 585 -35.80 -15.31 -16.16
CA ILE A 585 -37.21 -15.11 -16.47
C ILE A 585 -37.58 -15.71 -17.81
N TYR A 586 -36.58 -16.06 -18.63
CA TYR A 586 -36.84 -16.69 -19.92
C TYR A 586 -37.39 -18.10 -19.74
N ASN A 587 -38.29 -18.49 -20.64
CA ASN A 587 -38.95 -19.79 -20.60
C ASN A 587 -37.97 -20.87 -21.04
N TYR A 588 -37.31 -21.51 -20.08
CA TYR A 588 -36.46 -22.65 -20.37
C TYR A 588 -37.23 -23.95 -20.12
N THR A 589 -37.04 -24.90 -21.01
CA THR A 589 -37.72 -26.19 -20.90
C THR A 589 -37.19 -26.99 -19.72
N VAL A 603 -30.85 -19.38 -28.71
CA VAL A 603 -31.69 -18.19 -28.75
C VAL A 603 -30.97 -17.07 -29.49
N ASP A 604 -31.66 -16.49 -30.47
CA ASP A 604 -31.11 -15.40 -31.28
C ASP A 604 -31.60 -14.08 -30.70
N CYS A 605 -30.75 -13.42 -29.93
CA CYS A 605 -31.06 -12.11 -29.37
C CYS A 605 -29.78 -11.32 -29.22
N GLU A 606 -29.93 -9.99 -29.14
CA GLU A 606 -28.79 -9.12 -28.98
C GLU A 606 -28.46 -8.99 -27.49
N PRO A 607 -27.30 -9.46 -27.04
CA PRO A 607 -26.98 -9.38 -25.61
C PRO A 607 -26.85 -7.94 -25.16
N ILE A 608 -27.33 -7.68 -23.94
CA ILE A 608 -27.26 -6.37 -23.34
C ILE A 608 -26.05 -6.24 -22.42
N ILE A 609 -25.82 -7.25 -21.58
CA ILE A 609 -24.65 -7.23 -20.69
C ILE A 609 -23.80 -8.46 -20.95
N THR A 610 -22.51 -8.26 -21.19
CA THR A 610 -21.64 -9.36 -21.56
C THR A 610 -20.39 -9.35 -20.70
N TYR A 611 -19.85 -10.56 -20.48
CA TYR A 611 -18.52 -10.73 -19.90
C TYR A 611 -17.92 -11.99 -20.49
N SER A 612 -16.73 -11.88 -21.08
CA SER A 612 -16.04 -12.99 -21.70
C SER A 612 -16.89 -13.58 -22.82
N ASN A 613 -17.24 -14.85 -22.71
CA ASN A 613 -18.09 -15.52 -23.69
C ASN A 613 -19.54 -15.60 -23.26
N ILE A 614 -19.91 -14.93 -22.16
CA ILE A 614 -21.26 -14.99 -21.61
C ILE A 614 -21.97 -13.68 -21.93
N GLY A 615 -23.22 -13.78 -22.38
CA GLY A 615 -24.03 -12.60 -22.61
C GLY A 615 -25.44 -12.82 -22.13
N VAL A 616 -26.04 -11.73 -21.64
CA VAL A 616 -27.42 -11.73 -21.17
C VAL A 616 -28.18 -10.69 -21.98
N CYS A 617 -29.30 -11.13 -22.57
CA CYS A 617 -30.19 -10.32 -23.39
C CYS A 617 -31.24 -9.63 -22.52
N LYS A 618 -32.09 -8.84 -23.17
CA LYS A 618 -33.12 -8.11 -22.44
C LYS A 618 -34.20 -9.05 -21.90
N ASN A 619 -34.49 -10.14 -22.61
CA ASN A 619 -35.50 -11.09 -22.19
C ASN A 619 -34.97 -12.13 -21.21
N GLY A 620 -33.71 -12.03 -20.80
CA GLY A 620 -33.14 -12.94 -19.83
C GLY A 620 -32.45 -14.15 -20.40
N ALA A 621 -32.46 -14.34 -21.72
CA ALA A 621 -31.82 -15.50 -22.31
C ALA A 621 -30.30 -15.39 -22.24
N LEU A 622 -29.65 -16.54 -22.10
CA LEU A 622 -28.20 -16.62 -22.03
C LEU A 622 -27.64 -16.95 -23.41
N VAL A 623 -26.65 -16.19 -23.87
CA VAL A 623 -26.08 -16.37 -25.19
C VAL A 623 -24.56 -16.47 -25.09
N PHE A 624 -23.98 -17.07 -26.12
CA PHE A 624 -22.53 -17.23 -26.23
C PHE A 624 -21.96 -16.09 -27.06
N ILE A 625 -20.84 -15.52 -26.58
CA ILE A 625 -20.14 -14.45 -27.27
C ILE A 625 -18.88 -15.04 -27.88
N ASN A 626 -18.82 -15.08 -29.20
CA ASN A 626 -17.65 -15.60 -29.88
C ASN A 626 -16.69 -14.46 -30.23
N VAL A 627 -15.48 -14.83 -30.63
CA VAL A 627 -14.47 -13.85 -30.98
C VAL A 627 -14.87 -13.16 -32.28
N THR A 628 -14.49 -11.88 -32.40
CA THR A 628 -14.82 -11.10 -33.59
C THR A 628 -14.19 -11.70 -34.84
N HIS A 629 -14.93 -11.65 -35.95
CA HIS A 629 -14.47 -12.18 -37.22
C HIS A 629 -14.19 -11.04 -38.18
N SER A 630 -13.15 -11.22 -39.01
CA SER A 630 -12.79 -10.25 -40.03
C SER A 630 -12.38 -10.98 -41.30
N ASP A 631 -12.38 -10.25 -42.41
CA ASP A 631 -12.02 -10.86 -43.70
C ASP A 631 -10.56 -11.29 -43.71
N GLY A 632 -9.68 -10.50 -43.11
CA GLY A 632 -8.26 -10.79 -43.08
C GLY A 632 -7.43 -9.61 -43.51
N ASP A 633 -6.12 -9.77 -43.35
CA ASP A 633 -5.16 -8.74 -43.71
C ASP A 633 -4.69 -8.92 -45.14
N VAL A 634 -4.50 -7.80 -45.83
CA VAL A 634 -3.94 -7.83 -47.18
C VAL A 634 -2.47 -8.24 -47.10
N GLN A 635 -2.09 -9.21 -47.93
CA GLN A 635 -0.72 -9.70 -47.85
C GLN A 635 0.12 -9.14 -48.99
N PRO A 636 1.42 -8.93 -48.75
CA PRO A 636 2.31 -8.39 -49.81
C PRO A 636 2.66 -9.43 -50.86
N ILE A 637 1.64 -9.99 -51.46
CA ILE A 637 1.84 -11.05 -52.47
C ILE A 637 1.65 -10.44 -53.85
N SER A 638 2.50 -10.78 -54.78
CA SER A 638 2.41 -10.35 -56.17
C SER A 638 2.60 -11.53 -57.10
N THR A 639 1.90 -12.63 -56.82
CA THR A 639 1.93 -13.83 -57.65
C THR A 639 0.54 -14.43 -57.66
N GLY A 640 -0.05 -14.56 -58.85
CA GLY A 640 -1.33 -15.22 -58.95
C GLY A 640 -2.50 -14.29 -58.77
N ASN A 641 -3.66 -14.81 -58.41
CA ASN A 641 -4.86 -14.00 -58.26
C ASN A 641 -4.88 -13.36 -56.87
N VAL A 642 -4.86 -12.03 -56.84
CA VAL A 642 -4.79 -11.28 -55.59
C VAL A 642 -5.94 -10.27 -55.56
N THR A 643 -6.29 -9.85 -54.34
CA THR A 643 -7.42 -8.97 -54.11
C THR A 643 -6.93 -7.66 -53.49
N ILE A 644 -7.42 -6.55 -54.04
CA ILE A 644 -7.06 -5.20 -53.59
C ILE A 644 -8.34 -4.50 -53.18
N PRO A 645 -8.42 -3.90 -51.99
CA PRO A 645 -9.64 -3.18 -51.60
C PRO A 645 -9.91 -2.00 -52.53
N THR A 646 -11.17 -1.82 -52.90
CA THR A 646 -11.56 -0.82 -53.88
C THR A 646 -12.54 0.21 -53.35
N ASN A 647 -13.68 -0.22 -52.81
CA ASN A 647 -14.77 0.68 -52.45
C ASN A 647 -14.69 0.97 -50.97
N PHE A 648 -14.49 2.25 -50.63
CA PHE A 648 -14.18 2.64 -49.26
C PHE A 648 -15.27 3.56 -48.71
N THR A 649 -15.62 3.30 -47.45
CA THR A 649 -16.42 4.22 -46.64
C THR A 649 -15.55 4.71 -45.49
N ILE A 650 -16.15 5.55 -44.63
CA ILE A 650 -15.45 6.17 -43.52
C ILE A 650 -15.95 5.57 -42.22
N SER A 651 -15.02 5.20 -41.35
CA SER A 651 -15.33 4.78 -39.99
C SER A 651 -14.62 5.69 -39.01
N VAL A 652 -15.31 6.10 -37.95
CA VAL A 652 -14.74 6.95 -36.93
C VAL A 652 -14.68 6.18 -35.61
N GLN A 653 -13.51 6.17 -35.00
CA GLN A 653 -13.27 5.46 -33.74
C GLN A 653 -12.84 6.45 -32.68
N VAL A 654 -13.34 6.27 -31.46
CA VAL A 654 -13.14 7.20 -30.36
C VAL A 654 -12.26 6.55 -29.32
N GLU A 655 -11.21 7.25 -28.90
CA GLU A 655 -10.33 6.75 -27.85
C GLU A 655 -10.07 7.84 -26.81
N TYR A 656 -10.09 7.47 -25.53
CA TYR A 656 -9.80 8.40 -24.45
C TYR A 656 -8.47 8.07 -23.81
N ILE A 657 -7.63 9.08 -23.61
CA ILE A 657 -6.36 8.92 -22.91
C ILE A 657 -6.25 10.01 -21.85
N GLN A 658 -5.89 9.61 -20.64
CA GLN A 658 -5.64 10.55 -19.55
C GLN A 658 -4.27 11.19 -19.70
N VAL A 659 -4.21 12.48 -19.42
CA VAL A 659 -2.99 13.27 -19.60
C VAL A 659 -2.45 13.77 -18.27
N TYR A 660 -3.32 14.14 -17.34
CA TYR A 660 -2.88 14.72 -16.09
C TYR A 660 -3.82 14.29 -14.96
N THR A 661 -3.31 14.41 -13.73
CA THR A 661 -4.10 14.13 -12.53
C THR A 661 -4.63 15.44 -11.94
N THR A 662 -5.32 15.32 -10.81
CA THR A 662 -5.76 16.47 -10.04
C THR A 662 -4.81 16.63 -8.86
N PRO A 663 -3.83 17.55 -8.92
CA PRO A 663 -2.82 17.67 -7.87
C PRO A 663 -3.35 18.27 -6.54
N VAL A 664 -2.82 17.79 -5.44
CA VAL A 664 -3.29 18.26 -4.11
C VAL A 664 -2.11 18.69 -3.26
N SER A 665 -2.25 19.79 -2.54
CA SER A 665 -1.24 20.21 -1.55
C SER A 665 -1.83 19.91 -0.17
N ILE A 666 -1.04 19.36 0.71
CA ILE A 666 -1.45 19.04 2.07
C ILE A 666 -0.57 19.82 3.04
N ASP A 667 -1.21 20.51 3.98
CA ASP A 667 -0.52 21.09 5.13
C ASP A 667 -0.51 20.02 6.22
N CYS A 668 0.64 19.38 6.40
CA CYS A 668 0.73 18.25 7.32
C CYS A 668 0.42 18.68 8.75
N SER A 669 0.90 19.84 9.16
CA SER A 669 0.65 20.31 10.53
C SER A 669 -0.82 20.55 10.78
N ARG A 670 -1.53 21.12 9.79
CA ARG A 670 -2.95 21.37 9.98
C ARG A 670 -3.77 20.09 9.91
N TYR A 671 -3.36 19.12 9.10
CA TYR A 671 -4.07 17.85 9.06
C TYR A 671 -3.90 17.08 10.36
N VAL A 672 -2.66 16.96 10.84
CA VAL A 672 -2.41 16.20 12.06
C VAL A 672 -2.97 16.92 13.27
N CYS A 673 -2.71 18.22 13.38
CA CYS A 673 -3.15 19.03 14.50
C CYS A 673 -4.11 20.09 13.99
N ASN A 674 -5.31 20.13 14.55
CA ASN A 674 -6.32 21.06 14.06
C ASN A 674 -6.08 22.46 14.59
N GLY A 675 -4.87 22.98 14.38
CA GLY A 675 -4.50 24.30 14.83
C GLY A 675 -4.12 24.41 16.30
N ASN A 676 -4.09 23.32 17.03
CA ASN A 676 -3.81 23.36 18.45
C ASN A 676 -2.33 23.60 18.70
N PRO A 677 -1.95 24.65 19.45
CA PRO A 677 -0.51 24.90 19.68
C PRO A 677 0.21 23.78 20.41
N ARG A 678 -0.45 23.14 21.38
CA ARG A 678 0.20 22.05 22.11
C ARG A 678 0.45 20.85 21.21
N CYS A 679 -0.50 20.54 20.34
CA CYS A 679 -0.29 19.47 19.37
C CYS A 679 0.86 19.81 18.42
N ASN A 680 0.99 21.09 18.04
CA ASN A 680 2.12 21.49 17.21
C ASN A 680 3.43 21.31 17.95
N LYS A 681 3.47 21.66 19.24
CA LYS A 681 4.67 21.45 20.03
C LYS A 681 5.03 19.98 20.10
N LEU A 682 4.03 19.10 20.25
CA LEU A 682 4.29 17.67 20.23
C LEU A 682 4.79 17.21 18.86
N LEU A 683 4.21 17.74 17.79
CA LEU A 683 4.57 17.34 16.43
C LEU A 683 5.93 17.88 16.01
N THR A 684 6.48 18.83 16.77
CA THR A 684 7.84 19.28 16.50
C THR A 684 8.85 18.15 16.60
N GLN A 685 8.51 17.06 17.29
CA GLN A 685 9.36 15.88 17.36
C GLN A 685 9.16 14.93 16.18
N TYR A 686 8.09 15.10 15.39
CA TYR A 686 7.86 14.31 14.18
C TYR A 686 8.02 15.15 12.92
N VAL A 687 8.45 16.41 13.07
CA VAL A 687 8.58 17.35 11.96
C VAL A 687 9.24 16.71 10.73
N SER A 688 10.11 15.72 10.93
CA SER A 688 10.76 15.07 9.79
C SER A 688 9.75 14.36 8.90
N ALA A 689 8.78 13.67 9.49
CA ALA A 689 7.77 12.96 8.71
C ALA A 689 6.93 13.94 7.89
N CYS A 690 6.51 15.04 8.52
CA CYS A 690 5.74 16.05 7.80
C CYS A 690 6.56 16.66 6.67
N GLN A 691 7.85 16.91 6.91
CA GLN A 691 8.71 17.44 5.86
C GLN A 691 8.80 16.46 4.69
N THR A 692 8.96 15.17 4.98
CA THR A 692 9.02 14.17 3.92
C THR A 692 7.73 14.14 3.10
N ILE A 693 6.58 14.18 3.79
CA ILE A 693 5.30 14.13 3.09
C ILE A 693 5.13 15.35 2.19
N GLU A 694 5.38 16.55 2.74
CA GLU A 694 5.23 17.76 1.95
C GLU A 694 6.18 17.78 0.76
N GLN A 695 7.43 17.35 0.98
CA GLN A 695 8.41 17.37 -0.10
C GLN A 695 8.00 16.41 -1.21
N ALA A 696 7.53 15.22 -0.86
CA ALA A 696 7.09 14.27 -1.87
C ALA A 696 5.93 14.82 -2.69
N LEU A 697 4.92 15.37 -2.02
CA LEU A 697 3.77 15.90 -2.75
C LEU A 697 4.16 17.06 -3.65
N ALA A 698 4.97 17.99 -3.12
CA ALA A 698 5.37 19.15 -3.91
C ALA A 698 6.21 18.75 -5.11
N MET A 699 7.14 17.82 -4.92
CA MET A 699 7.98 17.39 -6.04
C MET A 699 7.16 16.68 -7.10
N GLY A 700 6.19 15.85 -6.69
CA GLY A 700 5.33 15.21 -7.68
C GLY A 700 4.54 16.23 -8.49
N ALA A 701 3.95 17.22 -7.80
CA ALA A 701 3.20 18.25 -8.51
C ALA A 701 4.08 19.04 -9.46
N ARG A 702 5.29 19.40 -9.02
CA ARG A 702 6.20 20.17 -9.87
C ARG A 702 6.62 19.39 -11.10
N LEU A 703 6.94 18.10 -10.93
CA LEU A 703 7.30 17.28 -12.09
C LEU A 703 6.15 17.16 -13.06
N GLU A 704 4.93 16.96 -12.61
CA GLU A 704 3.83 16.83 -13.60
C GLU A 704 3.58 18.18 -14.26
N ASN A 705 3.67 19.29 -13.52
CA ASN A 705 3.47 20.57 -14.18
C ASN A 705 4.53 20.83 -15.24
N MET A 706 5.79 20.47 -14.95
CA MET A 706 6.84 20.61 -15.94
C MET A 706 6.57 19.74 -17.16
N GLU A 707 6.10 18.51 -16.94
CA GLU A 707 5.80 17.61 -18.05
C GLU A 707 4.67 18.17 -18.91
N VAL A 708 3.60 18.64 -18.29
CA VAL A 708 2.45 19.13 -19.05
C VAL A 708 2.80 20.42 -19.79
N ASP A 709 3.64 21.27 -19.18
CA ASP A 709 3.95 22.56 -19.79
C ASP A 709 4.65 22.39 -21.14
N SER A 710 5.56 21.43 -21.25
CA SER A 710 6.33 21.24 -22.48
C SER A 710 5.54 20.56 -23.58
N MET A 711 4.33 20.08 -23.30
CA MET A 711 3.55 19.33 -24.28
C MET A 711 2.57 20.20 -25.06
N LEU A 712 1.96 21.18 -24.41
CA LEU A 712 0.89 21.97 -25.02
C LEU A 712 1.45 23.21 -25.70
N PHE A 713 0.86 23.57 -26.83
CA PHE A 713 1.23 24.75 -27.58
C PHE A 713 0.06 25.15 -28.48
N VAL A 714 0.06 26.41 -28.90
CA VAL A 714 -0.96 26.91 -29.81
C VAL A 714 -0.29 27.71 -30.91
N SER A 715 -1.04 27.94 -31.99
CA SER A 715 -0.64 28.81 -33.08
C SER A 715 -1.74 29.84 -33.28
N GLU A 716 -1.35 31.12 -33.37
CA GLU A 716 -2.34 32.19 -33.48
C GLU A 716 -3.14 32.07 -34.76
N ASN A 717 -2.47 31.85 -35.89
CA ASN A 717 -3.17 31.72 -37.16
C ASN A 717 -4.06 30.47 -37.18
N ALA A 718 -3.58 29.38 -36.59
CA ALA A 718 -4.40 28.17 -36.51
C ALA A 718 -5.61 28.40 -35.63
N LEU A 719 -5.46 29.14 -34.53
CA LEU A 719 -6.58 29.44 -33.66
C LEU A 719 -7.59 30.37 -34.33
N LYS A 720 -7.13 31.22 -35.24
CA LYS A 720 -8.06 32.11 -35.92
C LYS A 720 -9.08 31.34 -36.76
N LEU A 721 -8.65 30.22 -37.36
CA LEU A 721 -9.54 29.40 -38.18
C LEU A 721 -10.28 28.33 -37.39
N ALA A 722 -9.96 28.15 -36.11
CA ALA A 722 -10.52 27.05 -35.33
C ALA A 722 -11.82 27.48 -34.68
N SER A 723 -12.89 27.46 -35.49
CA SER A 723 -14.23 27.76 -35.00
C SER A 723 -15.24 27.29 -36.04
N VAL A 724 -16.47 27.08 -35.58
CA VAL A 724 -17.54 26.70 -36.51
C VAL A 724 -17.86 27.86 -37.44
N GLU A 725 -17.81 29.09 -36.93
CA GLU A 725 -18.10 30.25 -37.76
C GLU A 725 -17.07 30.41 -38.87
N ALA A 726 -15.79 30.20 -38.56
CA ALA A 726 -14.74 30.34 -39.57
C ALA A 726 -14.88 29.28 -40.66
N PHE A 727 -15.20 28.04 -40.28
CA PHE A 727 -15.35 26.97 -41.26
C PHE A 727 -16.61 27.15 -42.10
N ASN A 728 -17.57 27.95 -41.65
CA ASN A 728 -18.81 28.17 -42.37
C ASN A 728 -18.78 29.41 -43.25
N SER A 729 -17.66 30.12 -43.30
CA SER A 729 -17.53 31.31 -44.13
C SER A 729 -16.35 31.14 -45.09
N THR A 730 -16.32 32.02 -46.09
CA THR A 730 -15.25 32.03 -47.09
C THR A 730 -14.34 33.24 -46.93
N GLU A 731 -14.33 33.87 -45.75
CA GLU A 731 -13.52 35.07 -45.55
C GLU A 731 -12.03 34.76 -45.67
N HIS A 732 -11.58 33.65 -45.11
CA HIS A 732 -10.16 33.31 -45.08
C HIS A 732 -9.72 32.44 -46.24
N LEU A 733 -10.62 32.06 -47.14
CA LEU A 733 -10.25 31.20 -48.25
C LEU A 733 -9.33 31.96 -49.23
N ASP A 734 -8.34 31.23 -49.74
CA ASP A 734 -7.51 31.77 -50.81
C ASP A 734 -8.36 32.00 -52.05
N PRO A 735 -8.18 33.12 -52.74
CA PRO A 735 -9.02 33.42 -53.92
C PRO A 735 -8.99 32.35 -55.00
N ILE A 736 -8.00 31.45 -55.00
CA ILE A 736 -7.98 30.37 -55.99
C ILE A 736 -8.98 29.26 -55.69
N TYR A 737 -9.72 29.37 -54.59
CA TYR A 737 -10.75 28.41 -54.23
C TYR A 737 -12.13 29.04 -54.27
N LYS A 738 -12.39 29.87 -55.29
CA LYS A 738 -13.67 30.56 -55.40
C LYS A 738 -14.83 29.60 -55.62
N GLU A 739 -14.57 28.39 -56.13
CA GLU A 739 -15.65 27.43 -56.34
C GLU A 739 -16.19 26.91 -55.02
N TRP A 740 -15.33 26.72 -54.03
CA TRP A 740 -15.78 26.18 -52.74
C TRP A 740 -16.56 27.23 -51.98
N PRO A 741 -17.77 26.91 -51.51
CA PRO A 741 -18.55 27.92 -50.76
C PRO A 741 -17.89 28.35 -49.46
N ASN A 742 -17.23 27.44 -48.75
CA ASN A 742 -16.61 27.76 -47.47
C ASN A 742 -15.51 26.73 -47.20
N ILE A 743 -14.90 26.85 -46.01
CA ILE A 743 -13.85 25.91 -45.64
C ILE A 743 -14.43 24.54 -45.34
N GLY A 744 -15.52 24.49 -44.58
CA GLY A 744 -16.06 23.20 -44.15
C GLY A 744 -16.56 22.34 -45.28
N GLY A 745 -17.31 22.92 -46.20
CA GLY A 745 -17.83 22.17 -47.33
C GLY A 745 -18.79 21.08 -46.88
N SER A 746 -18.66 19.90 -47.50
CA SER A 746 -19.52 18.78 -47.17
C SER A 746 -19.18 18.14 -45.84
N TRP A 747 -17.97 18.36 -45.32
CA TRP A 747 -17.54 17.80 -44.06
C TRP A 747 -18.06 18.58 -42.85
N LEU A 748 -18.57 19.80 -43.07
CA LEU A 748 -18.97 20.66 -41.97
C LEU A 748 -20.04 20.00 -41.10
N GLY A 749 -20.94 19.22 -41.70
CA GLY A 749 -21.97 18.55 -40.91
C GLY A 749 -21.41 17.66 -39.82
N GLY A 750 -20.18 17.17 -40.00
CA GLY A 750 -19.54 16.42 -38.96
C GLY A 750 -18.59 17.27 -38.14
N LEU A 751 -18.07 18.34 -38.75
CA LEU A 751 -17.09 19.17 -38.06
C LEU A 751 -17.74 20.14 -37.09
N LYS A 752 -19.05 20.37 -37.19
CA LYS A 752 -19.71 21.33 -36.31
C LYS A 752 -19.82 20.84 -34.88
N ASP A 753 -19.71 19.53 -34.65
CA ASP A 753 -19.73 18.98 -33.31
C ASP A 753 -18.34 18.85 -32.69
N ILE A 754 -17.28 19.04 -33.47
CA ILE A 754 -15.92 18.88 -32.99
C ILE A 754 -15.22 20.23 -32.84
N LEU A 755 -15.46 21.16 -33.75
CA LEU A 755 -14.85 22.47 -33.65
C LEU A 755 -15.54 23.31 -32.58
N PRO A 756 -14.80 24.22 -31.94
CA PRO A 756 -15.43 25.12 -30.98
C PRO A 756 -16.44 26.06 -31.63
N SER A 757 -17.46 26.42 -30.87
CA SER A 757 -18.53 27.28 -31.34
C SER A 757 -18.85 28.33 -30.30
N HIS A 758 -19.44 29.43 -30.76
CA HIS A 758 -19.84 30.50 -29.84
C HIS A 758 -20.99 30.08 -28.93
N ASN A 759 -21.76 29.06 -29.31
CA ASN A 759 -22.85 28.55 -28.48
C ASN A 759 -22.27 27.52 -27.49
N SER A 760 -21.43 28.03 -26.59
CA SER A 760 -20.75 27.19 -25.62
C SER A 760 -20.71 27.89 -24.28
N LYS A 761 -20.65 27.08 -23.21
CA LYS A 761 -20.57 27.63 -21.87
C LYS A 761 -19.28 28.40 -21.65
N ARG A 762 -18.17 27.85 -22.13
CA ARG A 762 -16.86 28.46 -21.99
C ARG A 762 -16.24 28.72 -23.37
N LYS A 763 -15.12 29.42 -23.37
CA LYS A 763 -14.46 29.75 -24.61
C LYS A 763 -13.81 28.53 -25.24
N TYR A 764 -13.81 28.50 -26.58
CA TYR A 764 -13.18 27.44 -27.38
C TYR A 764 -13.79 26.07 -27.11
N ARG A 765 -15.00 26.04 -26.56
CA ARG A 765 -15.65 24.79 -26.18
C ARG A 765 -16.55 24.31 -27.31
N SER A 766 -16.56 23.01 -27.56
CA SER A 766 -17.36 22.40 -28.60
C SER A 766 -18.50 21.60 -28.00
N ALA A 767 -19.36 21.08 -28.88
CA ALA A 767 -20.55 20.36 -28.43
C ALA A 767 -20.19 19.07 -27.68
N ILE A 768 -19.27 18.29 -28.25
CA ILE A 768 -18.86 17.04 -27.62
C ILE A 768 -18.15 17.30 -26.30
N GLU A 769 -17.34 18.36 -26.25
CA GLU A 769 -16.66 18.71 -25.00
C GLU A 769 -17.67 19.08 -23.92
N ASP A 770 -18.69 19.85 -24.26
CA ASP A 770 -19.72 20.18 -23.27
C ASP A 770 -20.47 18.93 -22.82
N LEU A 771 -20.82 18.05 -23.77
CA LEU A 771 -21.51 16.82 -23.38
C LEU A 771 -20.67 15.97 -22.45
N LEU A 772 -19.37 15.85 -22.71
CA LEU A 772 -18.50 15.05 -21.87
C LEU A 772 -18.21 15.69 -20.52
N PHE A 773 -18.16 17.02 -20.44
CA PHE A 773 -17.93 17.70 -19.17
C PHE A 773 -19.20 17.85 -18.35
N ASP A 774 -20.37 17.62 -18.93
CA ASP A 774 -21.62 17.70 -18.18
C ASP A 774 -22.21 16.32 -17.89
N LYS A 775 -22.05 15.35 -18.78
CA LYS A 775 -22.60 14.03 -18.55
C LYS A 775 -21.68 13.14 -17.72
N VAL A 776 -20.46 13.59 -17.42
CA VAL A 776 -19.54 12.81 -16.61
C VAL A 776 -19.11 13.53 -15.33
N VAL A 777 -19.19 14.85 -15.27
CA VAL A 777 -18.80 15.59 -14.08
C VAL A 777 -20.00 16.36 -13.53
N VAL A 784 -15.73 21.71 -9.54
CA VAL A 784 -16.76 22.73 -9.37
C VAL A 784 -16.13 24.12 -9.29
N ASP A 785 -16.27 24.77 -8.14
CA ASP A 785 -15.74 26.11 -7.92
C ASP A 785 -14.40 26.00 -7.21
N GLU A 786 -13.41 26.71 -7.76
CA GLU A 786 -12.03 26.66 -7.25
C GLU A 786 -11.66 27.96 -6.52
N ASP A 787 -12.65 28.78 -6.17
CA ASP A 787 -12.38 30.01 -5.44
C ASP A 787 -12.29 29.71 -3.95
N TYR A 788 -11.19 30.10 -3.33
CA TYR A 788 -11.00 29.83 -1.90
C TYR A 788 -11.52 30.98 -1.07
N LYS A 789 -11.72 32.15 -1.67
CA LYS A 789 -12.16 33.31 -0.90
C LYS A 789 -13.53 33.09 -0.30
N ARG A 790 -14.35 32.23 -0.91
CA ARG A 790 -15.70 31.99 -0.42
C ARG A 790 -15.73 31.13 0.83
N CYS A 791 -14.71 30.29 1.05
CA CYS A 791 -14.74 29.37 2.18
C CYS A 791 -14.66 30.12 3.51
N THR A 792 -13.86 31.17 3.58
CA THR A 792 -13.67 31.92 4.81
C THR A 792 -14.72 33.01 5.01
N GLY A 793 -15.65 33.18 4.08
CA GLY A 793 -16.65 34.22 4.23
C GLY A 793 -17.61 33.97 5.38
N GLY A 794 -18.01 32.72 5.58
CA GLY A 794 -18.91 32.39 6.67
C GLY A 794 -20.37 32.75 6.44
N TYR A 795 -20.79 32.86 5.18
CA TYR A 795 -22.17 33.34 4.87
C TYR A 795 -23.13 32.18 4.82
N ASP A 796 -22.61 30.97 4.90
CA ASP A 796 -23.47 29.78 4.93
C ASP A 796 -22.64 28.63 5.47
N ILE A 797 -23.31 27.48 5.63
CA ILE A 797 -22.61 26.27 6.08
C ILE A 797 -21.65 25.82 4.99
N ALA A 798 -20.42 25.50 5.39
CA ALA A 798 -19.39 25.12 4.43
C ALA A 798 -19.75 23.82 3.72
N ASP A 799 -19.37 23.72 2.45
CA ASP A 799 -19.59 22.51 1.67
C ASP A 799 -18.39 21.58 1.86
N LEU A 800 -18.34 20.51 1.05
CA LEU A 800 -17.30 19.49 1.21
C LEU A 800 -15.92 20.07 0.92
N VAL A 801 -15.79 20.86 -0.14
CA VAL A 801 -14.48 21.41 -0.51
C VAL A 801 -13.96 22.36 0.56
N CYS A 802 -14.83 23.23 1.07
CA CYS A 802 -14.41 24.15 2.12
C CYS A 802 -14.03 23.41 3.40
N ALA A 803 -14.77 22.35 3.74
CA ALA A 803 -14.41 21.55 4.91
C ALA A 803 -13.05 20.89 4.73
N GLN A 804 -12.80 20.33 3.54
CA GLN A 804 -11.49 19.74 3.27
C GLN A 804 -10.39 20.79 3.39
N TYR A 805 -10.64 22.01 2.94
CA TYR A 805 -9.64 23.11 3.06
C TYR A 805 -9.41 23.35 4.52
N TYR A 806 -10.49 23.41 5.30
CA TYR A 806 -10.34 23.59 6.75
C TYR A 806 -9.50 22.50 7.38
N ASN A 807 -9.53 21.30 6.81
CA ASN A 807 -8.71 20.19 7.29
C ASN A 807 -7.28 20.23 6.74
N GLY A 808 -6.88 21.27 6.01
CA GLY A 808 -5.53 21.38 5.47
C GLY A 808 -5.34 20.70 4.13
N ILE A 809 -6.41 20.39 3.42
CA ILE A 809 -6.33 19.70 2.10
C ILE A 809 -6.66 20.71 0.98
N MET A 810 -5.65 21.10 0.22
CA MET A 810 -5.85 22.11 -0.86
C MET A 810 -5.79 21.46 -2.25
N VAL A 811 -6.89 21.42 -2.97
CA VAL A 811 -6.87 20.97 -4.40
C VAL A 811 -6.34 22.13 -5.25
N LEU A 812 -5.23 21.94 -5.96
CA LEU A 812 -4.60 22.99 -6.79
C LEU A 812 -5.43 23.30 -8.04
N PRO A 813 -5.29 24.48 -8.69
CA PRO A 813 -6.14 24.88 -9.81
C PRO A 813 -6.01 23.94 -11.00
N GLY A 814 -7.14 23.67 -11.64
CA GLY A 814 -7.17 22.77 -12.79
C GLY A 814 -7.98 23.30 -13.96
N VAL A 815 -8.71 24.40 -13.75
CA VAL A 815 -9.47 25.00 -14.84
C VAL A 815 -8.52 25.54 -15.91
N ALA A 816 -7.39 26.09 -15.49
CA ALA A 816 -6.40 26.60 -16.44
C ALA A 816 -5.88 25.47 -17.33
N ASN A 817 -5.62 24.30 -16.76
CA ASN A 817 -5.14 23.18 -17.56
C ASN A 817 -6.20 22.71 -18.55
N ASP A 818 -7.47 22.71 -18.15
CA ASP A 818 -8.54 22.35 -19.07
C ASP A 818 -8.64 23.35 -20.21
N ASP A 819 -8.53 24.64 -19.90
CA ASP A 819 -8.55 25.66 -20.96
C ASP A 819 -7.36 25.50 -21.90
N LYS A 820 -6.18 25.21 -21.35
CA LYS A 820 -5.00 25.00 -22.19
C LYS A 820 -5.20 23.80 -23.10
N MET A 821 -5.74 22.71 -22.57
CA MET A 821 -5.98 21.52 -23.39
C MET A 821 -6.99 21.80 -24.49
N THR A 822 -8.05 22.55 -24.15
CA THR A 822 -9.06 22.88 -25.15
C THR A 822 -8.46 23.74 -26.27
N MET A 823 -7.70 24.77 -25.92
CA MET A 823 -7.04 25.60 -26.95
C MET A 823 -6.03 24.77 -27.75
N TYR A 824 -5.31 23.85 -27.11
CA TYR A 824 -4.36 22.98 -27.81
C TYR A 824 -5.06 22.14 -28.86
N THR A 825 -6.16 21.50 -28.49
CA THR A 825 -6.90 20.68 -29.45
C THR A 825 -7.51 21.54 -30.56
N ALA A 826 -8.01 22.73 -30.21
CA ALA A 826 -8.57 23.62 -31.22
C ALA A 826 -7.50 24.05 -32.22
N SER A 827 -6.31 24.39 -31.74
CA SER A 827 -5.23 24.78 -32.63
C SER A 827 -4.80 23.61 -33.51
N LEU A 828 -4.74 22.40 -32.96
CA LEU A 828 -4.43 21.24 -33.77
C LEU A 828 -5.46 21.04 -34.88
N ALA A 829 -6.74 21.22 -34.55
CA ALA A 829 -7.78 21.08 -35.56
C ALA A 829 -7.68 22.17 -36.62
N GLY A 830 -7.39 23.41 -36.21
CA GLY A 830 -7.32 24.51 -37.15
C GLY A 830 -6.07 24.54 -38.00
N GLY A 831 -5.02 23.85 -37.58
CA GLY A 831 -3.81 23.82 -38.38
C GLY A 831 -3.89 22.96 -39.62
N ILE A 832 -4.91 22.10 -39.73
CA ILE A 832 -5.06 21.26 -40.91
C ILE A 832 -5.34 22.10 -42.15
N THR A 833 -6.09 23.19 -41.98
CA THR A 833 -6.54 24.00 -43.11
C THR A 833 -5.74 25.29 -43.27
N LEU A 834 -4.59 25.41 -42.62
CA LEU A 834 -3.75 26.60 -42.73
C LEU A 834 -2.83 26.45 -43.94
N GLY A 835 -3.03 27.31 -44.94
CA GLY A 835 -2.26 27.18 -46.17
C GLY A 835 -0.78 27.47 -46.02
N ALA A 836 -0.44 28.53 -45.29
CA ALA A 836 0.95 28.93 -45.08
C ALA A 836 1.13 29.38 -43.65
N LEU A 837 2.39 29.39 -43.20
CA LEU A 837 2.71 29.65 -41.80
C LEU A 837 3.17 31.07 -41.52
N GLY A 838 3.99 31.65 -42.39
CA GLY A 838 4.65 32.90 -42.04
C GLY A 838 3.84 34.17 -42.20
N GLY A 839 2.60 34.07 -42.66
CA GLY A 839 1.82 35.28 -42.94
C GLY A 839 0.52 35.37 -42.18
N GLY A 840 -0.55 35.70 -42.90
CA GLY A 840 -1.88 35.77 -42.32
C GLY A 840 -2.57 34.42 -42.28
N ALA A 841 -3.85 34.47 -41.90
CA ALA A 841 -4.66 33.26 -41.79
C ALA A 841 -5.31 32.93 -43.14
N VAL A 842 -4.46 32.46 -44.05
CA VAL A 842 -4.92 31.96 -45.35
C VAL A 842 -5.34 30.50 -45.17
N ALA A 843 -6.52 30.16 -45.68
CA ALA A 843 -7.12 28.86 -45.44
C ALA A 843 -7.33 28.12 -46.75
N ILE A 844 -7.34 26.80 -46.65
CA ILE A 844 -7.66 25.92 -47.76
C ILE A 844 -8.90 25.13 -47.38
N PRO A 845 -9.67 24.66 -48.37
CA PRO A 845 -10.84 23.84 -48.05
C PRO A 845 -10.43 22.52 -47.40
N PHE A 846 -11.32 22.01 -46.54
CA PHE A 846 -11.06 20.75 -45.86
C PHE A 846 -10.95 19.60 -46.85
N ALA A 847 -11.67 19.69 -47.97
CA ALA A 847 -11.61 18.65 -49.00
C ALA A 847 -10.21 18.52 -49.58
N VAL A 848 -9.51 19.66 -49.74
CA VAL A 848 -8.15 19.62 -50.28
C VAL A 848 -7.22 18.89 -49.33
N ALA A 849 -7.35 19.15 -48.02
CA ALA A 849 -6.54 18.44 -47.04
C ALA A 849 -6.85 16.95 -47.03
N VAL A 850 -8.13 16.59 -47.13
CA VAL A 850 -8.50 15.18 -47.18
C VAL A 850 -7.91 14.52 -48.43
N GLN A 851 -7.91 15.24 -49.56
CA GLN A 851 -7.32 14.70 -50.78
C GLN A 851 -5.83 14.50 -50.63
N ALA A 852 -5.14 15.42 -49.95
CA ALA A 852 -3.72 15.25 -49.69
C ALA A 852 -3.47 14.01 -48.83
N ARG A 853 -4.29 13.80 -47.81
CA ARG A 853 -4.15 12.61 -46.98
C ARG A 853 -4.40 11.34 -47.80
N LEU A 854 -5.40 11.37 -48.68
CA LEU A 854 -5.67 10.22 -49.54
C LEU A 854 -4.48 9.92 -50.44
N ASN A 855 -3.88 10.97 -51.03
CA ASN A 855 -2.70 10.77 -51.85
C ASN A 855 -1.55 10.19 -51.04
N TYR A 856 -1.43 10.60 -49.77
CA TYR A 856 -0.41 10.02 -48.92
C TYR A 856 -0.67 8.52 -48.70
N VAL A 857 -1.93 8.15 -48.52
CA VAL A 857 -2.27 6.73 -48.36
C VAL A 857 -1.93 5.96 -49.64
N ALA A 858 -2.40 6.46 -50.78
CA ALA A 858 -2.11 5.85 -52.06
C ALA A 858 -2.28 6.89 -53.14
N LEU A 859 -1.34 6.93 -54.08
CA LEU A 859 -1.37 7.92 -55.15
C LEU A 859 -2.65 7.80 -55.97
N GLN A 860 -3.49 8.82 -55.92
CA GLN A 860 -4.77 8.80 -56.61
C GLN A 860 -4.58 9.00 -58.11
N THR A 861 -5.10 8.06 -58.90
CA THR A 861 -4.95 8.08 -60.34
C THR A 861 -6.23 8.41 -61.08
N ASP A 862 -7.32 8.67 -60.37
CA ASP A 862 -8.59 9.05 -60.99
C ASP A 862 -8.87 10.50 -60.62
N VAL A 863 -8.30 11.42 -61.40
CA VAL A 863 -8.45 12.84 -61.11
C VAL A 863 -9.87 13.31 -61.40
N LEU A 864 -10.44 12.88 -62.53
CA LEU A 864 -11.77 13.35 -62.91
C LEU A 864 -12.85 12.72 -62.04
N ASN A 865 -12.95 11.40 -62.07
CA ASN A 865 -14.01 10.68 -61.34
C ASN A 865 -13.57 10.51 -59.89
N LYS A 866 -13.88 11.52 -59.08
CA LYS A 866 -13.61 11.47 -57.64
C LYS A 866 -14.92 11.58 -56.89
N ASN A 867 -15.08 10.76 -55.85
CA ASN A 867 -16.29 10.73 -55.03
C ASN A 867 -15.87 10.92 -53.57
N GLN A 868 -15.67 12.17 -53.17
CA GLN A 868 -15.47 12.49 -51.77
C GLN A 868 -16.77 12.74 -51.03
N GLN A 869 -17.88 12.85 -51.77
CA GLN A 869 -19.18 13.04 -51.13
C GLN A 869 -19.56 11.83 -50.31
N ILE A 870 -19.25 10.62 -50.80
CA ILE A 870 -19.54 9.41 -50.04
C ILE A 870 -18.79 9.42 -48.72
N LEU A 871 -17.49 9.75 -48.77
CA LEU A 871 -16.68 9.79 -47.56
C LEU A 871 -17.18 10.85 -46.59
N ALA A 872 -17.55 12.03 -47.11
CA ALA A 872 -18.06 13.09 -46.26
C ALA A 872 -19.38 12.71 -45.61
N ASN A 873 -20.30 12.07 -46.35
CA ASN A 873 -21.56 11.64 -45.76
C ASN A 873 -21.35 10.58 -44.69
N ALA A 874 -20.45 9.63 -44.95
CA ALA A 874 -20.14 8.62 -43.94
C ALA A 874 -19.57 9.26 -42.69
N PHE A 875 -18.66 10.23 -42.86
CA PHE A 875 -18.09 10.92 -41.71
C PHE A 875 -19.14 11.69 -40.94
N ASN A 876 -20.04 12.37 -41.64
CA ASN A 876 -21.08 13.14 -40.97
C ASN A 876 -22.01 12.24 -40.18
N GLN A 877 -22.43 11.12 -40.77
CA GLN A 877 -23.31 10.19 -40.05
C GLN A 877 -22.59 9.58 -38.85
N ALA A 878 -21.32 9.23 -39.00
CA ALA A 878 -20.57 8.67 -37.87
C ALA A 878 -20.45 9.67 -36.73
N ILE A 879 -20.14 10.93 -37.05
CA ILE A 879 -20.01 11.93 -36.00
C ILE A 879 -21.36 12.20 -35.35
N GLY A 880 -22.44 12.19 -36.13
CA GLY A 880 -23.77 12.35 -35.55
C GLY A 880 -24.12 11.23 -34.59
N ASN A 881 -23.82 10.00 -34.96
CA ASN A 881 -24.06 8.87 -34.07
C ASN A 881 -23.23 8.99 -32.80
N ILE A 882 -21.97 9.40 -32.94
CA ILE A 882 -21.11 9.54 -31.76
C ILE A 882 -21.65 10.64 -30.84
N THR A 883 -22.07 11.76 -31.41
CA THR A 883 -22.63 12.85 -30.61
C THR A 883 -23.90 12.41 -29.90
N GLN A 884 -24.76 11.66 -30.59
CA GLN A 884 -25.97 11.14 -29.95
C GLN A 884 -25.63 10.19 -28.81
N ALA A 885 -24.62 9.33 -29.00
CA ALA A 885 -24.24 8.39 -27.96
C ALA A 885 -23.60 9.10 -26.76
N PHE A 886 -22.94 10.23 -27.00
CA PHE A 886 -22.29 10.97 -25.91
C PHE A 886 -23.27 11.79 -25.09
N GLY A 887 -24.51 11.93 -25.53
CA GLY A 887 -25.49 12.71 -24.79
C GLY A 887 -26.74 11.92 -24.44
N LEU A 900 -20.81 1.11 -31.61
CA LEU A 900 -20.37 2.20 -30.75
C LEU A 900 -19.75 1.67 -29.46
N ALA A 901 -18.96 0.60 -29.57
CA ALA A 901 -18.28 0.07 -28.40
C ALA A 901 -17.15 0.97 -27.93
N THR A 902 -16.50 1.67 -28.86
CA THR A 902 -15.42 2.57 -28.49
C THR A 902 -15.92 3.72 -27.63
N VAL A 903 -17.10 4.26 -27.96
CA VAL A 903 -17.68 5.34 -27.16
C VAL A 903 -18.00 4.84 -25.75
N ALA A 904 -18.56 3.64 -25.64
CA ALA A 904 -18.86 3.09 -24.32
C ALA A 904 -17.59 2.88 -23.50
N LYS A 905 -16.53 2.36 -24.13
CA LYS A 905 -15.27 2.18 -23.44
C LYS A 905 -14.68 3.50 -22.97
N ALA A 906 -14.74 4.52 -23.83
CA ALA A 906 -14.24 5.83 -23.45
C ALA A 906 -15.01 6.40 -22.26
N LEU A 907 -16.34 6.30 -22.31
CA LEU A 907 -17.16 6.80 -21.21
C LEU A 907 -16.84 6.08 -19.91
N ALA A 908 -16.70 4.75 -19.97
CA ALA A 908 -16.36 3.98 -18.78
C ALA A 908 -15.02 4.41 -18.22
N LYS A 909 -14.04 4.64 -19.09
CA LYS A 909 -12.71 5.04 -18.64
C LYS A 909 -12.75 6.39 -17.94
N VAL A 910 -13.42 7.38 -18.53
CA VAL A 910 -13.49 8.70 -17.89
C VAL A 910 -14.23 8.63 -16.56
N GLN A 911 -15.33 7.86 -16.51
CA GLN A 911 -16.06 7.72 -15.26
C GLN A 911 -15.20 7.09 -14.18
N ASP A 912 -14.44 6.05 -14.55
CA ASP A 912 -13.57 5.40 -13.57
C ASP A 912 -12.51 6.36 -13.05
N VAL A 913 -11.93 7.17 -13.94
CA VAL A 913 -10.91 8.12 -13.52
C VAL A 913 -11.48 9.12 -12.51
N VAL A 914 -12.66 9.67 -12.82
CA VAL A 914 -13.27 10.66 -11.92
C VAL A 914 -13.60 10.03 -10.57
N ASN A 915 -14.18 8.83 -10.58
CA ASN A 915 -14.56 8.19 -9.33
C ASN A 915 -13.33 7.89 -8.46
N THR A 916 -12.25 7.39 -9.08
CA THR A 916 -11.05 7.11 -8.30
C THR A 916 -10.48 8.38 -7.71
N GLN A 917 -10.45 9.47 -8.48
CA GLN A 917 -9.92 10.72 -7.97
C GLN A 917 -10.74 11.21 -6.77
N GLY A 918 -12.06 11.10 -6.85
CA GLY A 918 -12.88 11.52 -5.72
C GLY A 918 -12.67 10.66 -4.48
N GLN A 919 -12.63 9.34 -4.66
CA GLN A 919 -12.51 8.43 -3.53
C GLN A 919 -11.17 8.58 -2.83
N ALA A 920 -10.10 8.90 -3.57
CA ALA A 920 -8.80 9.05 -2.93
C ALA A 920 -8.83 10.14 -1.86
N LEU A 921 -9.45 11.28 -2.15
CA LEU A 921 -9.57 12.33 -1.14
C LEU A 921 -10.63 12.03 -0.10
N SER A 922 -11.71 11.35 -0.49
CA SER A 922 -12.75 11.04 0.49
C SER A 922 -12.22 10.14 1.61
N HIS A 923 -11.41 9.14 1.26
CA HIS A 923 -10.85 8.25 2.27
C HIS A 923 -9.95 9.00 3.25
N LEU A 924 -9.08 9.88 2.72
CA LEU A 924 -8.20 10.65 3.58
C LEU A 924 -8.98 11.56 4.51
N THR A 925 -10.03 12.21 4.00
CA THR A 925 -10.83 13.08 4.84
C THR A 925 -11.54 12.28 5.93
N VAL A 926 -12.07 11.10 5.59
CA VAL A 926 -12.80 10.33 6.58
C VAL A 926 -11.86 9.68 7.59
N GLN A 927 -10.56 9.58 7.29
CA GLN A 927 -9.62 9.03 8.27
C GLN A 927 -9.46 9.90 9.50
N LEU A 928 -9.95 11.14 9.48
CA LEU A 928 -9.81 12.03 10.62
C LEU A 928 -10.80 11.75 11.74
N GLN A 929 -11.77 10.86 11.55
CA GLN A 929 -12.70 10.49 12.64
C GLN A 929 -12.27 9.19 13.33
N ASN A 930 -11.07 8.69 13.05
CA ASN A 930 -10.59 7.50 13.74
C ASN A 930 -10.03 7.89 15.11
N ASN A 931 -10.46 7.17 16.15
CA ASN A 931 -9.99 7.47 17.49
C ASN A 931 -8.57 7.00 17.72
N PHE A 932 -8.13 5.98 16.99
CA PHE A 932 -6.79 5.39 17.16
C PHE A 932 -6.54 5.00 18.61
N GLN A 933 -7.53 4.33 19.21
CA GLN A 933 -7.46 3.83 20.59
C GLN A 933 -7.24 4.98 21.58
N ALA A 934 -7.96 6.07 21.39
CA ALA A 934 -7.96 7.20 22.31
C ALA A 934 -9.39 7.49 22.73
N ILE A 935 -9.53 8.32 23.77
CA ILE A 935 -10.86 8.61 24.30
C ILE A 935 -11.69 9.39 23.29
N SER A 936 -11.05 10.17 22.42
CA SER A 936 -11.76 10.96 21.44
C SER A 936 -10.87 11.18 20.23
N SER A 937 -11.50 11.51 19.10
CA SER A 937 -10.78 11.89 17.89
C SER A 937 -10.64 13.40 17.75
N SER A 938 -11.07 14.18 18.74
CA SER A 938 -10.94 15.62 18.74
C SER A 938 -9.86 16.04 19.73
N ILE A 939 -8.88 16.79 19.25
CA ILE A 939 -7.79 17.24 20.12
C ILE A 939 -8.30 18.28 21.13
N SER A 940 -9.19 19.17 20.69
CA SER A 940 -9.75 20.16 21.60
C SER A 940 -10.56 19.49 22.71
N ASP A 941 -11.31 18.44 22.37
CA ASP A 941 -12.03 17.68 23.38
C ASP A 941 -11.08 17.05 24.39
N ILE A 942 -9.98 16.48 23.90
CA ILE A 942 -9.01 15.84 24.79
C ILE A 942 -8.40 16.86 25.74
N TYR A 943 -8.03 18.03 25.23
CA TYR A 943 -7.41 19.03 26.08
C TYR A 943 -8.39 19.75 26.99
N ASN A 944 -9.69 19.58 26.77
CA ASN A 944 -10.72 20.16 27.63
C ASN A 944 -11.20 19.20 28.71
N ARG A 945 -10.70 17.97 28.72
CA ARG A 945 -11.12 16.96 29.69
C ARG A 945 -10.00 16.37 30.51
N LEU A 946 -8.74 16.50 30.09
CA LEU A 946 -7.62 15.85 30.75
C LEU A 946 -6.53 16.88 31.03
N ASP A 947 -5.72 16.59 32.05
CA ASP A 947 -4.55 17.39 32.32
C ASP A 947 -3.51 17.20 31.21
N PRO A 948 -2.67 18.20 30.98
CA PRO A 948 -1.70 18.12 29.86
C PRO A 948 -0.83 16.88 29.92
N PRO A 949 -0.34 16.45 31.09
CA PRO A 949 0.41 15.18 31.11
C PRO A 949 -0.42 13.98 30.67
N SER A 950 -1.70 13.93 31.04
CA SER A 950 -2.56 12.84 30.58
C SER A 950 -3.02 13.04 29.15
N ALA A 951 -3.16 14.29 28.71
CA ALA A 951 -3.64 14.56 27.36
C ALA A 951 -2.58 14.35 26.29
N ASP A 952 -1.31 14.53 26.64
CA ASP A 952 -0.25 14.34 25.64
C ASP A 952 -0.19 12.91 25.17
N ALA A 953 -0.36 11.94 26.07
CA ALA A 953 -0.35 10.54 25.68
C ALA A 953 -1.51 10.23 24.73
N GLN A 954 -2.69 10.80 24.98
CA GLN A 954 -3.82 10.61 24.08
C GLN A 954 -3.56 11.25 22.72
N VAL A 955 -2.96 12.45 22.70
CA VAL A 955 -2.72 13.14 21.44
C VAL A 955 -1.65 12.43 20.62
N ASP A 956 -0.71 11.76 21.28
CA ASP A 956 0.36 11.07 20.55
C ASP A 956 -0.19 9.97 19.65
N ARG A 957 -1.19 9.22 20.12
CA ARG A 957 -1.79 8.17 19.30
C ARG A 957 -2.46 8.74 18.06
N LEU A 958 -3.20 9.84 18.22
CA LEU A 958 -3.82 10.49 17.07
C LEU A 958 -2.77 10.97 16.09
N ILE A 959 -1.67 11.53 16.60
CA ILE A 959 -0.60 12.02 15.75
C ILE A 959 -0.02 10.87 14.91
N THR A 960 0.29 9.75 15.56
CA THR A 960 0.86 8.62 14.83
C THR A 960 -0.11 8.08 13.79
N GLY A 961 -1.39 7.93 14.16
CA GLY A 961 -2.36 7.43 13.21
C GLY A 961 -2.52 8.32 11.99
N ARG A 962 -2.58 9.63 12.22
CA ARG A 962 -2.75 10.56 11.10
C ARG A 962 -1.50 10.61 10.23
N LEU A 963 -0.32 10.50 10.82
CA LEU A 963 0.90 10.42 10.02
C LEU A 963 0.90 9.17 9.15
N THR A 964 0.46 8.04 9.70
CA THR A 964 0.37 6.82 8.90
C THR A 964 -0.61 6.99 7.74
N ALA A 965 -1.76 7.61 8.01
CA ALA A 965 -2.73 7.84 6.94
C ALA A 965 -2.15 8.73 5.85
N LEU A 966 -1.44 9.79 6.24
CA LEU A 966 -0.82 10.67 5.25
C LEU A 966 0.22 9.93 4.42
N ASN A 967 1.02 9.06 5.06
CA ASN A 967 2.00 8.29 4.30
C ASN A 967 1.33 7.38 3.28
N ALA A 968 0.25 6.72 3.68
CA ALA A 968 -0.48 5.87 2.74
C ALA A 968 -1.02 6.68 1.56
N PHE A 969 -1.59 7.85 1.85
CA PHE A 969 -2.11 8.71 0.79
C PHE A 969 -1.00 9.14 -0.17
N VAL A 970 0.16 9.49 0.37
CA VAL A 970 1.28 9.92 -0.47
C VAL A 970 1.74 8.78 -1.39
N SER A 971 1.84 7.58 -0.84
CA SER A 971 2.27 6.44 -1.66
C SER A 971 1.28 6.19 -2.80
N GLN A 972 -0.02 6.21 -2.49
CA GLN A 972 -1.00 5.98 -3.53
C GLN A 972 -0.96 7.07 -4.60
N THR A 973 -0.78 8.33 -4.17
CA THR A 973 -0.68 9.43 -5.12
C THR A 973 0.51 9.27 -6.05
N LEU A 974 1.66 8.87 -5.50
CA LEU A 974 2.85 8.71 -6.33
C LEU A 974 2.65 7.60 -7.35
N THR A 975 2.04 6.48 -6.93
CA THR A 975 1.79 5.40 -7.89
C THR A 975 0.85 5.86 -9.02
N ARG A 976 -0.22 6.57 -8.65
CA ARG A 976 -1.16 7.10 -9.66
C ARG A 976 -0.39 8.02 -10.62
N GLN A 977 0.48 8.88 -10.08
CA GLN A 977 1.21 9.83 -10.91
C GLN A 977 2.11 9.11 -11.91
N ALA A 978 2.78 8.04 -11.48
CA ALA A 978 3.62 7.28 -12.42
C ALA A 978 2.78 6.66 -13.54
N GLU A 979 1.64 6.07 -13.18
CA GLU A 979 0.78 5.49 -14.21
C GLU A 979 0.31 6.55 -15.20
N VAL A 980 -0.09 7.72 -14.69
CA VAL A 980 -0.55 8.79 -15.57
C VAL A 980 0.60 9.34 -16.41
N ARG A 981 1.83 9.28 -15.91
CA ARG A 981 2.97 9.69 -16.71
C ARG A 981 3.16 8.78 -17.92
N ALA A 982 3.03 7.46 -17.72
CA ALA A 982 3.08 6.55 -18.86
C ALA A 982 1.94 6.83 -19.84
N SER A 983 0.74 7.06 -19.31
CA SER A 983 -0.40 7.37 -20.17
C SER A 983 -0.17 8.65 -20.96
N ARG A 984 0.44 9.65 -20.34
CA ARG A 984 0.74 10.92 -21.01
C ARG A 984 1.75 10.72 -22.12
N GLN A 985 2.73 9.85 -21.91
CA GLN A 985 3.66 9.52 -22.99
C GLN A 985 2.91 8.91 -24.18
N LEU A 986 1.98 7.99 -23.89
CA LEU A 986 1.17 7.42 -24.97
C LEU A 986 0.34 8.48 -25.69
N ALA A 987 -0.26 9.40 -24.94
CA ALA A 987 -1.06 10.46 -25.54
C ALA A 987 -0.23 11.38 -26.41
N LYS A 988 0.97 11.72 -25.96
CA LYS A 988 1.87 12.55 -26.76
C LYS A 988 2.25 11.86 -28.05
N ASP A 989 2.54 10.55 -27.98
CA ASP A 989 2.83 9.80 -29.21
C ASP A 989 1.63 9.81 -30.15
N LYS A 990 0.42 9.63 -29.60
CA LYS A 990 -0.78 9.63 -30.43
C LYS A 990 -0.98 10.98 -31.13
N VAL A 991 -0.78 12.07 -30.39
CA VAL A 991 -0.94 13.40 -30.99
C VAL A 991 0.09 13.61 -32.09
N ASN A 992 1.34 13.25 -31.82
CA ASN A 992 2.40 13.51 -32.80
C ASN A 992 2.24 12.66 -34.05
N GLU A 993 1.80 11.40 -33.91
CA GLU A 993 1.83 10.48 -35.03
C GLU A 993 0.47 10.23 -35.68
N CYS A 994 -0.62 10.74 -35.10
CA CYS A 994 -1.94 10.55 -35.69
C CYS A 994 -2.66 11.84 -36.02
N VAL A 995 -2.38 12.93 -35.31
CA VAL A 995 -3.04 14.22 -35.55
C VAL A 995 -2.15 15.16 -36.36
N ARG A 996 -0.89 15.27 -35.97
CA ARG A 996 0.03 16.18 -36.64
C ARG A 996 0.71 15.56 -37.85
N SER A 997 0.50 14.28 -38.12
CA SER A 997 1.05 13.62 -39.29
C SER A 997 0.30 12.31 -39.49
N GLN A 998 0.68 11.59 -40.54
CA GLN A 998 0.20 10.23 -40.79
C GLN A 998 1.33 9.26 -40.49
N SER A 999 1.08 8.34 -39.58
CA SER A 999 2.11 7.39 -39.16
C SER A 999 2.17 6.22 -40.13
N GLN A 1000 3.39 5.74 -40.39
CA GLN A 1000 3.58 4.53 -41.16
C GLN A 1000 3.39 3.27 -40.32
N ARG A 1001 3.20 3.40 -39.02
CA ARG A 1001 2.95 2.24 -38.17
C ARG A 1001 1.57 1.65 -38.44
N PHE A 1002 1.52 0.35 -38.66
CA PHE A 1002 0.28 -0.33 -39.02
C PHE A 1002 -0.58 -0.50 -37.77
N GLY A 1003 -1.81 -0.01 -37.85
CA GLY A 1003 -2.77 -0.18 -36.77
C GLY A 1003 -2.58 0.74 -35.57
N PHE A 1004 -1.68 1.72 -35.65
CA PHE A 1004 -1.44 2.57 -34.49
C PHE A 1004 -2.56 3.57 -34.28
N CYS A 1005 -3.06 4.19 -35.35
CA CYS A 1005 -4.14 5.17 -35.27
C CYS A 1005 -5.50 4.53 -35.54
N GLY A 1006 -5.84 3.46 -34.84
CA GLY A 1006 -7.12 2.82 -34.99
C GLY A 1006 -7.07 1.61 -35.91
N ASN A 1007 -8.20 0.89 -35.93
CA ASN A 1007 -8.34 -0.34 -36.75
C ASN A 1007 -8.77 0.04 -38.15
N GLY A 1008 -7.86 -0.08 -39.11
CA GLY A 1008 -8.10 0.25 -40.49
C GLY A 1008 -6.98 1.11 -41.04
N THR A 1009 -7.20 1.64 -42.24
CA THR A 1009 -6.25 2.52 -42.89
C THR A 1009 -6.50 3.95 -42.41
N HIS A 1010 -5.58 4.48 -41.62
CA HIS A 1010 -5.79 5.79 -41.01
C HIS A 1010 -5.76 6.89 -42.05
N LEU A 1011 -6.73 7.81 -41.95
CA LEU A 1011 -6.79 8.96 -42.84
C LEU A 1011 -6.42 10.25 -42.12
N PHE A 1012 -7.10 10.59 -41.03
CA PHE A 1012 -6.71 11.70 -40.19
C PHE A 1012 -7.37 11.55 -38.82
N SER A 1013 -6.80 12.23 -37.83
CA SER A 1013 -7.33 12.21 -36.48
C SER A 1013 -7.59 13.63 -36.00
N LEU A 1014 -8.67 13.80 -35.26
CA LEU A 1014 -8.97 15.03 -34.55
C LEU A 1014 -8.98 14.76 -33.06
N ALA A 1015 -8.84 15.81 -32.27
CA ALA A 1015 -8.77 15.67 -30.82
C ALA A 1015 -9.64 16.70 -30.14
N ASN A 1016 -10.15 16.34 -28.97
CA ASN A 1016 -10.90 17.26 -28.12
C ASN A 1016 -10.48 17.02 -26.67
N ALA A 1017 -10.69 18.04 -25.84
CA ALA A 1017 -10.37 17.95 -24.43
C ALA A 1017 -11.46 17.21 -23.67
N ALA A 1018 -11.04 16.39 -22.71
CA ALA A 1018 -11.91 15.60 -21.86
C ALA A 1018 -11.44 15.74 -20.43
N PRO A 1019 -12.29 15.42 -19.44
CA PRO A 1019 -11.86 15.50 -18.04
C PRO A 1019 -10.56 14.75 -17.80
N ASN A 1020 -9.54 15.50 -17.37
CA ASN A 1020 -8.21 14.99 -17.04
C ASN A 1020 -7.48 14.41 -18.25
N GLY A 1021 -7.88 14.77 -19.45
CA GLY A 1021 -7.21 14.22 -20.62
C GLY A 1021 -7.81 14.63 -21.93
N MET A 1022 -7.81 13.71 -22.90
CA MET A 1022 -8.30 14.05 -24.22
C MET A 1022 -8.93 12.83 -24.87
N ILE A 1023 -9.75 13.08 -25.88
CA ILE A 1023 -10.35 12.04 -26.70
C ILE A 1023 -10.00 12.29 -28.16
N PHE A 1024 -9.66 11.22 -28.86
CA PHE A 1024 -9.29 11.25 -30.26
C PHE A 1024 -10.39 10.61 -31.10
N PHE A 1025 -10.73 11.29 -32.19
CA PHE A 1025 -11.55 10.74 -33.27
C PHE A 1025 -10.60 10.36 -34.41
N HIS A 1026 -10.39 9.06 -34.60
CA HIS A 1026 -9.60 8.53 -35.70
C HIS A 1026 -10.53 8.20 -36.86
N THR A 1027 -10.21 8.70 -38.04
CA THR A 1027 -10.99 8.44 -39.24
C THR A 1027 -10.22 7.44 -40.10
N VAL A 1028 -10.85 6.32 -40.41
CA VAL A 1028 -10.21 5.25 -41.15
C VAL A 1028 -11.06 4.90 -42.36
N LEU A 1029 -10.39 4.35 -43.37
CA LEU A 1029 -11.04 3.86 -44.57
C LEU A 1029 -11.45 2.41 -44.34
N LEU A 1030 -12.73 2.13 -44.57
CA LEU A 1030 -13.27 0.78 -44.44
C LEU A 1030 -13.59 0.25 -45.83
N PRO A 1031 -12.90 -0.77 -46.32
CA PRO A 1031 -13.22 -1.32 -47.63
C PRO A 1031 -14.53 -2.09 -47.62
N THR A 1032 -15.24 -2.01 -48.74
CA THR A 1032 -16.49 -2.74 -48.91
C THR A 1032 -16.47 -3.67 -50.11
N ALA A 1033 -15.37 -3.73 -50.85
CA ALA A 1033 -15.26 -4.61 -52.01
C ALA A 1033 -13.79 -4.89 -52.28
N TYR A 1034 -13.55 -5.88 -53.13
CA TYR A 1034 -12.20 -6.24 -53.56
C TYR A 1034 -12.17 -6.39 -55.07
N GLU A 1035 -11.08 -5.95 -55.67
CA GLU A 1035 -10.79 -6.20 -57.08
C GLU A 1035 -9.80 -7.34 -57.17
N THR A 1036 -10.06 -8.28 -58.07
CA THR A 1036 -9.16 -9.41 -58.29
C THR A 1036 -8.33 -9.15 -59.54
N VAL A 1037 -7.00 -9.25 -59.40
CA VAL A 1037 -6.09 -9.08 -60.52
C VAL A 1037 -5.10 -10.23 -60.54
N THR A 1038 -4.58 -10.52 -61.73
CA THR A 1038 -3.53 -11.53 -61.90
C THR A 1038 -2.18 -10.84 -61.80
N ALA A 1039 -1.52 -10.98 -60.65
CA ALA A 1039 -0.26 -10.33 -60.36
C ALA A 1039 0.92 -11.21 -60.77
N TRP A 1040 1.98 -10.55 -61.20
CA TRP A 1040 3.22 -11.20 -61.61
C TRP A 1040 4.37 -10.64 -60.78
N SER A 1041 5.29 -11.51 -60.38
CA SER A 1041 6.44 -11.09 -59.59
C SER A 1041 7.53 -10.44 -60.42
N GLY A 1042 7.48 -10.56 -61.74
CA GLY A 1042 8.49 -9.98 -62.59
C GLY A 1042 8.18 -10.30 -64.03
N ILE A 1043 9.00 -9.75 -64.92
CA ILE A 1043 8.85 -9.92 -66.36
C ILE A 1043 10.14 -10.51 -66.91
N CYS A 1044 10.06 -11.69 -67.52
CA CYS A 1044 11.21 -12.28 -68.19
C CYS A 1044 11.16 -11.83 -69.65
N ALA A 1045 12.01 -10.87 -70.00
CA ALA A 1045 12.03 -10.31 -71.34
C ALA A 1045 13.09 -11.02 -72.18
N SER A 1046 12.68 -11.46 -73.37
CA SER A 1046 13.56 -12.14 -74.30
C SER A 1046 13.74 -11.27 -75.55
N ASP A 1047 14.99 -11.13 -75.99
CA ASP A 1047 15.33 -10.38 -77.19
C ASP A 1047 16.17 -11.23 -78.12
N GLY A 1048 15.75 -12.48 -78.30
CA GLY A 1048 16.51 -13.44 -79.08
C GLY A 1048 17.37 -14.33 -78.21
N ASP A 1049 18.66 -14.05 -78.17
CA ASP A 1049 19.59 -14.79 -77.32
C ASP A 1049 19.82 -14.14 -75.97
N HIS A 1050 19.44 -12.87 -75.82
CA HIS A 1050 19.62 -12.13 -74.57
C HIS A 1050 18.29 -12.14 -73.81
N THR A 1051 18.25 -12.90 -72.71
CA THR A 1051 17.07 -12.99 -71.85
C THR A 1051 17.43 -12.40 -70.50
N PHE A 1052 16.62 -11.45 -70.03
CA PHE A 1052 16.88 -10.78 -68.78
C PHE A 1052 15.58 -10.54 -68.03
N GLY A 1053 15.68 -10.46 -66.71
CA GLY A 1053 14.51 -10.25 -65.87
C GLY A 1053 14.32 -8.79 -65.50
N LEU A 1054 13.08 -8.42 -65.22
CA LEU A 1054 12.72 -7.10 -64.74
C LEU A 1054 11.85 -7.26 -63.50
N VAL A 1055 12.22 -6.56 -62.43
CA VAL A 1055 11.46 -6.60 -61.19
C VAL A 1055 10.96 -5.20 -60.88
N VAL A 1056 9.88 -5.12 -60.12
CA VAL A 1056 9.33 -3.82 -59.73
C VAL A 1056 10.26 -3.17 -58.72
N LYS A 1057 10.66 -1.93 -59.01
CA LYS A 1057 11.60 -1.23 -58.14
C LYS A 1057 11.00 -0.95 -56.77
N ASP A 1058 9.74 -0.53 -56.74
CA ASP A 1058 9.03 -0.25 -55.49
C ASP A 1058 8.36 -1.54 -55.01
N VAL A 1059 8.82 -2.05 -53.87
CA VAL A 1059 8.35 -3.35 -53.40
C VAL A 1059 6.89 -3.30 -52.95
N GLN A 1060 6.33 -2.12 -52.77
CA GLN A 1060 4.96 -1.96 -52.30
C GLN A 1060 3.94 -1.93 -53.44
N LEU A 1061 4.37 -2.14 -54.68
CA LEU A 1061 3.49 -2.10 -55.83
C LEU A 1061 3.27 -3.50 -56.39
N THR A 1062 2.05 -3.76 -56.84
CA THR A 1062 1.67 -5.01 -57.48
C THR A 1062 1.56 -4.78 -58.98
N LEU A 1063 2.23 -5.62 -59.76
CA LEU A 1063 2.23 -5.53 -61.21
C LEU A 1063 1.22 -6.52 -61.78
N PHE A 1064 0.35 -6.05 -62.66
CA PHE A 1064 -0.63 -6.91 -63.31
C PHE A 1064 -0.79 -6.48 -64.75
N ARG A 1065 -1.68 -7.15 -65.47
CA ARG A 1065 -1.92 -6.90 -66.87
C ARG A 1065 -3.40 -6.61 -67.12
N ASN A 1066 -3.66 -5.64 -67.99
CA ASN A 1066 -5.02 -5.25 -68.35
C ASN A 1066 -5.52 -6.14 -69.49
N LEU A 1067 -6.70 -5.81 -70.03
CA LEU A 1067 -7.25 -6.59 -71.13
C LEU A 1067 -6.46 -6.40 -72.41
N ASP A 1068 -5.92 -5.21 -72.63
CA ASP A 1068 -5.14 -4.90 -73.84
C ASP A 1068 -3.69 -5.35 -73.72
N ASP A 1069 -3.38 -6.23 -72.76
CA ASP A 1069 -1.99 -6.77 -72.62
C ASP A 1069 -0.99 -5.66 -72.27
N LYS A 1070 -1.42 -4.66 -71.48
CA LYS A 1070 -0.54 -3.60 -71.03
C LYS A 1070 -0.30 -3.74 -69.53
N PHE A 1071 0.94 -3.54 -69.11
CA PHE A 1071 1.30 -3.72 -67.72
C PHE A 1071 0.90 -2.51 -66.88
N TYR A 1072 0.31 -2.77 -65.73
CA TYR A 1072 -0.11 -1.72 -64.80
C TYR A 1072 0.45 -2.03 -63.42
N LEU A 1073 0.62 -0.97 -62.64
CA LEU A 1073 1.07 -1.07 -61.25
C LEU A 1073 0.00 -0.47 -60.35
N THR A 1074 -0.23 -1.12 -59.20
CA THR A 1074 -1.16 -0.57 -58.22
C THR A 1074 -0.62 -0.76 -56.81
N PRO A 1075 -0.86 0.18 -55.91
CA PRO A 1075 -0.60 -0.07 -54.49
C PRO A 1075 -1.62 -1.05 -53.91
N ARG A 1076 -1.23 -1.69 -52.82
CA ARG A 1076 -2.08 -2.67 -52.18
C ARG A 1076 -3.02 -2.07 -51.14
N THR A 1077 -2.80 -0.84 -50.71
CA THR A 1077 -3.72 -0.20 -49.78
C THR A 1077 -5.02 0.20 -50.48
N MET A 1078 -4.92 0.80 -51.66
CA MET A 1078 -6.06 1.21 -52.45
C MET A 1078 -5.84 0.75 -53.88
N TYR A 1079 -6.93 0.50 -54.59
CA TYR A 1079 -6.85 0.10 -55.99
C TYR A 1079 -6.79 1.36 -56.84
N GLN A 1080 -5.57 1.79 -57.16
CA GLN A 1080 -5.32 2.97 -57.98
C GLN A 1080 -4.35 2.59 -59.09
N PRO A 1081 -4.83 1.88 -60.11
CA PRO A 1081 -3.93 1.41 -61.17
C PRO A 1081 -3.35 2.55 -61.98
N ARG A 1082 -2.12 2.35 -62.44
CA ARG A 1082 -1.42 3.32 -63.28
C ARG A 1082 -0.52 2.58 -64.27
N VAL A 1083 -0.24 3.24 -65.39
CA VAL A 1083 0.53 2.62 -66.45
C VAL A 1083 2.00 2.54 -66.04
N ALA A 1084 2.59 1.37 -66.20
CA ALA A 1084 3.97 1.14 -65.82
C ALA A 1084 4.93 1.70 -66.88
N THR A 1085 6.02 2.30 -66.41
CA THR A 1085 7.06 2.83 -67.27
C THR A 1085 8.37 2.10 -67.01
N ILE A 1086 9.35 2.34 -67.89
CA ILE A 1086 10.63 1.66 -67.77
C ILE A 1086 11.36 2.09 -66.50
N SER A 1087 11.09 3.29 -66.00
CA SER A 1087 11.73 3.77 -64.78
C SER A 1087 11.22 3.09 -63.52
N ASP A 1088 10.16 2.30 -63.62
CA ASP A 1088 9.60 1.57 -62.50
C ASP A 1088 10.18 0.18 -62.35
N PHE A 1089 11.17 -0.19 -63.15
CA PHE A 1089 11.70 -1.55 -63.17
C PHE A 1089 13.20 -1.55 -62.96
N VAL A 1090 13.69 -2.67 -62.42
CA VAL A 1090 15.11 -2.93 -62.23
C VAL A 1090 15.46 -4.16 -63.03
N GLN A 1091 16.54 -4.08 -63.81
CA GLN A 1091 16.97 -5.16 -64.67
C GLN A 1091 17.93 -6.09 -63.93
N ILE A 1092 17.68 -7.39 -64.03
CA ILE A 1092 18.51 -8.41 -63.40
C ILE A 1092 18.83 -9.48 -64.43
N GLU A 1093 19.86 -10.27 -64.12
CA GLU A 1093 20.35 -11.26 -65.07
C GLU A 1093 19.37 -12.41 -65.25
N GLY A 1094 19.07 -13.13 -64.17
CA GLY A 1094 18.26 -14.32 -64.23
C GLY A 1094 16.77 -14.04 -64.26
N CYS A 1095 16.01 -15.12 -64.42
CA CYS A 1095 14.55 -15.07 -64.40
C CYS A 1095 14.03 -16.13 -63.42
N ASP A 1096 12.88 -15.85 -62.84
CA ASP A 1096 12.22 -16.80 -61.96
C ASP A 1096 11.14 -17.58 -62.73
N VAL A 1097 10.79 -18.75 -62.19
CA VAL A 1097 9.80 -19.60 -62.84
C VAL A 1097 8.43 -18.93 -62.84
N LEU A 1098 8.16 -18.08 -61.86
CA LEU A 1098 6.86 -17.43 -61.74
C LEU A 1098 6.77 -16.13 -62.55
N PHE A 1099 7.82 -15.73 -63.24
CA PHE A 1099 7.79 -14.52 -64.04
C PHE A 1099 6.91 -14.73 -65.28
N VAL A 1100 6.44 -13.63 -65.84
CA VAL A 1100 5.65 -13.68 -67.06
C VAL A 1100 6.58 -13.44 -68.25
N ASN A 1101 6.49 -14.32 -69.25
CA ASN A 1101 7.33 -14.21 -70.44
C ASN A 1101 6.85 -13.08 -71.33
N ALA A 1102 7.80 -12.29 -71.85
CA ALA A 1102 7.47 -11.20 -72.75
C ALA A 1102 8.61 -10.97 -73.71
N THR A 1103 8.29 -10.30 -74.81
CA THR A 1103 9.28 -9.91 -75.81
C THR A 1103 9.65 -8.44 -75.64
N VAL A 1104 10.66 -8.02 -76.39
CA VAL A 1104 11.11 -6.63 -76.30
C VAL A 1104 10.04 -5.68 -76.81
N ILE A 1105 9.26 -6.08 -77.82
CA ILE A 1105 8.25 -5.21 -78.39
C ILE A 1105 7.16 -4.90 -77.37
N GLU A 1106 6.75 -5.92 -76.62
CA GLU A 1106 5.61 -5.78 -75.67
C GLU A 1106 6.07 -5.35 -74.27
N LEU A 1107 7.21 -4.66 -74.17
CA LEU A 1107 7.63 -4.18 -72.86
C LEU A 1107 7.10 -2.76 -72.63
N PRO A 1108 6.88 -2.39 -71.37
CA PRO A 1108 6.40 -1.03 -71.07
C PRO A 1108 7.44 0.02 -71.41
N GLY A 1109 6.96 1.21 -71.76
CA GLY A 1109 7.83 2.33 -72.07
C GLY A 1109 8.66 2.13 -73.31
N THR B 67 8.02 -51.41 2.58
CA THR B 67 8.19 -52.15 3.83
C THR B 67 8.08 -51.20 5.02
N ASN B 68 7.70 -51.76 6.18
CA ASN B 68 7.56 -50.99 7.40
C ASN B 68 8.82 -50.98 8.25
N VAL B 69 9.82 -51.74 7.81
CA VAL B 69 11.09 -51.80 8.59
C VAL B 69 12.15 -51.00 7.84
N PHE B 70 12.82 -50.13 8.54
CA PHE B 70 13.86 -49.27 7.95
C PHE B 70 15.01 -49.31 8.93
N ALA B 71 16.20 -48.97 8.47
CA ALA B 71 17.39 -48.93 9.36
C ALA B 71 17.80 -47.46 9.54
N PRO B 72 17.76 -46.89 10.76
CA PRO B 72 18.17 -45.52 10.98
C PRO B 72 19.63 -45.26 10.55
N THR B 73 19.91 -44.15 9.88
CA THR B 73 21.25 -43.74 9.47
C THR B 73 22.00 -43.18 10.68
N VAL B 74 23.16 -42.58 10.43
CA VAL B 74 23.93 -41.97 11.50
C VAL B 74 23.20 -40.74 12.01
N GLY B 75 23.00 -40.67 13.32
CA GLY B 75 22.23 -39.60 13.93
C GLY B 75 20.76 -39.94 14.17
N GLY B 76 20.27 -41.04 13.62
CA GLY B 76 18.90 -41.45 13.83
C GLY B 76 17.91 -40.82 12.90
N TYR B 77 18.22 -40.78 11.61
CA TYR B 77 17.38 -40.16 10.60
C TYR B 77 16.77 -41.22 9.71
N ILE B 78 15.47 -41.10 9.43
CA ILE B 78 14.76 -42.08 8.62
C ILE B 78 15.26 -42.00 7.18
N PRO B 79 15.57 -43.13 6.53
CA PRO B 79 16.06 -43.07 5.15
C PRO B 79 15.02 -42.49 4.20
N ASP B 80 15.50 -41.90 3.11
CA ASP B 80 14.63 -41.25 2.14
C ASP B 80 13.75 -42.24 1.39
N GLY B 81 14.05 -43.53 1.46
CA GLY B 81 13.25 -44.53 0.77
C GLY B 81 12.07 -45.05 1.54
N PHE B 82 11.79 -44.52 2.73
CA PHE B 82 10.68 -45.01 3.53
C PHE B 82 9.34 -44.56 2.95
N SER B 83 8.28 -45.25 3.36
CA SER B 83 6.94 -44.98 2.88
C SER B 83 6.03 -44.35 3.92
N PHE B 84 6.35 -44.44 5.21
CA PHE B 84 5.55 -43.86 6.29
C PHE B 84 4.11 -44.37 6.23
N ASN B 85 3.95 -45.69 6.14
CA ASN B 85 2.62 -46.26 6.03
C ASN B 85 1.83 -46.11 7.33
N ASN B 86 2.47 -46.27 8.48
CA ASN B 86 1.81 -46.15 9.77
C ASN B 86 2.36 -44.98 10.58
N TRP B 87 2.80 -43.93 9.89
CA TRP B 87 3.36 -42.74 10.51
C TRP B 87 2.50 -41.54 10.16
N PHE B 88 2.15 -40.75 11.17
CA PHE B 88 1.30 -39.58 11.00
C PHE B 88 1.97 -38.37 11.64
N LEU B 89 1.41 -37.20 11.37
CA LEU B 89 1.81 -35.97 12.04
C LEU B 89 0.97 -35.80 13.29
N LEU B 90 1.65 -35.56 14.42
CA LEU B 90 0.95 -35.36 15.69
C LEU B 90 0.45 -33.93 15.75
N THR B 91 -0.81 -33.80 16.15
CA THR B 91 -1.45 -32.49 16.25
C THR B 91 -2.37 -32.38 17.45
N ASN B 92 -2.54 -31.17 17.96
CA ASN B 92 -3.56 -30.88 18.95
C ASN B 92 -4.80 -30.22 18.33
N ASP B 93 -4.87 -30.09 17.04
CA ASP B 93 -5.99 -29.34 16.44
C ASP B 93 -6.48 -30.06 15.21
N SER B 94 -6.47 -29.36 14.11
CA SER B 94 -6.89 -29.91 12.81
C SER B 94 -5.73 -30.57 12.06
N THR B 95 -6.03 -31.51 11.20
CA THR B 95 -5.03 -32.26 10.42
C THR B 95 -4.85 -31.61 9.05
N PHE B 96 -3.61 -31.29 8.70
CA PHE B 96 -3.29 -30.81 7.35
C PHE B 96 -3.63 -31.90 6.36
N VAL B 97 -4.32 -31.53 5.29
CA VAL B 97 -4.66 -32.48 4.24
C VAL B 97 -3.54 -32.63 3.22
N SER B 98 -3.01 -31.50 2.75
CA SER B 98 -1.95 -31.52 1.75
C SER B 98 -1.09 -30.28 1.89
N GLY B 99 0.17 -30.42 1.52
CA GLY B 99 1.11 -29.31 1.50
C GLY B 99 2.41 -29.66 2.19
N ARG B 100 3.31 -28.67 2.22
CA ARG B 100 4.61 -28.81 2.84
C ARG B 100 4.68 -27.91 4.08
N PHE B 101 5.18 -28.46 5.18
CA PHE B 101 5.22 -27.73 6.44
C PHE B 101 6.53 -27.98 7.16
N VAL B 102 7.09 -26.94 7.75
CA VAL B 102 8.25 -27.07 8.63
C VAL B 102 7.72 -27.22 10.05
N THR B 103 7.95 -28.39 10.64
CA THR B 103 7.36 -28.73 11.92
C THR B 103 8.39 -29.39 12.83
N ASN B 104 8.17 -29.26 14.13
CA ASN B 104 8.96 -29.95 15.14
C ASN B 104 8.18 -31.22 15.51
N GLN B 105 8.60 -32.35 14.97
CA GLN B 105 7.90 -33.60 15.13
C GLN B 105 8.83 -34.68 15.68
N PRO B 106 8.30 -35.66 16.40
CA PRO B 106 9.14 -36.75 16.91
C PRO B 106 9.56 -37.71 15.82
N LEU B 107 10.48 -37.28 14.95
CA LEU B 107 10.96 -38.09 13.84
C LEU B 107 12.43 -38.46 13.97
N LEU B 108 13.08 -38.21 15.09
CA LEU B 108 14.48 -38.67 15.27
C LEU B 108 14.42 -40.04 15.93
N VAL B 109 14.55 -41.06 15.13
CA VAL B 109 14.42 -42.45 15.56
C VAL B 109 15.71 -42.88 16.25
N ASN B 110 15.67 -43.00 17.58
CA ASN B 110 16.85 -43.46 18.31
C ASN B 110 17.09 -44.95 18.13
N CYS B 111 16.01 -45.75 18.28
CA CYS B 111 16.03 -47.24 18.12
C CYS B 111 14.74 -47.72 17.46
N LEU B 112 14.77 -48.57 16.45
CA LEU B 112 13.53 -49.14 15.88
C LEU B 112 13.43 -50.62 16.19
N TRP B 113 12.57 -51.04 17.11
CA TRP B 113 12.33 -52.47 17.42
C TRP B 113 11.35 -53.09 16.45
N PRO B 114 11.77 -53.95 15.49
CA PRO B 114 10.85 -54.66 14.62
C PRO B 114 10.30 -55.90 15.33
N VAL B 115 8.99 -56.13 15.25
CA VAL B 115 8.36 -57.29 15.87
C VAL B 115 7.77 -58.15 14.75
N PRO B 116 8.20 -59.40 14.62
CA PRO B 116 7.65 -60.26 13.56
C PRO B 116 6.24 -60.72 13.89
N SER B 117 5.60 -61.31 12.89
CA SER B 117 4.26 -61.87 13.09
C SER B 117 4.32 -63.00 14.12
N PHE B 118 3.25 -63.11 14.91
CA PHE B 118 3.12 -64.07 16.00
C PHE B 118 4.16 -63.87 17.09
N GLY B 119 4.96 -62.81 17.01
CA GLY B 119 5.94 -62.53 18.04
C GLY B 119 5.33 -61.81 19.22
N VAL B 120 6.12 -61.69 20.28
CA VAL B 120 5.69 -61.05 21.52
C VAL B 120 6.65 -59.91 21.83
N ALA B 121 6.08 -58.71 22.02
CA ALA B 121 6.84 -57.55 22.44
C ALA B 121 6.40 -57.18 23.85
N ALA B 122 7.26 -57.46 24.82
CA ALA B 122 6.98 -57.19 26.22
C ALA B 122 8.13 -56.40 26.82
N GLN B 123 7.81 -55.27 27.44
CA GLN B 123 8.85 -54.40 27.97
C GLN B 123 8.25 -53.42 28.96
N GLU B 124 9.08 -52.98 29.89
CA GLU B 124 8.71 -51.86 30.78
C GLU B 124 9.71 -50.74 30.47
N PHE B 125 9.30 -49.62 29.87
CA PHE B 125 10.26 -48.59 29.43
C PHE B 125 10.19 -47.36 30.31
N CYS B 126 11.34 -46.86 30.75
CA CYS B 126 11.37 -45.58 31.48
C CYS B 126 11.94 -44.57 30.47
N PHE B 127 11.38 -43.38 30.38
CA PHE B 127 11.77 -42.44 29.30
C PHE B 127 13.16 -41.88 29.57
N GLU B 128 13.51 -41.71 30.84
CA GLU B 128 14.85 -41.23 31.25
C GLU B 128 15.79 -42.43 31.29
N GLY B 129 15.46 -43.48 30.54
CA GLY B 129 16.28 -44.71 30.52
C GLY B 129 16.27 -45.38 29.15
N ALA B 130 16.98 -44.81 28.18
CA ALA B 130 17.16 -45.46 26.85
C ALA B 130 17.62 -46.93 26.93
N GLN B 131 17.00 -47.75 27.76
CA GLN B 131 17.18 -49.19 27.75
C GLN B 131 16.35 -49.78 26.62
N PHE B 132 17.01 -50.50 25.71
CA PHE B 132 16.37 -51.08 24.55
C PHE B 132 16.76 -52.54 24.42
N SER B 133 15.80 -53.30 23.88
CA SER B 133 15.95 -54.76 23.63
C SER B 133 16.51 -55.22 22.30
N GLN B 134 15.70 -55.06 21.27
CA GLN B 134 16.26 -55.35 19.95
C GLN B 134 16.18 -54.04 19.20
N CYS B 135 17.24 -53.63 18.53
CA CYS B 135 17.17 -52.49 17.59
C CYS B 135 17.78 -52.86 16.26
N ASN B 136 16.96 -53.07 15.23
CA ASN B 136 17.56 -53.27 13.88
C ASN B 136 18.22 -51.93 13.57
N GLY B 137 19.55 -51.91 13.45
CA GLY B 137 20.26 -50.64 13.24
C GLY B 137 21.11 -50.11 14.39
N VAL B 138 21.75 -48.95 14.18
CA VAL B 138 22.48 -48.31 15.26
C VAL B 138 21.45 -47.80 16.26
N SER B 139 21.84 -47.76 17.54
CA SER B 139 20.94 -47.22 18.60
C SER B 139 21.61 -46.03 19.28
N LEU B 140 20.92 -44.88 19.34
CA LEU B 140 21.43 -43.66 19.92
C LEU B 140 21.43 -43.77 21.45
N ASN B 141 22.04 -42.77 22.10
CA ASN B 141 22.13 -42.72 23.55
C ASN B 141 21.44 -41.50 24.14
N ASN B 142 20.61 -40.81 23.37
CA ASN B 142 19.88 -39.65 23.87
C ASN B 142 18.59 -40.07 24.54
N THR B 143 17.95 -39.12 25.19
CA THR B 143 16.66 -39.38 25.84
C THR B 143 15.56 -39.59 24.81
N VAL B 144 14.57 -40.40 25.18
CA VAL B 144 13.44 -40.70 24.32
C VAL B 144 12.26 -39.85 24.76
N ASP B 145 11.63 -39.17 23.80
CA ASP B 145 10.47 -38.33 24.05
C ASP B 145 9.14 -39.03 23.80
N VAL B 146 9.03 -39.75 22.68
CA VAL B 146 7.79 -40.39 22.28
C VAL B 146 8.07 -41.84 21.96
N ILE B 147 7.14 -42.72 22.33
CA ILE B 147 7.19 -44.12 21.93
C ILE B 147 5.98 -44.39 21.05
N ARG B 148 6.22 -44.90 19.84
CA ARG B 148 5.18 -45.10 18.85
C ARG B 148 5.04 -46.57 18.53
N PHE B 149 3.81 -47.05 18.50
CA PHE B 149 3.47 -48.40 18.05
C PHE B 149 2.81 -48.27 16.69
N ASN B 150 3.48 -48.78 15.65
CA ASN B 150 2.98 -48.69 14.29
C ASN B 150 2.45 -50.06 13.89
N LEU B 151 1.18 -50.31 14.25
CA LEU B 151 0.56 -51.60 13.94
C LEU B 151 -0.93 -51.39 13.78
N ASN B 152 -1.56 -52.32 13.07
CA ASN B 152 -3.01 -52.30 12.90
C ASN B 152 -3.68 -52.77 14.19
N PHE B 153 -3.99 -51.83 15.08
CA PHE B 153 -4.54 -52.15 16.39
C PHE B 153 -6.02 -52.51 16.27
N THR B 154 -6.25 -53.69 15.73
CA THR B 154 -7.60 -54.23 15.58
C THR B 154 -7.98 -55.00 16.83
N ALA B 155 -9.08 -55.75 16.76
CA ALA B 155 -9.52 -56.57 17.88
C ALA B 155 -8.80 -57.91 17.95
N ASP B 156 -7.92 -58.19 16.99
CA ASP B 156 -7.15 -59.43 16.97
C ASP B 156 -5.73 -59.24 17.49
N VAL B 157 -5.53 -58.31 18.42
CA VAL B 157 -4.24 -58.08 19.06
C VAL B 157 -4.38 -58.46 20.51
N GLN B 158 -3.56 -59.42 20.97
CA GLN B 158 -3.67 -59.92 22.33
C GLN B 158 -2.66 -59.22 23.23
N SER B 159 -3.05 -59.07 24.49
CA SER B 159 -2.22 -58.46 25.51
C SER B 159 -1.93 -59.47 26.61
N GLY B 160 -0.68 -59.51 27.07
CA GLY B 160 -0.28 -60.43 28.11
C GLY B 160 -0.72 -60.05 29.50
N MET B 161 -1.25 -58.84 29.68
CA MET B 161 -1.73 -58.39 30.98
C MET B 161 -3.25 -58.52 31.10
N GLY B 162 -3.90 -59.19 30.17
CA GLY B 162 -5.34 -59.39 30.23
C GLY B 162 -6.07 -58.32 29.47
N ALA B 163 -7.01 -57.65 30.15
CA ALA B 163 -7.72 -56.54 29.53
C ALA B 163 -6.83 -55.32 29.36
N THR B 164 -5.89 -55.12 30.29
CA THR B 164 -4.99 -53.97 30.22
C THR B 164 -4.07 -54.09 29.02
N VAL B 165 -3.95 -52.98 28.28
CA VAL B 165 -3.09 -52.97 27.07
C VAL B 165 -1.83 -52.17 27.44
N PHE B 166 -1.98 -51.20 28.35
CA PHE B 166 -0.84 -50.34 28.76
C PHE B 166 -0.91 -50.09 30.25
N SER B 167 0.22 -50.21 30.94
CA SER B 167 0.32 -49.94 32.36
C SER B 167 1.23 -48.75 32.57
N LEU B 168 0.67 -47.65 33.08
CA LEU B 168 1.40 -46.40 33.20
C LEU B 168 1.79 -46.16 34.65
N ASN B 169 3.05 -45.82 34.87
CA ASN B 169 3.56 -45.40 36.17
C ASN B 169 3.82 -43.91 36.05
N THR B 170 3.01 -43.09 36.71
CA THR B 170 3.14 -41.65 36.60
C THR B 170 3.98 -41.10 37.75
N THR B 171 4.11 -39.78 37.80
CA THR B 171 4.87 -39.13 38.87
C THR B 171 4.18 -39.34 40.20
N GLY B 172 4.97 -39.59 41.24
CA GLY B 172 4.43 -39.87 42.56
C GLY B 172 4.00 -41.29 42.79
N GLY B 173 4.27 -42.19 41.85
CA GLY B 173 3.94 -43.59 42.03
C GLY B 173 2.52 -43.97 41.70
N VAL B 174 1.73 -43.04 41.14
CA VAL B 174 0.35 -43.36 40.77
C VAL B 174 0.35 -44.26 39.54
N ILE B 175 -0.38 -45.36 39.61
CA ILE B 175 -0.44 -46.34 38.54
C ILE B 175 -1.76 -46.19 37.81
N LEU B 176 -1.69 -45.99 36.49
CA LEU B 176 -2.87 -45.88 35.64
C LEU B 176 -2.81 -46.97 34.59
N GLU B 177 -3.98 -47.49 34.22
CA GLU B 177 -4.08 -48.54 33.22
C GLU B 177 -5.04 -48.13 32.12
N ILE B 178 -4.75 -48.59 30.89
CA ILE B 178 -5.67 -48.37 29.74
C ILE B 178 -6.21 -49.75 29.41
N SER B 179 -7.44 -50.07 29.80
CA SER B 179 -8.01 -51.41 29.68
C SER B 179 -9.24 -51.39 28.81
N CYS B 180 -9.30 -52.38 27.90
CA CYS B 180 -10.45 -52.50 26.96
C CYS B 180 -11.20 -53.74 27.43
N TYR B 181 -12.52 -53.70 27.35
CA TYR B 181 -13.40 -54.79 27.84
C TYR B 181 -14.38 -55.03 26.74
N ASN B 182 -15.10 -56.14 26.79
CA ASN B 182 -16.13 -56.46 25.80
C ASN B 182 -17.51 -56.06 26.30
N ASP B 183 -17.60 -55.50 27.51
CA ASP B 183 -18.86 -55.02 28.04
C ASP B 183 -18.63 -53.68 28.73
N THR B 184 -19.67 -52.84 28.72
CA THR B 184 -19.56 -51.51 29.29
C THR B 184 -19.36 -51.58 30.80
N VAL B 185 -18.44 -50.76 31.30
CA VAL B 185 -18.16 -50.65 32.73
C VAL B 185 -18.64 -49.29 33.21
N ARG B 186 -19.42 -49.29 34.30
CA ARG B 186 -19.92 -48.04 34.85
C ARG B 186 -18.80 -47.26 35.54
N GLU B 187 -19.02 -45.96 35.70
CA GLU B 187 -18.02 -45.10 36.32
C GLU B 187 -17.83 -45.47 37.79
N SER B 188 -16.57 -45.39 38.24
CA SER B 188 -16.21 -45.71 39.62
C SER B 188 -16.63 -47.14 39.99
N SER B 189 -16.50 -48.05 39.04
CA SER B 189 -16.84 -49.45 39.25
C SER B 189 -15.80 -50.31 38.53
N PHE B 190 -15.92 -51.62 38.71
CA PHE B 190 -15.00 -52.59 38.13
C PHE B 190 -15.78 -53.57 37.26
N TYR B 191 -15.09 -54.16 36.28
CA TYR B 191 -15.70 -55.11 35.36
C TYR B 191 -16.35 -56.28 36.08
N PRO B 204 -17.78 -55.51 19.90
CA PRO B 204 -17.36 -54.15 20.25
C PRO B 204 -16.58 -54.11 21.56
N LYS B 205 -15.47 -53.37 21.55
CA LYS B 205 -14.62 -53.22 22.73
C LYS B 205 -14.68 -51.79 23.23
N TYR B 206 -14.96 -51.63 24.52
CA TYR B 206 -15.03 -50.33 25.17
C TYR B 206 -13.77 -50.14 26.02
N CYS B 207 -13.13 -49.00 25.82
CA CYS B 207 -11.82 -48.74 26.47
C CYS B 207 -11.95 -47.72 27.59
N TYR B 208 -11.22 -47.93 28.66
CA TYR B 208 -11.33 -47.12 29.87
C TYR B 208 -9.94 -46.84 30.42
N VAL B 209 -9.85 -45.78 31.22
CA VAL B 209 -8.67 -45.47 32.02
C VAL B 209 -9.01 -45.82 33.46
N LEU B 210 -8.23 -46.72 34.05
CA LEU B 210 -8.44 -47.18 35.42
C LEU B 210 -7.34 -46.64 36.32
N TYR B 211 -7.73 -46.18 37.51
CA TYR B 211 -6.80 -45.64 38.49
C TYR B 211 -6.45 -46.67 39.57
N ASN B 212 -7.46 -47.18 40.27
CA ASN B 212 -7.27 -48.16 41.33
C ASN B 212 -8.27 -49.29 41.17
N GLY B 213 -8.43 -49.78 39.94
CA GLY B 213 -9.44 -50.76 39.63
C GLY B 213 -10.81 -50.20 39.33
N THR B 214 -10.96 -48.88 39.35
CA THR B 214 -12.23 -48.23 39.07
C THR B 214 -12.13 -47.41 37.78
N ALA B 215 -13.22 -47.36 37.04
CA ALA B 215 -13.26 -46.63 35.78
C ALA B 215 -13.16 -45.13 36.06
N LEU B 216 -12.05 -44.52 35.64
CA LEU B 216 -11.83 -43.11 35.86
C LEU B 216 -12.26 -42.25 34.68
N LYS B 217 -12.00 -42.72 33.45
CA LYS B 217 -12.35 -41.97 32.25
C LYS B 217 -12.79 -42.94 31.17
N TYR B 218 -13.86 -42.61 30.47
CA TYR B 218 -14.36 -43.41 29.37
C TYR B 218 -13.77 -42.90 28.06
N LEU B 219 -13.11 -43.78 27.31
CA LEU B 219 -12.42 -43.35 26.07
C LEU B 219 -13.30 -43.61 24.84
N GLY B 220 -14.09 -44.67 24.88
CA GLY B 220 -14.99 -44.98 23.76
C GLY B 220 -14.77 -46.38 23.24
N THR B 221 -15.52 -46.77 22.21
CA THR B 221 -15.32 -48.08 21.57
C THR B 221 -14.08 -47.99 20.68
N LEU B 222 -13.38 -49.10 20.47
CA LEU B 222 -12.20 -49.09 19.56
C LEU B 222 -12.69 -48.96 18.12
N PRO B 223 -12.31 -47.91 17.37
CA PRO B 223 -12.69 -47.82 15.97
C PRO B 223 -11.92 -48.91 15.19
N PRO B 224 -12.41 -49.36 14.03
CA PRO B 224 -11.75 -50.42 13.25
C PRO B 224 -10.50 -49.98 12.51
N SER B 225 -10.19 -48.68 12.52
CA SER B 225 -9.06 -48.18 11.68
C SER B 225 -7.97 -47.48 12.49
N VAL B 226 -7.53 -48.08 13.59
CA VAL B 226 -6.40 -47.55 14.35
C VAL B 226 -5.13 -48.13 13.76
N LYS B 227 -4.17 -47.27 13.45
CA LYS B 227 -2.94 -47.69 12.80
C LYS B 227 -1.67 -47.28 13.53
N GLU B 228 -1.73 -46.34 14.46
CA GLU B 228 -0.55 -45.97 15.23
C GLU B 228 -0.99 -45.40 16.57
N ILE B 229 -0.27 -45.77 17.63
CA ILE B 229 -0.52 -45.19 18.98
C ILE B 229 0.80 -44.60 19.47
N ALA B 230 0.84 -43.28 19.69
CA ALA B 230 2.04 -42.60 20.16
C ALA B 230 1.81 -42.10 21.57
N ILE B 231 2.72 -42.42 22.48
CA ILE B 231 2.65 -41.98 23.86
C ILE B 231 3.84 -41.09 24.15
N SER B 232 3.58 -39.90 24.66
CA SER B 232 4.64 -38.97 25.02
C SER B 232 4.96 -39.05 26.51
N LYS B 233 6.17 -38.66 26.86
CA LYS B 233 6.60 -38.70 28.25
C LYS B 233 5.83 -37.71 29.12
N TRP B 234 5.15 -36.74 28.52
CA TRP B 234 4.35 -35.79 29.27
C TRP B 234 2.91 -36.23 29.45
N GLY B 235 2.56 -37.42 29.00
CA GLY B 235 1.26 -38.00 29.27
C GLY B 235 0.26 -37.92 28.13
N HIS B 236 0.66 -37.42 26.97
CA HIS B 236 -0.25 -37.26 25.85
C HIS B 236 -0.32 -38.54 25.03
N PHE B 237 -1.52 -38.89 24.60
CA PHE B 237 -1.76 -40.04 23.73
C PHE B 237 -2.25 -39.53 22.38
N TYR B 238 -1.58 -39.95 21.31
CA TYR B 238 -1.98 -39.64 19.95
C TYR B 238 -2.42 -40.91 19.27
N ILE B 239 -3.65 -40.90 18.76
CA ILE B 239 -4.13 -42.08 17.98
C ILE B 239 -4.35 -41.61 16.55
N ASN B 240 -3.55 -42.11 15.60
CA ASN B 240 -3.64 -41.74 14.17
C ASN B 240 -3.28 -40.27 14.02
N GLY B 241 -2.48 -39.72 14.95
CA GLY B 241 -1.99 -38.37 14.82
C GLY B 241 -2.69 -37.34 15.67
N TYR B 242 -3.83 -37.67 16.26
CA TYR B 242 -4.63 -36.70 17.03
C TYR B 242 -4.53 -37.03 18.51
N ASN B 243 -4.32 -36.00 19.32
CA ASN B 243 -4.25 -36.14 20.77
C ASN B 243 -5.65 -36.27 21.33
N PHE B 244 -6.02 -37.47 21.75
CA PHE B 244 -7.40 -37.71 22.22
C PHE B 244 -7.46 -37.66 23.75
N PHE B 245 -6.38 -38.03 24.44
CA PHE B 245 -6.39 -37.91 25.92
C PHE B 245 -4.99 -37.67 26.48
N SER B 246 -4.91 -36.94 27.60
CA SER B 246 -3.64 -36.70 28.27
C SER B 246 -3.77 -37.11 29.72
N THR B 247 -2.82 -37.89 30.20
CA THR B 247 -2.74 -38.27 31.60
C THR B 247 -1.67 -37.42 32.28
N PHE B 248 -1.33 -37.76 33.52
CA PHE B 248 -0.23 -37.11 34.20
C PHE B 248 1.08 -37.49 33.52
N PRO B 249 2.13 -36.69 33.71
CA PRO B 249 3.44 -37.05 33.15
C PRO B 249 3.83 -38.45 33.59
N ILE B 250 4.33 -39.23 32.64
CA ILE B 250 4.60 -40.65 32.86
C ILE B 250 6.09 -40.83 33.08
N ASP B 251 6.47 -41.69 34.01
CA ASP B 251 7.89 -42.04 34.24
C ASP B 251 8.24 -43.37 33.59
N CYS B 252 7.31 -44.32 33.56
CA CYS B 252 7.60 -45.68 33.08
C CYS B 252 6.35 -46.29 32.46
N ILE B 253 6.47 -47.10 31.42
CA ILE B 253 5.33 -47.65 30.66
C ILE B 253 5.55 -49.13 30.45
N SER B 254 4.74 -49.97 31.07
CA SER B 254 4.79 -51.41 30.92
C SER B 254 3.79 -51.85 29.85
N PHE B 255 4.23 -52.67 28.90
CA PHE B 255 3.35 -53.23 27.89
C PHE B 255 3.77 -54.66 27.56
N ASN B 256 2.83 -55.44 27.02
CA ASN B 256 3.06 -56.83 26.64
C ASN B 256 2.03 -57.18 25.56
N LEU B 257 2.45 -57.12 24.30
CA LEU B 257 1.54 -57.24 23.17
C LEU B 257 1.99 -58.33 22.21
N THR B 258 1.02 -58.85 21.46
CA THR B 258 1.30 -59.80 20.40
C THR B 258 0.19 -59.73 19.37
N THR B 259 0.53 -60.03 18.12
CA THR B 259 -0.44 -59.96 17.04
C THR B 259 -0.06 -60.95 15.96
N SER B 260 -1.04 -61.30 15.13
CA SER B 260 -0.86 -62.28 14.08
C SER B 260 -1.26 -61.80 12.69
N THR B 261 -2.05 -60.74 12.59
CA THR B 261 -2.52 -60.24 11.30
C THR B 261 -1.77 -59.00 10.86
N SER B 262 -0.62 -58.72 11.46
CA SER B 262 0.16 -57.53 11.11
C SER B 262 1.18 -57.82 10.02
N GLY B 263 0.71 -58.39 8.91
CA GLY B 263 1.56 -58.70 7.77
C GLY B 263 2.74 -59.57 8.12
N ALA B 264 3.94 -59.00 8.04
CA ALA B 264 5.18 -59.68 8.41
C ALA B 264 5.88 -59.04 9.60
N PHE B 265 5.87 -57.71 9.70
CA PHE B 265 6.53 -57.01 10.78
C PHE B 265 5.72 -55.79 11.19
N TRP B 266 5.69 -55.51 12.48
CA TRP B 266 5.18 -54.26 13.02
C TRP B 266 6.20 -53.68 13.98
N THR B 267 6.27 -52.35 14.02
CA THR B 267 7.41 -51.67 14.62
C THR B 267 7.03 -50.90 15.88
N ILE B 268 7.98 -50.83 16.79
CA ILE B 268 7.93 -49.95 17.95
C ILE B 268 9.12 -49.01 17.84
N ALA B 269 8.84 -47.71 17.78
CA ALA B 269 9.87 -46.70 17.53
C ALA B 269 10.00 -45.80 18.75
N TYR B 270 11.23 -45.65 19.23
CA TYR B 270 11.55 -44.66 20.24
C TYR B 270 12.11 -43.45 19.54
N THR B 271 11.46 -42.30 19.71
CA THR B 271 11.75 -41.14 18.89
C THR B 271 11.88 -39.89 19.75
N SER B 272 12.66 -38.94 19.25
CA SER B 272 12.85 -37.64 19.85
C SER B 272 12.45 -36.56 18.85
N TYR B 273 12.07 -35.40 19.39
CA TYR B 273 11.60 -34.30 18.57
C TYR B 273 12.75 -33.71 17.75
N THR B 274 12.43 -33.33 16.51
CA THR B 274 13.38 -32.65 15.64
C THR B 274 12.61 -31.81 14.65
N GLU B 275 13.28 -30.78 14.12
CA GLU B 275 12.69 -29.91 13.12
C GLU B 275 12.91 -30.51 11.74
N ALA B 276 11.85 -30.53 10.93
CA ALA B 276 11.95 -31.10 9.61
C ALA B 276 10.88 -30.50 8.70
N LEU B 277 11.14 -30.61 7.39
CA LEU B 277 10.17 -30.17 6.37
C LEU B 277 9.42 -31.41 5.90
N VAL B 278 8.12 -31.48 6.15
CA VAL B 278 7.37 -32.71 5.83
C VAL B 278 6.41 -32.42 4.68
N GLN B 279 6.33 -33.31 3.71
CA GLN B 279 5.32 -33.16 2.63
C GLN B 279 4.17 -34.09 2.98
N VAL B 280 2.94 -33.61 2.89
CA VAL B 280 1.76 -34.40 3.23
C VAL B 280 0.81 -34.37 2.05
N GLU B 281 0.29 -35.53 1.69
CA GLU B 281 -0.74 -35.66 0.65
C GLU B 281 -1.83 -36.58 1.18
N ASN B 282 -3.06 -36.06 1.24
CA ASN B 282 -4.21 -36.79 1.80
C ASN B 282 -3.92 -37.26 3.23
N THR B 283 -3.42 -36.34 4.05
CA THR B 283 -3.14 -36.56 5.47
C THR B 283 -2.10 -37.65 5.69
N ALA B 284 -1.29 -37.97 4.69
CA ALA B 284 -0.28 -39.00 4.78
C ALA B 284 1.10 -38.40 4.49
N ILE B 285 2.10 -38.78 5.27
CA ILE B 285 3.47 -38.28 5.04
C ILE B 285 4.03 -38.90 3.76
N LYS B 286 4.71 -38.10 2.94
CA LYS B 286 5.32 -38.62 1.69
C LYS B 286 6.84 -38.47 1.75
N LYS B 287 7.34 -37.37 2.31
CA LYS B 287 8.79 -37.09 2.32
C LYS B 287 9.14 -36.31 3.59
N VAL B 288 10.22 -36.71 4.27
CA VAL B 288 10.69 -35.99 5.47
C VAL B 288 12.12 -35.52 5.23
N THR B 289 12.34 -34.22 5.13
CA THR B 289 13.71 -33.64 5.01
C THR B 289 14.11 -33.09 6.37
N TYR B 290 15.17 -33.60 6.97
CA TYR B 290 15.66 -33.08 8.24
C TYR B 290 16.56 -31.88 8.00
N CYS B 291 16.37 -30.84 8.82
CA CYS B 291 17.21 -29.65 8.77
C CYS B 291 18.44 -29.86 9.65
N ASN B 292 19.34 -30.72 9.15
CA ASN B 292 20.53 -31.11 9.90
C ASN B 292 21.83 -30.64 9.27
N SER B 293 21.81 -30.12 8.05
CA SER B 293 23.00 -29.61 7.38
C SER B 293 22.72 -28.21 6.85
N HIS B 294 23.77 -27.56 6.34
CA HIS B 294 23.62 -26.22 5.80
C HIS B 294 22.71 -26.21 4.58
N ILE B 295 22.93 -27.15 3.66
CA ILE B 295 22.07 -27.23 2.48
C ILE B 295 20.65 -27.62 2.90
N ASN B 296 20.52 -28.50 3.89
CA ASN B 296 19.20 -28.83 4.42
C ASN B 296 18.58 -27.65 5.15
N ASN B 297 19.40 -26.82 5.79
CA ASN B 297 18.86 -25.59 6.39
C ASN B 297 18.28 -24.67 5.32
N ILE B 298 18.97 -24.53 4.19
CA ILE B 298 18.44 -23.73 3.10
C ILE B 298 17.16 -24.34 2.55
N LYS B 299 17.13 -25.68 2.43
CA LYS B 299 15.93 -26.35 1.95
C LYS B 299 14.74 -26.11 2.87
N CYS B 300 14.97 -26.18 4.19
CA CYS B 300 13.89 -25.92 5.14
C CYS B 300 13.48 -24.46 5.13
N SER B 301 14.41 -23.55 4.86
CA SER B 301 14.05 -22.14 4.78
C SER B 301 13.24 -21.83 3.53
N GLN B 302 13.48 -22.57 2.44
CA GLN B 302 12.76 -22.33 1.19
C GLN B 302 11.51 -23.18 1.05
N LEU B 303 11.20 -24.02 2.05
CA LEU B 303 10.00 -24.85 2.05
C LEU B 303 9.95 -25.77 0.83
N THR B 304 11.11 -26.28 0.41
CA THR B 304 11.17 -27.18 -0.72
C THR B 304 12.43 -28.02 -0.62
N ALA B 305 12.36 -29.26 -1.10
CA ALA B 305 13.53 -30.16 -1.02
C ALA B 305 14.30 -30.12 -2.35
N ASN B 306 13.79 -29.39 -3.33
CA ASN B 306 14.51 -29.18 -4.59
C ASN B 306 14.76 -27.69 -4.75
N LEU B 307 16.02 -27.29 -4.64
CA LEU B 307 16.41 -25.89 -4.71
C LEU B 307 16.86 -25.53 -6.12
N GLN B 308 16.28 -24.46 -6.66
CA GLN B 308 16.75 -23.93 -7.93
C GLN B 308 18.11 -23.26 -7.76
N ASN B 309 18.92 -23.32 -8.81
CA ASN B 309 20.23 -22.68 -8.79
C ASN B 309 20.08 -21.18 -8.55
N GLY B 310 20.90 -20.63 -7.67
CA GLY B 310 20.83 -19.21 -7.41
C GLY B 310 21.57 -18.84 -6.14
N PHE B 311 21.22 -17.67 -5.62
CA PHE B 311 21.81 -17.12 -4.41
C PHE B 311 20.76 -17.05 -3.31
N TYR B 312 21.13 -17.49 -2.10
CA TYR B 312 20.21 -17.52 -0.98
C TYR B 312 20.85 -16.87 0.23
N PRO B 313 20.13 -16.00 0.94
CA PRO B 313 20.68 -15.41 2.17
C PRO B 313 20.79 -16.44 3.28
N VAL B 314 21.90 -16.40 4.00
CA VAL B 314 22.16 -17.28 5.13
C VAL B 314 22.90 -16.49 6.21
N ALA B 315 23.14 -17.16 7.33
CA ALA B 315 23.93 -16.59 8.43
C ALA B 315 25.34 -17.14 8.36
N SER B 316 26.31 -16.29 8.72
CA SER B 316 27.71 -16.70 8.63
C SER B 316 28.02 -17.84 9.59
N SER B 317 27.51 -17.78 10.81
CA SER B 317 27.78 -18.80 11.80
C SER B 317 26.72 -18.74 12.89
N GLU B 318 26.91 -19.54 13.94
CA GLU B 318 26.04 -19.56 15.10
C GLU B 318 26.86 -19.24 16.34
N VAL B 319 26.29 -18.44 17.23
CA VAL B 319 26.96 -17.98 18.45
C VAL B 319 26.36 -18.72 19.63
N GLY B 320 27.23 -19.27 20.49
CA GLY B 320 26.78 -19.93 21.70
C GLY B 320 27.92 -20.05 22.68
N LEU B 321 27.57 -20.07 23.97
CA LEU B 321 28.52 -20.22 25.06
C LEU B 321 29.58 -19.11 25.03
N VAL B 322 29.13 -17.89 25.25
CA VAL B 322 30.00 -16.72 25.28
C VAL B 322 30.02 -16.13 26.69
N ASN B 323 31.07 -15.35 26.96
CA ASN B 323 31.21 -14.69 28.25
C ASN B 323 30.23 -13.53 28.37
N LYS B 324 30.20 -12.93 29.56
CA LYS B 324 29.32 -11.81 29.85
C LYS B 324 30.13 -10.60 30.27
N SER B 325 29.77 -9.44 29.73
CA SER B 325 30.41 -8.18 30.05
C SER B 325 29.36 -7.21 30.59
N VAL B 326 29.70 -6.52 31.67
CA VAL B 326 28.82 -5.55 32.30
C VAL B 326 29.59 -4.25 32.49
N VAL B 327 29.02 -3.15 32.03
CA VAL B 327 29.60 -1.83 32.21
C VAL B 327 28.55 -0.91 32.80
N LEU B 328 28.84 -0.33 33.96
CA LEU B 328 27.92 0.56 34.65
C LEU B 328 28.66 1.81 35.10
N LEU B 329 27.89 2.84 35.44
CA LEU B 329 28.48 4.09 35.91
C LEU B 329 29.09 3.89 37.29
N PRO B 330 30.13 4.67 37.64
CA PRO B 330 30.75 4.53 38.96
C PRO B 330 29.75 4.84 40.08
N SER B 331 29.90 4.12 41.18
CA SER B 331 29.00 4.27 42.32
C SER B 331 29.65 3.67 43.55
N PHE B 332 29.07 3.98 44.71
CA PHE B 332 29.44 3.31 45.94
C PHE B 332 28.94 1.87 45.91
N TYR B 333 29.61 1.00 46.65
CA TYR B 333 29.31 -0.42 46.67
C TYR B 333 28.78 -0.79 48.05
N SER B 334 27.45 -0.83 48.17
CA SER B 334 26.78 -1.31 49.38
C SER B 334 25.67 -2.25 48.95
N HIS B 335 25.70 -3.49 49.45
CA HIS B 335 24.81 -4.54 48.99
C HIS B 335 23.81 -4.91 50.07
N THR B 336 22.56 -5.12 49.66
CA THR B 336 21.47 -5.54 50.55
C THR B 336 20.85 -6.83 50.02
N SER B 337 20.69 -7.80 50.91
CA SER B 337 19.99 -9.03 50.59
C SER B 337 18.57 -8.95 51.13
N VAL B 338 17.59 -9.13 50.24
CA VAL B 338 16.18 -9.05 50.59
C VAL B 338 15.63 -10.47 50.55
N ASN B 339 15.28 -11.00 51.70
CA ASN B 339 14.75 -12.36 51.83
C ASN B 339 13.25 -12.27 52.07
N ILE B 340 12.47 -12.92 51.22
CA ILE B 340 11.04 -13.01 51.37
C ILE B 340 10.70 -14.40 51.88
N THR B 341 10.06 -14.46 53.04
CA THR B 341 9.64 -15.73 53.63
C THR B 341 8.17 -15.97 53.27
N ILE B 342 7.87 -17.15 52.74
CA ILE B 342 6.52 -17.49 52.34
C ILE B 342 6.12 -18.77 53.07
N ASP B 343 5.11 -18.67 53.93
CA ASP B 343 4.58 -19.80 54.68
C ASP B 343 3.28 -20.22 54.02
N LEU B 344 3.29 -21.38 53.37
CA LEU B 344 2.14 -21.88 52.64
C LEU B 344 1.33 -22.83 53.49
N GLY B 345 0.01 -22.75 53.37
CA GLY B 345 -0.90 -23.68 53.99
C GLY B 345 -1.60 -24.53 52.94
N MET B 346 -1.63 -25.83 53.18
CA MET B 346 -2.15 -26.78 52.21
C MET B 346 -3.17 -27.69 52.87
N LYS B 347 -4.15 -28.12 52.08
CA LYS B 347 -5.18 -29.04 52.54
C LYS B 347 -5.47 -30.04 51.42
N LEU B 348 -6.20 -31.09 51.78
CA LEU B 348 -6.65 -32.10 50.82
C LEU B 348 -8.13 -31.88 50.55
N SER B 349 -8.48 -31.77 49.27
CA SER B 349 -9.87 -31.55 48.89
C SER B 349 -10.65 -32.86 48.95
N GLY B 350 -11.93 -32.79 48.58
CA GLY B 350 -12.77 -33.98 48.58
C GLY B 350 -12.43 -34.97 47.49
N TYR B 351 -11.75 -34.53 46.43
CA TYR B 351 -11.34 -35.40 45.35
C TYR B 351 -9.85 -35.73 45.40
N GLY B 352 -9.19 -35.47 46.53
CA GLY B 352 -7.79 -35.83 46.69
C GLY B 352 -6.80 -34.88 46.05
N GLN B 353 -7.23 -33.69 45.65
CA GLN B 353 -6.28 -32.77 45.06
C GLN B 353 -5.75 -31.80 46.10
N PRO B 354 -4.44 -31.53 46.11
CA PRO B 354 -3.87 -30.59 47.09
C PRO B 354 -4.29 -29.16 46.78
N ILE B 355 -4.94 -28.52 47.75
CA ILE B 355 -5.45 -27.16 47.60
C ILE B 355 -4.60 -26.25 48.47
N ALA B 356 -4.04 -25.20 47.88
CA ALA B 356 -3.23 -24.23 48.60
C ALA B 356 -4.14 -23.16 49.22
N SER B 357 -3.93 -22.88 50.50
CA SER B 357 -4.79 -21.96 51.23
C SER B 357 -4.40 -20.51 50.95
N ALA B 358 -5.42 -19.65 50.85
CA ALA B 358 -5.17 -18.22 50.72
C ALA B 358 -4.66 -17.59 52.00
N LEU B 359 -4.67 -18.34 53.11
CA LEU B 359 -4.14 -17.87 54.37
C LEU B 359 -2.62 -17.97 54.46
N SER B 360 -1.95 -18.23 53.33
CA SER B 360 -0.50 -18.24 53.32
C SER B 360 0.05 -16.86 53.64
N ASN B 361 1.18 -16.82 54.34
CA ASN B 361 1.73 -15.58 54.87
C ASN B 361 3.01 -15.20 54.15
N ILE B 362 3.21 -13.90 53.97
CA ILE B 362 4.42 -13.35 53.37
C ILE B 362 5.08 -12.45 54.39
N THR B 363 6.38 -12.65 54.61
CA THR B 363 7.16 -11.85 55.55
C THR B 363 8.32 -11.22 54.80
N LEU B 364 8.39 -9.90 54.85
CA LEU B 364 9.47 -9.10 54.31
C LEU B 364 10.46 -8.74 55.40
N PRO B 365 11.69 -8.36 55.04
CA PRO B 365 12.65 -7.94 56.07
C PRO B 365 12.12 -6.75 56.84
N MET B 366 12.46 -6.72 58.14
CA MET B 366 11.97 -5.64 59.03
C MET B 366 12.60 -4.31 58.62
N GLN B 367 11.79 -3.26 58.53
CA GLN B 367 12.26 -1.93 58.19
C GLN B 367 11.32 -0.91 58.81
N ASP B 368 11.85 -0.08 59.71
CA ASP B 368 11.08 0.95 60.41
C ASP B 368 9.90 0.32 61.17
N ASN B 369 10.21 -0.69 61.98
CA ASN B 369 9.25 -1.36 62.86
C ASN B 369 8.15 -2.08 62.09
N ASN B 370 8.30 -2.23 60.78
CA ASN B 370 7.27 -2.84 59.94
C ASN B 370 7.87 -3.95 59.12
N THR B 371 7.04 -4.95 58.80
CA THR B 371 7.43 -6.07 57.95
C THR B 371 6.52 -6.22 56.73
N ASP B 372 5.77 -5.17 56.38
CA ASP B 372 4.88 -5.23 55.24
C ASP B 372 5.34 -4.37 54.06
N VAL B 373 6.21 -3.39 54.28
CA VAL B 373 6.77 -2.57 53.22
C VAL B 373 8.29 -2.55 53.38
N TYR B 374 9.00 -2.79 52.29
CA TYR B 374 10.46 -2.77 52.31
C TYR B 374 10.96 -2.04 51.07
N CYS B 375 11.74 -0.99 51.28
CA CYS B 375 12.33 -0.21 50.19
C CYS B 375 13.84 -0.41 50.17
N ILE B 376 14.39 -0.49 48.96
CA ILE B 376 15.83 -0.65 48.80
C ILE B 376 16.50 0.69 49.09
N ARG B 377 17.46 0.68 50.02
CA ARG B 377 18.15 1.90 50.42
C ARG B 377 19.65 1.85 50.18
N SER B 378 20.16 0.77 49.63
CA SER B 378 21.57 0.67 49.26
C SER B 378 21.71 0.88 47.76
N ASN B 379 22.93 0.72 47.25
CA ASN B 379 23.19 0.87 45.82
C ASN B 379 22.97 -0.42 45.05
N GLN B 380 23.22 -1.57 45.67
CA GLN B 380 23.02 -2.86 45.03
C GLN B 380 22.20 -3.75 45.94
N PHE B 381 21.42 -4.64 45.34
CA PHE B 381 20.59 -5.55 46.12
C PHE B 381 20.41 -6.86 45.36
N SER B 382 20.08 -7.89 46.12
CA SER B 382 19.70 -9.19 45.60
C SER B 382 18.44 -9.65 46.32
N VAL B 383 17.65 -10.49 45.65
CA VAL B 383 16.38 -10.96 46.19
C VAL B 383 16.39 -12.48 46.27
N TYR B 384 15.88 -13.01 47.37
CA TYR B 384 15.81 -14.46 47.58
C TYR B 384 14.47 -14.78 48.22
N VAL B 385 14.03 -16.03 48.03
CA VAL B 385 12.77 -16.52 48.55
C VAL B 385 13.03 -17.79 49.35
N HIS B 386 12.40 -17.84 50.53
CA HIS B 386 12.45 -19.02 51.43
C HIS B 386 11.01 -19.50 51.64
N SER B 387 10.73 -20.79 51.45
CA SER B 387 9.39 -21.34 51.51
C SER B 387 9.29 -22.34 52.66
N THR B 388 8.19 -22.27 53.39
CA THR B 388 7.84 -23.27 54.39
C THR B 388 6.43 -23.78 54.09
N CYS B 389 6.17 -25.02 54.46
CA CYS B 389 4.90 -25.68 54.15
C CYS B 389 4.26 -26.22 55.41
N LYS B 390 2.95 -26.05 55.52
CA LYS B 390 2.18 -26.63 56.62
C LYS B 390 0.87 -27.17 56.08
N SER B 391 0.29 -28.12 56.80
CA SER B 391 -0.93 -28.81 56.36
C SER B 391 -2.07 -28.52 57.33
N SER B 392 -3.29 -28.66 56.82
CA SER B 392 -4.50 -28.41 57.60
C SER B 392 -5.49 -29.55 57.36
N LEU B 393 -6.64 -29.46 58.02
CA LEU B 393 -7.69 -30.47 57.97
C LEU B 393 -9.05 -29.84 57.78
N TRP B 394 -9.15 -28.96 56.76
CA TRP B 394 -10.38 -28.27 56.41
C TRP B 394 -10.86 -27.32 57.51
N ASP B 395 -10.01 -27.00 58.47
CA ASP B 395 -10.36 -26.09 59.55
C ASP B 395 -9.37 -24.93 59.68
N ASN B 396 -8.43 -24.80 58.73
CA ASN B 396 -7.48 -23.70 58.70
C ASN B 396 -6.63 -23.62 59.96
N VAL B 397 -6.32 -24.76 60.55
CA VAL B 397 -5.40 -24.85 61.68
C VAL B 397 -4.18 -25.62 61.21
N PHE B 398 -3.14 -24.88 60.84
CA PHE B 398 -1.92 -25.47 60.29
C PHE B 398 -0.98 -25.82 61.44
N ASN B 399 -0.84 -27.12 61.72
CA ASN B 399 0.03 -27.57 62.79
C ASN B 399 0.84 -28.81 62.41
N SER B 400 0.75 -29.28 61.18
CA SER B 400 1.45 -30.48 60.74
C SER B 400 2.46 -30.12 59.67
N ASP B 401 3.16 -31.14 59.18
CA ASP B 401 4.14 -31.00 58.11
C ASP B 401 3.58 -31.58 56.81
N CYS B 402 3.80 -30.86 55.71
CA CYS B 402 3.25 -31.29 54.43
C CYS B 402 3.83 -32.64 54.04
N THR B 403 2.95 -33.55 53.64
CA THR B 403 3.35 -34.89 53.22
C THR B 403 3.78 -34.85 51.75
N ASP B 404 3.98 -36.02 51.15
CA ASP B 404 4.41 -36.07 49.75
C ASP B 404 3.36 -35.46 48.83
N VAL B 405 2.08 -35.75 49.07
CA VAL B 405 1.03 -35.23 48.21
C VAL B 405 0.85 -33.73 48.44
N LEU B 406 0.96 -33.27 49.68
CA LEU B 406 0.69 -31.87 50.02
C LEU B 406 1.93 -31.00 50.02
N HIS B 407 3.08 -31.52 49.61
CA HIS B 407 4.29 -30.70 49.57
C HIS B 407 4.22 -29.70 48.42
N ALA B 408 4.55 -28.44 48.72
CA ALA B 408 4.53 -27.39 47.73
C ALA B 408 5.71 -26.46 47.94
N THR B 409 6.12 -25.79 46.87
CA THR B 409 7.23 -24.85 46.90
C THR B 409 6.73 -23.48 46.46
N ALA B 410 7.11 -22.44 47.18
CA ALA B 410 6.67 -21.09 46.85
C ALA B 410 7.50 -20.54 45.69
N VAL B 411 6.82 -19.98 44.70
CA VAL B 411 7.45 -19.32 43.57
C VAL B 411 6.77 -17.98 43.36
N ILE B 412 7.48 -17.09 42.68
CA ILE B 412 6.97 -15.76 42.37
C ILE B 412 6.94 -15.61 40.84
N LYS B 413 5.77 -15.30 40.31
CA LYS B 413 5.53 -15.16 38.88
C LYS B 413 5.34 -13.71 38.52
N THR B 414 5.56 -13.42 37.24
CA THR B 414 5.61 -12.04 36.77
C THR B 414 4.32 -11.29 37.05
N GLY B 415 3.18 -11.91 36.81
CA GLY B 415 1.91 -11.22 36.99
C GLY B 415 1.76 -10.12 35.96
N THR B 416 1.48 -8.91 36.44
CA THR B 416 1.31 -7.75 35.56
C THR B 416 2.55 -6.87 35.48
N CYS B 417 3.64 -7.24 36.13
CA CYS B 417 4.83 -6.40 36.12
C CYS B 417 5.55 -6.51 34.79
N PRO B 418 6.26 -5.46 34.37
CA PRO B 418 7.05 -5.51 33.14
C PRO B 418 8.35 -6.29 33.26
N PHE B 419 8.68 -6.79 34.45
CA PHE B 419 9.88 -7.57 34.68
C PHE B 419 9.53 -8.77 35.54
N SER B 420 10.35 -9.81 35.46
CA SER B 420 10.17 -11.01 36.25
C SER B 420 10.95 -10.93 37.55
N PHE B 421 10.44 -11.62 38.58
CA PHE B 421 11.12 -11.62 39.87
C PHE B 421 12.49 -12.31 39.79
N ASP B 422 12.58 -13.38 39.02
CA ASP B 422 13.84 -14.10 38.89
C ASP B 422 14.87 -13.35 38.05
N LYS B 423 14.46 -12.29 37.35
CA LYS B 423 15.38 -11.49 36.56
C LYS B 423 15.80 -10.19 37.24
N LEU B 424 15.38 -9.97 38.49
CA LEU B 424 15.79 -8.77 39.20
C LEU B 424 17.28 -8.76 39.49
N ASN B 425 17.89 -9.93 39.70
CA ASN B 425 19.31 -10.03 39.92
C ASN B 425 20.11 -10.07 38.62
N ASN B 426 19.54 -9.58 37.53
CA ASN B 426 20.16 -9.62 36.21
C ASN B 426 20.58 -8.23 35.75
N TYR B 427 21.10 -7.43 36.68
CA TYR B 427 21.60 -6.08 36.41
C TYR B 427 20.49 -5.17 35.88
N LEU B 428 19.35 -5.21 36.56
CA LEU B 428 18.27 -4.26 36.30
C LEU B 428 18.46 -3.03 37.18
N THR B 429 18.25 -1.85 36.60
CA THR B 429 18.53 -0.59 37.28
C THR B 429 17.24 0.15 37.58
N PHE B 430 17.17 0.76 38.75
CA PHE B 430 16.02 1.53 39.20
C PHE B 430 16.50 2.76 39.93
N ASN B 431 15.63 3.77 40.01
CA ASN B 431 15.84 4.89 40.91
C ASN B 431 15.13 4.71 42.25
N LYS B 432 14.15 3.79 42.31
CA LYS B 432 13.43 3.50 43.53
C LYS B 432 12.73 2.16 43.35
N PHE B 433 12.82 1.30 44.35
CA PHE B 433 12.22 -0.04 44.28
C PHE B 433 11.73 -0.42 45.66
N CYS B 434 10.42 -0.64 45.79
CA CYS B 434 9.81 -1.01 47.06
C CYS B 434 8.85 -2.17 46.86
N LEU B 435 8.87 -3.12 47.78
CA LEU B 435 7.97 -4.25 47.80
C LEU B 435 6.98 -4.08 48.96
N SER B 436 5.70 -4.31 48.68
CA SER B 436 4.66 -4.09 49.66
C SER B 436 3.63 -5.20 49.59
N LEU B 437 2.84 -5.31 50.66
CA LEU B 437 1.72 -6.25 50.72
C LEU B 437 0.38 -5.56 50.54
N HIS B 438 0.38 -4.27 50.22
CA HIS B 438 -0.85 -3.50 50.07
C HIS B 438 -0.96 -2.94 48.66
N PRO B 439 -2.16 -2.91 48.08
CA PRO B 439 -2.29 -2.58 46.67
C PRO B 439 -2.22 -1.09 46.34
N VAL B 440 -2.32 -0.20 47.33
CA VAL B 440 -2.41 1.22 47.05
C VAL B 440 -1.05 1.73 46.59
N GLY B 441 -1.05 2.60 45.58
CA GLY B 441 0.15 3.23 45.08
C GLY B 441 1.07 2.33 44.28
N ALA B 442 0.68 1.10 44.00
CA ALA B 442 1.56 0.14 43.34
C ALA B 442 1.45 0.25 41.83
N ASN B 443 2.61 0.22 41.16
CA ASN B 443 2.61 0.22 39.70
C ASN B 443 2.20 -1.14 39.15
N CYS B 444 2.63 -2.22 39.81
CA CYS B 444 2.35 -3.57 39.33
C CYS B 444 2.43 -4.52 40.52
N LYS B 445 2.03 -5.76 40.28
CA LYS B 445 2.05 -6.78 41.32
C LYS B 445 2.59 -8.09 40.76
N PHE B 446 3.32 -8.81 41.60
CA PHE B 446 3.76 -10.16 41.32
C PHE B 446 2.70 -11.16 41.78
N ASP B 447 2.84 -12.41 41.35
CA ASP B 447 1.91 -13.47 41.72
C ASP B 447 2.66 -14.50 42.57
N VAL B 448 2.33 -14.55 43.85
CA VAL B 448 2.91 -15.57 44.73
C VAL B 448 2.09 -16.86 44.56
N ALA B 449 2.78 -17.94 44.22
CA ALA B 449 2.11 -19.20 43.92
C ALA B 449 2.79 -20.34 44.65
N ALA B 450 2.02 -21.39 44.89
CA ALA B 450 2.51 -22.65 45.43
C ALA B 450 2.52 -23.68 44.32
N ARG B 451 3.69 -24.27 44.07
CA ARG B 451 3.86 -25.29 42.99
C ARG B 451 3.89 -26.69 43.62
N THR B 452 2.92 -27.53 43.28
CA THR B 452 2.83 -28.89 43.73
C THR B 452 3.40 -29.82 42.66
N ARG B 453 3.24 -31.12 42.86
CA ARG B 453 3.72 -32.09 41.88
C ARG B 453 2.88 -32.11 40.61
N THR B 454 1.70 -31.48 40.61
CA THR B 454 0.80 -31.59 39.47
C THR B 454 0.39 -30.22 38.93
N ASN B 455 0.20 -29.24 39.81
CA ASN B 455 -0.34 -27.95 39.41
C ASN B 455 0.46 -26.83 40.08
N GLU B 456 0.00 -25.60 39.85
CA GLU B 456 0.63 -24.40 40.45
C GLU B 456 -0.51 -23.42 40.73
N GLN B 457 -0.74 -23.04 41.98
CA GLN B 457 -1.89 -22.23 42.34
C GLN B 457 -1.45 -20.92 42.99
N VAL B 458 -2.02 -19.82 42.52
CA VAL B 458 -1.71 -18.50 43.06
C VAL B 458 -2.48 -18.30 44.37
N VAL B 459 -1.77 -17.82 45.39
CA VAL B 459 -2.37 -17.63 46.70
C VAL B 459 -2.24 -16.21 47.23
N ARG B 460 -1.27 -15.42 46.80
CA ARG B 460 -1.06 -14.08 47.34
C ARG B 460 -0.61 -13.15 46.23
N SER B 461 -0.46 -11.87 46.59
CA SER B 461 0.01 -10.84 45.68
C SER B 461 1.07 -10.01 46.38
N LEU B 462 2.16 -9.71 45.68
CA LEU B 462 3.23 -8.86 46.18
C LEU B 462 3.33 -7.65 45.26
N TYR B 463 3.02 -6.47 45.79
CA TYR B 463 2.94 -5.27 45.00
C TYR B 463 4.30 -4.58 44.93
N VAL B 464 4.55 -3.94 43.79
CA VAL B 464 5.85 -3.32 43.49
C VAL B 464 5.62 -1.85 43.19
N ILE B 465 6.43 -0.99 43.79
CA ILE B 465 6.48 0.43 43.47
C ILE B 465 7.88 0.73 42.97
N TYR B 466 8.02 1.10 41.71
CA TYR B 466 9.33 1.28 41.10
C TYR B 466 9.38 2.56 40.29
N GLU B 467 10.58 3.08 40.13
CA GLU B 467 10.85 4.25 39.30
C GLU B 467 12.07 3.97 38.42
N GLU B 468 11.93 4.23 37.12
CA GLU B 468 13.02 3.95 36.18
C GLU B 468 14.21 4.87 36.46
N GLY B 469 15.41 4.31 36.34
CA GLY B 469 16.61 5.08 36.62
C GLY B 469 17.83 4.17 36.59
N ASP B 470 18.91 4.65 37.23
CA ASP B 470 20.14 3.89 37.26
C ASP B 470 20.85 3.94 38.61
N ASN B 471 20.23 4.48 39.65
CA ASN B 471 20.91 4.60 40.94
C ASN B 471 21.02 3.27 41.67
N ILE B 472 20.04 2.39 41.54
CA ILE B 472 19.99 1.12 42.26
C ILE B 472 20.02 -0.01 41.24
N ALA B 473 20.93 -0.95 41.43
CA ALA B 473 21.11 -2.08 40.52
C ALA B 473 20.92 -3.40 41.26
N GLY B 474 20.20 -4.32 40.63
CA GLY B 474 20.07 -5.67 41.15
C GLY B 474 21.19 -6.57 40.67
N VAL B 475 21.92 -7.19 41.59
CA VAL B 475 23.12 -7.95 41.22
C VAL B 475 22.92 -9.42 41.58
N PRO B 476 23.59 -10.35 40.90
CA PRO B 476 23.45 -11.77 41.27
C PRO B 476 23.89 -12.07 42.69
N SER B 477 24.94 -11.42 43.18
CA SER B 477 25.45 -11.66 44.52
C SER B 477 26.35 -10.51 44.92
N ASP B 478 26.66 -10.44 46.21
CA ASP B 478 27.58 -9.44 46.72
C ASP B 478 29.01 -9.74 46.28
N ASN B 479 29.77 -8.67 46.01
CA ASN B 479 31.14 -8.81 45.58
C ASN B 479 32.03 -9.30 46.71
N ASP B 484 34.34 -4.15 42.02
CA ASP B 484 34.06 -3.48 40.75
C ASP B 484 33.14 -4.34 39.88
N LEU B 485 32.03 -3.75 39.46
CA LEU B 485 31.06 -4.42 38.59
C LEU B 485 31.39 -4.29 37.11
N SER B 486 32.42 -3.53 36.76
CA SER B 486 32.76 -3.26 35.36
C SER B 486 33.72 -4.34 34.87
N VAL B 487 33.20 -5.30 34.11
CA VAL B 487 33.99 -6.34 33.48
C VAL B 487 33.74 -6.27 31.98
N LEU B 488 34.81 -6.22 31.20
CA LEU B 488 34.70 -6.04 29.75
C LEU B 488 35.61 -7.04 29.06
N HIS B 489 35.02 -7.88 28.21
CA HIS B 489 35.76 -8.81 27.38
C HIS B 489 35.88 -8.23 25.97
N LEU B 490 37.10 -8.19 25.45
CA LEU B 490 37.37 -7.53 24.18
C LEU B 490 37.81 -8.54 23.12
N ASP B 491 37.56 -8.20 21.87
CA ASP B 491 38.02 -8.95 20.70
C ASP B 491 37.45 -10.37 20.67
N SER B 492 36.25 -10.56 21.21
CA SER B 492 35.58 -11.85 21.16
C SER B 492 34.09 -11.63 21.34
N CYS B 493 33.31 -12.62 20.91
CA CYS B 493 31.87 -12.55 21.05
C CYS B 493 31.49 -12.62 22.53
N THR B 494 30.56 -11.78 22.94
CA THR B 494 30.16 -11.73 24.33
C THR B 494 28.75 -11.17 24.44
N ASP B 495 28.08 -11.52 25.52
CA ASP B 495 26.80 -10.94 25.89
C ASP B 495 27.06 -9.71 26.76
N TYR B 496 26.70 -8.54 26.26
CA TYR B 496 27.05 -7.29 26.92
C TYR B 496 25.82 -6.61 27.49
N ASN B 497 26.01 -5.99 28.66
CA ASN B 497 25.06 -5.08 29.29
C ASN B 497 25.84 -3.81 29.59
N ILE B 498 25.76 -2.82 28.69
CA ILE B 498 26.53 -1.59 28.78
C ILE B 498 25.56 -0.44 28.95
N TYR B 499 25.61 0.22 30.11
CA TYR B 499 24.79 1.40 30.40
C TYR B 499 23.31 1.13 30.18
N GLY B 500 22.89 -0.10 30.45
CA GLY B 500 21.49 -0.48 30.30
C GLY B 500 21.13 -1.10 28.98
N LYS B 501 21.99 -1.05 27.98
CA LYS B 501 21.73 -1.63 26.67
C LYS B 501 22.35 -3.01 26.59
N THR B 502 21.57 -4.01 26.20
CA THR B 502 22.00 -5.39 26.21
C THR B 502 22.05 -5.94 24.78
N GLY B 503 22.94 -6.90 24.57
CA GLY B 503 23.03 -7.52 23.26
C GLY B 503 24.13 -8.56 23.21
N ILE B 504 24.38 -9.04 21.99
CA ILE B 504 25.46 -9.97 21.70
C ILE B 504 26.35 -9.34 20.65
N GLY B 505 27.66 -9.34 20.89
CA GLY B 505 28.54 -8.70 19.93
C GLY B 505 29.99 -8.81 20.33
N ILE B 506 30.83 -8.24 19.47
CA ILE B 506 32.27 -8.14 19.68
C ILE B 506 32.60 -6.68 19.93
N ILE B 507 33.35 -6.44 21.01
CA ILE B 507 33.69 -5.09 21.45
C ILE B 507 35.17 -4.86 21.21
N ARG B 508 35.50 -3.81 20.48
CA ARG B 508 36.89 -3.49 20.14
C ARG B 508 37.19 -2.05 20.54
N GLN B 509 38.48 -1.77 20.67
CA GLN B 509 38.96 -0.44 21.03
C GLN B 509 39.36 0.31 19.77
N THR B 510 38.90 1.55 19.65
CA THR B 510 39.16 2.37 18.47
C THR B 510 40.05 3.56 18.83
N ASN B 511 40.65 4.15 17.79
CA ASN B 511 41.45 5.36 17.94
C ASN B 511 40.63 6.64 17.87
N SER B 512 39.35 6.54 17.52
CA SER B 512 38.55 7.73 17.27
C SER B 512 38.35 8.55 18.54
N THR B 513 38.19 9.85 18.35
CA THR B 513 37.97 10.80 19.45
C THR B 513 36.66 11.52 19.20
N LEU B 514 35.60 11.06 19.85
CA LEU B 514 34.31 11.75 19.85
C LEU B 514 34.20 12.53 21.15
N LEU B 515 34.01 13.84 21.04
CA LEU B 515 34.11 14.73 22.18
C LEU B 515 32.84 14.83 23.00
N SER B 516 31.75 14.21 22.56
CA SER B 516 30.46 14.37 23.20
C SER B 516 29.80 13.02 23.41
N GLY B 517 29.03 12.92 24.49
CA GLY B 517 28.17 11.78 24.72
C GLY B 517 28.84 10.64 25.45
N LEU B 518 28.01 9.67 25.84
CA LEU B 518 28.45 8.47 26.53
C LEU B 518 28.35 7.22 25.67
N TYR B 519 27.28 7.08 24.89
CA TYR B 519 27.13 5.94 23.99
C TYR B 519 26.39 6.39 22.75
N TYR B 520 26.48 5.56 21.70
CA TYR B 520 25.94 5.90 20.39
C TYR B 520 25.13 4.74 19.85
N THR B 521 24.02 5.05 19.20
CA THR B 521 23.14 4.04 18.64
C THR B 521 22.91 4.31 17.15
N SER B 522 22.41 3.30 16.46
CA SER B 522 22.09 3.40 15.05
C SER B 522 20.66 3.89 14.87
N LEU B 523 20.24 4.03 13.61
CA LEU B 523 18.89 4.48 13.32
C LEU B 523 17.85 3.47 13.78
N SER B 524 18.22 2.19 13.81
CA SER B 524 17.33 1.13 14.29
C SER B 524 17.37 0.97 15.80
N GLY B 525 18.22 1.72 16.50
CA GLY B 525 18.32 1.65 17.94
C GLY B 525 19.33 0.67 18.49
N ASP B 526 20.24 0.17 17.65
CA ASP B 526 21.25 -0.78 18.10
C ASP B 526 22.50 -0.04 18.53
N LEU B 527 23.11 -0.52 19.61
CA LEU B 527 24.31 0.12 20.15
C LEU B 527 25.49 -0.07 19.20
N LEU B 528 26.15 1.03 18.84
CA LEU B 528 27.31 0.99 17.95
C LEU B 528 28.61 1.29 18.67
N GLY B 529 28.60 2.13 19.70
CA GLY B 529 29.82 2.43 20.43
C GLY B 529 29.50 3.09 21.75
N PHE B 530 30.50 3.07 22.63
CA PHE B 530 30.35 3.66 23.95
C PHE B 530 31.71 4.13 24.44
N LYS B 531 31.69 5.04 25.41
CA LYS B 531 32.90 5.67 25.91
C LYS B 531 33.19 5.20 27.32
N ASN B 532 34.47 4.94 27.59
CA ASN B 532 34.93 4.68 28.95
C ASN B 532 35.05 6.00 29.70
N VAL B 533 34.38 6.10 30.86
CA VAL B 533 34.31 7.37 31.58
C VAL B 533 35.57 7.68 32.39
N THR B 534 36.57 6.80 32.36
CA THR B 534 37.79 7.06 33.11
C THR B 534 38.87 7.72 32.26
N ASP B 535 39.05 7.23 31.03
CA ASP B 535 40.09 7.77 30.15
C ASP B 535 39.55 8.30 28.84
N GLY B 536 38.25 8.17 28.57
CA GLY B 536 37.69 8.72 27.35
C GLY B 536 37.87 7.87 26.10
N VAL B 537 38.33 6.63 26.25
CA VAL B 537 38.51 5.77 25.09
C VAL B 537 37.14 5.31 24.58
N VAL B 538 36.99 5.32 23.25
CA VAL B 538 35.75 4.90 22.61
C VAL B 538 35.90 3.47 22.11
N TYR B 539 34.95 2.62 22.48
CA TYR B 539 34.88 1.24 22.02
C TYR B 539 33.72 1.10 21.04
N SER B 540 33.94 0.28 20.01
CA SER B 540 32.93 -0.04 19.02
C SER B 540 32.40 -1.44 19.27
N VAL B 541 31.15 -1.67 18.83
CA VAL B 541 30.46 -2.94 18.99
C VAL B 541 30.00 -3.39 17.60
N THR B 542 30.32 -4.63 17.25
CA THR B 542 29.89 -5.22 15.98
C THR B 542 29.18 -6.53 16.24
N PRO B 543 28.30 -6.95 15.32
CA PRO B 543 27.64 -8.26 15.48
C PRO B 543 28.64 -9.40 15.37
N CYS B 544 28.35 -10.48 16.09
CA CYS B 544 29.19 -11.68 16.01
C CYS B 544 29.01 -12.40 14.68
N ASP B 545 27.77 -12.47 14.19
CA ASP B 545 27.46 -13.12 12.93
C ASP B 545 26.80 -12.12 11.99
N VAL B 546 27.09 -12.26 10.69
CA VAL B 546 26.58 -11.35 9.68
C VAL B 546 25.85 -12.15 8.60
N SER B 547 25.13 -11.42 7.75
CA SER B 547 24.44 -12.04 6.63
C SER B 547 25.41 -12.36 5.51
N ALA B 548 25.24 -13.53 4.90
CA ALA B 548 26.06 -13.97 3.79
C ALA B 548 25.17 -14.48 2.68
N GLN B 549 25.74 -14.63 1.49
CA GLN B 549 25.01 -15.14 0.34
C GLN B 549 25.62 -16.47 -0.08
N ALA B 550 24.81 -17.53 -0.09
CA ALA B 550 25.26 -18.85 -0.49
C ALA B 550 24.84 -19.12 -1.93
N ALA B 551 25.78 -19.61 -2.74
CA ALA B 551 25.52 -19.95 -4.13
C ALA B 551 25.23 -21.44 -4.22
N VAL B 552 24.04 -21.78 -4.70
CA VAL B 552 23.58 -23.16 -4.79
C VAL B 552 23.43 -23.53 -6.26
N ILE B 553 24.16 -24.56 -6.69
CA ILE B 553 24.11 -25.08 -8.05
C ILE B 553 23.93 -26.58 -7.96
N ASP B 554 22.89 -27.10 -8.60
CA ASP B 554 22.58 -28.53 -8.62
C ASP B 554 22.41 -29.09 -7.20
N GLY B 555 21.79 -28.29 -6.33
CA GLY B 555 21.45 -28.77 -5.00
C GLY B 555 22.60 -28.92 -4.05
N THR B 556 23.72 -28.24 -4.30
CA THR B 556 24.85 -28.25 -3.38
C THR B 556 25.38 -26.85 -3.23
N ILE B 557 26.02 -26.58 -2.10
CA ILE B 557 26.65 -25.30 -1.83
C ILE B 557 28.06 -25.32 -2.41
N VAL B 558 28.32 -24.44 -3.36
CA VAL B 558 29.63 -24.36 -3.99
C VAL B 558 30.38 -23.09 -3.62
N GLY B 559 29.72 -22.09 -3.04
CA GLY B 559 30.40 -20.87 -2.67
C GLY B 559 29.58 -20.01 -1.74
N ALA B 560 30.25 -19.05 -1.12
CA ALA B 560 29.61 -18.15 -0.17
C ALA B 560 30.31 -16.80 -0.22
N MET B 561 29.53 -15.75 -0.40
CA MET B 561 29.98 -14.37 -0.32
C MET B 561 29.73 -13.86 1.09
N THR B 562 30.77 -13.34 1.73
CA THR B 562 30.69 -12.96 3.13
C THR B 562 31.59 -11.75 3.38
N SER B 563 31.31 -11.05 4.48
CA SER B 563 32.09 -9.88 4.86
C SER B 563 33.14 -10.17 5.93
N ILE B 564 33.11 -11.35 6.54
CA ILE B 564 34.09 -11.74 7.55
C ILE B 564 35.01 -12.79 6.93
N ASN B 565 36.31 -12.63 7.16
CA ASN B 565 37.29 -13.59 6.66
C ASN B 565 37.39 -14.78 7.61
N SER B 566 36.30 -15.53 7.69
CA SER B 566 36.23 -16.75 8.48
C SER B 566 35.47 -17.81 7.70
N GLU B 567 35.79 -19.07 7.96
CA GLU B 567 35.16 -20.17 7.24
C GLU B 567 33.70 -20.29 7.63
N LEU B 568 32.87 -20.73 6.67
CA LEU B 568 31.45 -20.87 6.90
C LEU B 568 30.88 -21.91 5.96
N LEU B 569 29.77 -22.51 6.37
CA LEU B 569 28.99 -23.44 5.54
C LEU B 569 29.82 -24.63 5.06
N GLY B 570 30.88 -24.97 5.79
CA GLY B 570 31.73 -26.07 5.41
C GLY B 570 32.77 -25.75 4.35
N LEU B 571 32.89 -24.49 3.93
CA LEU B 571 33.86 -24.10 2.91
C LEU B 571 35.16 -23.66 3.59
N THR B 572 36.28 -24.03 2.96
CA THR B 572 37.60 -23.76 3.53
C THR B 572 38.43 -22.82 2.66
N HIS B 573 38.54 -23.09 1.37
CA HIS B 573 39.30 -22.22 0.48
C HIS B 573 38.55 -20.92 0.25
N TRP B 574 39.32 -19.83 0.08
CA TRP B 574 38.71 -18.51 -0.07
C TRP B 574 39.59 -17.64 -0.95
N THR B 575 38.96 -16.59 -1.48
CA THR B 575 39.64 -15.58 -2.28
C THR B 575 39.10 -14.21 -1.91
N THR B 576 39.88 -13.19 -2.23
CA THR B 576 39.57 -11.81 -1.87
C THR B 576 39.04 -11.07 -3.09
N THR B 577 37.96 -10.32 -2.89
CA THR B 577 37.33 -9.49 -3.89
C THR B 577 37.27 -8.07 -3.37
N PRO B 578 37.30 -7.06 -4.25
CA PRO B 578 37.26 -5.68 -3.76
C PRO B 578 36.04 -5.33 -2.92
N ASN B 579 35.00 -6.16 -2.91
CA ASN B 579 33.80 -5.86 -2.15
C ASN B 579 33.48 -6.88 -1.05
N PHE B 580 34.05 -8.08 -1.10
CA PHE B 580 33.71 -9.13 -0.14
C PHE B 580 34.79 -10.21 -0.18
N TYR B 581 34.64 -11.20 0.70
CA TYR B 581 35.40 -12.43 0.66
C TYR B 581 34.53 -13.52 0.04
N TYR B 582 35.13 -14.38 -0.77
CA TYR B 582 34.40 -15.45 -1.44
C TYR B 582 35.02 -16.79 -1.06
N TYR B 583 34.30 -17.57 -0.27
CA TYR B 583 34.71 -18.92 0.04
C TYR B 583 34.11 -19.89 -0.98
N SER B 584 34.84 -20.96 -1.26
CA SER B 584 34.45 -21.84 -2.35
C SER B 584 34.98 -23.24 -2.11
N ILE B 585 34.39 -24.20 -2.84
CA ILE B 585 34.97 -25.54 -2.91
C ILE B 585 36.15 -25.59 -3.88
N TYR B 586 36.30 -24.57 -4.72
CA TYR B 586 37.41 -24.51 -5.66
C TYR B 586 38.74 -24.32 -4.91
N ASN B 587 39.79 -24.93 -5.44
CA ASN B 587 41.12 -24.86 -4.85
C ASN B 587 41.73 -23.49 -5.10
N TYR B 588 41.59 -22.60 -4.13
CA TYR B 588 42.26 -21.31 -4.18
C TYR B 588 43.56 -21.36 -3.38
N THR B 589 44.59 -20.73 -3.92
CA THR B 589 45.90 -20.71 -3.26
C THR B 589 45.86 -19.84 -2.02
N VAL B 603 40.33 -18.10 -14.07
CA VAL B 603 39.74 -19.41 -14.33
C VAL B 603 38.81 -19.34 -15.53
N ASP B 604 39.00 -20.23 -16.49
CA ASP B 604 38.19 -20.29 -17.70
C ASP B 604 37.11 -21.35 -17.50
N CYS B 605 35.90 -20.90 -17.18
CA CYS B 605 34.76 -21.81 -17.03
C CYS B 605 33.50 -21.06 -17.40
N GLU B 606 32.46 -21.84 -17.73
CA GLU B 606 31.17 -21.26 -18.10
C GLU B 606 30.37 -21.00 -16.83
N PRO B 607 30.07 -19.76 -16.48
CA PRO B 607 29.31 -19.49 -15.26
C PRO B 607 27.91 -20.08 -15.34
N ILE B 608 27.46 -20.59 -14.20
CA ILE B 608 26.12 -21.16 -14.09
C ILE B 608 25.14 -20.14 -13.52
N ILE B 609 25.52 -19.44 -12.46
CA ILE B 609 24.66 -18.42 -11.88
C ILE B 609 25.38 -17.08 -11.88
N THR B 610 24.74 -16.06 -12.42
CA THR B 610 25.38 -14.77 -12.58
C THR B 610 24.51 -13.65 -12.03
N TYR B 611 25.16 -12.61 -11.54
CA TYR B 611 24.49 -11.35 -11.21
C TYR B 611 25.48 -10.22 -11.46
N SER B 612 25.08 -9.25 -12.27
CA SER B 612 25.92 -8.11 -12.62
C SER B 612 27.20 -8.58 -13.30
N ASN B 613 28.35 -8.28 -12.70
CA ASN B 613 29.64 -8.71 -13.22
C ASN B 613 30.17 -9.95 -12.51
N ILE B 614 29.38 -10.57 -11.64
CA ILE B 614 29.81 -11.72 -10.85
C ILE B 614 29.19 -12.97 -11.43
N GLY B 615 29.98 -14.02 -11.57
CA GLY B 615 29.47 -15.31 -12.01
C GLY B 615 30.09 -16.44 -11.22
N VAL B 616 29.29 -17.48 -11.00
CA VAL B 616 29.71 -18.68 -10.30
C VAL B 616 29.52 -19.86 -11.23
N CYS B 617 30.59 -20.63 -11.41
CA CYS B 617 30.64 -21.81 -12.26
C CYS B 617 30.22 -23.05 -11.48
N LYS B 618 30.19 -24.19 -12.17
CA LYS B 618 29.78 -25.44 -11.53
C LYS B 618 30.80 -25.92 -10.51
N ASN B 619 32.09 -25.65 -10.75
CA ASN B 619 33.15 -26.08 -9.85
C ASN B 619 33.39 -25.09 -8.71
N GLY B 620 32.59 -24.03 -8.62
CA GLY B 620 32.70 -23.08 -7.54
C GLY B 620 33.60 -21.89 -7.80
N ALA B 621 34.27 -21.83 -8.95
CA ALA B 621 35.15 -20.72 -9.24
C ALA B 621 34.36 -19.45 -9.52
N LEU B 622 34.96 -18.32 -9.14
CA LEU B 622 34.36 -17.00 -9.33
C LEU B 622 34.91 -16.38 -10.61
N VAL B 623 34.03 -15.88 -11.48
CA VAL B 623 34.42 -15.32 -12.75
C VAL B 623 33.80 -13.94 -12.93
N PHE B 624 34.43 -13.16 -13.79
CA PHE B 624 33.96 -11.82 -14.13
C PHE B 624 33.09 -11.88 -15.38
N ILE B 625 31.97 -11.17 -15.35
CA ILE B 625 31.05 -11.09 -16.47
C ILE B 625 31.20 -9.70 -17.09
N ASN B 626 31.72 -9.65 -18.31
CA ASN B 626 31.88 -8.38 -19.00
C ASN B 626 30.67 -8.10 -19.88
N VAL B 627 30.59 -6.86 -20.37
CA VAL B 627 29.48 -6.47 -21.22
C VAL B 627 29.58 -7.17 -22.57
N THR B 628 28.44 -7.46 -23.17
CA THR B 628 28.39 -8.14 -24.46
C THR B 628 29.10 -7.31 -25.54
N HIS B 629 29.80 -8.00 -26.44
CA HIS B 629 30.51 -7.38 -27.53
C HIS B 629 29.83 -7.68 -28.85
N SER B 630 29.83 -6.71 -29.76
CA SER B 630 29.27 -6.88 -31.09
C SER B 630 30.18 -6.18 -32.10
N ASP B 631 30.01 -6.55 -33.37
CA ASP B 631 30.83 -5.97 -34.43
C ASP B 631 30.54 -4.48 -34.59
N GLY B 632 29.28 -4.08 -34.47
CA GLY B 632 28.89 -2.69 -34.62
C GLY B 632 27.72 -2.54 -35.57
N ASP B 633 27.22 -1.31 -35.63
CA ASP B 633 26.09 -0.98 -36.49
C ASP B 633 26.58 -0.50 -37.85
N VAL B 634 25.85 -0.89 -38.89
CA VAL B 634 26.15 -0.40 -40.23
C VAL B 634 25.81 1.08 -40.32
N GLN B 635 26.73 1.87 -40.84
CA GLN B 635 26.51 3.30 -40.87
C GLN B 635 26.11 3.75 -42.28
N PRO B 636 25.28 4.79 -42.39
CA PRO B 636 24.85 5.29 -43.71
C PRO B 636 25.94 6.09 -44.42
N ILE B 637 27.08 5.45 -44.58
CA ILE B 637 28.24 6.13 -45.21
C ILE B 637 28.34 5.65 -46.65
N SER B 638 28.60 6.54 -47.56
CA SER B 638 28.83 6.23 -48.97
C SER B 638 30.07 6.95 -49.48
N THR B 639 31.15 6.88 -48.72
CA THR B 639 32.42 7.47 -49.10
C THR B 639 33.54 6.55 -48.64
N GLY B 640 34.36 6.07 -49.57
CA GLY B 640 35.50 5.26 -49.20
C GLY B 640 35.19 3.79 -49.11
N ASN B 641 35.99 3.03 -48.37
CA ASN B 641 35.81 1.59 -48.26
C ASN B 641 34.75 1.30 -47.19
N VAL B 642 33.66 0.66 -47.60
CA VAL B 642 32.55 0.38 -46.71
C VAL B 642 32.21 -1.10 -46.78
N THR B 643 31.56 -1.60 -45.73
CA THR B 643 31.25 -3.01 -45.58
C THR B 643 29.74 -3.20 -45.54
N ILE B 644 29.26 -4.18 -46.31
CA ILE B 644 27.84 -4.51 -46.41
C ILE B 644 27.68 -5.97 -46.00
N PRO B 645 26.78 -6.30 -45.08
CA PRO B 645 26.58 -7.71 -44.72
C PRO B 645 26.09 -8.53 -45.91
N THR B 646 26.64 -9.72 -46.06
CA THR B 646 26.38 -10.57 -47.22
C THR B 646 25.78 -11.91 -46.88
N ASN B 647 26.41 -12.70 -46.01
CA ASN B 647 26.03 -14.08 -45.76
C ASN B 647 25.19 -14.13 -44.50
N PHE B 648 23.93 -14.57 -44.65
CA PHE B 648 22.95 -14.47 -43.58
C PHE B 648 22.48 -15.84 -43.15
N THR B 649 22.36 -16.02 -41.84
CA THR B 649 21.67 -17.13 -41.23
C THR B 649 20.43 -16.61 -40.50
N ILE B 650 19.69 -17.51 -39.87
CA ILE B 650 18.45 -17.18 -39.18
C ILE B 650 18.66 -17.31 -37.68
N SER B 651 18.22 -16.30 -36.94
CA SER B 651 18.18 -16.35 -35.49
C SER B 651 16.74 -16.16 -35.02
N VAL B 652 16.32 -16.94 -34.03
CA VAL B 652 14.98 -16.84 -33.48
C VAL B 652 15.08 -16.40 -32.03
N GLN B 653 14.34 -15.35 -31.68
CA GLN B 653 14.33 -14.79 -30.34
C GLN B 653 12.93 -14.85 -29.77
N VAL B 654 12.83 -15.19 -28.48
CA VAL B 654 11.56 -15.45 -27.82
C VAL B 654 11.31 -14.35 -26.81
N GLU B 655 10.11 -13.77 -26.86
CA GLU B 655 9.72 -12.74 -25.90
C GLU B 655 8.33 -13.02 -25.35
N TYR B 656 8.15 -12.84 -24.05
CA TYR B 656 6.85 -13.03 -23.41
C TYR B 656 6.30 -11.69 -22.98
N ILE B 657 5.02 -11.44 -23.29
CA ILE B 657 4.33 -10.24 -22.84
C ILE B 657 2.98 -10.64 -22.23
N GLN B 658 2.69 -10.12 -21.05
CA GLN B 658 1.41 -10.34 -20.41
C GLN B 658 0.34 -9.45 -21.03
N VAL B 659 -0.85 -10.02 -21.21
CA VAL B 659 -1.95 -9.33 -21.87
C VAL B 659 -3.11 -9.08 -20.91
N TYR B 660 -3.38 -10.01 -20.00
CA TYR B 660 -4.52 -9.88 -19.12
C TYR B 660 -4.20 -10.48 -17.76
N THR B 661 -4.99 -10.08 -16.76
CA THR B 661 -4.88 -10.61 -15.40
C THR B 661 -5.93 -11.69 -15.18
N THR B 662 -5.95 -12.23 -13.96
CA THR B 662 -6.98 -13.16 -13.54
C THR B 662 -7.99 -12.38 -12.69
N PRO B 663 -9.15 -11.97 -13.24
CA PRO B 663 -10.09 -11.13 -12.51
C PRO B 663 -10.86 -11.86 -11.38
N VAL B 664 -11.11 -11.13 -10.30
CA VAL B 664 -11.79 -11.76 -9.14
C VAL B 664 -13.01 -10.92 -8.73
N SER B 665 -14.10 -11.57 -8.40
CA SER B 665 -15.27 -10.87 -7.82
C SER B 665 -15.29 -11.23 -6.33
N ILE B 666 -15.53 -10.25 -5.49
CA ILE B 666 -15.61 -10.43 -4.05
C ILE B 666 -17.00 -10.03 -3.58
N ASP B 667 -17.64 -10.91 -2.81
CA ASP B 667 -18.86 -10.56 -2.08
C ASP B 667 -18.41 -10.01 -0.73
N CYS B 668 -18.47 -8.69 -0.57
CA CYS B 668 -17.94 -8.05 0.63
C CYS B 668 -18.69 -8.52 1.87
N SER B 669 -20.02 -8.64 1.78
CA SER B 669 -20.81 -9.06 2.93
C SER B 669 -20.44 -10.48 3.38
N ARG B 670 -20.21 -11.39 2.42
CA ARG B 670 -19.86 -12.75 2.79
C ARG B 670 -18.44 -12.85 3.31
N TYR B 671 -17.52 -12.03 2.79
CA TYR B 671 -16.16 -12.05 3.32
C TYR B 671 -16.11 -11.50 4.74
N VAL B 672 -16.75 -10.35 4.97
CA VAL B 672 -16.71 -9.74 6.30
C VAL B 672 -17.51 -10.56 7.29
N CYS B 673 -18.72 -10.96 6.92
CA CYS B 673 -19.60 -11.73 7.77
C CYS B 673 -19.85 -13.08 7.14
N ASN B 674 -19.58 -14.14 7.88
CA ASN B 674 -19.69 -15.49 7.32
C ASN B 674 -21.13 -15.95 7.30
N GLY B 675 -22.01 -15.14 6.70
CA GLY B 675 -23.42 -15.45 6.62
C GLY B 675 -24.24 -15.15 7.86
N ASN B 676 -23.64 -14.57 8.88
CA ASN B 676 -24.35 -14.33 10.13
C ASN B 676 -25.30 -13.15 9.99
N PRO B 677 -26.60 -13.31 10.26
CA PRO B 677 -27.52 -12.16 10.11
C PRO B 677 -27.21 -10.99 11.02
N ARG B 678 -26.77 -11.23 12.25
CA ARG B 678 -26.45 -10.12 13.15
C ARG B 678 -25.24 -9.34 12.67
N CYS B 679 -24.24 -10.04 12.15
CA CYS B 679 -23.09 -9.36 11.56
C CYS B 679 -23.51 -8.53 10.35
N ASN B 680 -24.46 -9.04 9.55
CA ASN B 680 -24.97 -8.26 8.43
C ASN B 680 -25.69 -7.01 8.91
N LYS B 681 -26.48 -7.13 9.99
CA LYS B 681 -27.14 -5.96 10.55
C LYS B 681 -26.12 -4.92 11.02
N LEU B 682 -25.04 -5.38 11.64
CA LEU B 682 -23.97 -4.47 12.04
C LEU B 682 -23.30 -3.82 10.83
N LEU B 683 -23.07 -4.61 9.78
CA LEU B 683 -22.38 -4.11 8.59
C LEU B 683 -23.26 -3.20 7.75
N THR B 684 -24.57 -3.16 8.03
CA THR B 684 -25.43 -2.19 7.37
C THR B 684 -24.98 -0.75 7.63
N GLN B 685 -24.22 -0.52 8.70
CA GLN B 685 -23.66 0.80 8.98
C GLN B 685 -22.36 1.06 8.23
N TYR B 686 -21.72 0.04 7.67
CA TYR B 686 -20.52 0.19 6.85
C TYR B 686 -20.78 -0.10 5.38
N VAL B 687 -22.06 -0.31 5.03
CA VAL B 687 -22.44 -0.68 3.66
C VAL B 687 -21.75 0.18 2.61
N SER B 688 -21.41 1.43 2.94
CA SER B 688 -20.73 2.29 1.98
C SER B 688 -19.37 1.75 1.58
N ALA B 689 -18.61 1.24 2.55
CA ALA B 689 -17.29 0.68 2.26
C ALA B 689 -17.38 -0.54 1.35
N CYS B 690 -18.34 -1.44 1.64
CA CYS B 690 -18.54 -2.61 0.81
C CYS B 690 -18.97 -2.20 -0.60
N GLN B 691 -19.83 -1.18 -0.71
CA GLN B 691 -20.24 -0.70 -2.03
C GLN B 691 -19.04 -0.17 -2.80
N THR B 692 -18.17 0.59 -2.14
CA THR B 692 -16.99 1.12 -2.81
C THR B 692 -16.08 -0.01 -3.30
N ILE B 693 -15.86 -1.02 -2.45
CA ILE B 693 -14.99 -2.13 -2.83
C ILE B 693 -15.56 -2.89 -4.02
N GLU B 694 -16.86 -3.23 -3.96
CA GLU B 694 -17.47 -3.96 -5.05
C GLU B 694 -17.45 -3.16 -6.35
N GLN B 695 -17.75 -1.86 -6.26
CA GLN B 695 -17.77 -1.03 -7.45
C GLN B 695 -16.39 -0.93 -8.08
N ALA B 696 -15.35 -0.77 -7.27
CA ALA B 696 -13.99 -0.70 -7.81
C ALA B 696 -13.62 -2.00 -8.52
N LEU B 697 -13.87 -3.14 -7.88
CA LEU B 697 -13.52 -4.41 -8.50
C LEU B 697 -14.30 -4.65 -9.79
N ALA B 698 -15.60 -4.38 -9.77
CA ALA B 698 -16.43 -4.61 -10.96
C ALA B 698 -16.02 -3.70 -12.10
N MET B 699 -15.74 -2.42 -11.80
CA MET B 699 -15.32 -1.50 -12.86
C MET B 699 -13.98 -1.90 -13.45
N GLY B 700 -13.04 -2.33 -12.60
CA GLY B 700 -11.77 -2.80 -13.14
C GLY B 700 -11.93 -4.00 -14.06
N ALA B 701 -12.74 -4.98 -13.64
CA ALA B 701 -12.97 -6.14 -14.48
C ALA B 701 -13.64 -5.76 -15.79
N ARG B 702 -14.63 -4.87 -15.74
CA ARG B 702 -15.34 -4.47 -16.96
C ARG B 702 -14.41 -3.74 -17.92
N LEU B 703 -13.57 -2.83 -17.41
CA LEU B 703 -12.63 -2.14 -18.28
C LEU B 703 -11.65 -3.11 -18.92
N GLU B 704 -11.13 -4.08 -18.19
CA GLU B 704 -10.15 -4.99 -18.84
C GLU B 704 -10.88 -5.87 -19.84
N ASN B 705 -12.10 -6.31 -19.54
CA ASN B 705 -12.81 -7.12 -20.54
C ASN B 705 -13.07 -6.33 -21.81
N MET B 706 -13.45 -5.05 -21.67
CA MET B 706 -13.65 -4.21 -22.84
C MET B 706 -12.36 -4.04 -23.63
N GLU B 707 -11.24 -3.86 -22.93
CA GLU B 707 -9.95 -3.71 -23.60
C GLU B 707 -9.56 -4.98 -24.35
N VAL B 708 -9.73 -6.13 -23.72
CA VAL B 708 -9.33 -7.39 -24.36
C VAL B 708 -10.23 -7.71 -25.54
N ASP B 709 -11.53 -7.39 -25.42
CA ASP B 709 -12.48 -7.74 -26.46
C ASP B 709 -12.15 -7.07 -27.80
N SER B 710 -11.72 -5.81 -27.75
CA SER B 710 -11.44 -5.07 -28.98
C SER B 710 -10.11 -5.45 -29.63
N MET B 711 -9.30 -6.27 -28.97
CA MET B 711 -7.97 -6.61 -29.47
C MET B 711 -7.94 -7.89 -30.28
N LEU B 712 -8.72 -8.90 -29.88
CA LEU B 712 -8.66 -10.21 -30.50
C LEU B 712 -9.66 -10.34 -31.64
N PHE B 713 -9.24 -11.05 -32.69
CA PHE B 713 -10.09 -11.31 -33.85
C PHE B 713 -9.55 -12.53 -34.57
N VAL B 714 -10.41 -13.15 -35.38
CA VAL B 714 -10.02 -14.30 -36.18
C VAL B 714 -10.55 -14.12 -37.59
N SER B 715 -9.98 -14.90 -38.51
CA SER B 715 -10.45 -14.99 -39.89
C SER B 715 -10.74 -16.45 -40.20
N GLU B 716 -11.91 -16.72 -40.77
CA GLU B 716 -12.30 -18.11 -41.03
C GLU B 716 -11.34 -18.79 -42.02
N ASN B 717 -11.04 -18.10 -43.12
CA ASN B 717 -10.13 -18.67 -44.11
C ASN B 717 -8.73 -18.85 -43.54
N ALA B 718 -8.27 -17.89 -42.74
CA ALA B 718 -6.97 -18.02 -42.11
C ALA B 718 -6.95 -19.19 -41.12
N LEU B 719 -8.04 -19.39 -40.38
CA LEU B 719 -8.12 -20.50 -39.45
C LEU B 719 -8.18 -21.85 -40.18
N LYS B 720 -8.72 -21.88 -41.39
CA LYS B 720 -8.77 -23.12 -42.13
C LYS B 720 -7.38 -23.65 -42.45
N LEU B 721 -6.43 -22.75 -42.72
CA LEU B 721 -5.06 -23.15 -43.03
C LEU B 721 -4.17 -23.28 -41.81
N ALA B 722 -4.64 -22.88 -40.63
CA ALA B 722 -3.81 -22.82 -39.43
C ALA B 722 -3.82 -24.17 -38.72
N SER B 723 -3.03 -25.10 -39.25
CA SER B 723 -2.87 -26.40 -38.63
C SER B 723 -1.65 -27.08 -39.24
N VAL B 724 -1.11 -28.05 -38.50
CA VAL B 724 0.02 -28.81 -39.02
C VAL B 724 -0.41 -29.68 -40.20
N GLU B 725 -1.64 -30.22 -40.14
CA GLU B 725 -2.13 -31.04 -41.24
C GLU B 725 -2.30 -30.24 -42.52
N ALA B 726 -2.81 -29.01 -42.41
CA ALA B 726 -2.99 -28.17 -43.60
C ALA B 726 -1.65 -27.79 -44.23
N PHE B 727 -0.65 -27.47 -43.41
CA PHE B 727 0.65 -27.11 -43.93
C PHE B 727 1.39 -28.31 -44.52
N ASN B 728 0.99 -29.53 -44.18
CA ASN B 728 1.63 -30.73 -44.66
C ASN B 728 0.95 -31.32 -45.90
N SER B 729 -0.10 -30.68 -46.40
CA SER B 729 -0.81 -31.15 -47.58
C SER B 729 -0.82 -30.06 -48.64
N THR B 730 -1.17 -30.46 -49.87
CA THR B 730 -1.26 -29.56 -51.00
C THR B 730 -2.71 -29.34 -51.43
N GLU B 731 -3.67 -29.61 -50.55
CA GLU B 731 -5.08 -29.48 -50.91
C GLU B 731 -5.45 -28.03 -51.22
N HIS B 732 -4.95 -27.09 -50.42
CA HIS B 732 -5.32 -25.69 -50.57
C HIS B 732 -4.36 -24.89 -51.45
N LEU B 733 -3.31 -25.52 -51.97
CA LEU B 733 -2.36 -24.79 -52.79
C LEU B 733 -3.00 -24.37 -54.12
N ASP B 734 -2.65 -23.17 -54.55
CA ASP B 734 -3.05 -22.71 -55.87
C ASP B 734 -2.38 -23.58 -56.93
N PRO B 735 -3.11 -23.98 -57.98
CA PRO B 735 -2.52 -24.88 -58.99
C PRO B 735 -1.25 -24.34 -59.65
N ILE B 736 -0.96 -23.04 -59.55
CA ILE B 736 0.28 -22.52 -60.11
C ILE B 736 1.50 -22.86 -59.28
N TYR B 737 1.32 -23.54 -58.15
CA TYR B 737 2.42 -23.98 -57.29
C TYR B 737 2.54 -25.49 -57.27
N LYS B 738 2.37 -26.13 -58.43
CA LYS B 738 2.42 -27.59 -58.51
C LYS B 738 3.79 -28.15 -58.17
N GLU B 739 4.85 -27.34 -58.30
CA GLU B 739 6.19 -27.82 -57.95
C GLU B 739 6.34 -28.03 -56.46
N TRP B 740 5.74 -27.16 -55.65
CA TRP B 740 5.88 -27.27 -54.20
C TRP B 740 5.08 -28.46 -53.68
N PRO B 741 5.69 -29.36 -52.91
CA PRO B 741 4.93 -30.52 -52.39
C PRO B 741 3.79 -30.13 -51.46
N ASN B 742 3.96 -29.09 -50.64
CA ASN B 742 2.95 -28.69 -49.68
C ASN B 742 3.19 -27.23 -49.31
N ILE B 743 2.38 -26.73 -48.38
CA ILE B 743 2.53 -25.35 -47.93
C ILE B 743 3.79 -25.19 -47.09
N GLY B 744 4.03 -26.11 -46.15
CA GLY B 744 5.13 -25.95 -45.22
C GLY B 744 6.49 -26.00 -45.89
N GLY B 745 6.70 -26.95 -46.78
CA GLY B 745 7.97 -27.05 -47.48
C GLY B 745 9.10 -27.36 -46.52
N SER B 746 10.24 -26.68 -46.73
CA SER B 746 11.41 -26.90 -45.89
C SER B 746 11.26 -26.27 -44.51
N TRP B 747 10.35 -25.31 -44.35
CA TRP B 747 10.15 -24.64 -43.07
C TRP B 747 9.27 -25.46 -42.12
N LEU B 748 8.60 -26.50 -42.62
CA LEU B 748 7.66 -27.25 -41.80
C LEU B 748 8.32 -27.85 -40.57
N GLY B 749 9.59 -28.26 -40.69
CA GLY B 749 10.28 -28.82 -39.54
C GLY B 749 10.33 -27.90 -38.35
N GLY B 750 10.27 -26.59 -38.60
CA GLY B 750 10.19 -25.63 -37.52
C GLY B 750 8.77 -25.21 -37.23
N LEU B 751 7.91 -25.27 -38.24
CA LEU B 751 6.53 -24.81 -38.07
C LEU B 751 5.66 -25.84 -37.37
N LYS B 752 6.08 -27.10 -37.28
CA LYS B 752 5.26 -28.13 -36.65
C LYS B 752 5.17 -27.96 -35.14
N ASP B 753 6.09 -27.22 -34.52
CA ASP B 753 6.04 -26.96 -33.10
C ASP B 753 5.30 -25.68 -32.76
N ILE B 754 4.97 -24.84 -33.75
CA ILE B 754 4.31 -23.57 -33.53
C ILE B 754 2.86 -23.60 -33.97
N LEU B 755 2.55 -24.28 -35.07
CA LEU B 755 1.18 -24.38 -35.53
C LEU B 755 0.38 -25.36 -34.68
N PRO B 756 -0.92 -25.15 -34.53
CA PRO B 756 -1.75 -26.13 -33.81
C PRO B 756 -1.81 -27.46 -34.53
N SER B 757 -1.95 -28.53 -33.74
CA SER B 757 -1.98 -29.88 -34.24
C SER B 757 -3.10 -30.65 -33.56
N HIS B 758 -3.56 -31.71 -34.23
CA HIS B 758 -4.60 -32.57 -33.65
C HIS B 758 -4.09 -33.35 -32.45
N ASN B 759 -2.79 -33.54 -32.32
CA ASN B 759 -2.21 -34.23 -31.16
C ASN B 759 -2.01 -33.22 -30.03
N SER B 760 -3.14 -32.71 -29.53
CA SER B 760 -3.13 -31.69 -28.50
C SER B 760 -4.23 -31.98 -27.49
N LYS B 761 -4.00 -31.52 -26.25
CA LYS B 761 -5.00 -31.70 -25.20
C LYS B 761 -6.27 -30.93 -25.51
N ARG B 762 -6.13 -29.70 -26.00
CA ARG B 762 -7.26 -28.84 -26.33
C ARG B 762 -7.21 -28.45 -27.80
N LYS B 763 -8.27 -27.81 -28.26
CA LYS B 763 -8.37 -27.41 -29.65
C LYS B 763 -7.41 -26.26 -29.95
N TYR B 764 -6.88 -26.26 -31.18
CA TYR B 764 -5.99 -25.22 -31.70
C TYR B 764 -4.70 -25.09 -30.87
N ARG B 765 -4.37 -26.12 -30.12
CA ARG B 765 -3.20 -26.09 -29.23
C ARG B 765 -1.99 -26.67 -29.94
N SER B 766 -0.83 -26.04 -29.74
CA SER B 766 0.41 -26.47 -30.34
C SER B 766 1.34 -27.07 -29.30
N ALA B 767 2.47 -27.58 -29.77
CA ALA B 767 3.42 -28.26 -28.88
C ALA B 767 4.00 -27.31 -27.85
N ILE B 768 4.46 -26.13 -28.29
CA ILE B 768 5.05 -25.17 -27.38
C ILE B 768 4.01 -24.65 -26.39
N GLU B 769 2.78 -24.46 -26.85
CA GLU B 769 1.72 -24.01 -25.95
C GLU B 769 1.45 -25.05 -24.86
N ASP B 770 1.40 -26.33 -25.23
CA ASP B 770 1.21 -27.37 -24.22
C ASP B 770 2.39 -27.42 -23.25
N LEU B 771 3.62 -27.31 -23.77
CA LEU B 771 4.77 -27.32 -22.88
C LEU B 771 4.73 -26.16 -21.89
N LEU B 772 4.35 -24.97 -22.36
CA LEU B 772 4.30 -23.80 -21.49
C LEU B 772 3.13 -23.84 -20.51
N PHE B 773 2.01 -24.44 -20.89
CA PHE B 773 0.87 -24.54 -19.98
C PHE B 773 0.98 -25.72 -19.02
N ASP B 774 1.91 -26.64 -19.25
CA ASP B 774 2.12 -27.75 -18.33
C ASP B 774 3.38 -27.60 -17.50
N LYS B 775 4.43 -27.00 -18.04
CA LYS B 775 5.66 -26.85 -17.28
C LYS B 775 5.66 -25.60 -16.40
N VAL B 776 4.65 -24.75 -16.51
CA VAL B 776 4.56 -23.55 -15.69
C VAL B 776 3.31 -23.50 -14.83
N VAL B 777 2.25 -24.21 -15.19
CA VAL B 777 1.03 -24.21 -14.41
C VAL B 777 0.71 -25.62 -13.92
N VAL B 784 -7.05 -24.41 -12.83
CA VAL B 784 -7.48 -25.80 -12.81
C VAL B 784 -8.92 -25.90 -13.32
N ASP B 785 -9.81 -26.34 -12.44
CA ASP B 785 -11.22 -26.51 -12.77
C ASP B 785 -12.00 -25.28 -12.35
N GLU B 786 -12.81 -24.76 -13.29
CA GLU B 786 -13.57 -23.52 -13.07
C GLU B 786 -15.06 -23.81 -12.89
N ASP B 787 -15.44 -25.07 -12.64
CA ASP B 787 -16.83 -25.42 -12.43
C ASP B 787 -17.19 -25.17 -10.97
N TYR B 788 -18.23 -24.38 -10.74
CA TYR B 788 -18.64 -24.06 -9.37
C TYR B 788 -19.67 -25.06 -8.89
N LYS B 789 -20.30 -25.81 -9.78
CA LYS B 789 -21.35 -26.73 -9.36
C LYS B 789 -20.78 -27.83 -8.46
N ARG B 790 -19.50 -28.13 -8.58
CA ARG B 790 -18.89 -29.20 -7.78
C ARG B 790 -18.65 -28.79 -6.34
N CYS B 791 -18.51 -27.49 -6.06
CA CYS B 791 -18.18 -27.05 -4.72
C CYS B 791 -19.32 -27.33 -3.75
N THR B 792 -20.57 -27.13 -4.18
CA THR B 792 -21.73 -27.31 -3.33
C THR B 792 -22.23 -28.74 -3.29
N GLY B 793 -21.59 -29.66 -4.02
CA GLY B 793 -22.06 -31.04 -4.03
C GLY B 793 -21.88 -31.74 -2.70
N GLY B 794 -20.77 -31.48 -2.02
CA GLY B 794 -20.51 -32.10 -0.73
C GLY B 794 -20.08 -33.55 -0.78
N TYR B 795 -19.49 -33.99 -1.90
CA TYR B 795 -19.15 -35.43 -2.07
C TYR B 795 -17.76 -35.72 -1.54
N ASP B 796 -17.04 -34.68 -1.17
CA ASP B 796 -15.72 -34.85 -0.59
C ASP B 796 -15.36 -33.56 0.13
N ILE B 797 -14.19 -33.58 0.79
CA ILE B 797 -13.69 -32.39 1.45
C ILE B 797 -13.34 -31.34 0.41
N ALA B 798 -13.77 -30.11 0.64
CA ALA B 798 -13.54 -29.03 -0.32
C ALA B 798 -12.05 -28.74 -0.48
N ASP B 799 -11.66 -28.38 -1.70
CA ASP B 799 -10.28 -27.99 -1.98
C ASP B 799 -10.12 -26.49 -1.73
N LEU B 800 -8.97 -25.95 -2.14
CA LEU B 800 -8.66 -24.55 -1.87
C LEU B 800 -9.62 -23.61 -2.59
N VAL B 801 -9.93 -23.90 -3.86
CA VAL B 801 -10.80 -23.02 -4.64
C VAL B 801 -12.21 -23.02 -4.06
N CYS B 802 -12.73 -24.19 -3.70
CA CYS B 802 -14.07 -24.25 -3.12
C CYS B 802 -14.12 -23.54 -1.77
N ALA B 803 -13.07 -23.67 -0.96
CA ALA B 803 -13.03 -22.95 0.30
C ALA B 803 -13.01 -21.44 0.09
N GLN B 804 -12.22 -20.96 -0.87
CA GLN B 804 -12.21 -19.54 -1.19
C GLN B 804 -13.59 -19.07 -1.64
N TYR B 805 -14.31 -19.89 -2.40
CA TYR B 805 -15.68 -19.55 -2.85
C TYR B 805 -16.54 -19.44 -1.63
N TYR B 806 -16.41 -20.40 -0.71
CA TYR B 806 -17.18 -20.34 0.54
C TYR B 806 -16.89 -19.07 1.31
N ASN B 807 -15.69 -18.51 1.18
CA ASN B 807 -15.34 -17.25 1.82
C ASN B 807 -15.80 -16.04 1.02
N GLY B 808 -16.53 -16.21 -0.07
CA GLY B 808 -17.01 -15.07 -0.87
C GLY B 808 -16.02 -14.60 -1.92
N ILE B 809 -15.04 -15.41 -2.26
CA ILE B 809 -14.01 -15.02 -3.27
C ILE B 809 -14.25 -15.82 -4.57
N MET B 810 -14.72 -15.14 -5.61
CA MET B 810 -15.05 -15.82 -6.90
C MET B 810 -14.02 -15.46 -7.97
N VAL B 811 -13.21 -16.43 -8.41
CA VAL B 811 -12.32 -16.20 -9.59
C VAL B 811 -13.16 -16.31 -10.86
N LEU B 812 -13.23 -15.27 -11.67
CA LEU B 812 -14.04 -15.24 -12.91
C LEU B 812 -13.44 -16.14 -14.00
N PRO B 813 -14.23 -16.59 -15.02
CA PRO B 813 -13.73 -17.54 -16.02
C PRO B 813 -12.58 -16.99 -16.83
N GLY B 814 -11.61 -17.86 -17.11
CA GLY B 814 -10.44 -17.47 -17.87
C GLY B 814 -10.06 -18.45 -18.96
N VAL B 815 -10.71 -19.62 -18.99
CA VAL B 815 -10.44 -20.59 -20.04
C VAL B 815 -10.89 -20.04 -21.40
N ALA B 816 -12.00 -19.30 -21.41
CA ALA B 816 -12.48 -18.71 -22.65
C ALA B 816 -11.46 -17.72 -23.21
N ASN B 817 -10.84 -16.91 -22.35
CA ASN B 817 -9.84 -15.97 -22.81
C ASN B 817 -8.61 -16.69 -23.37
N ASP B 818 -8.20 -17.79 -22.74
CA ASP B 818 -7.08 -18.56 -23.26
C ASP B 818 -7.41 -19.16 -24.63
N ASP B 819 -8.64 -19.67 -24.79
CA ASP B 819 -9.04 -20.20 -26.09
C ASP B 819 -9.08 -19.10 -27.15
N LYS B 820 -9.58 -17.92 -26.78
CA LYS B 820 -9.60 -16.80 -27.72
C LYS B 820 -8.19 -16.40 -28.13
N MET B 821 -7.27 -16.35 -27.16
CA MET B 821 -5.89 -15.99 -27.49
C MET B 821 -5.25 -17.03 -28.40
N THR B 822 -5.52 -18.32 -28.12
CA THR B 822 -4.96 -19.38 -28.96
C THR B 822 -5.49 -19.29 -30.39
N MET B 823 -6.80 -19.11 -30.55
CA MET B 823 -7.38 -18.94 -31.90
C MET B 823 -6.84 -17.67 -32.57
N TYR B 824 -6.65 -16.58 -31.82
CA TYR B 824 -6.10 -15.35 -32.37
C TYR B 824 -4.71 -15.57 -32.93
N THR B 825 -3.83 -16.22 -32.16
CA THR B 825 -2.48 -16.49 -32.63
C THR B 825 -2.49 -17.45 -33.82
N ALA B 826 -3.37 -18.46 -33.79
CA ALA B 826 -3.45 -19.39 -34.90
C ALA B 826 -3.89 -18.68 -36.17
N SER B 827 -4.88 -17.79 -36.07
CA SER B 827 -5.33 -17.05 -37.24
C SER B 827 -4.24 -16.12 -37.76
N LEU B 828 -3.49 -15.49 -36.86
CA LEU B 828 -2.37 -14.65 -37.29
C LEU B 828 -1.33 -15.48 -38.04
N ALA B 829 -1.03 -16.68 -37.55
CA ALA B 829 -0.08 -17.55 -38.23
C ALA B 829 -0.60 -18.00 -39.59
N GLY B 830 -1.89 -18.34 -39.67
CA GLY B 830 -2.45 -18.83 -40.92
C GLY B 830 -2.70 -17.77 -41.96
N GLY B 831 -2.78 -16.49 -41.55
CA GLY B 831 -2.98 -15.44 -42.52
C GLY B 831 -1.77 -15.11 -43.37
N ILE B 832 -0.58 -15.59 -42.98
CA ILE B 832 0.63 -15.33 -43.77
C ILE B 832 0.53 -16.01 -45.13
N THR B 833 -0.07 -17.19 -45.19
CA THR B 833 -0.11 -17.99 -46.40
C THR B 833 -1.44 -17.90 -47.14
N LEU B 834 -2.30 -16.95 -46.80
CA LEU B 834 -3.60 -16.79 -47.46
C LEU B 834 -3.41 -15.94 -48.71
N GLY B 835 -3.65 -16.53 -49.88
CA GLY B 835 -3.40 -15.83 -51.13
C GLY B 835 -4.35 -14.66 -51.37
N ALA B 836 -5.64 -14.87 -51.11
CA ALA B 836 -6.65 -13.84 -51.32
C ALA B 836 -7.66 -13.88 -50.19
N LEU B 837 -8.39 -12.77 -50.02
CA LEU B 837 -9.27 -12.59 -48.88
C LEU B 837 -10.74 -12.87 -49.18
N GLY B 838 -11.25 -12.45 -50.33
CA GLY B 838 -12.67 -12.48 -50.54
C GLY B 838 -13.28 -13.80 -50.96
N GLY B 839 -12.49 -14.85 -51.10
CA GLY B 839 -13.02 -16.11 -51.60
C GLY B 839 -12.81 -17.28 -50.68
N GLY B 840 -12.32 -18.39 -51.23
CA GLY B 840 -12.03 -19.58 -50.46
C GLY B 840 -10.65 -19.53 -49.85
N ALA B 841 -10.25 -20.66 -49.26
CA ALA B 841 -8.96 -20.79 -48.59
C ALA B 841 -7.89 -21.21 -49.60
N VAL B 842 -7.53 -20.27 -50.46
CA VAL B 842 -6.43 -20.45 -51.41
C VAL B 842 -5.13 -20.10 -50.69
N ALA B 843 -4.15 -20.98 -50.81
CA ALA B 843 -2.92 -20.87 -50.04
C ALA B 843 -1.71 -20.73 -50.96
N ILE B 844 -0.67 -20.09 -50.43
CA ILE B 844 0.61 -19.97 -51.11
C ILE B 844 1.66 -20.67 -50.26
N PRO B 845 2.75 -21.12 -50.87
CA PRO B 845 3.82 -21.74 -50.07
C PRO B 845 4.45 -20.75 -49.11
N PHE B 846 4.93 -21.27 -47.99
CA PHE B 846 5.57 -20.42 -46.99
C PHE B 846 6.84 -19.79 -47.55
N ALA B 847 7.51 -20.47 -48.47
CA ALA B 847 8.72 -19.94 -49.09
C ALA B 847 8.43 -18.66 -49.86
N VAL B 848 7.27 -18.59 -50.52
CA VAL B 848 6.90 -17.40 -51.27
C VAL B 848 6.72 -16.21 -50.34
N ALA B 849 6.07 -16.43 -49.19
CA ALA B 849 5.91 -15.36 -48.21
C ALA B 849 7.26 -14.92 -47.66
N VAL B 850 8.15 -15.87 -47.37
CA VAL B 850 9.47 -15.51 -46.89
C VAL B 850 10.22 -14.70 -47.94
N GLN B 851 10.08 -15.06 -49.22
CA GLN B 851 10.72 -14.30 -50.29
C GLN B 851 10.17 -12.88 -50.38
N ALA B 852 8.85 -12.73 -50.19
CA ALA B 852 8.28 -11.40 -50.17
C ALA B 852 8.83 -10.56 -49.02
N ARG B 853 8.98 -11.18 -47.85
CA ARG B 853 9.57 -10.46 -46.72
C ARG B 853 11.02 -10.07 -47.00
N LEU B 854 11.77 -10.97 -47.64
CA LEU B 854 13.15 -10.67 -48.00
C LEU B 854 13.22 -9.50 -48.97
N ASN B 855 12.33 -9.49 -49.97
CA ASN B 855 12.28 -8.37 -50.90
C ASN B 855 11.94 -7.07 -50.19
N TYR B 856 11.07 -7.14 -49.18
CA TYR B 856 10.77 -5.95 -48.40
C TYR B 856 12.00 -5.46 -47.65
N VAL B 857 12.80 -6.38 -47.12
CA VAL B 857 14.04 -5.99 -46.43
C VAL B 857 15.01 -5.35 -47.43
N ALA B 858 15.24 -6.01 -48.55
CA ALA B 858 16.11 -5.48 -49.59
C ALA B 858 15.74 -6.16 -50.90
N LEU B 859 15.66 -5.36 -51.97
CA LEU B 859 15.27 -5.89 -53.27
C LEU B 859 16.25 -6.96 -53.74
N GLN B 860 15.77 -8.19 -53.87
CA GLN B 860 16.62 -9.31 -54.24
C GLN B 860 16.94 -9.26 -55.73
N THR B 861 18.24 -9.29 -56.05
CA THR B 861 18.70 -9.18 -57.42
C THR B 861 19.30 -10.47 -57.96
N ASP B 862 19.28 -11.54 -57.17
CA ASP B 862 19.78 -12.85 -57.62
C ASP B 862 18.58 -13.79 -57.70
N VAL B 863 17.88 -13.74 -58.83
CA VAL B 863 16.68 -14.56 -59.00
C VAL B 863 17.04 -16.03 -59.14
N LEU B 864 18.07 -16.34 -59.93
CA LEU B 864 18.41 -17.73 -60.17
C LEU B 864 19.07 -18.36 -58.95
N ASN B 865 20.21 -17.82 -58.52
CA ASN B 865 20.97 -18.38 -57.40
C ASN B 865 20.36 -17.88 -56.10
N LYS B 866 19.37 -18.63 -55.61
CA LYS B 866 18.73 -18.36 -54.33
C LYS B 866 18.94 -19.55 -53.41
N ASN B 867 19.29 -19.27 -52.15
CA ASN B 867 19.52 -20.30 -51.15
C ASN B 867 18.63 -20.00 -49.94
N GLN B 868 17.37 -20.43 -50.02
CA GLN B 868 16.48 -20.38 -48.87
C GLN B 868 16.57 -21.64 -48.01
N GLN B 869 17.26 -22.67 -48.51
CA GLN B 869 17.43 -23.88 -47.73
C GLN B 869 18.27 -23.63 -46.49
N ILE B 870 19.29 -22.78 -46.61
CA ILE B 870 20.12 -22.43 -45.46
C ILE B 870 19.28 -21.75 -44.39
N LEU B 871 18.46 -20.78 -44.80
CA LEU B 871 17.60 -20.07 -43.86
C LEU B 871 16.59 -21.02 -43.21
N ALA B 872 16.00 -21.91 -44.00
CA ALA B 872 15.04 -22.86 -43.46
C ALA B 872 15.68 -23.83 -42.47
N ASN B 873 16.89 -24.32 -42.77
CA ASN B 873 17.56 -25.21 -41.84
C ASN B 873 17.92 -24.49 -40.54
N ALA B 874 18.40 -23.25 -40.65
CA ALA B 874 18.70 -22.49 -39.44
C ALA B 874 17.44 -22.27 -38.61
N PHE B 875 16.32 -21.94 -39.26
CA PHE B 875 15.06 -21.75 -38.54
C PHE B 875 14.62 -23.04 -37.87
N ASN B 876 14.72 -24.17 -38.57
CA ASN B 876 14.30 -25.44 -37.99
C ASN B 876 15.14 -25.81 -36.79
N GLN B 877 16.46 -25.64 -36.88
CA GLN B 877 17.32 -25.95 -35.74
C GLN B 877 17.05 -25.01 -34.57
N ALA B 878 16.83 -23.72 -34.85
CA ALA B 878 16.52 -22.79 -33.77
C ALA B 878 15.22 -23.15 -33.07
N ILE B 879 14.18 -23.50 -33.83
CA ILE B 879 12.91 -23.84 -33.22
C ILE B 879 13.03 -25.14 -32.44
N GLY B 880 13.82 -26.09 -32.95
CA GLY B 880 14.05 -27.33 -32.21
C GLY B 880 14.74 -27.08 -30.88
N ASN B 881 15.76 -26.22 -30.87
CA ASN B 881 16.44 -25.89 -29.63
C ASN B 881 15.49 -25.19 -28.66
N ILE B 882 14.66 -24.28 -29.17
CA ILE B 882 13.71 -23.58 -28.30
C ILE B 882 12.71 -24.57 -27.70
N THR B 883 12.20 -25.49 -28.52
CA THR B 883 11.26 -26.49 -28.02
C THR B 883 11.90 -27.38 -26.97
N GLN B 884 13.16 -27.78 -27.19
CA GLN B 884 13.86 -28.58 -26.19
C GLN B 884 14.05 -27.81 -24.90
N ALA B 885 14.38 -26.53 -24.99
CA ALA B 885 14.57 -25.71 -23.79
C ALA B 885 13.26 -25.48 -23.05
N PHE B 886 12.14 -25.44 -23.77
CA PHE B 886 10.84 -25.22 -23.13
C PHE B 886 10.29 -26.46 -22.45
N GLY B 887 10.88 -27.62 -22.66
CA GLY B 887 10.40 -28.84 -22.04
C GLY B 887 11.45 -29.55 -21.21
N LEU B 900 20.37 -19.26 -25.46
CA LEU B 900 18.96 -19.37 -25.11
C LEU B 900 18.62 -18.56 -23.87
N ALA B 901 19.19 -17.35 -23.77
CA ALA B 901 18.88 -16.48 -22.64
C ALA B 901 17.46 -15.93 -22.74
N THR B 902 16.96 -15.70 -23.95
CA THR B 902 15.61 -15.18 -24.12
C THR B 902 14.58 -16.18 -23.60
N VAL B 903 14.78 -17.47 -23.85
CA VAL B 903 13.86 -18.48 -23.35
C VAL B 903 13.85 -18.50 -21.83
N ALA B 904 15.03 -18.40 -21.21
CA ALA B 904 15.12 -18.38 -19.76
C ALA B 904 14.41 -17.15 -19.18
N LYS B 905 14.61 -15.99 -19.81
CA LYS B 905 13.94 -14.78 -19.35
C LYS B 905 12.42 -14.90 -19.47
N ALA B 906 11.95 -15.46 -20.59
CA ALA B 906 10.51 -15.65 -20.77
C ALA B 906 9.93 -16.58 -19.70
N LEU B 907 10.63 -17.71 -19.45
CA LEU B 907 10.15 -18.64 -18.44
C LEU B 907 10.11 -17.99 -17.06
N ALA B 908 11.15 -17.23 -16.71
CA ALA B 908 11.16 -16.54 -15.42
C ALA B 908 10.02 -15.56 -15.31
N LYS B 909 9.73 -14.82 -16.39
CA LYS B 909 8.64 -13.86 -16.36
C LYS B 909 7.29 -14.53 -16.16
N VAL B 910 7.01 -15.61 -16.89
CA VAL B 910 5.73 -16.30 -16.72
C VAL B 910 5.60 -16.89 -15.32
N GLN B 911 6.68 -17.48 -14.81
CA GLN B 911 6.65 -18.04 -13.46
C GLN B 911 6.38 -16.96 -12.42
N ASP B 912 7.02 -15.79 -12.57
CA ASP B 912 6.79 -14.71 -11.63
C ASP B 912 5.34 -14.23 -11.68
N VAL B 913 4.78 -14.12 -12.88
CA VAL B 913 3.38 -13.68 -13.00
C VAL B 913 2.46 -14.65 -12.28
N VAL B 914 2.64 -15.96 -12.52
CA VAL B 914 1.75 -16.95 -11.89
C VAL B 914 1.90 -16.91 -10.37
N ASN B 915 3.13 -16.85 -9.87
CA ASN B 915 3.34 -16.84 -8.43
C ASN B 915 2.71 -15.62 -7.78
N THR B 916 2.88 -14.44 -8.39
CA THR B 916 2.28 -13.24 -7.82
C THR B 916 0.76 -13.33 -7.80
N GLN B 917 0.17 -13.85 -8.88
CA GLN B 917 -1.28 -13.99 -8.92
C GLN B 917 -1.77 -14.92 -7.81
N GLY B 918 -1.07 -16.03 -7.59
CA GLY B 918 -1.49 -16.93 -6.52
C GLY B 918 -1.35 -16.32 -5.14
N GLN B 919 -0.22 -15.64 -4.88
CA GLN B 919 0.02 -15.08 -3.55
C GLN B 919 -0.96 -13.97 -3.22
N ALA B 920 -1.41 -13.20 -4.22
CA ALA B 920 -2.36 -12.12 -3.94
C ALA B 920 -3.63 -12.65 -3.30
N LEU B 921 -4.16 -13.76 -3.82
CA LEU B 921 -5.36 -14.35 -3.21
C LEU B 921 -5.04 -15.11 -1.94
N SER B 922 -3.87 -15.75 -1.86
CA SER B 922 -3.52 -16.49 -0.65
C SER B 922 -3.47 -15.56 0.57
N HIS B 923 -2.88 -14.38 0.42
CA HIS B 923 -2.78 -13.45 1.54
C HIS B 923 -4.16 -13.00 2.01
N LEU B 924 -5.05 -12.68 1.07
CA LEU B 924 -6.40 -12.26 1.43
C LEU B 924 -7.15 -13.37 2.14
N THR B 925 -7.02 -14.62 1.66
CA THR B 925 -7.69 -15.72 2.32
C THR B 925 -7.15 -15.95 3.73
N VAL B 926 -5.83 -15.84 3.91
CA VAL B 926 -5.26 -16.08 5.22
C VAL B 926 -5.53 -14.93 6.18
N GLN B 927 -5.92 -13.76 5.68
CA GLN B 927 -6.25 -12.66 6.57
C GLN B 927 -7.50 -12.91 7.40
N LEU B 928 -8.28 -13.94 7.06
CA LEU B 928 -9.51 -14.23 7.80
C LEU B 928 -9.27 -14.95 9.12
N GLN B 929 -8.05 -15.36 9.43
CA GLN B 929 -7.76 -15.99 10.74
C GLN B 929 -7.15 -14.98 11.72
N ASN B 930 -7.17 -13.69 11.39
CA ASN B 930 -6.68 -12.67 12.32
C ASN B 930 -7.76 -12.36 13.35
N ASN B 931 -7.39 -12.36 14.63
CA ASN B 931 -8.35 -12.09 15.68
C ASN B 931 -8.69 -10.60 15.76
N PHE B 932 -7.78 -9.73 15.34
CA PHE B 932 -7.95 -8.28 15.42
C PHE B 932 -8.30 -7.86 16.84
N GLN B 933 -7.54 -8.39 17.81
CA GLN B 933 -7.70 -8.06 19.23
C GLN B 933 -9.10 -8.40 19.73
N ALA B 934 -9.60 -9.57 19.33
CA ALA B 934 -10.87 -10.11 19.82
C ALA B 934 -10.64 -11.49 20.39
N ILE B 935 -11.64 -12.00 21.11
CA ILE B 935 -11.50 -13.29 21.76
C ILE B 935 -11.37 -14.41 20.74
N SER B 936 -11.96 -14.23 19.55
CA SER B 936 -11.91 -15.26 18.53
C SER B 936 -12.02 -14.60 17.16
N SER B 937 -11.59 -15.33 16.13
CA SER B 937 -11.75 -14.90 14.75
C SER B 937 -12.98 -15.51 14.09
N SER B 938 -13.80 -16.24 14.84
CA SER B 938 -15.03 -16.83 14.34
C SER B 938 -16.22 -16.07 14.91
N ILE B 939 -17.08 -15.58 14.03
CA ILE B 939 -18.26 -14.84 14.47
C ILE B 939 -19.26 -15.76 15.16
N SER B 940 -19.43 -16.98 14.63
CA SER B 940 -20.33 -17.94 15.27
C SER B 940 -19.86 -18.30 16.67
N ASP B 941 -18.54 -18.46 16.85
CA ASP B 941 -17.99 -18.71 18.17
C ASP B 941 -18.29 -17.55 19.12
N ILE B 942 -18.13 -16.32 18.64
CA ILE B 942 -18.37 -15.15 19.48
C ILE B 942 -19.84 -15.10 19.91
N TYR B 943 -20.75 -15.34 18.98
CA TYR B 943 -22.17 -15.27 19.31
C TYR B 943 -22.66 -16.47 20.11
N ASN B 944 -21.86 -17.53 20.21
CA ASN B 944 -22.22 -18.69 21.02
C ASN B 944 -21.63 -18.63 22.43
N ARG B 945 -20.86 -17.59 22.75
CA ARG B 945 -20.23 -17.47 24.05
C ARG B 945 -20.55 -16.18 24.79
N LEU B 946 -21.05 -15.15 24.11
CA LEU B 946 -21.28 -13.85 24.71
C LEU B 946 -22.69 -13.38 24.42
N ASP B 947 -23.21 -12.52 25.29
CA ASP B 947 -24.49 -11.88 25.05
C ASP B 947 -24.36 -10.89 23.88
N PRO B 948 -25.45 -10.63 23.17
CA PRO B 948 -25.39 -9.78 21.98
C PRO B 948 -24.78 -8.41 22.26
N PRO B 949 -25.10 -7.75 23.39
CA PRO B 949 -24.41 -6.49 23.68
C PRO B 949 -22.90 -6.64 23.82
N SER B 950 -22.44 -7.73 24.44
CA SER B 950 -21.00 -7.96 24.54
C SER B 950 -20.41 -8.48 23.25
N ALA B 951 -21.19 -9.22 22.45
CA ALA B 951 -20.69 -9.80 21.22
C ALA B 951 -20.57 -8.78 20.09
N ASP B 952 -21.41 -7.75 20.10
CA ASP B 952 -21.34 -6.74 19.03
C ASP B 952 -20.02 -6.01 19.05
N ALA B 953 -19.51 -5.68 20.24
CA ALA B 953 -18.23 -5.00 20.34
C ALA B 953 -17.10 -5.88 19.78
N GLN B 954 -17.15 -7.17 20.06
CA GLN B 954 -16.15 -8.08 19.52
C GLN B 954 -16.26 -8.19 18.00
N VAL B 955 -17.48 -8.24 17.48
CA VAL B 955 -17.67 -8.39 16.04
C VAL B 955 -17.25 -7.13 15.30
N ASP B 956 -17.37 -5.96 15.94
CA ASP B 956 -17.01 -4.71 15.28
C ASP B 956 -15.53 -4.67 14.92
N ARG B 957 -14.66 -5.18 15.80
CA ARG B 957 -13.23 -5.21 15.50
C ARG B 957 -12.93 -6.09 14.30
N LEU B 958 -13.54 -7.27 14.24
CA LEU B 958 -13.36 -8.14 13.08
C LEU B 958 -13.85 -7.47 11.81
N ILE B 959 -14.98 -6.77 11.89
CA ILE B 959 -15.52 -6.08 10.72
C ILE B 959 -14.53 -5.04 10.21
N THR B 960 -14.00 -4.22 11.11
CA THR B 960 -13.05 -3.18 10.70
C THR B 960 -11.79 -3.78 10.11
N GLY B 961 -11.24 -4.83 10.76
CA GLY B 961 -10.04 -5.44 10.24
C GLY B 961 -10.23 -6.04 8.85
N ARG B 962 -11.36 -6.72 8.64
CA ARG B 962 -11.61 -7.33 7.34
C ARG B 962 -11.87 -6.28 6.26
N LEU B 963 -12.53 -5.18 6.62
CA LEU B 963 -12.69 -4.09 5.66
C LEU B 963 -11.35 -3.49 5.27
N THR B 964 -10.45 -3.32 6.23
CA THR B 964 -9.11 -2.82 5.91
C THR B 964 -8.37 -3.78 4.98
N ALA B 965 -8.47 -5.09 5.25
CA ALA B 965 -7.82 -6.07 4.38
C ALA B 965 -8.38 -6.01 2.97
N LEU B 966 -9.70 -5.89 2.83
CA LEU B 966 -10.31 -5.79 1.51
C LEU B 966 -9.85 -4.53 0.78
N ASN B 967 -9.74 -3.41 1.50
CA ASN B 967 -9.26 -2.18 0.86
C ASN B 967 -7.84 -2.34 0.35
N ALA B 968 -6.96 -2.97 1.15
CA ALA B 968 -5.60 -3.21 0.70
C ALA B 968 -5.57 -4.09 -0.55
N PHE B 969 -6.38 -5.16 -0.56
CA PHE B 969 -6.44 -6.04 -1.71
C PHE B 969 -6.91 -5.30 -2.96
N VAL B 970 -7.92 -4.43 -2.80
CA VAL B 970 -8.43 -3.68 -3.94
C VAL B 970 -7.37 -2.75 -4.51
N SER B 971 -6.64 -2.05 -3.63
CA SER B 971 -5.60 -1.15 -4.09
C SER B 971 -4.52 -1.91 -4.87
N GLN B 972 -4.09 -3.05 -4.33
CA GLN B 972 -3.06 -3.82 -5.03
C GLN B 972 -3.57 -4.32 -6.38
N THR B 973 -4.83 -4.77 -6.43
CA THR B 973 -5.39 -5.24 -7.69
C THR B 973 -5.45 -4.12 -8.73
N LEU B 974 -5.84 -2.92 -8.32
CA LEU B 974 -5.91 -1.81 -9.27
C LEU B 974 -4.52 -1.46 -9.81
N THR B 975 -3.50 -1.46 -8.93
CA THR B 975 -2.15 -1.17 -9.42
C THR B 975 -1.69 -2.22 -10.42
N ARG B 976 -1.93 -3.49 -10.10
CA ARG B 976 -1.55 -4.59 -11.03
C ARG B 976 -2.27 -4.38 -12.36
N GLN B 977 -3.57 -4.02 -12.32
CA GLN B 977 -4.34 -3.85 -13.55
C GLN B 977 -3.78 -2.73 -14.41
N ALA B 978 -3.37 -1.62 -13.79
CA ALA B 978 -2.76 -0.54 -14.57
C ALA B 978 -1.46 -0.99 -15.24
N GLU B 979 -0.60 -1.71 -14.49
CA GLU B 979 0.63 -2.19 -15.08
C GLU B 979 0.36 -3.13 -16.26
N VAL B 980 -0.60 -4.04 -16.09
CA VAL B 980 -0.93 -4.97 -17.16
C VAL B 980 -1.57 -4.24 -18.34
N ARG B 981 -2.25 -3.12 -18.10
CA ARG B 981 -2.79 -2.34 -19.20
C ARG B 981 -1.66 -1.76 -20.06
N ALA B 982 -0.62 -1.23 -19.42
CA ALA B 982 0.54 -0.76 -20.18
C ALA B 982 1.19 -1.91 -20.95
N SER B 983 1.34 -3.07 -20.30
CA SER B 983 1.91 -4.23 -20.98
C SER B 983 1.07 -4.66 -22.17
N ARG B 984 -0.25 -4.59 -22.04
CA ARG B 984 -1.15 -4.95 -23.14
C ARG B 984 -1.02 -3.99 -24.30
N GLN B 985 -0.82 -2.69 -24.01
CA GLN B 985 -0.55 -1.76 -25.09
C GLN B 985 0.73 -2.13 -25.83
N LEU B 986 1.78 -2.50 -25.08
CA LEU B 986 3.01 -2.94 -25.73
C LEU B 986 2.79 -4.19 -26.58
N ALA B 987 2.02 -5.15 -26.08
CA ALA B 987 1.76 -6.39 -26.82
C ALA B 987 0.96 -6.11 -28.09
N LYS B 988 -0.01 -5.21 -28.01
CA LYS B 988 -0.78 -4.84 -29.21
C LYS B 988 0.11 -4.19 -30.25
N ASP B 989 1.01 -3.31 -29.81
CA ASP B 989 1.97 -2.71 -30.75
C ASP B 989 2.85 -3.79 -31.39
N LYS B 990 3.32 -4.74 -30.59
CA LYS B 990 4.17 -5.80 -31.12
C LYS B 990 3.43 -6.64 -32.16
N VAL B 991 2.18 -6.99 -31.88
CA VAL B 991 1.40 -7.78 -32.83
C VAL B 991 1.18 -7.00 -34.13
N ASN B 992 0.82 -5.72 -34.01
CA ASN B 992 0.52 -4.94 -35.20
C ASN B 992 1.76 -4.68 -36.05
N GLU B 993 2.92 -4.46 -35.42
CA GLU B 993 4.09 -4.01 -36.16
C GLU B 993 5.13 -5.08 -36.41
N CYS B 994 4.98 -6.27 -35.83
CA CYS B 994 5.95 -7.35 -36.05
C CYS B 994 5.34 -8.61 -36.64
N VAL B 995 4.06 -8.88 -36.40
CA VAL B 995 3.40 -10.08 -36.91
C VAL B 995 2.56 -9.77 -38.13
N ARG B 996 1.75 -8.72 -38.07
CA ARG B 996 0.86 -8.36 -39.17
C ARG B 996 1.53 -7.48 -40.22
N SER B 997 2.77 -7.06 -40.00
CA SER B 997 3.52 -6.27 -40.97
C SER B 997 4.98 -6.30 -40.58
N GLN B 998 5.80 -5.63 -41.39
CA GLN B 998 7.21 -5.40 -41.08
C GLN B 998 7.39 -3.94 -40.71
N SER B 999 7.89 -3.70 -39.51
CA SER B 999 8.06 -2.33 -39.02
C SER B 999 9.35 -1.72 -39.54
N GLN B 1000 9.29 -0.44 -39.86
CA GLN B 1000 10.49 0.31 -40.21
C GLN B 1000 11.28 0.76 -38.99
N ARG B 1001 10.77 0.54 -37.79
CA ARG B 1001 11.48 0.90 -36.58
C ARG B 1001 12.67 -0.02 -36.37
N PHE B 1002 13.83 0.56 -36.13
CA PHE B 1002 15.07 -0.19 -35.99
C PHE B 1002 15.11 -0.86 -34.62
N GLY B 1003 15.28 -2.18 -34.60
CA GLY B 1003 15.43 -2.92 -33.36
C GLY B 1003 14.15 -3.18 -32.59
N PHE B 1004 12.99 -2.86 -33.17
CA PHE B 1004 11.75 -3.04 -32.42
C PHE B 1004 11.34 -4.50 -32.34
N CYS B 1005 11.48 -5.25 -33.43
CA CYS B 1005 11.12 -6.66 -33.46
C CYS B 1005 12.34 -7.56 -33.24
N GLY B 1006 13.09 -7.32 -32.17
CA GLY B 1006 14.24 -8.14 -31.84
C GLY B 1006 15.55 -7.53 -32.30
N ASN B 1007 16.64 -8.17 -31.87
CA ASN B 1007 18.02 -7.71 -32.19
C ASN B 1007 18.43 -8.30 -33.53
N GLY B 1008 18.50 -7.46 -34.55
CA GLY B 1008 18.86 -7.84 -35.88
C GLY B 1008 17.88 -7.29 -36.89
N THR B 1009 18.00 -7.76 -38.13
CA THR B 1009 17.12 -7.36 -39.21
C THR B 1009 15.89 -8.26 -39.19
N HIS B 1010 14.74 -7.71 -38.82
CA HIS B 1010 13.54 -8.50 -38.64
C HIS B 1010 13.03 -9.03 -39.97
N LEU B 1011 12.67 -10.32 -39.99
CA LEU B 1011 12.11 -10.95 -41.17
C LEU B 1011 10.62 -11.22 -41.00
N PHE B 1012 10.23 -11.96 -39.97
CA PHE B 1012 8.83 -12.16 -39.64
C PHE B 1012 8.73 -12.64 -38.20
N SER B 1013 7.54 -12.46 -37.62
CA SER B 1013 7.29 -12.89 -36.26
C SER B 1013 6.06 -13.78 -36.23
N LEU B 1014 6.11 -14.81 -35.39
CA LEU B 1014 4.97 -15.66 -35.08
C LEU B 1014 4.63 -15.51 -33.61
N ALA B 1015 3.40 -15.88 -33.25
CA ALA B 1015 2.94 -15.72 -31.88
C ALA B 1015 2.22 -16.98 -31.42
N ASN B 1016 2.30 -17.23 -30.12
CA ASN B 1016 1.56 -18.31 -29.48
C ASN B 1016 1.01 -17.81 -28.15
N ALA B 1017 -0.04 -18.48 -27.68
CA ALA B 1017 -0.65 -18.13 -26.41
C ALA B 1017 0.13 -18.71 -25.25
N ALA B 1018 0.25 -17.93 -24.17
CA ALA B 1018 0.96 -18.30 -22.96
C ALA B 1018 0.07 -17.94 -21.78
N PRO B 1019 0.34 -18.50 -20.59
CA PRO B 1019 -0.45 -18.15 -19.41
C PRO B 1019 -0.52 -16.65 -19.20
N ASN B 1020 -1.73 -16.11 -19.25
CA ASN B 1020 -2.03 -14.69 -19.04
C ASN B 1020 -1.42 -13.79 -20.11
N GLY B 1021 -1.07 -14.33 -21.26
CA GLY B 1021 -0.48 -13.50 -22.29
C GLY B 1021 -0.03 -14.24 -23.52
N MET B 1022 1.08 -13.81 -24.11
CA MET B 1022 1.53 -14.42 -25.34
C MET B 1022 3.05 -14.40 -25.41
N ILE B 1023 3.59 -15.26 -26.27
CA ILE B 1023 5.01 -15.29 -26.57
C ILE B 1023 5.20 -15.13 -28.07
N PHE B 1024 6.19 -14.33 -28.44
CA PHE B 1024 6.55 -14.03 -29.81
C PHE B 1024 7.86 -14.71 -30.16
N PHE B 1025 7.89 -15.35 -31.33
CA PHE B 1025 9.10 -15.82 -31.98
C PHE B 1025 9.42 -14.83 -33.09
N HIS B 1026 10.47 -14.02 -32.88
CA HIS B 1026 10.96 -13.09 -33.88
C HIS B 1026 12.08 -13.75 -34.66
N THR B 1027 11.99 -13.73 -35.98
CA THR B 1027 13.00 -14.32 -36.85
C THR B 1027 13.80 -13.17 -37.47
N VAL B 1028 15.11 -13.19 -37.26
CA VAL B 1028 15.98 -12.11 -37.72
C VAL B 1028 17.10 -12.70 -38.56
N LEU B 1029 17.64 -11.87 -39.44
CA LEU B 1029 18.78 -12.22 -40.26
C LEU B 1029 20.06 -11.88 -39.49
N LEU B 1030 20.94 -12.87 -39.36
CA LEU B 1030 22.22 -12.69 -38.69
C LEU B 1030 23.32 -12.74 -39.74
N PRO B 1031 24.03 -11.64 -39.99
CA PRO B 1031 25.12 -11.68 -40.96
C PRO B 1031 26.32 -12.46 -40.43
N THR B 1032 27.00 -13.14 -41.36
CA THR B 1032 28.22 -13.88 -41.02
C THR B 1032 29.43 -13.43 -41.84
N ALA B 1033 29.27 -12.44 -42.72
CA ALA B 1033 30.38 -11.95 -43.52
C ALA B 1033 30.05 -10.53 -43.97
N TYR B 1034 31.08 -9.85 -44.47
CA TYR B 1034 30.94 -8.51 -45.02
C TYR B 1034 31.62 -8.43 -46.37
N GLU B 1035 31.02 -7.69 -47.29
CA GLU B 1035 31.63 -7.35 -48.56
C GLU B 1035 32.16 -5.92 -48.47
N THR B 1036 33.37 -5.70 -48.94
CA THR B 1036 33.98 -4.38 -48.95
C THR B 1036 33.88 -3.80 -50.35
N VAL B 1037 33.32 -2.59 -50.46
CA VAL B 1037 33.21 -1.90 -51.73
C VAL B 1037 33.72 -0.47 -51.56
N THR B 1038 34.17 0.11 -52.67
CA THR B 1038 34.60 1.50 -52.70
C THR B 1038 33.40 2.36 -53.11
N ALA B 1039 32.78 3.02 -52.13
CA ALA B 1039 31.59 3.81 -52.32
C ALA B 1039 31.95 5.27 -52.63
N TRP B 1040 31.11 5.88 -53.47
CA TRP B 1040 31.25 7.27 -53.87
C TRP B 1040 29.96 8.01 -53.52
N SER B 1041 30.11 9.24 -53.04
CA SER B 1041 28.96 10.06 -52.68
C SER B 1041 28.27 10.69 -53.88
N GLY B 1042 28.90 10.68 -55.04
CA GLY B 1042 28.31 11.27 -56.22
C GLY B 1042 29.25 11.14 -57.38
N ILE B 1043 28.78 11.58 -58.55
CA ILE B 1043 29.55 11.50 -59.79
C ILE B 1043 29.66 12.91 -60.36
N CYS B 1044 30.88 13.39 -60.52
CA CYS B 1044 31.11 14.68 -61.17
C CYS B 1044 31.33 14.39 -62.66
N ALA B 1045 30.32 14.67 -63.47
CA ALA B 1045 30.37 14.40 -64.90
C ALA B 1045 30.79 15.65 -65.65
N SER B 1046 31.79 15.49 -66.52
CA SER B 1046 32.31 16.58 -67.33
C SER B 1046 32.01 16.29 -68.80
N ASP B 1047 31.50 17.31 -69.50
CA ASP B 1047 31.20 17.23 -70.93
C ASP B 1047 31.88 18.37 -71.67
N GLY B 1048 33.15 18.60 -71.34
CA GLY B 1048 33.88 19.70 -71.90
C GLY B 1048 33.90 20.91 -70.98
N ASP B 1049 33.08 21.91 -71.29
CA ASP B 1049 32.96 23.09 -70.44
C ASP B 1049 31.81 22.99 -69.45
N HIS B 1050 30.88 22.04 -69.66
CA HIS B 1050 29.73 21.87 -68.78
C HIS B 1050 30.04 20.73 -67.81
N THR B 1051 30.25 21.07 -66.54
CA THR B 1051 30.51 20.11 -65.49
C THR B 1051 29.35 20.15 -64.49
N PHE B 1052 28.76 18.98 -64.22
CA PHE B 1052 27.62 18.91 -63.33
C PHE B 1052 27.71 17.67 -62.46
N GLY B 1053 27.10 17.73 -61.29
CA GLY B 1053 27.12 16.63 -60.35
C GLY B 1053 25.88 15.76 -60.45
N LEU B 1054 26.03 14.50 -60.06
CA LEU B 1054 24.93 13.55 -59.98
C LEU B 1054 24.96 12.89 -58.62
N VAL B 1055 23.82 12.89 -57.93
CA VAL B 1055 23.72 12.26 -56.62
C VAL B 1055 22.68 11.15 -56.70
N VAL B 1056 22.80 10.18 -55.81
CA VAL B 1056 21.84 9.08 -55.76
C VAL B 1056 20.52 9.60 -55.23
N LYS B 1057 19.44 9.36 -55.99
CA LYS B 1057 18.13 9.85 -55.59
C LYS B 1057 17.64 9.20 -54.31
N ASP B 1058 17.84 7.90 -54.16
CA ASP B 1058 17.45 7.17 -52.96
C ASP B 1058 18.61 7.21 -51.97
N VAL B 1059 18.39 7.88 -50.83
CA VAL B 1059 19.47 8.10 -49.88
C VAL B 1059 19.91 6.81 -49.19
N GLN B 1060 19.11 5.74 -49.31
CA GLN B 1060 19.42 4.48 -48.65
C GLN B 1060 20.28 3.55 -49.52
N LEU B 1061 20.73 4.02 -50.68
CA LEU B 1061 21.52 3.20 -51.58
C LEU B 1061 22.98 3.68 -51.59
N THR B 1062 23.89 2.73 -51.68
CA THR B 1062 25.32 2.98 -51.78
C THR B 1062 25.76 2.74 -53.23
N LEU B 1063 26.44 3.74 -53.80
CA LEU B 1063 26.93 3.67 -55.17
C LEU B 1063 28.39 3.25 -55.17
N PHE B 1064 28.73 2.25 -55.97
CA PHE B 1064 30.11 1.80 -56.09
C PHE B 1064 30.39 1.42 -57.53
N ARG B 1065 31.60 0.96 -57.80
CA ARG B 1065 32.04 0.61 -59.13
C ARG B 1065 32.54 -0.83 -59.17
N ASN B 1066 32.20 -1.54 -60.24
CA ASN B 1066 32.63 -2.92 -60.43
C ASN B 1066 34.01 -2.96 -61.08
N LEU B 1067 34.46 -4.15 -61.46
CA LEU B 1067 35.76 -4.28 -62.11
C LEU B 1067 35.75 -3.69 -63.52
N ASP B 1068 34.62 -3.80 -64.22
CA ASP B 1068 34.50 -3.29 -65.59
C ASP B 1068 34.17 -1.80 -65.62
N ASP B 1069 34.38 -1.09 -64.51
CA ASP B 1069 34.16 0.39 -64.47
C ASP B 1069 32.68 0.73 -64.70
N LYS B 1070 31.76 -0.11 -64.23
CA LYS B 1070 30.33 0.16 -64.33
C LYS B 1070 29.78 0.45 -62.95
N PHE B 1071 28.90 1.45 -62.87
CA PHE B 1071 28.35 1.88 -61.59
C PHE B 1071 27.23 0.96 -61.14
N TYR B 1072 27.25 0.58 -59.88
CA TYR B 1072 26.25 -0.28 -59.27
C TYR B 1072 25.71 0.39 -58.01
N LEU B 1073 24.48 0.03 -57.67
CA LEU B 1073 23.83 0.49 -56.45
C LEU B 1073 23.47 -0.70 -55.59
N THR B 1074 23.66 -0.58 -54.28
CA THR B 1074 23.25 -1.64 -53.37
C THR B 1074 22.63 -1.06 -52.11
N PRO B 1075 21.63 -1.71 -51.54
CA PRO B 1075 21.17 -1.34 -50.20
C PRO B 1075 22.19 -1.75 -49.14
N ARG B 1076 22.12 -1.09 -48.00
CA ARG B 1076 23.05 -1.35 -46.91
C ARG B 1076 22.59 -2.45 -45.97
N THR B 1077 21.31 -2.84 -46.02
CA THR B 1077 20.85 -3.94 -45.19
C THR B 1077 21.35 -5.27 -45.71
N MET B 1078 21.29 -5.50 -47.02
CA MET B 1078 21.76 -6.71 -47.65
C MET B 1078 22.58 -6.32 -48.87
N TYR B 1079 23.54 -7.16 -49.22
CA TYR B 1079 24.37 -6.92 -50.41
C TYR B 1079 23.64 -7.50 -51.61
N GLN B 1080 22.88 -6.64 -52.29
CA GLN B 1080 22.11 -7.00 -53.49
C GLN B 1080 22.43 -5.98 -54.58
N PRO B 1081 23.61 -6.08 -55.19
CA PRO B 1081 24.00 -5.08 -56.19
C PRO B 1081 23.12 -5.13 -57.43
N ARG B 1082 22.92 -3.96 -58.03
CA ARG B 1082 22.14 -3.84 -59.27
C ARG B 1082 22.72 -2.71 -60.11
N VAL B 1083 22.49 -2.80 -61.42
CA VAL B 1083 23.06 -1.84 -62.35
C VAL B 1083 22.33 -0.51 -62.24
N ALA B 1084 23.08 0.57 -62.11
CA ALA B 1084 22.50 1.90 -61.96
C ALA B 1084 22.04 2.45 -63.31
N THR B 1085 20.90 3.13 -63.29
CA THR B 1085 20.33 3.76 -64.47
C THR B 1085 20.23 5.27 -64.25
N ILE B 1086 19.95 5.99 -65.33
CA ILE B 1086 19.89 7.45 -65.25
C ILE B 1086 18.74 7.90 -64.36
N SER B 1087 17.69 7.09 -64.24
CA SER B 1087 16.55 7.44 -63.40
C SER B 1087 16.86 7.34 -61.91
N ASP B 1088 18.00 6.79 -61.53
CA ASP B 1088 18.40 6.68 -60.15
C ASP B 1088 19.22 7.86 -59.66
N PHE B 1089 19.39 8.90 -60.48
CA PHE B 1089 20.27 10.01 -60.16
C PHE B 1089 19.53 11.32 -60.26
N VAL B 1090 20.01 12.30 -59.49
CA VAL B 1090 19.52 13.67 -59.51
C VAL B 1090 20.68 14.57 -59.92
N GLN B 1091 20.43 15.46 -60.87
CA GLN B 1091 21.44 16.35 -61.40
C GLN B 1091 21.49 17.64 -60.60
N ILE B 1092 22.70 18.05 -60.22
CA ILE B 1092 22.93 19.27 -59.46
C ILE B 1092 24.04 20.06 -60.13
N GLU B 1093 24.12 21.35 -59.78
CA GLU B 1093 25.06 22.25 -60.44
C GLU B 1093 26.51 21.93 -60.02
N GLY B 1094 26.80 22.04 -58.73
CA GLY B 1094 28.15 21.90 -58.24
C GLY B 1094 28.59 20.45 -58.07
N CYS B 1095 29.86 20.31 -57.71
CA CYS B 1095 30.46 19.02 -57.41
C CYS B 1095 31.17 19.08 -56.06
N ASP B 1096 31.23 17.95 -55.39
CA ASP B 1096 31.97 17.84 -54.14
C ASP B 1096 33.36 17.27 -54.38
N VAL B 1097 34.26 17.53 -53.43
CA VAL B 1097 35.63 17.06 -53.56
C VAL B 1097 35.69 15.54 -53.51
N LEU B 1098 34.75 14.91 -52.82
CA LEU B 1098 34.74 13.46 -52.68
C LEU B 1098 34.04 12.74 -53.82
N PHE B 1099 33.52 13.46 -54.80
CA PHE B 1099 32.86 12.83 -55.93
C PHE B 1099 33.89 12.15 -56.83
N VAL B 1100 33.42 11.19 -57.62
CA VAL B 1100 34.26 10.50 -58.58
C VAL B 1100 34.13 11.19 -59.94
N ASN B 1101 35.26 11.51 -60.55
CA ASN B 1101 35.26 12.18 -61.86
C ASN B 1101 34.88 11.20 -62.95
N ALA B 1102 34.03 11.64 -63.88
CA ALA B 1102 33.64 10.80 -65.01
C ALA B 1102 33.30 11.69 -66.20
N THR B 1103 33.32 11.07 -67.37
CA THR B 1103 32.96 11.72 -68.61
C THR B 1103 31.54 11.34 -69.01
N VAL B 1104 31.03 12.01 -70.05
CA VAL B 1104 29.68 11.74 -70.50
C VAL B 1104 29.57 10.33 -71.07
N ILE B 1105 30.63 9.84 -71.72
CA ILE B 1105 30.58 8.52 -72.34
C ILE B 1105 30.42 7.43 -71.28
N GLU B 1106 31.14 7.57 -70.17
CA GLU B 1106 31.17 6.53 -69.11
C GLU B 1106 30.08 6.74 -68.06
N LEU B 1107 28.99 7.40 -68.41
CA LEU B 1107 27.90 7.55 -67.45
C LEU B 1107 26.90 6.42 -67.59
N PRO B 1108 26.21 6.06 -66.51
CA PRO B 1108 25.21 4.99 -66.58
C PRO B 1108 24.02 5.40 -67.45
N GLY B 1109 23.40 4.39 -68.06
CA GLY B 1109 22.23 4.60 -68.88
C GLY B 1109 22.49 5.42 -70.14
N THR C 67 37.22 31.89 17.67
CA THR C 67 37.26 32.41 19.03
C THR C 67 36.09 31.87 19.85
N ASN C 68 36.27 31.83 21.17
CA ASN C 68 35.23 31.36 22.08
C ASN C 68 34.35 32.47 22.60
N VAL C 69 34.68 33.70 22.25
CA VAL C 69 33.88 34.86 22.74
C VAL C 69 33.05 35.37 21.57
N PHE C 70 31.78 35.57 21.81
CA PHE C 70 30.85 36.05 20.78
C PHE C 70 29.99 37.10 21.47
N ALA C 71 29.38 37.96 20.70
CA ALA C 71 28.48 39.00 21.26
C ALA C 71 27.04 38.65 20.87
N PRO C 72 26.12 38.36 21.82
CA PRO C 72 24.75 38.06 21.49
C PRO C 72 24.06 39.20 20.73
N THR C 73 23.28 38.90 19.68
CA THR C 73 22.53 39.87 18.91
C THR C 73 21.27 40.27 19.69
N VAL C 74 20.36 41.00 19.03
CA VAL C 74 19.12 41.40 19.67
C VAL C 74 18.25 40.17 19.88
N GLY C 75 17.78 39.98 21.11
CA GLY C 75 17.02 38.81 21.48
C GLY C 75 17.85 37.68 22.10
N GLY C 76 19.17 37.77 22.05
CA GLY C 76 20.03 36.78 22.65
C GLY C 76 20.31 35.59 21.77
N TYR C 77 20.64 35.83 20.51
CA TYR C 77 20.89 34.77 19.54
C TYR C 77 22.37 34.74 19.18
N ILE C 78 22.94 33.54 19.15
CA ILE C 78 24.37 33.38 18.86
C ILE C 78 24.62 33.75 17.40
N PRO C 79 25.65 34.55 17.11
CA PRO C 79 25.91 34.93 15.72
C PRO C 79 26.27 33.74 14.86
N ASP C 80 25.99 33.86 13.56
CA ASP C 80 26.22 32.76 12.63
C ASP C 80 27.70 32.45 12.43
N GLY C 81 28.60 33.34 12.86
CA GLY C 81 30.01 33.12 12.71
C GLY C 81 30.67 32.34 13.83
N PHE C 82 29.90 31.85 14.80
CA PHE C 82 30.48 31.14 15.92
C PHE C 82 30.92 29.74 15.50
N SER C 83 31.81 29.16 16.32
CA SER C 83 32.35 27.84 16.05
C SER C 83 31.85 26.74 16.98
N PHE C 84 31.28 27.11 18.14
CA PHE C 84 30.76 26.14 19.11
C PHE C 84 31.83 25.11 19.50
N ASN C 85 33.00 25.61 19.88
CA ASN C 85 34.10 24.73 20.24
C ASN C 85 33.82 23.97 21.53
N ASN C 86 33.23 24.64 22.52
CA ASN C 86 32.94 24.03 23.81
C ASN C 86 31.43 23.95 24.06
N TRP C 87 30.65 23.82 23.00
CA TRP C 87 29.19 23.74 23.07
C TRP C 87 28.73 22.40 22.52
N PHE C 88 27.87 21.73 23.27
CA PHE C 88 27.35 20.43 22.89
C PHE C 88 25.83 20.44 22.96
N LEU C 89 25.23 19.38 22.43
CA LEU C 89 23.80 19.14 22.57
C LEU C 89 23.54 18.35 23.83
N LEU C 90 22.64 18.84 24.67
CA LEU C 90 22.28 18.15 25.91
C LEU C 90 21.32 17.01 25.59
N THR C 91 21.63 15.86 26.17
CA THR C 91 20.80 14.67 25.96
C THR C 91 20.67 13.82 27.22
N ASN C 92 19.56 13.11 27.32
CA ASN C 92 19.39 12.09 28.34
C ASN C 92 19.64 10.68 27.80
N ASP C 93 20.05 10.52 26.57
CA ASP C 93 20.18 9.18 26.00
C ASP C 93 21.44 9.07 25.19
N SER C 94 21.29 8.74 23.94
CA SER C 94 22.43 8.61 23.01
C SER C 94 22.74 9.93 22.30
N THR C 95 23.96 10.12 21.87
CA THR C 95 24.43 11.34 21.20
C THR C 95 24.34 11.17 19.69
N PHE C 96 23.67 12.09 19.02
CA PHE C 96 23.65 12.11 17.55
C PHE C 96 25.07 12.33 17.06
N VAL C 97 25.49 11.53 16.09
CA VAL C 97 26.81 11.67 15.49
C VAL C 97 26.82 12.69 14.37
N SER C 98 25.85 12.62 13.47
CA SER C 98 25.79 13.55 12.35
C SER C 98 24.34 13.70 11.90
N GLY C 99 24.03 14.87 11.35
CA GLY C 99 22.74 15.15 10.79
C GLY C 99 22.18 16.47 11.28
N ARG C 100 20.97 16.77 10.81
CA ARG C 100 20.26 18.00 11.17
C ARG C 100 19.03 17.64 12.00
N PHE C 101 18.83 18.35 13.10
CA PHE C 101 17.74 18.05 14.02
C PHE C 101 17.09 19.34 14.51
N VAL C 102 15.78 19.33 14.60
CA VAL C 102 15.03 20.42 15.22
C VAL C 102 14.85 20.07 16.69
N THR C 103 15.48 20.84 17.58
CA THR C 103 15.53 20.50 18.99
C THR C 103 15.25 21.74 19.84
N ASN C 104 14.74 21.49 21.04
CA ASN C 104 14.58 22.54 22.05
C ASN C 104 15.80 22.48 22.96
N GLN C 105 16.74 23.39 22.74
CA GLN C 105 18.01 23.38 23.44
C GLN C 105 18.27 24.72 24.12
N PRO C 106 19.02 24.74 25.21
CA PRO C 106 19.33 26.02 25.87
C PRO C 106 20.35 26.83 25.10
N LEU C 107 19.92 27.41 23.98
CA LEU C 107 20.80 28.21 23.12
C LEU C 107 20.40 29.67 23.07
N LEU C 108 19.49 30.14 23.89
CA LEU C 108 19.18 31.59 23.94
C LEU C 108 20.06 32.20 25.00
N VAL C 109 21.13 32.81 24.58
CA VAL C 109 22.15 33.37 25.45
C VAL C 109 21.67 34.71 25.98
N ASN C 110 21.28 34.76 27.26
CA ASN C 110 20.85 36.02 27.85
C ASN C 110 22.03 36.95 28.12
N CYS C 111 23.08 36.39 28.74
CA CYS C 111 24.35 37.13 29.08
C CYS C 111 25.56 36.21 28.87
N LEU C 112 26.63 36.65 28.21
CA LEU C 112 27.85 35.81 28.12
C LEU C 112 28.98 36.45 28.91
N TRP C 113 29.36 35.92 30.08
CA TRP C 113 30.50 36.41 30.88
C TRP C 113 31.81 35.83 30.37
N PRO C 114 32.69 36.60 29.69
CA PRO C 114 33.99 36.12 29.30
C PRO C 114 34.98 36.24 30.47
N VAL C 115 35.77 35.22 30.73
CA VAL C 115 36.75 35.23 31.80
C VAL C 115 38.14 35.12 31.17
N PRO C 116 39.02 36.09 31.38
CA PRO C 116 40.37 36.00 30.79
C PRO C 116 41.23 35.00 31.52
N SER C 117 42.38 34.71 30.92
CA SER C 117 43.34 33.81 31.55
C SER C 117 43.85 34.41 32.86
N PHE C 118 44.10 33.55 33.84
CA PHE C 118 44.52 33.92 35.18
C PHE C 118 43.48 34.75 35.92
N GLY C 119 42.30 34.94 35.35
CA GLY C 119 41.25 35.67 36.01
C GLY C 119 40.48 34.81 36.98
N VAL C 120 39.63 35.47 37.76
CA VAL C 120 38.83 34.81 38.79
C VAL C 120 37.36 35.08 38.51
N ALA C 121 36.56 34.02 38.41
CA ALA C 121 35.12 34.12 38.26
C ALA C 121 34.48 33.59 39.53
N ALA C 122 33.95 34.50 40.35
CA ALA C 122 33.33 34.14 41.61
C ALA C 122 31.94 34.77 41.68
N GLN C 123 30.93 33.95 41.94
CA GLN C 123 29.57 34.44 41.94
C GLN C 123 28.65 33.47 42.65
N GLU C 124 27.57 33.99 43.20
CA GLU C 124 26.49 33.14 43.73
C GLU C 124 25.26 33.47 42.88
N PHE C 125 24.76 32.56 42.04
CA PHE C 125 23.66 32.91 41.11
C PHE C 125 22.36 32.26 41.53
N CYS C 126 21.28 33.03 41.54
CA CYS C 126 19.95 32.46 41.79
C CYS C 126 19.27 32.46 40.42
N PHE C 127 18.58 31.39 40.05
CA PHE C 127 18.06 31.26 38.67
C PHE C 127 16.88 32.20 38.46
N GLU C 128 16.11 32.45 39.51
CA GLU C 128 14.97 33.40 39.46
C GLU C 128 15.52 34.80 39.71
N GLY C 129 16.80 35.01 39.43
CA GLY C 129 17.45 36.32 39.65
C GLY C 129 18.50 36.61 38.61
N ALA C 130 18.12 36.95 37.38
CA ALA C 130 19.07 37.39 36.33
C ALA C 130 20.02 38.51 36.79
N GLN C 131 20.66 38.37 37.95
CA GLN C 131 21.74 39.23 38.38
C GLN C 131 23.03 38.77 37.70
N PHE C 132 23.66 39.69 36.97
CA PHE C 132 24.86 39.37 36.21
C PHE C 132 25.93 40.43 36.49
N SER C 133 27.18 39.94 36.43
CA SER C 133 28.38 40.77 36.65
C SER C 133 29.02 41.47 35.46
N GLN C 134 29.66 40.66 34.62
CA GLN C 134 30.14 41.27 33.38
C GLN C 134 29.39 40.57 32.28
N CYS C 135 28.85 41.28 31.31
CA CYS C 135 28.31 40.65 30.09
C CYS C 135 28.87 41.34 28.86
N ASN C 136 29.79 40.71 28.13
CA ASN C 136 30.20 41.31 26.84
C ASN C 136 28.93 41.23 25.98
N GLY C 137 28.38 42.39 25.60
CA GLY C 137 27.11 42.40 24.85
C GLY C 137 25.87 42.90 25.56
N VAL C 138 24.74 42.90 24.87
CA VAL C 138 23.47 43.25 25.51
C VAL C 138 23.13 42.11 26.47
N SER C 139 22.43 42.45 27.57
CA SER C 139 21.99 41.43 28.54
C SER C 139 20.47 41.44 28.64
N LEU C 140 19.82 40.29 28.46
CA LEU C 140 18.38 40.17 28.50
C LEU C 140 17.87 40.23 29.95
N ASN C 141 16.56 40.29 30.09
CA ASN C 141 15.93 40.37 31.41
C ASN C 141 15.00 39.19 31.69
N ASN C 142 15.10 38.11 30.91
CA ASN C 142 14.29 36.93 31.13
C ASN C 142 14.96 36.01 32.15
N THR C 143 14.21 34.99 32.56
CA THR C 143 14.74 34.00 33.50
C THR C 143 15.78 33.13 32.84
N VAL C 144 16.74 32.67 33.64
CA VAL C 144 17.82 31.80 33.17
C VAL C 144 17.48 30.36 33.52
N ASP C 145 17.58 29.47 32.54
CA ASP C 145 17.30 28.05 32.73
C ASP C 145 18.55 27.22 32.99
N VAL C 146 19.62 27.46 32.21
CA VAL C 146 20.83 26.67 32.29
C VAL C 146 22.02 27.62 32.42
N ILE C 147 22.99 27.23 33.24
CA ILE C 147 24.27 27.94 33.32
C ILE C 147 25.35 26.99 32.83
N ARG C 148 26.12 27.44 31.83
CA ARG C 148 27.12 26.61 31.18
C ARG C 148 28.50 27.20 31.41
N PHE C 149 29.45 26.34 31.77
CA PHE C 149 30.86 26.68 31.87
C PHE C 149 31.56 26.03 30.70
N ASN C 150 32.08 26.84 29.78
CA ASN C 150 32.75 26.34 28.59
C ASN C 150 34.25 26.53 28.77
N LEU C 151 34.88 25.56 29.44
CA LEU C 151 36.31 25.62 29.70
C LEU C 151 36.86 24.21 29.78
N ASN C 152 38.17 24.10 29.55
CA ASN C 152 38.85 22.83 29.67
C ASN C 152 39.04 22.47 31.15
N PHE C 153 38.06 21.77 31.72
CA PHE C 153 38.06 21.47 33.15
C PHE C 153 39.06 20.34 33.44
N THR C 154 40.33 20.69 33.38
CA THR C 154 41.41 19.77 33.68
C THR C 154 41.73 19.82 35.17
N ALA C 155 42.85 19.23 35.57
CA ALA C 155 43.29 19.26 36.96
C ALA C 155 44.02 20.54 37.32
N ASP C 156 44.25 21.43 36.35
CA ASP C 156 44.92 22.70 36.59
C ASP C 156 43.94 23.86 36.72
N VAL C 157 42.74 23.60 37.24
CA VAL C 157 41.74 24.63 37.50
C VAL C 157 41.55 24.72 39.00
N GLN C 158 41.80 25.89 39.57
CA GLN C 158 41.72 26.07 41.01
C GLN C 158 40.37 26.62 41.42
N SER C 159 39.93 26.24 42.61
CA SER C 159 38.68 26.68 43.19
C SER C 159 38.95 27.45 44.48
N GLY C 160 38.25 28.56 44.66
CA GLY C 160 38.43 29.37 45.85
C GLY C 160 37.78 28.82 47.10
N MET C 161 36.97 27.78 46.97
CA MET C 161 36.32 27.15 48.11
C MET C 161 37.05 25.90 48.58
N GLY C 162 38.23 25.64 48.06
CA GLY C 162 39.00 24.48 48.47
C GLY C 162 38.74 23.29 47.56
N ALA C 163 38.36 22.16 48.15
CA ALA C 163 38.01 21.00 47.35
C ALA C 163 36.68 21.19 46.62
N THR C 164 35.75 21.93 47.23
CA THR C 164 34.46 22.16 46.61
C THR C 164 34.61 23.01 45.36
N VAL C 165 33.95 22.57 44.29
CA VAL C 165 34.01 23.30 42.99
C VAL C 165 32.67 24.01 42.83
N PHE C 166 31.60 23.43 43.38
CA PHE C 166 30.24 24.02 43.25
C PHE C 166 29.50 23.85 44.56
N SER C 167 28.84 24.92 45.01
CA SER C 167 28.03 24.89 46.22
C SER C 167 26.58 25.12 45.84
N LEU C 168 25.74 24.11 46.06
CA LEU C 168 24.35 24.15 45.61
C LEU C 168 23.43 24.39 46.80
N ASN C 169 22.52 25.34 46.64
CA ASN C 169 21.46 25.59 47.61
C ASN C 169 20.17 25.11 46.95
N THR C 170 19.61 24.01 47.46
CA THR C 170 18.43 23.43 46.85
C THR C 170 17.17 23.92 47.57
N THR C 171 16.02 23.40 47.16
CA THR C 171 14.76 23.77 47.79
C THR C 171 14.71 23.27 49.22
N GLY C 172 14.17 24.11 50.11
CA GLY C 172 14.13 23.79 51.52
C GLY C 172 15.39 24.11 52.28
N GLY C 173 16.36 24.77 51.66
CA GLY C 173 17.58 25.15 52.35
C GLY C 173 18.63 24.08 52.45
N VAL C 174 18.45 22.94 51.78
CA VAL C 174 19.45 21.88 51.82
C VAL C 174 20.65 22.29 50.98
N ILE C 175 21.84 22.19 51.55
CA ILE C 175 23.07 22.59 50.89
C ILE C 175 23.81 21.35 50.43
N LEU C 176 24.12 21.30 49.13
CA LEU C 176 24.88 20.20 48.54
C LEU C 176 26.14 20.76 47.92
N GLU C 177 27.22 19.98 47.98
CA GLU C 177 28.50 20.38 47.42
C GLU C 177 29.02 19.33 46.46
N ILE C 178 29.72 19.78 45.42
CA ILE C 178 30.38 18.85 44.47
C ILE C 178 31.88 19.05 44.72
N SER C 179 32.53 18.13 45.43
CA SER C 179 33.91 18.28 45.87
C SER C 179 34.78 17.17 45.30
N CYS C 180 35.95 17.58 44.79
CA CYS C 180 36.91 16.62 44.19
C CYS C 180 38.08 16.57 45.19
N TYR C 181 38.66 15.38 45.36
CA TYR C 181 39.75 15.17 46.34
C TYR C 181 40.79 14.39 45.59
N ASN C 182 41.99 14.29 46.14
CA ASN C 182 43.09 13.55 45.55
C ASN C 182 43.17 12.14 46.14
N ASP C 183 42.31 11.82 47.10
CA ASP C 183 42.25 10.49 47.68
C ASP C 183 40.80 10.06 47.83
N THR C 184 40.59 8.74 47.75
CA THR C 184 39.24 8.21 47.82
C THR C 184 38.63 8.44 49.20
N VAL C 185 37.37 8.84 49.21
CA VAL C 185 36.60 9.06 50.44
C VAL C 185 35.53 7.99 50.53
N ARG C 186 35.46 7.34 51.70
CA ARG C 186 34.45 6.30 51.89
C ARG C 186 33.07 6.92 52.05
N GLU C 187 32.05 6.10 51.81
CA GLU C 187 30.67 6.56 51.91
C GLU C 187 30.33 6.93 53.35
N SER C 188 29.54 7.99 53.49
CA SER C 188 29.11 8.50 54.80
C SER C 188 30.30 8.82 55.70
N SER C 189 31.35 9.37 55.09
CA SER C 189 32.56 9.75 55.81
C SER C 189 33.07 11.06 55.22
N PHE C 190 34.13 11.59 55.84
CA PHE C 190 34.72 12.85 55.44
C PHE C 190 36.20 12.64 55.11
N TYR C 191 36.74 13.51 54.27
CA TYR C 191 38.14 13.42 53.84
C TYR C 191 39.10 13.42 55.03
N PRO C 204 45.30 11.55 40.11
CA PRO C 204 43.88 11.26 39.90
C PRO C 204 42.99 11.95 40.94
N LYS C 205 41.91 12.55 40.48
CA LYS C 205 40.97 13.25 41.35
C LYS C 205 39.62 12.52 41.35
N TYR C 206 39.13 12.22 42.54
CA TYR C 206 37.86 11.54 42.73
C TYR C 206 36.83 12.56 43.21
N CYS C 207 35.70 12.56 42.52
CA CYS C 207 34.66 13.60 42.78
C CYS C 207 33.46 13.01 43.51
N TYR C 208 32.89 13.77 44.42
CA TYR C 208 31.82 13.30 45.29
C TYR C 208 30.78 14.38 45.43
N VAL C 209 29.58 13.96 45.81
CA VAL C 209 28.51 14.86 46.21
C VAL C 209 28.37 14.76 47.72
N LEU C 210 28.53 15.88 48.41
CA LEU C 210 28.48 15.94 49.86
C LEU C 210 27.21 16.66 50.30
N TYR C 211 26.56 16.12 51.33
CA TYR C 211 25.33 16.68 51.87
C TYR C 211 25.59 17.50 53.13
N ASN C 212 26.18 16.88 54.15
CA ASN C 212 26.49 17.53 55.41
C ASN C 212 27.91 17.19 55.84
N GLY C 213 28.84 17.28 54.89
CA GLY C 213 30.21 16.87 55.12
C GLY C 213 30.48 15.39 54.93
N THR C 214 29.47 14.61 54.55
CA THR C 214 29.61 13.18 54.33
C THR C 214 29.39 12.86 52.85
N ALA C 215 30.11 11.86 52.37
CA ALA C 215 30.02 11.46 50.97
C ALA C 215 28.65 10.83 50.72
N LEU C 216 27.83 11.49 49.91
CA LEU C 216 26.49 11.02 49.61
C LEU C 216 26.44 10.21 48.32
N LYS C 217 27.17 10.65 47.28
CA LYS C 217 27.18 9.96 46.00
C LYS C 217 28.58 10.03 45.41
N TYR C 218 29.05 8.91 44.87
CA TYR C 218 30.34 8.85 44.21
C TYR C 218 30.17 9.10 42.72
N LEU C 219 30.88 10.09 42.18
CA LEU C 219 30.69 10.46 40.75
C LEU C 219 31.76 9.80 39.88
N GLY C 220 32.96 9.61 40.43
CA GLY C 220 34.04 8.97 39.67
C GLY C 220 35.28 9.82 39.61
N THR C 221 36.32 9.34 38.92
CA THR C 221 37.54 10.14 38.73
C THR C 221 37.25 11.17 37.63
N LEU C 222 37.94 12.31 37.66
CA LEU C 222 37.75 13.33 36.58
C LEU C 222 38.42 12.81 35.31
N PRO C 223 37.69 12.63 34.20
CA PRO C 223 38.31 12.23 32.94
C PRO C 223 39.15 13.41 32.43
N PRO C 224 40.18 13.19 31.60
CA PRO C 224 41.05 14.26 31.11
C PRO C 224 40.42 15.13 30.03
N SER C 225 39.22 14.79 29.55
CA SER C 225 38.65 15.50 28.38
C SER C 225 37.29 16.14 28.69
N VAL C 226 37.15 16.82 29.81
CA VAL C 226 35.94 17.58 30.12
C VAL C 226 36.07 18.96 29.52
N LYS C 227 35.07 19.38 28.76
CA LYS C 227 35.13 20.66 28.06
C LYS C 227 33.95 21.59 28.34
N GLU C 228 32.86 21.09 28.91
CA GLU C 228 31.74 21.96 29.27
C GLU C 228 30.96 21.32 30.40
N ILE C 229 30.53 22.14 31.36
CA ILE C 229 29.66 21.66 32.46
C ILE C 229 28.41 22.54 32.46
N ALA C 230 27.24 21.95 32.23
CA ALA C 230 25.98 22.67 32.19
C ALA C 230 25.13 22.25 33.38
N ILE C 231 24.65 23.22 34.15
CA ILE C 231 23.78 22.95 35.29
C ILE C 231 22.43 23.58 35.03
N SER C 232 21.38 22.79 35.17
CA SER C 232 20.02 23.27 34.99
C SER C 232 19.38 23.61 36.32
N LYS C 233 18.38 24.49 36.28
CA LYS C 233 17.69 24.91 37.49
C LYS C 233 16.90 23.78 38.12
N TRP C 234 16.66 22.70 37.39
CA TRP C 234 15.94 21.55 37.92
C TRP C 234 16.86 20.50 38.51
N GLY C 235 18.16 20.77 38.56
CA GLY C 235 19.10 19.90 39.25
C GLY C 235 19.91 18.98 38.37
N HIS C 236 19.77 19.07 37.06
CA HIS C 236 20.48 18.17 36.15
C HIS C 236 21.85 18.73 35.83
N PHE C 237 22.84 17.82 35.79
CA PHE C 237 24.21 18.16 35.40
C PHE C 237 24.52 17.46 34.09
N TYR C 238 24.98 18.24 33.10
CA TYR C 238 25.42 17.71 31.82
C TYR C 238 26.92 17.94 31.70
N ILE C 239 27.64 16.85 31.47
CA ILE C 239 29.11 16.98 31.23
C ILE C 239 29.38 16.54 29.80
N ASN C 240 29.78 17.47 28.93
CA ASN C 240 30.07 17.20 27.50
C ASN C 240 28.77 16.79 26.81
N GLY C 241 27.63 17.24 27.34
CA GLY C 241 26.37 17.01 26.67
C GLY C 241 25.50 15.91 27.26
N TYR C 242 26.06 15.08 28.13
CA TYR C 242 25.33 13.94 28.69
C TYR C 242 24.99 14.20 30.15
N ASN C 243 23.74 13.91 30.51
CA ASN C 243 23.26 14.06 31.89
C ASN C 243 23.78 12.89 32.72
N PHE C 244 24.75 13.16 33.58
CA PHE C 244 25.38 12.08 34.36
C PHE C 244 24.78 12.02 35.77
N PHE C 245 24.35 13.16 36.32
CA PHE C 245 23.68 13.11 37.65
C PHE C 245 22.65 14.22 37.80
N SER C 246 21.60 13.97 38.59
CA SER C 246 20.59 14.97 38.87
C SER C 246 20.42 15.08 40.38
N THR C 247 20.46 16.30 40.89
CA THR C 247 20.19 16.57 42.29
C THR C 247 18.76 17.11 42.42
N PHE C 248 18.42 17.59 43.62
CA PHE C 248 17.15 18.25 43.82
C PHE C 248 17.14 19.58 43.06
N PRO C 249 15.95 20.11 42.76
CA PRO C 249 15.89 21.41 42.10
C PRO C 249 16.67 22.44 42.89
N ILE C 250 17.45 23.25 42.17
CA ILE C 250 18.41 24.17 42.78
C ILE C 250 17.80 25.56 42.75
N ASP C 251 17.97 26.33 43.82
CA ASP C 251 17.55 27.74 43.86
C ASP C 251 18.73 28.68 43.63
N CYS C 252 19.92 28.33 44.10
CA CYS C 252 21.08 29.23 44.05
C CYS C 252 22.37 28.42 43.92
N ILE C 253 23.37 28.91 43.21
CA ILE C 253 24.60 28.14 42.90
C ILE C 253 25.78 29.05 43.15
N SER C 254 26.59 28.75 44.16
CA SER C 254 27.80 29.50 44.48
C SER C 254 29.01 28.82 43.84
N PHE C 255 29.84 29.59 43.14
CA PHE C 255 31.08 29.07 42.57
C PHE C 255 32.18 30.13 42.65
N ASN C 256 33.42 29.66 42.60
CA ASN C 256 34.61 30.54 42.66
C ASN C 256 35.74 29.79 41.97
N LEU C 257 36.00 30.11 40.71
CA LEU C 257 36.92 29.35 39.88
C LEU C 257 37.98 30.25 39.26
N THR C 258 39.11 29.65 38.93
CA THR C 258 40.18 30.34 38.22
C THR C 258 41.00 29.30 37.45
N THR C 259 41.57 29.73 36.33
CA THR C 259 42.36 28.83 35.50
C THR C 259 43.41 29.63 34.75
N SER C 260 44.44 28.92 34.30
CA SER C 260 45.56 29.55 33.61
C SER C 260 45.87 28.95 32.24
N THR C 261 45.41 27.73 31.96
CA THR C 261 45.70 27.05 30.71
C THR C 261 44.52 27.10 29.73
N SER C 262 43.56 27.99 29.98
CA SER C 262 42.38 28.10 29.11
C SER C 262 42.60 29.11 27.99
N GLY C 263 43.69 28.96 27.25
CA GLY C 263 44.00 29.83 26.13
C GLY C 263 44.05 31.29 26.50
N ALA C 264 43.08 32.07 26.00
CA ALA C 264 42.95 33.48 26.33
C ALA C 264 41.67 33.81 27.08
N PHE C 265 40.56 33.15 26.74
CA PHE C 265 39.29 33.42 27.38
C PHE C 265 38.50 32.12 27.52
N TRP C 266 37.78 31.98 28.62
CA TRP C 266 36.79 30.93 28.80
C TRP C 266 35.50 31.57 29.30
N THR C 267 34.37 30.99 28.89
CA THR C 267 33.09 31.67 28.99
C THR C 267 32.15 30.97 29.98
N ILE C 268 31.32 31.79 30.61
CA ILE C 268 30.19 31.34 31.41
C ILE C 268 28.94 31.93 30.76
N ALA C 269 28.04 31.06 30.33
CA ALA C 269 26.87 31.47 29.57
C ALA C 269 25.61 31.16 30.37
N TYR C 270 24.76 32.18 30.52
CA TYR C 270 23.42 32.00 31.07
C TYR C 270 22.46 31.89 29.91
N THR C 271 21.74 30.77 29.82
CA THR C 271 20.99 30.44 28.62
C THR C 271 19.59 29.98 28.99
N SER C 272 18.67 30.19 28.06
CA SER C 272 17.30 29.73 28.15
C SER C 272 16.98 28.85 26.95
N TYR C 273 16.00 27.96 27.15
CA TYR C 273 15.62 27.01 26.12
C TYR C 273 14.96 27.71 24.94
N THR C 274 15.26 27.24 23.74
CA THR C 274 14.63 27.73 22.52
C THR C 274 14.66 26.63 21.49
N GLU C 275 13.74 26.71 20.53
CA GLU C 275 13.67 25.76 19.43
C GLU C 275 14.58 26.21 18.30
N ALA C 276 15.37 25.28 17.78
CA ALA C 276 16.31 25.63 16.72
C ALA C 276 16.65 24.40 15.90
N LEU C 277 17.12 24.65 14.68
CA LEU C 277 17.57 23.56 13.78
C LEU C 277 19.09 23.52 13.90
N VAL C 278 19.62 22.40 14.41
CA VAL C 278 21.08 22.33 14.66
C VAL C 278 21.70 21.34 13.70
N GLN C 279 22.84 21.69 13.10
CA GLN C 279 23.57 20.71 12.26
C GLN C 279 24.70 20.16 13.12
N VAL C 280 24.88 18.85 13.12
CA VAL C 280 25.92 18.19 13.92
C VAL C 280 26.76 17.33 13.01
N GLU C 281 28.08 17.43 13.16
CA GLU C 281 29.03 16.58 12.45
C GLU C 281 30.05 16.08 13.45
N ASN C 282 30.15 14.75 13.59
CA ASN C 282 31.04 14.12 14.57
C ASN C 282 30.75 14.61 15.98
N THR C 283 29.47 14.61 16.34
CA THR C 283 28.97 15.00 17.66
C THR C 283 29.33 16.43 18.03
N ALA C 284 29.61 17.28 17.05
CA ALA C 284 29.96 18.67 17.27
C ALA C 284 28.98 19.57 16.54
N ILE C 285 28.55 20.64 17.18
CA ILE C 285 27.62 21.60 16.53
C ILE C 285 28.36 22.38 15.44
N LYS C 286 27.73 22.57 14.29
CA LYS C 286 28.36 23.33 13.18
C LYS C 286 27.55 24.59 12.89
N LYS C 287 26.23 24.49 12.94
CA LYS C 287 25.35 25.64 12.58
C LYS C 287 24.08 25.59 13.43
N VAL C 288 23.67 26.74 13.97
CA VAL C 288 22.41 26.82 14.75
C VAL C 288 21.49 27.84 14.09
N THR C 289 20.38 27.40 13.53
CA THR C 289 19.36 28.32 12.96
C THR C 289 18.21 28.43 13.96
N TYR C 290 17.92 29.62 14.47
CA TYR C 290 16.81 29.82 15.37
C TYR C 290 15.52 30.01 14.58
N CYS C 291 14.45 29.36 15.04
CA CYS C 291 13.13 29.52 14.43
C CYS C 291 12.42 30.71 15.07
N ASN C 292 12.91 31.91 14.72
CA ASN C 292 12.42 33.14 15.30
C ASN C 292 11.70 34.05 14.31
N SER C 293 11.77 33.76 13.02
CA SER C 293 11.08 34.55 12.00
C SER C 293 10.26 33.62 11.10
N HIS C 294 9.47 34.22 10.21
CA HIS C 294 8.66 33.43 9.30
C HIS C 294 9.52 32.61 8.35
N ILE C 295 10.53 33.23 7.76
CA ILE C 295 11.43 32.51 6.87
C ILE C 295 12.21 31.45 7.66
N ASN C 296 12.60 31.79 8.90
CA ASN C 296 13.26 30.79 9.75
C ASN C 296 12.29 29.70 10.16
N ASN C 297 11.00 30.02 10.31
CA ASN C 297 10.02 28.96 10.57
C ASN C 297 9.93 28.00 9.40
N ILE C 298 9.94 28.52 8.17
CA ILE C 298 9.95 27.64 7.01
C ILE C 298 11.22 26.82 6.96
N LYS C 299 12.36 27.43 7.29
CA LYS C 299 13.62 26.70 7.30
C LYS C 299 13.60 25.56 8.31
N CYS C 300 13.05 25.81 9.50
CA CYS C 300 12.95 24.77 10.51
C CYS C 300 11.96 23.69 10.10
N SER C 301 10.90 24.06 9.37
CA SER C 301 9.95 23.07 8.91
C SER C 301 10.54 22.19 7.81
N GLN C 302 11.45 22.74 7.00
CA GLN C 302 12.05 21.98 5.91
C GLN C 302 13.35 21.30 6.30
N LEU C 303 13.78 21.44 7.57
CA LEU C 303 14.99 20.78 8.07
C LEU C 303 16.22 21.16 7.25
N THR C 304 16.27 22.42 6.81
CA THR C 304 17.42 22.89 6.05
C THR C 304 17.51 24.40 6.17
N ALA C 305 18.73 24.94 6.15
CA ALA C 305 18.91 26.39 6.28
C ALA C 305 19.04 27.02 4.89
N ASN C 306 19.05 26.21 3.84
CA ASN C 306 19.05 26.72 2.47
C ASN C 306 17.79 26.22 1.79
N LEU C 307 16.87 27.13 1.50
CA LEU C 307 15.58 26.80 0.91
C LEU C 307 15.63 26.99 -0.60
N GLN C 308 15.22 25.96 -1.34
CA GLN C 308 15.08 26.10 -2.78
C GLN C 308 13.87 26.97 -3.11
N ASN C 309 13.96 27.68 -4.22
CA ASN C 309 12.86 28.52 -4.67
C ASN C 309 11.61 27.67 -4.92
N GLY C 310 10.47 28.14 -4.44
CA GLY C 310 9.25 27.41 -4.66
C GLY C 310 8.13 27.88 -3.76
N PHE C 311 7.14 27.02 -3.58
CA PHE C 311 5.97 27.30 -2.76
C PHE C 311 5.96 26.36 -1.56
N TYR C 312 5.69 26.91 -0.38
CA TYR C 312 5.69 26.15 0.85
C TYR C 312 4.41 26.40 1.63
N PRO C 313 3.75 25.36 2.15
CA PRO C 313 2.56 25.58 2.98
C PRO C 313 2.93 26.19 4.32
N VAL C 314 2.12 27.16 4.75
CA VAL C 314 2.30 27.83 6.03
C VAL C 314 0.92 28.11 6.62
N ALA C 315 0.92 28.66 7.83
CA ALA C 315 -0.30 29.08 8.51
C ALA C 315 -0.46 30.59 8.34
N SER C 316 -1.71 31.04 8.21
CA SER C 316 -1.97 32.46 7.98
C SER C 316 -1.55 33.30 9.18
N SER C 317 -1.83 32.83 10.39
CA SER C 317 -1.50 33.59 11.59
C SER C 317 -1.50 32.65 12.78
N GLU C 318 -1.33 33.22 13.97
CA GLU C 318 -1.38 32.47 15.23
C GLU C 318 -2.47 33.06 16.11
N VAL C 319 -3.21 32.19 16.78
CA VAL C 319 -4.34 32.58 17.62
C VAL C 319 -3.94 32.43 19.07
N GLY C 320 -4.20 33.46 19.87
CA GLY C 320 -3.93 33.41 21.30
C GLY C 320 -4.71 34.48 22.02
N LEU C 321 -5.03 34.20 23.28
CA LEU C 321 -5.75 35.13 24.15
C LEU C 321 -7.11 35.52 23.55
N VAL C 322 -7.98 34.53 23.45
CA VAL C 322 -9.33 34.73 22.92
C VAL C 322 -10.35 34.50 24.02
N ASN C 323 -11.54 35.04 23.82
CA ASN C 323 -12.64 34.87 24.75
C ASN C 323 -13.20 33.45 24.68
N LYS C 324 -14.13 33.15 25.59
CA LYS C 324 -14.76 31.83 25.66
C LYS C 324 -16.27 31.97 25.49
N SER C 325 -16.84 31.09 24.68
CA SER C 325 -18.27 31.04 24.44
C SER C 325 -18.80 29.67 24.83
N VAL C 326 -19.92 29.65 25.53
CA VAL C 326 -20.56 28.42 25.97
C VAL C 326 -22.02 28.47 25.57
N VAL C 327 -22.49 27.42 24.90
CA VAL C 327 -23.89 27.31 24.52
C VAL C 327 -24.39 25.95 24.96
N LEU C 328 -25.44 25.94 25.78
CA LEU C 328 -26.02 24.71 26.31
C LEU C 328 -27.54 24.77 26.17
N LEU C 329 -28.16 23.60 26.30
CA LEU C 329 -29.62 23.53 26.21
C LEU C 329 -30.26 24.17 27.43
N PRO C 330 -31.48 24.70 27.29
CA PRO C 330 -32.14 25.33 28.44
C PRO C 330 -32.39 24.34 29.56
N SER C 331 -32.29 24.83 30.79
CA SER C 331 -32.45 23.99 31.96
C SER C 331 -32.71 24.86 33.18
N PHE C 332 -33.16 24.23 34.26
CA PHE C 332 -33.24 24.89 35.55
C PHE C 332 -31.85 25.15 36.08
N TYR C 333 -31.72 26.17 36.92
CA TYR C 333 -30.44 26.59 37.46
C TYR C 333 -30.43 26.33 38.97
N SER C 334 -29.86 25.19 39.36
CA SER C 334 -29.64 24.85 40.76
C SER C 334 -28.21 24.33 40.89
N HIS C 335 -27.42 24.96 41.75
CA HIS C 335 -26.00 24.67 41.85
C HIS C 335 -25.67 23.99 43.17
N THR C 336 -24.79 23.00 43.10
CA THR C 336 -24.31 22.27 44.27
C THR C 336 -22.79 22.33 44.33
N SER C 337 -22.27 22.68 45.50
CA SER C 337 -20.84 22.65 45.75
C SER C 337 -20.48 21.38 46.50
N VAL C 338 -19.57 20.60 45.94
CA VAL C 338 -19.15 19.33 46.51
C VAL C 338 -17.73 19.52 47.05
N ASN C 339 -17.59 19.51 48.36
CA ASN C 339 -16.30 19.69 49.02
C ASN C 339 -15.80 18.35 49.52
N ILE C 340 -14.60 17.96 49.09
CA ILE C 340 -13.96 16.74 49.54
C ILE C 340 -12.87 17.13 50.53
N THR C 341 -12.98 16.62 51.76
CA THR C 341 -12.00 16.87 52.80
C THR C 341 -11.02 15.70 52.84
N ILE C 342 -9.73 16.00 52.79
CA ILE C 342 -8.70 14.97 52.80
C ILE C 342 -7.76 15.25 53.98
N ASP C 343 -7.74 14.33 54.94
CA ASP C 343 -6.86 14.43 56.10
C ASP C 343 -5.69 13.47 55.90
N LEU C 344 -4.51 14.03 55.66
CA LEU C 344 -3.32 13.26 55.38
C LEU C 344 -2.52 13.02 56.65
N GLY C 345 -1.95 11.83 56.76
CA GLY C 345 -1.03 11.49 57.83
C GLY C 345 0.36 11.27 57.27
N MET C 346 1.35 11.87 57.92
CA MET C 346 2.72 11.87 57.44
C MET C 346 3.65 11.42 58.55
N LYS C 347 4.74 10.75 58.15
CA LYS C 347 5.76 10.31 59.08
C LYS C 347 7.13 10.52 58.44
N LEU C 348 8.17 10.39 59.26
CA LEU C 348 9.55 10.47 58.79
C LEU C 348 10.13 9.06 58.77
N SER C 349 10.68 8.68 57.62
CA SER C 349 11.26 7.35 57.47
C SER C 349 12.65 7.30 58.10
N GLY C 350 13.30 6.14 58.00
CA GLY C 350 14.63 5.98 58.55
C GLY C 350 15.70 6.75 57.80
N TYR C 351 15.45 7.11 56.54
CA TYR C 351 16.38 7.88 55.74
C TYR C 351 15.98 9.34 55.61
N GLY C 352 15.05 9.82 56.43
CA GLY C 352 14.66 11.21 56.43
C GLY C 352 13.71 11.60 55.33
N GLN C 353 13.08 10.65 54.66
CA GLN C 353 12.13 11.04 53.61
C GLN C 353 10.71 11.04 54.16
N PRO C 354 9.91 12.06 53.82
CA PRO C 354 8.53 12.11 54.30
C PRO C 354 7.66 11.06 53.63
N ILE C 355 7.07 10.19 54.44
CA ILE C 355 6.24 9.08 53.95
C ILE C 355 4.79 9.40 54.30
N ALA C 356 3.92 9.37 53.30
CA ALA C 356 2.51 9.62 53.49
C ALA C 356 1.80 8.33 53.88
N SER C 357 0.99 8.39 54.93
CA SER C 357 0.34 7.22 55.47
C SER C 357 -0.90 6.84 54.67
N ALA C 358 -1.11 5.54 54.49
CA ALA C 358 -2.32 5.05 53.85
C ALA C 358 -3.55 5.23 54.73
N LEU C 359 -3.37 5.59 56.00
CA LEU C 359 -4.47 5.85 56.91
C LEU C 359 -5.09 7.22 56.72
N SER C 360 -4.74 7.92 55.63
CA SER C 360 -5.37 9.20 55.34
C SER C 360 -6.86 9.02 55.08
N ASN C 361 -7.66 10.00 55.48
CA ASN C 361 -9.10 9.89 55.46
C ASN C 361 -9.70 10.83 54.42
N ILE C 362 -10.77 10.36 53.78
CA ILE C 362 -11.53 11.14 52.81
C ILE C 362 -12.95 11.30 53.33
N THR C 363 -13.44 12.54 53.34
CA THR C 363 -14.78 12.86 53.79
C THR C 363 -15.52 13.56 52.66
N LEU C 364 -16.65 12.99 52.27
CA LEU C 364 -17.57 13.53 51.29
C LEU C 364 -18.71 14.25 51.99
N PRO C 365 -19.42 15.13 51.28
CA PRO C 365 -20.58 15.78 51.91
C PRO C 365 -21.62 14.75 52.33
N MET C 366 -22.27 15.06 53.45
CA MET C 366 -23.28 14.12 54.02
C MET C 366 -24.48 14.02 53.08
N GLN C 367 -24.94 12.80 52.81
CA GLN C 367 -26.10 12.57 51.97
C GLN C 367 -26.75 11.26 52.39
N ASP C 368 -28.00 11.35 52.84
CA ASP C 368 -28.76 10.18 53.31
C ASP C 368 -28.03 9.47 54.45
N ASN C 369 -27.66 10.24 55.47
CA ASN C 369 -27.03 9.74 56.69
C ASN C 369 -25.66 9.10 56.43
N ASN C 370 -25.10 9.29 55.24
CA ASN C 370 -23.84 8.67 54.86
C ASN C 370 -22.87 9.73 54.36
N THR C 371 -21.58 9.47 54.55
CA THR C 371 -20.52 10.34 54.06
C THR C 371 -19.54 9.60 53.16
N ASP C 372 -19.91 8.43 52.64
CA ASP C 372 -19.05 7.65 51.78
C ASP C 372 -19.48 7.63 50.32
N VAL C 373 -20.75 7.93 50.03
CA VAL C 373 -21.26 8.00 48.67
C VAL C 373 -22.00 9.32 48.51
N TYR C 374 -21.71 10.04 47.44
CA TYR C 374 -22.37 11.31 47.17
C TYR C 374 -22.71 11.38 45.68
N CYS C 375 -24.00 11.55 45.38
CA CYS C 375 -24.46 11.67 44.00
C CYS C 375 -24.97 13.09 43.75
N ILE C 376 -24.67 13.60 42.55
CA ILE C 376 -25.13 14.94 42.17
C ILE C 376 -26.61 14.88 41.86
N ARG C 377 -27.38 15.73 42.54
CA ARG C 377 -28.83 15.75 42.37
C ARG C 377 -29.37 17.09 41.87
N SER C 378 -28.50 18.05 41.61
CA SER C 378 -28.90 19.33 41.02
C SER C 378 -28.57 19.33 39.54
N ASN C 379 -28.78 20.47 38.88
CA ASN C 379 -28.47 20.60 37.46
C ASN C 379 -27.03 21.02 37.22
N GLN C 380 -26.44 21.80 38.12
CA GLN C 380 -25.06 22.25 37.99
C GLN C 380 -24.32 21.97 39.29
N PHE C 381 -23.03 21.70 39.18
CA PHE C 381 -22.22 21.43 40.36
C PHE C 381 -20.78 21.89 40.12
N SER C 382 -20.09 22.11 41.23
CA SER C 382 -18.67 22.40 41.25
C SER C 382 -18.01 21.53 42.31
N VAL C 383 -16.73 21.23 42.13
CA VAL C 383 -16.00 20.36 43.03
C VAL C 383 -14.80 21.10 43.60
N TYR C 384 -14.56 20.93 44.89
CA TYR C 384 -13.45 21.56 45.58
C TYR C 384 -12.83 20.56 46.54
N VAL C 385 -11.55 20.78 46.86
CA VAL C 385 -10.80 19.91 47.75
C VAL C 385 -10.18 20.77 48.85
N HIS C 386 -10.31 20.26 50.09
CA HIS C 386 -9.72 20.88 51.29
C HIS C 386 -8.77 19.86 51.92
N SER C 387 -7.54 20.24 52.23
CA SER C 387 -6.52 19.33 52.74
C SER C 387 -6.09 19.75 54.14
N THR C 388 -5.96 18.76 55.02
CA THR C 388 -5.37 18.94 56.33
C THR C 388 -4.23 17.96 56.50
N CYS C 389 -3.23 18.33 57.30
CA CYS C 389 -2.03 17.54 57.48
C CYS C 389 -1.79 17.26 58.95
N LYS C 390 -1.39 16.02 59.26
CA LYS C 390 -1.00 15.65 60.61
C LYS C 390 0.22 14.75 60.55
N SER C 391 0.97 14.72 61.64
CA SER C 391 2.23 13.98 61.70
C SER C 391 2.14 12.85 62.73
N SER C 392 2.98 11.84 62.54
CA SER C 392 3.01 10.68 63.42
C SER C 392 4.46 10.36 63.77
N LEU C 393 4.65 9.32 64.58
CA LEU C 393 5.96 8.89 65.07
C LEU C 393 6.11 7.38 64.95
N TRP C 394 5.83 6.86 63.75
CA TRP C 394 5.95 5.44 63.43
C TRP C 394 4.97 4.57 64.23
N ASP C 395 3.97 5.19 64.85
CA ASP C 395 2.96 4.46 65.62
C ASP C 395 1.54 4.77 65.16
N ASN C 396 1.38 5.51 64.06
CA ASN C 396 0.08 5.81 63.48
C ASN C 396 -0.84 6.54 64.45
N VAL C 397 -0.28 7.38 65.31
CA VAL C 397 -1.04 8.23 66.20
C VAL C 397 -0.78 9.67 65.78
N PHE C 398 -1.70 10.22 64.98
CA PHE C 398 -1.55 11.56 64.43
C PHE C 398 -2.12 12.56 65.42
N ASN C 399 -1.23 13.32 66.08
CA ASN C 399 -1.65 14.32 67.04
C ASN C 399 -0.86 15.62 66.94
N SER C 400 0.04 15.75 65.98
CA SER C 400 0.87 16.92 65.82
C SER C 400 0.54 17.63 64.52
N ASP C 401 1.25 18.73 64.26
CA ASP C 401 1.11 19.50 63.03
C ASP C 401 2.32 19.27 62.14
N CYS C 402 2.07 19.09 60.84
CA CYS C 402 3.15 18.80 59.90
C CYS C 402 4.14 19.96 59.87
N THR C 403 5.42 19.63 59.98
CA THR C 403 6.49 20.61 59.95
C THR C 403 6.82 20.94 58.49
N ASP C 404 7.92 21.66 58.28
CA ASP C 404 8.31 22.05 56.93
C ASP C 404 8.63 20.83 56.08
N VAL C 405 9.34 19.86 56.65
CA VAL C 405 9.70 18.66 55.90
C VAL C 405 8.47 17.79 55.64
N LEU C 406 7.58 17.68 56.62
CA LEU C 406 6.44 16.78 56.53
C LEU C 406 5.17 17.43 56.00
N HIS C 407 5.25 18.69 55.57
CA HIS C 407 4.07 19.36 55.02
C HIS C 407 3.73 18.79 53.65
N ALA C 408 2.45 18.48 53.44
CA ALA C 408 1.98 17.93 52.18
C ALA C 408 0.62 18.53 51.85
N THR C 409 0.31 18.56 50.55
CA THR C 409 -0.96 19.06 50.05
C THR C 409 -1.68 17.96 49.29
N ALA C 410 -2.97 17.80 49.54
CA ALA C 410 -3.74 16.76 48.88
C ALA C 410 -4.11 17.19 47.47
N VAL C 411 -3.89 16.32 46.51
CA VAL C 411 -4.27 16.53 45.12
C VAL C 411 -4.98 15.28 44.62
N ILE C 412 -5.76 15.46 43.56
CA ILE C 412 -6.49 14.37 42.93
C ILE C 412 -6.02 14.25 41.48
N LYS C 413 -5.55 13.07 41.12
CA LYS C 413 -5.00 12.77 39.80
C LYS C 413 -5.97 11.90 39.03
N THR C 414 -5.80 11.93 37.71
CA THR C 414 -6.77 11.29 36.81
C THR C 414 -6.91 9.81 37.08
N GLY C 415 -5.81 9.11 37.29
CA GLY C 415 -5.89 7.67 37.47
C GLY C 415 -6.32 6.99 36.19
N THR C 416 -7.37 6.17 36.29
CA THR C 416 -7.89 5.45 35.14
C THR C 416 -9.12 6.10 34.53
N CYS C 417 -9.55 7.25 35.04
CA CYS C 417 -10.75 7.89 34.52
C CYS C 417 -10.48 8.56 33.18
N PRO C 418 -11.48 8.65 32.30
CA PRO C 418 -11.31 9.35 31.03
C PRO C 418 -11.30 10.87 31.14
N PHE C 419 -11.50 11.42 32.34
CA PHE C 419 -11.47 12.84 32.57
C PHE C 419 -10.68 13.13 33.83
N SER C 420 -10.17 14.36 33.94
CA SER C 420 -9.41 14.79 35.09
C SER C 420 -10.33 15.45 36.11
N PHE C 421 -9.93 15.36 37.39
CA PHE C 421 -10.73 15.97 38.44
C PHE C 421 -10.73 17.49 38.33
N ASP C 422 -9.61 18.09 37.95
CA ASP C 422 -9.53 19.53 37.82
C ASP C 422 -10.28 20.05 36.59
N LYS C 423 -10.69 19.18 35.68
CA LYS C 423 -11.44 19.59 34.51
C LYS C 423 -12.93 19.33 34.63
N LEU C 424 -13.41 18.88 35.80
CA LEU C 424 -14.84 18.66 35.97
C LEU C 424 -15.62 19.97 35.94
N ASN C 425 -15.02 21.07 36.40
CA ASN C 425 -15.64 22.38 36.36
C ASN C 425 -15.47 23.08 35.02
N ASN C 426 -15.19 22.32 33.95
CA ASN C 426 -14.93 22.87 32.63
C ASN C 426 -16.07 22.55 31.66
N TYR C 427 -17.31 22.64 32.16
CA TYR C 427 -18.51 22.42 31.37
C TYR C 427 -18.57 21.00 30.80
N LEU C 428 -18.30 20.02 31.66
CA LEU C 428 -18.49 18.62 31.32
C LEU C 428 -19.90 18.20 31.70
N THR C 429 -20.54 17.45 30.82
CA THR C 429 -21.95 17.09 30.98
C THR C 429 -22.10 15.60 31.26
N PHE C 430 -23.01 15.28 32.16
CA PHE C 430 -23.30 13.90 32.55
C PHE C 430 -24.81 13.74 32.72
N ASN C 431 -25.25 12.49 32.64
CA ASN C 431 -26.60 12.14 33.07
C ASN C 431 -26.65 11.63 34.50
N LYS C 432 -25.51 11.22 35.05
CA LYS C 432 -25.41 10.74 36.42
C LYS C 432 -23.96 10.77 36.82
N PHE C 433 -23.67 11.30 38.02
CA PHE C 433 -22.30 11.42 38.50
C PHE C 433 -22.30 11.18 40.01
N CYS C 434 -21.60 10.15 40.46
CA CYS C 434 -21.50 9.81 41.87
C CYS C 434 -20.06 9.52 42.25
N LEU C 435 -19.66 10.02 43.41
CA LEU C 435 -18.34 9.78 43.98
C LEU C 435 -18.49 8.85 45.19
N SER C 436 -17.65 7.83 45.26
CA SER C 436 -17.74 6.82 46.30
C SER C 436 -16.35 6.46 46.80
N LEU C 437 -16.32 5.84 47.98
CA LEU C 437 -15.09 5.32 48.56
C LEU C 437 -14.99 3.81 48.44
N HIS C 438 -15.91 3.18 47.72
CA HIS C 438 -15.93 1.73 47.57
C HIS C 438 -15.81 1.34 46.11
N PRO C 439 -15.09 0.27 45.80
CA PRO C 439 -14.75 -0.04 44.41
C PRO C 439 -15.87 -0.69 43.60
N VAL C 440 -16.92 -1.19 44.25
CA VAL C 440 -17.93 -1.96 43.54
C VAL C 440 -18.77 -1.02 42.68
N GLY C 441 -19.09 -1.46 41.46
CA GLY C 441 -19.94 -0.71 40.56
C GLY C 441 -19.30 0.50 39.93
N ALA C 442 -18.02 0.74 40.15
CA ALA C 442 -17.39 1.98 39.68
C ALA C 442 -16.85 1.80 38.27
N ASN C 443 -17.07 2.82 37.43
CA ASN C 443 -16.52 2.80 36.09
C ASN C 443 -15.02 3.09 36.11
N CYS C 444 -14.58 4.00 36.98
CA CYS C 444 -13.19 4.39 37.04
C CYS C 444 -12.90 4.95 38.43
N LYS C 445 -11.62 5.18 38.70
CA LYS C 445 -11.21 5.71 39.99
C LYS C 445 -10.17 6.81 39.80
N PHE C 446 -10.24 7.81 40.67
CA PHE C 446 -9.22 8.85 40.76
C PHE C 446 -8.12 8.40 41.73
N ASP C 447 -7.00 9.13 41.71
CA ASP C 447 -5.87 8.83 42.58
C ASP C 447 -5.69 9.99 43.56
N VAL C 448 -5.99 9.76 44.83
CA VAL C 448 -5.75 10.76 45.86
C VAL C 448 -4.29 10.67 46.28
N ALA C 449 -3.57 11.78 46.19
CA ALA C 449 -2.15 11.80 46.46
C ALA C 449 -1.80 12.96 47.37
N ALA C 450 -0.70 12.80 48.09
CA ALA C 450 -0.10 13.85 48.91
C ALA C 450 1.16 14.32 48.21
N ARG C 451 1.21 15.64 47.94
CA ARG C 451 2.38 16.26 47.25
C ARG C 451 3.26 16.97 48.28
N THR C 452 4.50 16.52 48.43
CA THR C 452 5.48 17.11 49.32
C THR C 452 6.39 18.04 48.52
N ARG C 453 7.45 18.53 49.17
CA ARG C 453 8.39 19.41 48.48
C ARG C 453 9.25 18.66 47.48
N THR C 454 9.27 17.33 47.51
CA THR C 454 10.19 16.57 46.67
C THR C 454 9.47 15.54 45.81
N ASN C 455 8.41 14.93 46.33
CA ASN C 455 7.76 13.81 45.65
C ASN C 455 6.25 13.98 45.74
N GLU C 456 5.54 12.98 45.22
CA GLU C 456 4.05 12.96 45.25
C GLU C 456 3.66 11.49 45.41
N GLN C 457 2.98 11.13 46.48
CA GLN C 457 2.69 9.74 46.79
C GLN C 457 1.19 9.50 46.86
N VAL C 458 0.72 8.46 46.18
CA VAL C 458 -0.70 8.10 46.18
C VAL C 458 -1.03 7.36 47.48
N VAL C 459 -2.12 7.77 48.12
CA VAL C 459 -2.51 7.17 49.40
C VAL C 459 -3.92 6.60 49.39
N ARG C 460 -4.83 7.07 48.54
CA ARG C 460 -6.21 6.61 48.56
C ARG C 460 -6.74 6.54 47.14
N SER C 461 -7.99 6.05 47.03
CA SER C 461 -8.68 5.96 45.76
C SER C 461 -10.10 6.50 45.92
N LEU C 462 -10.54 7.30 44.96
CA LEU C 462 -11.90 7.84 44.93
C LEU C 462 -12.57 7.32 43.67
N TYR C 463 -13.60 6.48 43.83
CA TYR C 463 -14.24 5.82 42.71
C TYR C 463 -15.37 6.67 42.15
N VAL C 464 -15.57 6.57 40.84
CA VAL C 464 -16.52 7.40 40.11
C VAL C 464 -17.50 6.49 39.39
N ILE C 465 -18.79 6.79 39.51
CA ILE C 465 -19.83 6.13 38.73
C ILE C 465 -20.51 7.23 37.90
N TYR C 466 -20.39 7.13 36.58
CA TYR C 466 -20.88 8.19 35.71
C TYR C 466 -21.63 7.60 34.53
N GLU C 467 -22.52 8.41 33.97
CA GLU C 467 -23.27 8.06 32.76
C GLU C 467 -23.24 9.25 31.81
N GLU C 468 -22.89 8.99 30.55
CA GLU C 468 -22.79 10.06 29.56
C GLU C 468 -24.17 10.65 29.27
N GLY C 469 -24.20 11.98 29.11
CA GLY C 469 -25.45 12.66 28.88
C GLY C 469 -25.25 14.16 28.91
N ASP C 470 -26.35 14.89 29.14
CA ASP C 470 -26.29 16.34 29.17
C ASP C 470 -27.17 16.97 30.26
N ASN C 471 -27.72 16.17 31.17
CA ASN C 471 -28.62 16.73 32.18
C ASN C 471 -27.87 17.48 33.27
N ILE C 472 -26.67 17.04 33.63
CA ILE C 472 -25.89 17.62 34.73
C ILE C 472 -24.59 18.18 34.15
N ALA C 473 -24.30 19.44 34.46
CA ALA C 473 -23.12 20.11 33.95
C ALA C 473 -22.25 20.61 35.10
N GLY C 474 -20.95 20.41 34.96
CA GLY C 474 -20.00 20.96 35.91
C GLY C 474 -19.57 22.36 35.54
N VAL C 475 -19.75 23.31 36.45
CA VAL C 475 -19.51 24.72 36.13
C VAL C 475 -18.37 25.27 36.97
N PRO C 476 -17.65 26.30 36.52
CA PRO C 476 -16.58 26.86 37.36
C PRO C 476 -17.06 27.42 38.68
N SER C 477 -18.24 28.02 38.71
CA SER C 477 -18.78 28.61 39.94
C SER C 477 -20.28 28.85 39.74
N ASP C 478 -20.95 29.11 40.85
CA ASP C 478 -22.37 29.44 40.81
C ASP C 478 -22.59 30.82 40.22
N ASN C 479 -23.68 30.97 39.47
CA ASN C 479 -24.02 32.23 38.85
C ASN C 479 -24.45 33.27 39.88
N ASP C 484 -27.85 32.73 33.40
CA ASP C 484 -27.78 32.14 32.07
C ASP C 484 -26.35 31.74 31.72
N LEU C 485 -26.17 30.47 31.36
CA LEU C 485 -24.88 29.94 30.97
C LEU C 485 -24.56 30.15 29.50
N SER C 486 -25.49 30.66 28.72
CA SER C 486 -25.32 30.81 27.27
C SER C 486 -24.69 32.16 26.98
N VAL C 487 -23.38 32.15 26.70
CA VAL C 487 -22.64 33.35 26.31
C VAL C 487 -22.02 33.06 24.94
N LEU C 488 -22.24 33.96 23.99
CA LEU C 488 -21.78 33.77 22.62
C LEU C 488 -21.10 35.03 22.12
N HIS C 489 -19.83 34.91 21.73
CA HIS C 489 -19.09 35.99 21.12
C HIS C 489 -19.07 35.79 19.61
N LEU C 490 -19.44 36.83 18.87
CA LEU C 490 -19.62 36.74 17.43
C LEU C 490 -18.58 37.59 16.70
N ASP C 491 -18.27 37.17 15.47
CA ASP C 491 -17.41 37.94 14.55
C ASP C 491 -16.00 38.12 15.11
N SER C 492 -15.53 37.17 15.90
CA SER C 492 -14.17 37.21 16.42
C SER C 492 -13.75 35.80 16.80
N CYS C 493 -12.44 35.59 16.88
CA CYS C 493 -11.92 34.29 17.27
C CYS C 493 -12.25 34.03 18.74
N THR C 494 -12.69 32.80 19.02
CA THR C 494 -13.08 32.45 20.37
C THR C 494 -12.96 30.95 20.56
N ASP C 495 -12.79 30.54 21.81
CA ASP C 495 -12.84 29.14 22.22
C ASP C 495 -14.28 28.81 22.56
N TYR C 496 -14.89 27.91 21.79
CA TYR C 496 -16.31 27.62 21.92
C TYR C 496 -16.53 26.23 22.47
N ASN C 497 -17.57 26.11 23.30
CA ASN C 497 -18.13 24.85 23.78
C ASN C 497 -19.63 24.92 23.48
N ILE C 498 -20.04 24.36 22.35
CA ILE C 498 -21.42 24.45 21.87
C ILE C 498 -21.99 23.05 21.84
N TYR C 499 -22.99 22.80 22.68
CA TYR C 499 -23.70 21.52 22.73
C TYR C 499 -22.74 20.34 22.91
N GLY C 500 -21.65 20.56 23.65
CA GLY C 500 -20.68 19.53 23.91
C GLY C 500 -19.51 19.48 22.96
N LYS C 501 -19.55 20.20 21.85
CA LYS C 501 -18.45 20.22 20.88
C LYS C 501 -17.58 21.45 21.14
N THR C 502 -16.28 21.23 21.26
CA THR C 502 -15.35 22.28 21.64
C THR C 502 -14.39 22.56 20.49
N GLY C 503 -13.91 23.80 20.44
CA GLY C 503 -12.95 24.15 19.41
C GLY C 503 -12.57 25.62 19.48
N ILE C 504 -11.82 26.05 18.47
CA ILE C 504 -11.43 27.45 18.29
C ILE C 504 -11.94 27.91 16.94
N GLY C 505 -12.61 29.05 16.90
CA GLY C 505 -13.14 29.50 15.63
C GLY C 505 -13.85 30.83 15.75
N ILE C 506 -14.36 31.27 14.61
CA ILE C 506 -15.15 32.49 14.48
C ILE C 506 -16.58 32.09 14.17
N ILE C 507 -17.52 32.63 14.93
CA ILE C 507 -18.93 32.28 14.83
C ILE C 507 -19.68 33.48 14.25
N ARG C 508 -20.40 33.24 13.16
CA ARG C 508 -21.14 34.29 12.47
C ARG C 508 -22.59 33.87 12.30
N GLN C 509 -23.44 34.87 12.08
CA GLN C 509 -24.87 34.65 11.88
C GLN C 509 -25.17 34.62 10.39
N THR C 510 -25.93 33.62 9.96
CA THR C 510 -26.27 33.44 8.55
C THR C 510 -27.76 33.64 8.32
N ASN C 511 -28.10 33.86 7.05
CA ASN C 511 -29.50 33.99 6.63
C ASN C 511 -30.14 32.65 6.31
N SER C 512 -29.36 31.56 6.28
CA SER C 512 -29.87 30.29 5.81
C SER C 512 -30.95 29.74 6.75
N THR C 513 -31.86 28.97 6.18
CA THR C 513 -32.95 28.34 6.93
C THR C 513 -32.87 26.84 6.72
N LEU C 514 -32.28 26.14 7.68
CA LEU C 514 -32.26 24.68 7.71
C LEU C 514 -33.35 24.22 8.67
N LEU C 515 -34.28 23.42 8.18
CA LEU C 515 -35.49 23.10 8.92
C LEU C 515 -35.31 21.95 9.90
N SER C 516 -34.17 21.29 9.91
CA SER C 516 -33.98 20.09 10.71
C SER C 516 -32.67 20.17 11.48
N GLY C 517 -32.66 19.55 12.65
CA GLY C 517 -31.45 19.36 13.41
C GLY C 517 -31.10 20.51 14.33
N LEU C 518 -30.09 20.25 15.17
CA LEU C 518 -29.57 21.24 16.11
C LEU C 518 -28.19 21.74 15.74
N TYR C 519 -27.30 20.86 15.28
CA TYR C 519 -25.96 21.26 14.86
C TYR C 519 -25.52 20.37 13.71
N TYR C 520 -24.50 20.84 13.00
CA TYR C 520 -24.03 20.19 11.78
C TYR C 520 -22.52 20.03 11.82
N THR C 521 -22.03 18.90 11.34
CA THR C 521 -20.61 18.59 11.32
C THR C 521 -20.16 18.24 9.91
N SER C 522 -18.85 18.29 9.70
CA SER C 522 -18.26 17.94 8.43
C SER C 522 -17.95 16.44 8.39
N LEU C 523 -17.40 15.99 7.26
CA LEU C 523 -17.07 14.58 7.10
C LEU C 523 -15.96 14.17 8.07
N SER C 524 -15.09 15.11 8.45
CA SER C 524 -14.04 14.86 9.41
C SER C 524 -14.50 14.99 10.85
N GLY C 525 -15.75 15.38 11.08
CA GLY C 525 -16.27 15.52 12.42
C GLY C 525 -16.14 16.89 13.04
N ASP C 526 -15.81 17.92 12.26
CA ASP C 526 -15.66 19.27 12.79
C ASP C 526 -16.98 20.02 12.69
N LEU C 527 -17.27 20.79 13.72
CA LEU C 527 -18.53 21.54 13.78
C LEU C 527 -18.52 22.65 12.73
N LEU C 528 -19.56 22.69 11.91
CA LEU C 528 -19.72 23.71 10.87
C LEU C 528 -20.81 24.73 11.18
N GLY C 529 -21.87 24.32 11.85
CA GLY C 529 -22.93 25.25 12.19
C GLY C 529 -23.84 24.68 13.26
N PHE C 530 -24.60 25.57 13.88
CA PHE C 530 -25.52 25.18 14.93
C PHE C 530 -26.69 26.15 14.96
N LYS C 531 -27.78 25.71 15.56
CA LYS C 531 -29.02 26.47 15.58
C LYS C 531 -29.31 26.98 16.98
N ASN C 532 -29.76 28.23 17.07
CA ASN C 532 -30.27 28.78 18.32
C ASN C 532 -31.69 28.26 18.55
N VAL C 533 -31.92 27.64 19.72
CA VAL C 533 -33.19 26.98 19.98
C VAL C 533 -34.31 27.94 20.38
N THR C 534 -34.03 29.23 20.44
CA THR C 534 -35.07 30.20 20.81
C THR C 534 -35.74 30.82 19.59
N ASP C 535 -34.97 31.18 18.58
CA ASP C 535 -35.52 31.82 17.39
C ASP C 535 -35.22 31.07 16.10
N GLY C 536 -34.44 30.00 16.16
CA GLY C 536 -34.16 29.21 14.97
C GLY C 536 -33.08 29.77 14.06
N VAL C 537 -32.33 30.77 14.50
CA VAL C 537 -31.26 31.32 13.68
C VAL C 537 -30.10 30.35 13.63
N VAL C 538 -29.52 30.18 12.43
CA VAL C 538 -28.40 29.28 12.22
C VAL C 538 -27.11 30.10 12.20
N TYR C 539 -26.14 29.68 13.01
CA TYR C 539 -24.81 30.28 13.05
C TYR C 539 -23.81 29.32 12.42
N SER C 540 -22.86 29.90 11.69
CA SER C 540 -21.77 29.15 11.08
C SER C 540 -20.48 29.36 11.88
N VAL C 541 -19.59 28.38 11.80
CA VAL C 541 -18.30 28.39 12.49
C VAL C 541 -17.21 28.19 11.45
N THR C 542 -16.20 29.05 11.47
CA THR C 542 -15.06 28.95 10.58
C THR C 542 -13.78 28.95 11.38
N PRO C 543 -12.70 28.37 10.85
CA PRO C 543 -11.41 28.43 11.55
C PRO C 543 -10.88 29.85 11.63
N CYS C 544 -10.14 30.14 12.71
CA CYS C 544 -9.52 31.45 12.86
C CYS C 544 -8.34 31.61 11.91
N ASP C 545 -7.55 30.56 11.72
CA ASP C 545 -6.40 30.58 10.82
C ASP C 545 -6.55 29.50 9.76
N VAL C 546 -6.07 29.80 8.55
CA VAL C 546 -6.21 28.91 7.42
C VAL C 546 -4.83 28.63 6.83
N SER C 547 -4.77 27.65 5.95
CA SER C 547 -3.53 27.32 5.25
C SER C 547 -3.27 28.31 4.13
N ALA C 548 -2.02 28.71 3.99
CA ALA C 548 -1.61 29.63 2.94
C ALA C 548 -0.37 29.06 2.26
N GLN C 549 -0.04 29.62 1.09
CA GLN C 549 1.14 29.22 0.35
C GLN C 549 2.11 30.38 0.27
N ALA C 550 3.33 30.18 0.77
CA ALA C 550 4.36 31.21 0.75
C ALA C 550 5.31 30.95 -0.41
N ALA C 551 5.61 31.99 -1.18
CA ALA C 551 6.52 31.91 -2.31
C ALA C 551 7.90 32.38 -1.84
N VAL C 552 8.89 31.49 -1.94
CA VAL C 552 10.24 31.76 -1.48
C VAL C 552 11.16 31.78 -2.69
N ILE C 553 11.84 32.91 -2.89
CA ILE C 553 12.81 33.09 -3.97
C ILE C 553 14.08 33.66 -3.36
N ASP C 554 15.21 32.99 -3.57
CA ASP C 554 16.50 33.41 -3.06
C ASP C 554 16.49 33.55 -1.53
N GLY C 555 15.78 32.64 -0.86
CA GLY C 555 15.82 32.59 0.59
C GLY C 555 15.06 33.69 1.29
N THR C 556 14.11 34.34 0.61
CA THR C 556 13.28 35.35 1.24
C THR C 556 11.84 35.14 0.81
N ILE C 557 10.91 35.59 1.65
CA ILE C 557 9.48 35.52 1.35
C ILE C 557 9.10 36.75 0.55
N VAL C 558 8.64 36.54 -0.68
CA VAL C 558 8.24 37.64 -1.54
C VAL C 558 6.73 37.70 -1.76
N GLY C 559 6.00 36.64 -1.42
CA GLY C 559 4.56 36.65 -1.62
C GLY C 559 3.88 35.53 -0.88
N ALA C 560 2.56 35.66 -0.75
CA ALA C 560 1.74 34.68 -0.05
C ALA C 560 0.36 34.65 -0.67
N MET C 561 -0.08 33.45 -1.03
CA MET C 561 -1.43 33.19 -1.50
C MET C 561 -2.28 32.73 -0.31
N THR C 562 -3.40 33.42 -0.10
CA THR C 562 -4.22 33.17 1.08
C THR C 562 -5.68 33.38 0.74
N SER C 563 -6.55 32.82 1.59
CA SER C 563 -7.99 32.94 1.40
C SER C 563 -8.63 34.02 2.27
N ILE C 564 -7.89 34.57 3.23
CA ILE C 564 -8.38 35.63 4.10
C ILE C 564 -7.70 36.94 3.69
N ASN C 565 -8.49 38.00 3.59
CA ASN C 565 -7.96 39.32 3.25
C ASN C 565 -7.40 40.00 4.50
N SER C 566 -6.34 39.40 5.03
CA SER C 566 -5.62 39.93 6.18
C SER C 566 -4.13 39.77 5.95
N GLU C 567 -3.36 40.66 6.55
CA GLU C 567 -1.91 40.64 6.37
C GLU C 567 -1.31 39.41 7.05
N LEU C 568 -0.22 38.90 6.48
CA LEU C 568 0.44 37.72 7.02
C LEU C 568 1.89 37.71 6.59
N LEU C 569 2.71 37.03 7.39
CA LEU C 569 4.13 36.79 7.09
C LEU C 569 4.90 38.08 6.87
N GLY C 570 4.43 39.18 7.45
CA GLY C 570 5.10 40.46 7.28
C GLY C 570 4.78 41.20 5.99
N LEU C 571 3.88 40.68 5.17
CA LEU C 571 3.51 41.33 3.91
C LEU C 571 2.34 42.27 4.14
N THR C 572 2.38 43.42 3.46
CA THR C 572 1.36 44.46 3.63
C THR C 572 0.57 44.70 2.36
N HIS C 573 1.23 44.91 1.23
CA HIS C 573 0.53 45.14 -0.02
C HIS C 573 -0.12 43.86 -0.52
N TRP C 574 -1.26 44.00 -1.18
CA TRP C 574 -2.00 42.84 -1.63
C TRP C 574 -2.77 43.16 -2.90
N THR C 575 -3.14 42.10 -3.62
CA THR C 575 -3.96 42.20 -4.82
C THR C 575 -4.96 41.06 -4.82
N THR C 576 -6.02 41.25 -5.60
CA THR C 576 -7.14 40.32 -5.67
C THR C 576 -7.04 39.48 -6.93
N THR C 577 -7.26 38.18 -6.78
CA THR C 577 -7.25 37.20 -7.85
C THR C 577 -8.60 36.48 -7.82
N PRO C 578 -9.09 36.00 -8.97
CA PRO C 578 -10.38 35.30 -8.97
C PRO C 578 -10.44 34.08 -8.06
N ASN C 579 -9.32 33.57 -7.58
CA ASN C 579 -9.32 32.39 -6.73
C ASN C 579 -8.77 32.62 -5.32
N PHE C 580 -8.03 33.70 -5.09
CA PHE C 580 -7.40 33.92 -3.79
C PHE C 580 -6.99 35.38 -3.68
N TYR C 581 -6.45 35.74 -2.52
CA TYR C 581 -5.77 37.00 -2.30
C TYR C 581 -4.27 36.76 -2.34
N TYR C 582 -3.53 37.69 -2.93
CA TYR C 582 -2.08 37.55 -3.05
C TYR C 582 -1.42 38.75 -2.38
N TYR C 583 -0.75 38.51 -1.26
CA TYR C 583 0.05 39.53 -0.60
C TYR C 583 1.48 39.45 -1.11
N SER C 584 2.15 40.61 -1.17
CA SER C 584 3.45 40.67 -1.81
C SER C 584 4.26 41.82 -1.23
N ILE C 585 5.56 41.76 -1.47
CA ILE C 585 6.43 42.90 -1.21
C ILE C 585 6.33 43.95 -2.32
N TYR C 586 5.75 43.58 -3.46
CA TYR C 586 5.57 44.51 -4.57
C TYR C 586 4.55 45.57 -4.21
N ASN C 587 4.78 46.79 -4.70
CA ASN C 587 3.91 47.93 -4.44
C ASN C 587 2.62 47.80 -5.24
N TYR C 588 1.58 47.26 -4.62
CA TYR C 588 0.27 47.23 -5.22
C TYR C 588 -0.58 48.39 -4.72
N THR C 589 -1.33 48.99 -5.62
CA THR C 589 -2.17 50.13 -5.28
C THR C 589 -3.34 49.69 -4.41
N VAL C 603 2.30 43.83 -15.02
CA VAL C 603 3.72 43.94 -14.72
C VAL C 603 4.53 43.07 -15.66
N ASP C 604 5.53 43.66 -16.30
CA ASP C 604 6.41 42.96 -17.23
C ASP C 604 7.67 42.53 -16.49
N CYS C 605 7.72 41.26 -16.10
CA CYS C 605 8.89 40.70 -15.43
C CYS C 605 8.99 39.22 -15.77
N GLU C 606 10.20 38.69 -15.63
CA GLU C 606 10.43 37.27 -15.90
C GLU C 606 10.10 36.47 -14.65
N PRO C 607 9.09 35.61 -14.68
CA PRO C 607 8.74 34.84 -13.48
C PRO C 607 9.86 33.89 -13.09
N ILE C 608 10.05 33.76 -11.78
CA ILE C 608 11.05 32.86 -11.23
C ILE C 608 10.45 31.52 -10.84
N ILE C 609 9.30 31.54 -10.17
CA ILE C 609 8.62 30.29 -9.80
C ILE C 609 7.22 30.28 -10.38
N THR C 610 6.88 29.22 -11.09
CA THR C 610 5.61 29.15 -11.79
C THR C 610 4.88 27.86 -11.47
N TYR C 611 3.56 27.93 -11.49
CA TYR C 611 2.70 26.75 -11.46
C TYR C 611 1.44 27.06 -12.26
N SER C 612 1.14 26.23 -13.25
CA SER C 612 -0.02 26.42 -14.12
C SER C 612 0.06 27.75 -14.84
N ASN C 613 -0.91 28.62 -14.61
CA ASN C 613 -0.94 29.95 -15.21
C ASN C 613 -0.44 31.03 -14.25
N ILE C 614 0.08 30.64 -13.09
CA ILE C 614 0.53 31.58 -12.06
C ILE C 614 2.04 31.65 -12.07
N GLY C 615 2.59 32.85 -12.01
CA GLY C 615 4.02 33.01 -11.89
C GLY C 615 4.37 34.10 -10.91
N VAL C 616 5.48 33.92 -10.21
CA VAL C 616 6.00 34.88 -9.25
C VAL C 616 7.40 35.26 -9.68
N CYS C 617 7.63 36.56 -9.81
CA CYS C 617 8.89 37.16 -10.22
C CYS C 617 9.78 37.41 -9.01
N LYS C 618 10.99 37.92 -9.27
CA LYS C 618 11.93 38.18 -8.18
C LYS C 618 11.48 39.32 -7.29
N ASN C 619 10.79 40.31 -7.85
CA ASN C 619 10.32 41.46 -7.09
C ASN C 619 8.98 41.21 -6.40
N GLY C 620 8.44 40.00 -6.51
CA GLY C 620 7.20 39.65 -5.84
C GLY C 620 5.94 39.87 -6.65
N ALA C 621 6.04 40.40 -7.87
CA ALA C 621 4.86 40.64 -8.68
C ALA C 621 4.28 39.33 -9.20
N LEU C 622 2.96 39.31 -9.33
CA LEU C 622 2.22 38.15 -9.83
C LEU C 622 1.97 38.32 -11.32
N VAL C 623 2.28 37.28 -12.11
CA VAL C 623 2.14 37.33 -13.55
C VAL C 623 1.36 36.12 -14.04
N PHE C 624 0.78 36.28 -15.22
CA PHE C 624 0.03 35.22 -15.88
C PHE C 624 0.94 34.47 -16.85
N ILE C 625 0.84 33.15 -16.83
CA ILE C 625 1.61 32.28 -17.71
C ILE C 625 0.66 31.73 -18.76
N ASN C 626 0.85 32.14 -20.01
CA ASN C 626 0.02 31.66 -21.10
C ASN C 626 0.67 30.46 -21.76
N VAL C 627 -0.11 29.78 -22.60
CA VAL C 627 0.37 28.60 -23.30
C VAL C 627 1.41 29.02 -24.34
N THR C 628 2.38 28.14 -24.58
CA THR C 628 3.45 28.41 -25.53
C THR C 628 2.89 28.60 -26.94
N HIS C 629 3.47 29.55 -27.68
CA HIS C 629 3.07 29.85 -29.03
C HIS C 629 4.13 29.38 -30.02
N SER C 630 3.68 28.89 -31.18
CA SER C 630 4.57 28.46 -32.24
C SER C 630 3.99 28.91 -33.59
N ASP C 631 4.86 28.92 -34.60
CA ASP C 631 4.43 29.33 -35.93
C ASP C 631 3.40 28.36 -36.52
N GLY C 632 3.59 27.07 -36.28
CA GLY C 632 2.69 26.06 -36.80
C GLY C 632 3.45 24.94 -37.50
N ASP C 633 2.70 23.91 -37.86
CA ASP C 633 3.25 22.75 -38.54
C ASP C 633 3.17 22.92 -40.04
N VAL C 634 4.20 22.46 -40.74
CA VAL C 634 4.19 22.46 -42.20
C VAL C 634 3.17 21.44 -42.69
N GLN C 635 2.32 21.87 -43.62
CA GLN C 635 1.27 20.97 -44.07
C GLN C 635 1.61 20.39 -45.44
N PRO C 636 1.17 19.15 -45.72
CA PRO C 636 1.47 18.52 -47.02
C PRO C 636 0.61 19.07 -48.15
N ILE C 637 0.69 20.38 -48.32
CA ILE C 637 -0.13 21.06 -49.35
C ILE C 637 0.77 21.36 -50.54
N SER C 638 0.27 21.14 -51.73
CA SER C 638 0.96 21.47 -52.97
C SER C 638 0.03 22.20 -53.92
N THR C 639 -0.68 23.20 -53.41
CA THR C 639 -1.58 24.02 -54.21
C THR C 639 -1.49 25.45 -53.70
N GLY C 640 -1.11 26.38 -54.57
CA GLY C 640 -1.10 27.78 -54.19
C GLY C 640 0.20 28.21 -53.56
N ASN C 641 0.17 29.29 -52.79
CA ASN C 641 1.38 29.82 -52.17
C ASN C 641 1.67 29.07 -50.88
N VAL C 642 2.83 28.40 -50.83
CA VAL C 642 3.21 27.59 -49.70
C VAL C 642 4.59 28.01 -49.22
N THR C 643 4.87 27.69 -47.95
CA THR C 643 6.10 28.10 -47.29
C THR C 643 6.91 26.87 -46.89
N ILE C 644 8.20 26.92 -47.18
CA ILE C 644 9.14 25.83 -46.89
C ILE C 644 10.24 26.40 -46.00
N PRO C 645 10.56 25.79 -44.87
CA PRO C 645 11.65 26.29 -44.03
C PRO C 645 12.99 26.24 -44.76
N THR C 646 13.77 27.31 -44.62
CA THR C 646 15.02 27.46 -45.36
C THR C 646 16.24 27.59 -44.49
N ASN C 647 16.27 28.54 -43.56
CA ASN C 647 17.46 28.87 -42.79
C ASN C 647 17.39 28.18 -41.45
N PHE C 648 18.36 27.29 -41.19
CA PHE C 648 18.29 26.41 -40.04
C PHE C 648 19.46 26.66 -39.10
N THR C 649 19.15 26.66 -37.81
CA THR C 649 20.13 26.60 -36.74
C THR C 649 19.97 25.28 -36.00
N ILE C 650 20.79 25.07 -34.97
CA ILE C 650 20.81 23.84 -34.20
C ILE C 650 20.23 24.11 -32.82
N SER C 651 19.33 23.25 -32.37
CA SER C 651 18.84 23.26 -31.01
C SER C 651 19.13 21.92 -30.36
N VAL C 652 19.58 21.94 -29.10
CA VAL C 652 19.88 20.72 -28.36
C VAL C 652 18.91 20.62 -27.19
N GLN C 653 18.26 19.47 -27.07
CA GLN C 653 17.29 19.21 -26.01
C GLN C 653 17.76 18.03 -25.18
N VAL C 654 17.58 18.12 -23.86
CA VAL C 654 18.09 17.15 -22.91
C VAL C 654 16.92 16.40 -22.30
N GLU C 655 17.00 15.08 -22.29
CA GLU C 655 15.97 14.26 -21.67
C GLU C 655 16.60 13.18 -20.80
N TYR C 656 16.03 12.96 -19.61
CA TYR C 656 16.51 11.93 -18.70
C TYR C 656 15.50 10.79 -18.63
N ILE C 657 15.98 9.56 -18.75
CA ILE C 657 15.14 8.37 -18.59
C ILE C 657 15.83 7.41 -17.63
N GLN C 658 15.08 6.91 -16.66
CA GLN C 658 15.58 5.91 -15.74
C GLN C 658 15.57 4.53 -16.39
N VAL C 659 16.62 3.76 -16.14
CA VAL C 659 16.80 2.46 -16.76
C VAL C 659 16.74 1.34 -15.72
N TYR C 660 17.28 1.56 -14.52
CA TYR C 660 17.34 0.51 -13.53
C TYR C 660 17.15 1.10 -12.14
N THR C 661 16.79 0.25 -11.19
CA THR C 661 16.66 0.61 -9.79
C THR C 661 17.91 0.21 -9.02
N THR C 662 17.89 0.47 -7.71
CA THR C 662 18.94 0.02 -6.82
C THR C 662 18.43 -1.21 -6.08
N PRO C 663 18.82 -2.44 -6.50
CA PRO C 663 18.27 -3.66 -5.91
C PRO C 663 18.76 -3.96 -4.48
N VAL C 664 17.88 -4.51 -3.67
CA VAL C 664 18.24 -4.79 -2.25
C VAL C 664 17.94 -6.25 -1.91
N SER C 665 18.83 -6.89 -1.17
CA SER C 665 18.55 -8.24 -0.64
C SER C 665 18.27 -8.06 0.85
N ILE C 666 17.28 -8.74 1.35
CA ILE C 666 16.90 -8.70 2.76
C ILE C 666 17.01 -10.10 3.34
N ASP C 667 17.71 -10.22 4.46
CA ASP C 667 17.68 -11.44 5.27
C ASP C 667 16.52 -11.29 6.25
N CYS C 668 15.42 -11.98 5.97
CA CYS C 668 14.21 -11.81 6.77
C CYS C 668 14.44 -12.23 8.22
N SER C 669 15.17 -13.32 8.43
CA SER C 669 15.42 -13.80 9.79
C SER C 669 16.23 -12.79 10.59
N ARG C 670 17.23 -12.17 9.96
CA ARG C 670 18.05 -11.19 10.69
C ARG C 670 17.30 -9.89 10.91
N TYR C 671 16.42 -9.49 9.99
CA TYR C 671 15.64 -8.29 10.21
C TYR C 671 14.62 -8.48 11.33
N VAL C 672 13.89 -9.59 11.30
CA VAL C 672 12.87 -9.83 12.31
C VAL C 672 13.51 -10.11 13.66
N CYS C 673 14.51 -10.99 13.68
CA CYS C 673 15.19 -11.38 14.90
C CYS C 673 16.64 -10.95 14.81
N ASN C 674 17.10 -10.19 15.79
CA ASN C 674 18.45 -9.64 15.73
C ASN C 674 19.48 -10.69 16.15
N GLY C 675 19.43 -11.86 15.50
CA GLY C 675 20.34 -12.94 15.81
C GLY C 675 19.99 -13.78 17.02
N ASN C 676 18.86 -13.52 17.66
CA ASN C 676 18.49 -14.24 18.87
C ASN C 676 18.01 -15.65 18.53
N PRO C 677 18.61 -16.71 19.09
CA PRO C 677 18.14 -18.06 18.77
C PRO C 677 16.70 -18.34 19.15
N ARG C 678 16.23 -17.82 20.28
CA ARG C 678 14.86 -18.06 20.70
C ARG C 678 13.87 -17.39 19.75
N CYS C 679 14.19 -16.18 19.30
CA CYS C 679 13.35 -15.52 18.31
C CYS C 679 13.33 -16.30 17.00
N ASN C 680 14.47 -16.90 16.62
CA ASN C 680 14.49 -17.74 15.42
C ASN C 680 13.61 -18.98 15.60
N LYS C 681 13.64 -19.58 16.79
CA LYS C 681 12.76 -20.72 17.05
C LYS C 681 11.30 -20.32 16.95
N LEU C 682 10.96 -19.14 17.46
CA LEU C 682 9.59 -18.65 17.32
C LEU C 682 9.23 -18.38 15.86
N LEU C 683 10.17 -17.82 15.10
CA LEU C 683 9.92 -17.47 13.70
C LEU C 683 9.89 -18.70 12.80
N THR C 684 10.32 -19.86 13.30
CA THR C 684 10.16 -21.08 12.54
C THR C 684 8.70 -21.39 12.23
N GLN C 685 7.77 -20.82 12.99
CA GLN C 685 6.35 -20.96 12.70
C GLN C 685 5.85 -19.96 11.67
N TYR C 686 6.61 -18.91 11.36
CA TYR C 686 6.28 -17.94 10.32
C TYR C 686 7.18 -18.06 9.10
N VAL C 687 8.05 -19.08 9.10
CA VAL C 687 9.04 -19.27 8.04
C VAL C 687 8.44 -19.10 6.64
N SER C 688 7.15 -19.39 6.47
CA SER C 688 6.52 -19.23 5.17
C SER C 688 6.52 -17.77 4.71
N ALA C 689 6.22 -16.85 5.62
CA ALA C 689 6.20 -15.42 5.27
C ALA C 689 7.59 -14.94 4.86
N CYS C 690 8.62 -15.34 5.61
CA CYS C 690 9.98 -14.97 5.26
C CYS C 690 10.38 -15.55 3.91
N GLN C 691 9.98 -16.80 3.64
CA GLN C 691 10.27 -17.41 2.35
C GLN C 691 9.60 -16.63 1.23
N THR C 692 8.35 -16.23 1.41
CA THR C 692 7.66 -15.45 0.39
C THR C 692 8.36 -14.13 0.13
N ILE C 693 8.77 -13.44 1.20
CA ILE C 693 9.42 -12.15 1.04
C ILE C 693 10.75 -12.30 0.30
N GLU C 694 11.57 -13.26 0.73
CA GLU C 694 12.86 -13.46 0.08
C GLU C 694 12.69 -13.86 -1.38
N GLN C 695 11.72 -14.74 -1.67
CA GLN C 695 11.52 -15.19 -3.04
C GLN C 695 11.08 -14.03 -3.93
N ALA C 696 10.17 -13.18 -3.43
CA ALA C 696 9.73 -12.03 -4.22
C ALA C 696 10.89 -11.10 -4.53
N LEU C 697 11.68 -10.76 -3.51
CA LEU C 697 12.80 -9.83 -3.73
C LEU C 697 13.83 -10.42 -4.70
N ALA C 698 14.17 -11.70 -4.51
CA ALA C 698 15.18 -12.32 -5.37
C ALA C 698 14.69 -12.42 -6.80
N MET C 699 13.42 -12.79 -7.00
CA MET C 699 12.90 -12.89 -8.36
C MET C 699 12.86 -11.53 -9.04
N GLY C 700 12.46 -10.49 -8.31
CA GLY C 700 12.49 -9.16 -8.89
C GLY C 700 13.89 -8.74 -9.32
N ALA C 701 14.88 -8.96 -8.45
CA ALA C 701 16.25 -8.62 -8.80
C ALA C 701 16.74 -9.40 -10.01
N ARG C 702 16.43 -10.71 -10.06
CA ARG C 702 16.88 -11.53 -11.17
C ARG C 702 16.24 -11.08 -12.49
N LEU C 703 14.95 -10.79 -12.47
CA LEU C 703 14.29 -10.31 -13.69
C LEU C 703 14.90 -9.00 -14.15
N GLU C 704 15.18 -8.05 -13.26
CA GLU C 704 15.73 -6.77 -13.76
C GLU C 704 17.17 -7.00 -14.25
N ASN C 705 17.94 -7.85 -13.59
CA ASN C 705 19.28 -8.10 -14.11
C ASN C 705 19.24 -8.73 -15.49
N MET C 706 18.33 -9.67 -15.71
CA MET C 706 18.17 -10.27 -17.02
C MET C 706 17.77 -9.24 -18.06
N GLU C 707 16.86 -8.33 -17.69
CA GLU C 707 16.43 -7.30 -18.62
C GLU C 707 17.57 -6.36 -18.97
N VAL C 708 18.35 -5.92 -17.98
CA VAL C 708 19.43 -4.98 -18.24
C VAL C 708 20.55 -5.63 -19.04
N ASP C 709 20.80 -6.93 -18.78
CA ASP C 709 21.91 -7.61 -19.44
C ASP C 709 21.73 -7.65 -20.96
N SER C 710 20.51 -7.89 -21.42
CA SER C 710 20.25 -8.02 -22.85
C SER C 710 20.21 -6.69 -23.58
N MET C 711 20.28 -5.57 -22.86
CA MET C 711 20.15 -4.25 -23.48
C MET C 711 21.50 -3.62 -23.82
N LEU C 712 22.50 -3.81 -22.97
CA LEU C 712 23.78 -3.12 -23.11
C LEU C 712 24.76 -3.96 -23.93
N PHE C 713 25.55 -3.27 -24.75
CA PHE C 713 26.58 -3.90 -25.56
C PHE C 713 27.61 -2.85 -25.94
N VAL C 714 28.80 -3.31 -26.31
CA VAL C 714 29.87 -2.43 -26.76
C VAL C 714 30.50 -3.00 -28.01
N SER C 715 31.23 -2.14 -28.71
CA SER C 715 32.04 -2.54 -29.87
C SER C 715 33.47 -2.08 -29.62
N GLU C 716 34.43 -2.98 -29.83
CA GLU C 716 35.83 -2.66 -29.53
C GLU C 716 36.33 -1.52 -30.41
N ASN C 717 36.06 -1.60 -31.72
CA ASN C 717 36.51 -0.54 -32.62
C ASN C 717 35.82 0.78 -32.32
N ALA C 718 34.52 0.73 -31.98
CA ALA C 718 33.82 1.95 -31.61
C ALA C 718 34.38 2.54 -30.32
N LEU C 719 34.74 1.69 -29.36
CA LEU C 719 35.32 2.18 -28.12
C LEU C 719 36.71 2.75 -28.33
N LYS C 720 37.45 2.27 -29.33
CA LYS C 720 38.77 2.83 -29.60
C LYS C 720 38.70 4.30 -30.00
N LEU C 721 37.65 4.70 -30.73
CA LEU C 721 37.49 6.08 -31.16
C LEU C 721 36.72 6.93 -30.16
N ALA C 722 36.17 6.35 -29.11
CA ALA C 722 35.29 7.07 -28.19
C ALA C 722 36.13 7.71 -27.09
N SER C 723 36.73 8.85 -27.42
CA SER C 723 37.49 9.64 -26.46
C SER C 723 37.73 11.01 -27.03
N VAL C 724 38.00 11.97 -26.15
CA VAL C 724 38.32 13.33 -26.60
C VAL C 724 39.66 13.34 -27.32
N GLU C 725 40.61 12.53 -26.85
CA GLU C 725 41.92 12.48 -27.49
C GLU C 725 41.83 11.93 -28.90
N ALA C 726 41.02 10.89 -29.11
CA ALA C 726 40.88 10.30 -30.44
C ALA C 726 40.22 11.28 -31.42
N PHE C 727 39.20 12.02 -30.96
CA PHE C 727 38.53 12.98 -31.82
C PHE C 727 39.40 14.19 -32.11
N ASN C 728 40.44 14.43 -31.32
CA ASN C 728 41.32 15.57 -31.50
C ASN C 728 42.57 15.24 -32.31
N SER C 729 42.71 14.01 -32.77
CA SER C 729 43.85 13.59 -33.57
C SER C 729 43.38 13.03 -34.91
N THR C 730 44.32 12.91 -35.84
CA THR C 730 44.07 12.37 -37.16
C THR C 730 44.70 10.99 -37.35
N GLU C 731 45.01 10.29 -36.26
CA GLU C 731 45.66 8.99 -36.36
C GLU C 731 44.76 7.97 -37.04
N HIS C 732 43.46 7.96 -36.71
CA HIS C 732 42.55 6.96 -37.23
C HIS C 732 41.82 7.40 -38.49
N LEU C 733 42.06 8.61 -38.98
CA LEU C 733 41.37 9.09 -40.17
C LEU C 733 41.81 8.30 -41.41
N ASP C 734 40.85 8.01 -42.27
CA ASP C 734 41.15 7.43 -43.57
C ASP C 734 41.98 8.42 -44.38
N PRO C 735 43.02 7.95 -45.08
CA PRO C 735 43.87 8.88 -45.84
C PRO C 735 43.15 9.73 -46.87
N ILE C 736 41.92 9.35 -47.26
CA ILE C 736 41.16 10.18 -48.20
C ILE C 736 40.57 11.42 -47.56
N TYR C 737 40.78 11.62 -46.25
CA TYR C 737 40.32 12.80 -45.54
C TYR C 737 41.50 13.64 -45.04
N LYS C 738 42.52 13.78 -45.87
CA LYS C 738 43.71 14.52 -45.48
C LYS C 738 43.43 16.00 -45.25
N GLU C 739 42.37 16.54 -45.84
CA GLU C 739 42.03 17.95 -45.63
C GLU C 739 41.57 18.21 -44.21
N TRP C 740 40.81 17.28 -43.63
CA TRP C 740 40.29 17.47 -42.28
C TRP C 740 41.40 17.35 -41.25
N PRO C 741 41.57 18.33 -40.36
CA PRO C 741 42.64 18.23 -39.36
C PRO C 741 42.48 17.06 -38.40
N ASN C 742 41.25 16.73 -38.02
CA ASN C 742 41.00 15.66 -37.07
C ASN C 742 39.57 15.17 -37.25
N ILE C 743 39.16 14.23 -36.39
CA ILE C 743 37.81 13.70 -36.45
C ILE C 743 36.80 14.75 -35.98
N GLY C 744 37.09 15.41 -34.86
CA GLY C 744 36.11 16.32 -34.28
C GLY C 744 35.80 17.52 -35.14
N GLY C 745 36.83 18.14 -35.69
CA GLY C 745 36.62 19.31 -36.55
C GLY C 745 36.00 20.46 -35.79
N SER C 746 35.03 21.12 -36.43
CA SER C 746 34.36 22.26 -35.82
C SER C 746 33.39 21.85 -34.73
N TRP C 747 32.95 20.60 -34.71
CA TRP C 747 32.02 20.11 -33.71
C TRP C 747 32.70 19.75 -32.39
N LEU C 748 34.02 19.66 -32.37
CA LEU C 748 34.74 19.21 -31.19
C LEU C 748 34.46 20.10 -29.99
N GLY C 749 34.29 21.40 -30.21
CA GLY C 749 34.01 22.30 -29.10
C GLY C 749 32.76 21.92 -28.32
N GLY C 750 31.83 21.22 -28.96
CA GLY C 750 30.67 20.71 -28.26
C GLY C 750 30.84 19.27 -27.85
N LEU C 751 31.66 18.52 -28.60
CA LEU C 751 31.83 17.10 -28.32
C LEU C 751 32.78 16.85 -27.16
N LYS C 752 33.58 17.83 -26.75
CA LYS C 752 34.53 17.61 -25.67
C LYS C 752 33.87 17.47 -24.31
N ASP C 753 32.63 17.94 -24.16
CA ASP C 753 31.89 17.78 -22.92
C ASP C 753 31.04 16.52 -22.89
N ILE C 754 30.90 15.82 -24.01
CA ILE C 754 30.06 14.63 -24.09
C ILE C 754 30.91 13.37 -24.19
N LEU C 755 32.01 13.41 -24.93
CA LEU C 755 32.86 12.25 -25.06
C LEU C 755 33.69 12.05 -23.79
N PRO C 756 34.04 10.80 -23.47
CA PRO C 756 34.92 10.55 -22.32
C PRO C 756 36.31 11.13 -22.53
N SER C 757 36.92 11.54 -21.42
CA SER C 757 38.24 12.16 -21.44
C SER C 757 39.10 11.56 -20.33
N HIS C 758 40.42 11.66 -20.51
CA HIS C 758 41.34 11.18 -19.50
C HIS C 758 41.30 12.01 -18.22
N ASN C 759 40.83 13.25 -18.30
CA ASN C 759 40.69 14.11 -17.12
C ASN C 759 39.35 13.81 -16.44
N SER C 760 39.24 12.59 -15.93
CA SER C 760 38.01 12.12 -15.31
C SER C 760 38.34 11.32 -14.07
N LYS C 761 37.40 11.31 -13.12
CA LYS C 761 37.58 10.54 -11.89
C LYS C 761 37.63 9.04 -12.18
N ARG C 762 36.76 8.56 -13.06
CA ARG C 762 36.69 7.16 -13.42
C ARG C 762 36.91 7.00 -14.92
N LYS C 763 37.04 5.74 -15.35
CA LYS C 763 37.29 5.45 -16.74
C LYS C 763 36.05 5.71 -17.59
N TYR C 764 36.29 6.17 -18.83
CA TYR C 764 35.25 6.43 -19.82
C TYR C 764 34.26 7.51 -19.36
N ARG C 765 34.66 8.32 -18.39
CA ARG C 765 33.77 9.33 -17.81
C ARG C 765 33.98 10.66 -18.52
N SER C 766 32.88 11.37 -18.77
CA SER C 766 32.91 12.67 -19.43
C SER C 766 32.59 13.78 -18.45
N ALA C 767 32.69 15.02 -18.94
CA ALA C 767 32.49 16.19 -18.08
C ALA C 767 31.06 16.25 -17.55
N ILE C 768 30.08 16.08 -18.44
CA ILE C 768 28.68 16.15 -18.03
C ILE C 768 28.35 15.01 -17.08
N GLU C 769 28.90 13.82 -17.33
CA GLU C 769 28.67 12.70 -16.43
C GLU C 769 29.21 12.98 -15.04
N ASP C 770 30.42 13.55 -14.94
CA ASP C 770 30.96 13.90 -13.64
C ASP C 770 30.11 14.96 -12.95
N LEU C 771 29.67 15.99 -13.71
CA LEU C 771 28.82 17.02 -13.11
C LEU C 771 27.53 16.44 -12.58
N LEU C 772 26.91 15.52 -13.32
CA LEU C 772 25.66 14.92 -12.89
C LEU C 772 25.82 13.94 -11.74
N PHE C 773 26.95 13.23 -11.67
CA PHE C 773 27.18 12.31 -10.58
C PHE C 773 27.72 12.98 -9.33
N ASP C 774 28.15 14.24 -9.42
CA ASP C 774 28.62 14.97 -8.25
C ASP C 774 27.62 16.02 -7.77
N LYS C 775 26.87 16.64 -8.68
CA LYS C 775 25.90 17.65 -8.27
C LYS C 775 24.56 17.06 -7.87
N VAL C 776 24.37 15.77 -8.05
CA VAL C 776 23.11 15.12 -7.67
C VAL C 776 23.30 14.02 -6.64
N VAL C 777 24.48 13.42 -6.53
CA VAL C 777 24.71 12.36 -5.57
C VAL C 777 25.81 12.77 -4.59
N VAL C 784 27.83 5.42 -2.46
CA VAL C 784 29.14 5.71 -1.89
C VAL C 784 30.06 4.50 -2.04
N ASP C 785 30.48 3.93 -0.91
CA ASP C 785 31.36 2.77 -0.89
C ASP C 785 30.53 1.50 -0.74
N GLU C 786 30.84 0.54 -1.62
CA GLU C 786 30.08 -0.72 -1.68
C GLU C 786 30.91 -1.89 -1.12
N ASP C 787 31.99 -1.61 -0.41
CA ASP C 787 32.81 -2.66 0.18
C ASP C 787 32.22 -3.07 1.52
N TYR C 788 31.95 -4.36 1.67
CA TYR C 788 31.34 -4.85 2.92
C TYR C 788 32.42 -5.26 3.90
N LYS C 789 33.65 -5.47 3.44
CA LYS C 789 34.70 -5.92 4.34
C LYS C 789 34.99 -4.89 5.42
N ARG C 790 34.73 -3.62 5.15
CA ARG C 790 35.02 -2.56 6.12
C ARG C 790 34.02 -2.52 7.27
N CYS C 791 32.80 -3.03 7.07
CA CYS C 791 31.78 -2.93 8.11
C CYS C 791 32.15 -3.78 9.32
N THR C 792 32.70 -4.98 9.10
CA THR C 792 33.03 -5.89 10.17
C THR C 792 34.40 -5.64 10.78
N GLY C 793 35.14 -4.65 10.28
CA GLY C 793 36.47 -4.39 10.81
C GLY C 793 36.45 -3.87 12.24
N GLY C 794 35.49 -3.01 12.56
CA GLY C 794 35.38 -2.47 13.90
C GLY C 794 36.38 -1.39 14.25
N TYR C 795 36.92 -0.68 13.25
CA TYR C 795 38.00 0.30 13.50
C TYR C 795 37.43 1.67 13.81
N ASP C 796 36.12 1.81 13.66
CA ASP C 796 35.45 3.05 14.00
C ASP C 796 33.97 2.76 14.17
N ILE C 797 33.22 3.80 14.55
CA ILE C 797 31.77 3.68 14.67
C ILE C 797 31.17 3.47 13.30
N ALA C 798 30.27 2.50 13.19
CA ALA C 798 29.67 2.16 11.90
C ALA C 798 28.83 3.32 11.36
N ASP C 799 28.83 3.47 10.05
CA ASP C 799 28.02 4.48 9.39
C ASP C 799 26.63 3.91 9.09
N LEU C 800 25.84 4.65 8.30
CA LEU C 800 24.46 4.24 8.04
C LEU C 800 24.40 2.93 7.25
N VAL C 801 25.26 2.79 6.24
CA VAL C 801 25.23 1.59 5.40
C VAL C 801 25.62 0.36 6.21
N CYS C 802 26.67 0.47 7.03
CA CYS C 802 27.08 -0.66 7.85
C CYS C 802 26.02 -1.03 8.88
N ALA C 803 25.34 -0.03 9.45
CA ALA C 803 24.26 -0.33 10.38
C ALA C 803 23.11 -1.04 9.69
N GLN C 804 22.74 -0.59 8.48
CA GLN C 804 21.71 -1.28 7.73
C GLN C 804 22.11 -2.71 7.42
N TYR C 805 23.38 -2.96 7.13
CA TYR C 805 23.88 -4.33 6.88
C TYR C 805 23.70 -5.11 8.14
N TYR C 806 24.07 -4.53 9.28
CA TYR C 806 23.88 -5.21 10.56
C TYR C 806 22.43 -5.57 10.80
N ASN C 807 21.50 -4.78 10.27
CA ASN C 807 20.08 -5.08 10.37
C ASN C 807 19.59 -6.08 9.32
N GLY C 808 20.46 -6.65 8.52
CA GLY C 808 20.07 -7.63 7.50
C GLY C 808 19.66 -7.02 6.18
N ILE C 809 20.01 -5.76 5.93
CA ILE C 809 19.63 -5.06 4.67
C ILE C 809 20.87 -4.91 3.78
N MET C 810 20.93 -5.66 2.69
CA MET C 810 22.11 -5.64 1.79
C MET C 810 21.79 -4.93 0.47
N VAL C 811 22.38 -3.76 0.23
CA VAL C 811 22.25 -3.11 -1.11
C VAL C 811 23.21 -3.82 -2.08
N LEU C 812 22.69 -4.39 -3.16
CA LEU C 812 23.50 -5.13 -4.16
C LEU C 812 24.39 -4.20 -4.98
N PRO C 813 25.48 -4.68 -5.62
CA PRO C 813 26.42 -3.81 -6.33
C PRO C 813 25.78 -3.07 -7.49
N GLY C 814 26.16 -1.81 -7.65
CA GLY C 814 25.63 -0.98 -8.72
C GLY C 814 26.67 -0.19 -9.48
N VAL C 815 27.92 -0.20 -8.99
CA VAL C 815 28.99 0.48 -9.70
C VAL C 815 29.26 -0.19 -11.04
N ALA C 816 29.15 -1.52 -11.08
CA ALA C 816 29.35 -2.24 -12.33
C ALA C 816 28.32 -1.84 -13.36
N ASN C 817 27.06 -1.67 -12.96
CA ASN C 817 26.03 -1.25 -13.89
C ASN C 817 26.29 0.15 -14.41
N ASP C 818 26.76 1.05 -13.55
CA ASP C 818 27.10 2.40 -14.00
C ASP C 818 28.24 2.38 -15.00
N ASP C 819 29.27 1.56 -14.74
CA ASP C 819 30.37 1.42 -15.69
C ASP C 819 29.90 0.85 -17.02
N LYS C 820 29.02 -0.16 -16.97
CA LYS C 820 28.48 -0.73 -18.20
C LYS C 820 27.69 0.30 -18.99
N MET C 821 26.87 1.10 -18.30
CA MET C 821 26.10 2.14 -18.99
C MET C 821 27.01 3.19 -19.61
N THR C 822 28.06 3.58 -18.88
CA THR C 822 28.99 4.56 -19.41
C THR C 822 29.70 4.03 -20.66
N MET C 823 30.20 2.81 -20.61
CA MET C 823 30.84 2.19 -21.80
C MET C 823 29.82 2.04 -22.94
N TYR C 824 28.57 1.69 -22.64
CA TYR C 824 27.54 1.57 -23.66
C TYR C 824 27.32 2.89 -24.38
N THR C 825 27.16 3.97 -23.63
CA THR C 825 26.96 5.28 -24.24
C THR C 825 28.20 5.72 -25.02
N ALA C 826 29.40 5.44 -24.49
CA ALA C 826 30.62 5.79 -25.20
C ALA C 826 30.72 5.05 -26.52
N SER C 827 30.40 3.76 -26.52
CA SER C 827 30.44 2.99 -27.76
C SER C 827 29.41 3.49 -28.76
N LEU C 828 28.21 3.84 -28.28
CA LEU C 828 27.21 4.42 -29.17
C LEU C 828 27.71 5.72 -29.80
N ALA C 829 28.37 6.57 -29.01
CA ALA C 829 28.91 7.81 -29.54
C ALA C 829 30.02 7.55 -30.55
N GLY C 830 30.90 6.58 -30.26
CA GLY C 830 32.03 6.30 -31.14
C GLY C 830 31.67 5.56 -32.40
N GLY C 831 30.51 4.88 -32.42
CA GLY C 831 30.11 4.18 -33.63
C GLY C 831 29.64 5.07 -34.75
N ILE C 832 29.36 6.35 -34.48
CA ILE C 832 28.92 7.26 -35.52
C ILE C 832 30.03 7.49 -36.54
N THR C 833 31.27 7.53 -36.09
CA THR C 833 32.41 7.86 -36.94
C THR C 833 33.21 6.65 -37.38
N LEU C 834 32.68 5.44 -37.21
CA LEU C 834 33.38 4.22 -37.63
C LEU C 834 33.08 3.94 -39.09
N GLY C 835 34.11 4.02 -39.93
CA GLY C 835 33.91 3.87 -41.37
C GLY C 835 33.47 2.47 -41.78
N ALA C 836 34.11 1.45 -41.22
CA ALA C 836 33.80 0.06 -41.56
C ALA C 836 33.85 -0.79 -40.30
N LEU C 837 33.21 -1.96 -40.36
CA LEU C 837 33.02 -2.80 -39.19
C LEU C 837 34.00 -3.96 -39.09
N GLY C 838 34.31 -4.62 -40.19
CA GLY C 838 35.06 -5.86 -40.10
C GLY C 838 36.55 -5.77 -39.92
N GLY C 839 37.12 -4.56 -39.87
CA GLY C 839 38.55 -4.43 -39.81
C GLY C 839 39.07 -3.66 -38.62
N GLY C 840 39.96 -2.70 -38.86
CA GLY C 840 40.51 -1.87 -37.82
C GLY C 840 39.63 -0.66 -37.54
N ALA C 841 40.15 0.23 -36.70
CA ALA C 841 39.42 1.43 -36.30
C ALA C 841 39.69 2.56 -37.31
N VAL C 842 39.08 2.40 -38.48
CA VAL C 842 39.10 3.44 -39.51
C VAL C 842 37.98 4.42 -39.21
N ALA C 843 38.30 5.71 -39.23
CA ALA C 843 37.37 6.75 -38.80
C ALA C 843 37.08 7.72 -39.94
N ILE C 844 35.91 8.32 -39.86
CA ILE C 844 35.50 9.38 -40.79
C ILE C 844 35.28 10.64 -39.97
N PRO C 845 35.40 11.82 -40.60
CA PRO C 845 35.13 13.06 -39.87
C PRO C 845 33.67 13.15 -39.44
N PHE C 846 33.45 13.83 -38.32
CA PHE C 846 32.10 14.00 -37.81
C PHE C 846 31.24 14.80 -38.78
N ALA C 847 31.85 15.71 -39.54
CA ALA C 847 31.12 16.50 -40.53
C ALA C 847 30.51 15.61 -41.60
N VAL C 848 31.22 14.55 -42.00
CA VAL C 848 30.69 13.65 -43.02
C VAL C 848 29.46 12.92 -42.51
N ALA C 849 29.49 12.48 -41.25
CA ALA C 849 28.32 11.84 -40.67
C ALA C 849 27.14 12.82 -40.56
N VAL C 850 27.42 14.06 -40.16
CA VAL C 850 26.36 15.06 -40.10
C VAL C 850 25.77 15.31 -41.48
N GLN C 851 26.61 15.33 -42.52
CA GLN C 851 26.13 15.50 -43.88
C GLN C 851 25.26 14.34 -44.32
N ALA C 852 25.63 13.11 -43.94
CA ALA C 852 24.80 11.96 -44.24
C ALA C 852 23.44 12.07 -43.56
N ARG C 853 23.42 12.51 -42.31
CA ARG C 853 22.15 12.69 -41.61
C ARG C 853 21.31 13.77 -42.29
N LEU C 854 21.95 14.86 -42.73
CA LEU C 854 21.23 15.92 -43.44
C LEU C 854 20.62 15.40 -44.73
N ASN C 855 21.38 14.60 -45.48
CA ASN C 855 20.86 14.00 -46.70
C ASN C 855 19.68 13.09 -46.40
N TYR C 856 19.74 12.37 -45.27
CA TYR C 856 18.60 11.55 -44.88
C TYR C 856 17.37 12.40 -44.60
N VAL C 857 17.56 13.55 -43.96
CA VAL C 857 16.44 14.46 -43.70
C VAL C 857 15.87 14.98 -45.02
N ALA C 858 16.74 15.49 -45.89
CA ALA C 858 16.32 15.98 -47.19
C ALA C 858 17.54 15.95 -48.11
N LEU C 859 17.33 15.49 -49.34
CA LEU C 859 18.43 15.38 -50.30
C LEU C 859 19.04 16.75 -50.57
N GLN C 860 20.31 16.93 -50.19
CA GLN C 860 20.98 18.21 -50.33
C GLN C 860 21.37 18.44 -51.78
N THR C 861 20.94 19.57 -52.33
CA THR C 861 21.17 19.90 -53.73
C THR C 861 22.16 21.04 -53.91
N ASP C 862 22.75 21.57 -52.83
CA ASP C 862 23.76 22.62 -52.91
C ASP C 862 25.08 22.02 -52.44
N VAL C 863 25.78 21.37 -53.37
CA VAL C 863 27.04 20.71 -53.02
C VAL C 863 28.12 21.74 -52.74
N LEU C 864 28.22 22.77 -53.57
CA LEU C 864 29.29 23.74 -53.41
C LEU C 864 29.06 24.65 -52.20
N ASN C 865 27.94 25.38 -52.21
CA ASN C 865 27.64 26.33 -51.14
C ASN C 865 27.02 25.58 -49.97
N LYS C 866 27.86 25.09 -49.09
CA LYS C 866 27.43 24.42 -47.86
C LYS C 866 27.96 25.19 -46.66
N ASN C 867 27.09 25.37 -45.66
CA ASN C 867 27.45 26.09 -44.44
C ASN C 867 27.13 25.19 -43.25
N GLN C 868 28.06 24.29 -42.93
CA GLN C 868 27.98 23.50 -41.71
C GLN C 868 28.63 24.20 -40.53
N GLN C 869 29.36 25.30 -40.78
CA GLN C 869 29.97 26.06 -39.69
C GLN C 869 28.91 26.69 -38.80
N ILE C 870 27.82 27.16 -39.39
CA ILE C 870 26.73 27.74 -38.61
C ILE C 870 26.14 26.69 -37.67
N LEU C 871 25.87 25.50 -38.21
CA LEU C 871 25.32 24.42 -37.40
C LEU C 871 26.27 24.00 -36.30
N ALA C 872 27.57 23.89 -36.62
CA ALA C 872 28.55 23.53 -35.62
C ALA C 872 28.68 24.57 -34.51
N ASN C 873 28.67 25.85 -34.87
CA ASN C 873 28.73 26.90 -33.85
C ASN C 873 27.50 26.88 -32.95
N ALA C 874 26.32 26.70 -33.55
CA ALA C 874 25.10 26.61 -32.75
C ALA C 874 25.16 25.42 -31.80
N PHE C 875 25.65 24.27 -32.29
CA PHE C 875 25.77 23.09 -31.44
C PHE C 875 26.75 23.33 -30.31
N ASN C 876 27.89 23.96 -30.61
CA ASN C 876 28.89 24.22 -29.57
C ASN C 876 28.35 25.15 -28.50
N GLN C 877 27.67 26.21 -28.90
CA GLN C 877 27.11 27.14 -27.92
C GLN C 877 26.02 26.47 -27.10
N ALA C 878 25.18 25.64 -27.73
CA ALA C 878 24.14 24.94 -26.98
C ALA C 878 24.74 23.98 -25.96
N ILE C 879 25.76 23.23 -26.35
CA ILE C 879 26.38 22.30 -25.41
C ILE C 879 27.08 23.05 -24.29
N GLY C 880 27.70 24.19 -24.60
CA GLY C 880 28.32 25.00 -23.56
C GLY C 880 27.30 25.51 -22.55
N ASN C 881 26.15 25.99 -23.03
CA ASN C 881 25.10 26.43 -22.13
C ASN C 881 24.58 25.28 -21.27
N ILE C 882 24.40 24.10 -21.88
CA ILE C 882 23.93 22.95 -21.11
C ILE C 882 24.95 22.56 -20.04
N THR C 883 26.23 22.55 -20.39
CA THR C 883 27.27 22.21 -19.42
C THR C 883 27.31 23.22 -18.28
N GLN C 884 27.16 24.51 -18.60
CA GLN C 884 27.12 25.53 -17.55
C GLN C 884 25.91 25.34 -16.65
N ALA C 885 24.75 25.01 -17.22
CA ALA C 885 23.55 24.80 -16.42
C ALA C 885 23.65 23.55 -15.55
N PHE C 886 24.40 22.54 -16.00
CA PHE C 886 24.55 21.31 -15.24
C PHE C 886 25.53 21.43 -14.09
N GLY C 887 26.29 22.52 -14.02
CA GLY C 887 27.26 22.69 -12.95
C GLY C 887 27.05 23.97 -12.16
N LEU C 900 16.39 26.74 -21.22
CA LEU C 900 16.98 25.56 -20.58
C LEU C 900 15.99 24.89 -19.63
N ALA C 901 14.73 24.81 -20.05
CA ALA C 901 13.72 24.13 -19.24
C ALA C 901 13.93 22.62 -19.23
N THR C 902 14.44 22.06 -20.32
CA THR C 902 14.67 20.62 -20.38
C THR C 902 15.74 20.19 -19.37
N VAL C 903 16.79 21.01 -19.22
CA VAL C 903 17.82 20.69 -18.24
C VAL C 903 17.26 20.72 -16.83
N ALA C 904 16.43 21.72 -16.53
CA ALA C 904 15.82 21.80 -15.21
C ALA C 904 14.92 20.61 -14.93
N LYS C 905 14.12 20.20 -15.93
CA LYS C 905 13.27 19.04 -15.77
C LYS C 905 14.07 17.77 -15.55
N ALA C 906 15.16 17.61 -16.30
CA ALA C 906 16.02 16.43 -16.12
C ALA C 906 16.62 16.40 -14.72
N LEU C 907 17.13 17.54 -14.26
CA LEU C 907 17.71 17.60 -12.92
C LEU C 907 16.67 17.27 -11.85
N ALA C 908 15.46 17.82 -11.99
CA ALA C 908 14.41 17.52 -11.02
C ALA C 908 14.08 16.04 -11.02
N LYS C 909 14.02 15.42 -12.20
CA LYS C 909 13.70 14.00 -12.27
C LYS C 909 14.77 13.15 -11.60
N VAL C 910 16.04 13.41 -11.86
CA VAL C 910 17.10 12.63 -11.23
C VAL C 910 17.09 12.83 -9.72
N GLN C 911 16.90 14.07 -9.26
CA GLN C 911 16.85 14.32 -7.83
C GLN C 911 15.70 13.58 -7.17
N ASP C 912 14.54 13.57 -7.82
CA ASP C 912 13.39 12.86 -7.26
C ASP C 912 13.67 11.37 -7.17
N VAL C 913 14.29 10.79 -8.21
CA VAL C 913 14.59 9.37 -8.19
C VAL C 913 15.51 9.04 -7.02
N VAL C 914 16.58 9.82 -6.85
CA VAL C 914 17.53 9.54 -5.77
C VAL C 914 16.86 9.66 -4.41
N ASN C 915 16.07 10.73 -4.21
CA ASN C 915 15.43 10.92 -2.92
C ASN C 915 14.46 9.79 -2.59
N THR C 916 13.67 9.36 -3.58
CA THR C 916 12.74 8.26 -3.33
C THR C 916 13.48 6.98 -2.98
N GLN C 917 14.57 6.70 -3.69
CA GLN C 917 15.34 5.49 -3.40
C GLN C 917 15.88 5.52 -1.97
N GLY C 918 16.39 6.68 -1.54
CA GLY C 918 16.90 6.77 -0.17
C GLY C 918 15.81 6.61 0.87
N GLN C 919 14.66 7.29 0.67
CA GLN C 919 13.60 7.24 1.66
C GLN C 919 13.00 5.85 1.80
N ALA C 920 12.96 5.08 0.71
CA ALA C 920 12.39 3.74 0.80
C ALA C 920 13.14 2.88 1.82
N LEU C 921 14.47 2.94 1.81
CA LEU C 921 15.25 2.19 2.80
C LEU C 921 15.24 2.85 4.16
N SER C 922 15.20 4.18 4.21
CA SER C 922 15.19 4.87 5.50
C SER C 922 13.95 4.49 6.32
N HIS C 923 12.78 4.44 5.67
CA HIS C 923 11.56 4.08 6.38
C HIS C 923 11.63 2.66 6.95
N LEU C 924 12.12 1.72 6.14
CA LEU C 924 12.23 0.34 6.61
C LEU C 924 13.19 0.24 7.78
N THR C 925 14.32 0.93 7.72
CA THR C 925 15.27 0.89 8.82
C THR C 925 14.67 1.49 10.09
N VAL C 926 13.94 2.60 9.96
CA VAL C 926 13.38 3.25 11.13
C VAL C 926 12.20 2.45 11.70
N GLN C 927 11.62 1.55 10.93
CA GLN C 927 10.51 0.75 11.46
C GLN C 927 10.96 -0.22 12.55
N LEU C 928 12.26 -0.41 12.73
CA LEU C 928 12.77 -1.33 13.75
C LEU C 928 12.73 -0.75 15.16
N GLN C 929 12.42 0.52 15.34
CA GLN C 929 12.29 1.10 16.70
C GLN C 929 10.83 1.15 17.15
N ASN C 930 9.91 0.51 16.43
CA ASN C 930 8.53 0.46 16.86
C ASN C 930 8.35 -0.62 17.92
N ASN C 931 7.71 -0.27 19.04
CA ASN C 931 7.50 -1.23 20.10
C ASN C 931 6.41 -2.24 19.76
N PHE C 932 5.46 -1.87 18.90
CA PHE C 932 4.33 -2.71 18.53
C PHE C 932 3.59 -3.21 19.77
N GLN C 933 3.32 -2.28 20.69
CA GLN C 933 2.58 -2.55 21.93
C GLN C 933 3.29 -3.60 22.78
N ALA C 934 4.61 -3.48 22.90
CA ALA C 934 5.41 -4.32 23.77
C ALA C 934 6.22 -3.45 24.71
N ILE C 935 6.79 -4.07 25.73
CA ILE C 935 7.53 -3.31 26.74
C ILE C 935 8.79 -2.68 26.14
N SER C 936 9.35 -3.30 25.09
CA SER C 936 10.55 -2.77 24.47
C SER C 936 10.58 -3.21 23.01
N SER C 937 11.38 -2.49 22.22
CA SER C 937 11.64 -2.86 20.84
C SER C 937 12.92 -3.65 20.67
N SER C 938 13.59 -4.01 21.77
CA SER C 938 14.80 -4.81 21.74
C SER C 938 14.50 -6.20 22.25
N ILE C 939 14.82 -7.21 21.45
CA ILE C 939 14.56 -8.60 21.84
C ILE C 939 15.49 -9.02 22.98
N SER C 940 16.75 -8.59 22.92
CA SER C 940 17.69 -8.90 24.00
C SER C 940 17.24 -8.28 25.32
N ASP C 941 16.71 -7.06 25.28
CA ASP C 941 16.18 -6.44 26.48
C ASP C 941 15.00 -7.23 27.03
N ILE C 942 14.11 -7.70 26.15
CA ILE C 942 12.95 -8.47 26.59
C ILE C 942 13.39 -9.76 27.26
N TYR C 943 14.35 -10.47 26.66
CA TYR C 943 14.79 -11.73 27.23
C TYR C 943 15.67 -11.58 28.45
N ASN C 944 16.14 -10.36 28.74
CA ASN C 944 16.93 -10.10 29.94
C ASN C 944 16.08 -9.60 31.10
N ARG C 945 14.78 -9.42 30.91
CA ARG C 945 13.90 -8.90 31.94
C ARG C 945 12.72 -9.80 32.26
N LEU C 946 12.35 -10.74 31.40
CA LEU C 946 11.17 -11.56 31.57
C LEU C 946 11.53 -13.03 31.43
N ASP C 947 10.72 -13.87 32.06
CA ASP C 947 10.85 -15.31 31.87
C ASP C 947 10.45 -15.69 30.45
N PRO C 948 10.99 -16.78 29.92
CA PRO C 948 10.72 -17.17 28.52
C PRO C 948 9.24 -17.29 28.22
N PRO C 949 8.41 -17.87 29.10
CA PRO C 949 6.97 -17.87 28.82
C PRO C 949 6.37 -16.47 28.71
N SER C 950 6.81 -15.53 29.54
CA SER C 950 6.33 -14.16 29.42
C SER C 950 6.98 -13.41 28.29
N ALA C 951 8.24 -13.75 27.95
CA ALA C 951 8.96 -13.05 26.90
C ALA C 951 8.51 -13.45 25.50
N ASP C 952 8.04 -14.69 25.33
CA ASP C 952 7.61 -15.14 24.00
C ASP C 952 6.41 -14.34 23.52
N ALA C 953 5.47 -14.03 24.41
CA ALA C 953 4.32 -13.23 24.03
C ALA C 953 4.75 -11.83 23.58
N GLN C 954 5.71 -11.23 24.27
CA GLN C 954 6.22 -9.93 23.87
C GLN C 954 6.93 -10.00 22.52
N VAL C 955 7.72 -11.05 22.30
CA VAL C 955 8.47 -11.17 21.05
C VAL C 955 7.54 -11.42 19.87
N ASP C 956 6.40 -12.09 20.11
CA ASP C 956 5.47 -12.38 19.02
C ASP C 956 4.93 -11.10 18.38
N ARG C 957 4.63 -10.09 19.19
CA ARG C 957 4.13 -8.83 18.64
C ARG C 957 5.17 -8.15 17.76
N LEU C 958 6.44 -8.12 18.21
CA LEU C 958 7.49 -7.56 17.39
C LEU C 958 7.64 -8.33 16.10
N ILE C 959 7.55 -9.66 16.16
CA ILE C 959 7.68 -10.48 14.96
C ILE C 959 6.59 -10.13 13.95
N THR C 960 5.34 -10.04 14.41
CA THR C 960 4.24 -9.73 13.51
C THR C 960 4.40 -8.34 12.91
N GLY C 961 4.76 -7.35 13.74
CA GLY C 961 4.93 -6.00 13.22
C GLY C 961 6.03 -5.91 12.17
N ARG C 962 7.16 -6.56 12.42
CA ARG C 962 8.27 -6.51 11.48
C ARG C 962 7.94 -7.26 10.19
N LEU C 963 7.20 -8.37 10.28
CA LEU C 963 6.75 -9.06 9.07
C LEU C 963 5.82 -8.17 8.25
N THR C 964 4.92 -7.44 8.91
CA THR C 964 4.05 -6.52 8.18
C THR C 964 4.86 -5.42 7.49
N ALA C 965 5.86 -4.88 8.19
CA ALA C 965 6.70 -3.85 7.58
C ALA C 965 7.44 -4.39 6.37
N LEU C 966 7.98 -5.60 6.47
CA LEU C 966 8.66 -6.20 5.33
C LEU C 966 7.73 -6.42 4.15
N ASN C 967 6.49 -6.86 4.43
CA ASN C 967 5.53 -7.04 3.34
C ASN C 967 5.22 -5.72 2.64
N ALA C 968 5.04 -4.65 3.41
CA ALA C 968 4.81 -3.34 2.81
C ALA C 968 5.99 -2.91 1.93
N PHE C 969 7.21 -3.11 2.44
CA PHE C 969 8.40 -2.75 1.67
C PHE C 969 8.48 -3.54 0.37
N VAL C 970 8.16 -4.83 0.43
CA VAL C 970 8.21 -5.67 -0.77
C VAL C 970 7.20 -5.20 -1.81
N SER C 971 5.98 -4.88 -1.36
CA SER C 971 4.97 -4.41 -2.30
C SER C 971 5.41 -3.11 -2.98
N GLN C 972 5.93 -2.18 -2.20
CA GLN C 972 6.37 -0.91 -2.79
C GLN C 972 7.52 -1.13 -3.77
N THR C 973 8.46 -2.02 -3.42
CA THR C 973 9.58 -2.31 -4.32
C THR C 973 9.09 -2.91 -5.64
N LEU C 974 8.12 -3.83 -5.58
CA LEU C 974 7.62 -4.44 -6.80
C LEU C 974 6.94 -3.41 -7.69
N THR C 975 6.15 -2.51 -7.08
CA THR C 975 5.51 -1.47 -7.89
C THR C 975 6.54 -0.56 -8.57
N ARG C 976 7.55 -0.16 -7.80
CA ARG C 976 8.63 0.69 -8.37
C ARG C 976 9.29 -0.06 -9.53
N GLN C 977 9.55 -1.37 -9.36
CA GLN C 977 10.22 -2.14 -10.39
C GLN C 977 9.39 -2.21 -11.67
N ALA C 978 8.07 -2.38 -11.54
CA ALA C 978 7.23 -2.38 -12.74
C ALA C 978 7.28 -1.04 -13.47
N GLU C 979 7.20 0.07 -12.70
CA GLU C 979 7.27 1.38 -13.34
C GLU C 979 8.60 1.57 -14.06
N VAL C 980 9.69 1.16 -13.42
CA VAL C 980 11.00 1.32 -14.04
C VAL C 980 11.15 0.39 -15.24
N ARG C 981 10.46 -0.74 -15.25
CA ARG C 981 10.47 -1.61 -16.42
C ARG C 981 9.84 -0.92 -17.62
N ALA C 982 8.70 -0.26 -17.41
CA ALA C 982 8.10 0.52 -18.50
C ALA C 982 9.04 1.64 -18.96
N SER C 983 9.67 2.33 -18.01
CA SER C 983 10.62 3.39 -18.37
C SER C 983 11.79 2.84 -19.16
N ARG C 984 12.27 1.64 -18.81
CA ARG C 984 13.38 1.03 -19.52
C ARG C 984 12.98 0.66 -20.94
N GLN C 985 11.74 0.22 -21.13
CA GLN C 985 11.26 -0.02 -22.49
C GLN C 985 11.29 1.26 -23.31
N LEU C 986 10.85 2.37 -22.70
CA LEU C 986 10.90 3.66 -23.40
C LEU C 986 12.34 4.05 -23.73
N ALA C 987 13.27 3.85 -22.79
CA ALA C 987 14.66 4.20 -23.03
C ALA C 987 15.28 3.35 -24.14
N LYS C 988 14.95 2.07 -24.17
CA LYS C 988 15.45 1.20 -25.24
C LYS C 988 14.93 1.66 -26.59
N ASP C 989 13.64 2.02 -26.66
CA ASP C 989 13.10 2.55 -27.91
C ASP C 989 13.82 3.83 -28.32
N LYS C 990 14.09 4.72 -27.36
CA LYS C 990 14.77 5.96 -27.67
C LYS C 990 16.18 5.71 -28.21
N VAL C 991 16.92 4.79 -27.58
CA VAL C 991 18.26 4.47 -28.06
C VAL C 991 18.21 3.89 -29.46
N ASN C 992 17.29 2.95 -29.70
CA ASN C 992 17.24 2.29 -31.00
C ASN C 992 16.81 3.24 -32.12
N GLU C 993 15.89 4.16 -31.84
CA GLU C 993 15.28 4.95 -32.90
C GLU C 993 15.80 6.38 -32.98
N CYS C 994 16.60 6.83 -32.02
CA CYS C 994 17.14 8.19 -32.06
C CYS C 994 18.66 8.25 -32.07
N VAL C 995 19.35 7.28 -31.51
CA VAL C 995 20.81 7.26 -31.46
C VAL C 995 21.39 6.36 -32.53
N ARG C 996 20.87 5.14 -32.65
CA ARG C 996 21.39 4.18 -33.61
C ARG C 996 20.79 4.33 -35.00
N SER C 997 19.81 5.21 -35.18
CA SER C 997 19.22 5.46 -36.49
C SER C 997 18.44 6.77 -36.41
N GLN C 998 17.84 7.15 -37.53
CA GLN C 998 16.93 8.28 -37.60
C GLN C 998 15.52 7.73 -37.77
N SER C 999 14.64 8.07 -36.84
CA SER C 999 13.27 7.57 -36.87
C SER C 999 12.41 8.40 -37.81
N GLN C 1000 11.51 7.73 -38.51
CA GLN C 1000 10.51 8.40 -39.32
C GLN C 1000 9.32 8.90 -38.49
N ARG C 1001 9.27 8.57 -37.22
CA ARG C 1001 8.20 9.04 -36.36
C ARG C 1001 8.35 10.54 -36.09
N PHE C 1002 7.26 11.28 -36.29
CA PHE C 1002 7.28 12.73 -36.16
C PHE C 1002 7.28 13.11 -34.68
N GLY C 1003 8.27 13.89 -34.27
CA GLY C 1003 8.33 14.39 -32.91
C GLY C 1003 8.81 13.41 -31.86
N PHE C 1004 9.28 12.24 -32.26
CA PHE C 1004 9.69 11.25 -31.27
C PHE C 1004 11.03 11.60 -30.63
N CYS C 1005 11.99 12.06 -31.42
CA CYS C 1005 13.31 12.44 -30.92
C CYS C 1005 13.42 13.94 -30.66
N GLY C 1006 12.48 14.49 -29.90
CA GLY C 1006 12.51 15.90 -29.55
C GLY C 1006 11.62 16.75 -30.44
N ASN C 1007 11.49 18.02 -30.04
CA ASN C 1007 10.64 18.99 -30.76
C ASN C 1007 11.45 19.61 -31.89
N GLY C 1008 11.12 19.26 -33.12
CA GLY C 1008 11.78 19.74 -34.30
C GLY C 1008 12.14 18.60 -35.22
N THR C 1009 12.96 18.92 -36.23
CA THR C 1009 13.43 17.93 -37.19
C THR C 1009 14.70 17.29 -36.63
N HIS C 1010 14.61 16.02 -36.25
CA HIS C 1010 15.72 15.36 -35.58
C HIS C 1010 16.88 15.15 -36.54
N LEU C 1011 18.08 15.45 -36.06
CA LEU C 1011 19.31 15.25 -36.83
C LEU C 1011 20.12 14.08 -36.29
N PHE C 1012 20.50 14.12 -35.02
CA PHE C 1012 21.15 12.99 -34.37
C PHE C 1012 21.03 13.14 -32.86
N SER C 1013 21.18 12.03 -32.15
CA SER C 1013 21.12 12.04 -30.70
C SER C 1013 22.38 11.39 -30.14
N LEU C 1014 22.87 11.95 -29.04
CA LEU C 1014 23.94 11.37 -28.25
C LEU C 1014 23.41 11.01 -26.87
N ALA C 1015 24.11 10.13 -26.18
CA ALA C 1015 23.67 9.66 -24.87
C ALA C 1015 24.83 9.65 -23.89
N ASN C 1016 24.50 9.86 -22.62
CA ASN C 1016 25.46 9.74 -21.53
C ASN C 1016 24.79 9.04 -20.36
N ALA C 1017 25.61 8.46 -19.50
CA ALA C 1017 25.11 7.76 -18.32
C ALA C 1017 24.79 8.75 -17.21
N ALA C 1018 23.70 8.50 -16.50
CA ALA C 1018 23.23 9.31 -15.40
C ALA C 1018 22.87 8.38 -14.25
N PRO C 1019 22.76 8.91 -13.02
CA PRO C 1019 22.37 8.06 -11.89
C PRO C 1019 21.08 7.29 -12.17
N ASN C 1020 21.21 5.96 -12.15
CA ASN C 1020 20.11 5.02 -12.37
C ASN C 1020 19.52 5.10 -13.77
N GLY C 1021 20.24 5.66 -14.72
CA GLY C 1021 19.69 5.75 -16.07
C GLY C 1021 20.58 6.48 -17.05
N MET C 1022 19.97 7.23 -17.95
CA MET C 1022 20.74 7.91 -18.98
C MET C 1022 20.07 9.23 -19.35
N ILE C 1023 20.86 10.10 -19.97
CA ILE C 1023 20.37 11.35 -20.52
C ILE C 1023 20.73 11.42 -21.99
N PHE C 1024 19.78 11.90 -22.79
CA PHE C 1024 19.91 12.05 -24.23
C PHE C 1024 20.02 13.52 -24.59
N PHE C 1025 20.97 13.83 -25.46
CA PHE C 1025 21.06 15.11 -26.15
C PHE C 1025 20.54 14.90 -27.56
N HIS C 1026 19.35 15.42 -27.84
CA HIS C 1026 18.76 15.39 -29.17
C HIS C 1026 19.10 16.68 -29.89
N THR C 1027 19.63 16.57 -31.10
CA THR C 1027 19.99 17.72 -31.91
C THR C 1027 18.95 17.86 -33.01
N VAL C 1028 18.30 19.02 -33.08
CA VAL C 1028 17.22 19.25 -34.02
C VAL C 1028 17.53 20.51 -34.83
N LEU C 1029 16.94 20.56 -36.02
CA LEU C 1029 17.04 21.72 -36.89
C LEU C 1029 15.91 22.68 -36.54
N LEU C 1030 16.27 23.94 -36.27
CA LEU C 1030 15.31 24.97 -35.96
C LEU C 1030 15.26 25.96 -37.14
N PRO C 1031 14.16 26.04 -37.86
CA PRO C 1031 14.08 27.01 -38.97
C PRO C 1031 13.98 28.43 -38.46
N THR C 1032 14.58 29.35 -39.22
CA THR C 1032 14.53 30.76 -38.91
C THR C 1032 13.94 31.59 -40.05
N ALA C 1033 13.55 30.97 -41.15
CA ALA C 1033 12.96 31.68 -42.28
C ALA C 1033 12.12 30.71 -43.09
N TYR C 1034 11.31 31.27 -43.99
CA TYR C 1034 10.50 30.50 -44.91
C TYR C 1034 10.64 31.04 -46.32
N GLU C 1035 10.66 30.14 -47.28
CA GLU C 1035 10.60 30.49 -48.69
C GLU C 1035 9.18 30.26 -49.18
N THR C 1036 8.64 31.22 -49.93
CA THR C 1036 7.31 31.10 -50.49
C THR C 1036 7.41 30.71 -51.96
N VAL C 1037 6.72 29.64 -52.34
CA VAL C 1037 6.68 29.19 -53.72
C VAL C 1037 5.24 28.96 -54.13
N THR C 1038 4.99 29.05 -55.43
CA THR C 1038 3.68 28.74 -56.01
C THR C 1038 3.68 27.27 -56.43
N ALA C 1039 3.04 26.44 -55.62
CA ALA C 1039 2.99 25.00 -55.82
C ALA C 1039 1.78 24.61 -56.66
N TRP C 1040 1.97 23.56 -57.46
CA TRP C 1040 0.93 23.00 -58.32
C TRP C 1040 0.76 21.53 -57.98
N SER C 1041 -0.50 21.08 -57.98
CA SER C 1041 -0.79 19.68 -57.68
C SER C 1041 -0.53 18.75 -58.86
N GLY C 1042 -0.36 19.29 -60.06
CA GLY C 1042 -0.12 18.46 -61.22
C GLY C 1042 0.01 19.34 -62.44
N ILE C 1043 0.31 18.70 -63.57
CA ILE C 1043 0.50 19.38 -64.84
C ILE C 1043 -0.46 18.79 -65.85
N CYS C 1044 -1.34 19.62 -66.40
CA CYS C 1044 -2.23 19.20 -67.47
C CYS C 1044 -1.53 19.50 -68.79
N ALA C 1045 -0.99 18.47 -69.43
CA ALA C 1045 -0.25 18.62 -70.67
C ALA C 1045 -1.17 18.38 -71.86
N SER C 1046 -1.14 19.31 -72.81
CA SER C 1046 -1.95 19.23 -74.02
C SER C 1046 -1.02 19.08 -75.22
N ASP C 1047 -1.35 18.14 -76.10
CA ASP C 1047 -0.60 17.89 -77.33
C ASP C 1047 -1.55 17.92 -78.53
N GLY C 1048 -2.42 18.94 -78.55
CA GLY C 1048 -3.43 19.04 -79.58
C GLY C 1048 -4.77 18.48 -79.12
N ASP C 1049 -5.10 17.28 -79.58
CA ASP C 1049 -6.33 16.61 -79.15
C ASP C 1049 -6.12 15.67 -77.98
N HIS C 1050 -4.87 15.31 -77.68
CA HIS C 1050 -4.55 14.40 -76.58
C HIS C 1050 -4.14 15.23 -75.38
N THR C 1051 -4.99 15.28 -74.35
CA THR C 1051 -4.72 15.98 -73.11
C THR C 1051 -4.62 14.97 -71.98
N PHE C 1052 -3.52 15.01 -71.23
CA PHE C 1052 -3.31 14.06 -70.16
C PHE C 1052 -2.67 14.76 -68.97
N GLY C 1053 -2.90 14.21 -67.78
CA GLY C 1053 -2.37 14.78 -66.56
C GLY C 1053 -1.09 14.10 -66.12
N LEU C 1054 -0.27 14.85 -65.38
CA LEU C 1054 0.95 14.34 -64.78
C LEU C 1054 0.96 14.72 -63.31
N VAL C 1055 1.20 13.73 -62.44
CA VAL C 1055 1.26 13.96 -61.01
C VAL C 1055 2.64 13.59 -60.51
N VAL C 1056 3.03 14.18 -59.40
CA VAL C 1056 4.33 13.87 -58.81
C VAL C 1056 4.30 12.47 -58.22
N LYS C 1057 5.26 11.64 -58.63
CA LYS C 1057 5.28 10.24 -58.17
C LYS C 1057 5.53 10.15 -56.67
N ASP C 1058 6.44 10.97 -56.15
CA ASP C 1058 6.75 10.99 -54.72
C ASP C 1058 5.83 12.00 -54.05
N VAL C 1059 4.94 11.50 -53.17
CA VAL C 1059 3.92 12.36 -52.58
C VAL C 1059 4.52 13.37 -51.61
N GLN C 1060 5.78 13.20 -51.20
CA GLN C 1060 6.42 14.09 -50.25
C GLN C 1060 7.12 15.27 -50.91
N LEU C 1061 6.99 15.43 -52.22
CA LEU C 1061 7.64 16.49 -52.95
C LEU C 1061 6.62 17.53 -53.40
N THR C 1062 7.02 18.80 -53.35
CA THR C 1062 6.22 19.92 -53.81
C THR C 1062 6.78 20.39 -55.16
N LEU C 1063 5.90 20.51 -56.15
CA LEU C 1063 6.25 20.95 -57.48
C LEU C 1063 5.95 22.43 -57.64
N PHE C 1064 6.92 23.19 -58.12
CA PHE C 1064 6.72 24.62 -58.35
C PHE C 1064 7.46 25.02 -59.61
N ARG C 1065 7.40 26.31 -59.94
CA ARG C 1065 8.01 26.84 -61.15
C ARG C 1065 8.97 27.97 -60.81
N ASN C 1066 10.10 28.00 -61.50
CA ASN C 1066 11.10 29.03 -61.30
C ASN C 1066 10.77 30.24 -62.17
N LEU C 1067 11.69 31.22 -62.22
CA LEU C 1067 11.47 32.41 -63.04
C LEU C 1067 11.53 32.09 -64.52
N ASP C 1068 12.39 31.15 -64.91
CA ASP C 1068 12.55 30.77 -66.32
C ASP C 1068 11.50 29.76 -66.78
N ASP C 1069 10.40 29.61 -66.02
CA ASP C 1069 9.28 28.71 -66.43
C ASP C 1069 9.75 27.25 -66.47
N LYS C 1070 10.65 26.86 -65.57
CA LYS C 1070 11.11 25.48 -65.47
C LYS C 1070 10.59 24.87 -64.17
N PHE C 1071 10.14 23.63 -64.26
CA PHE C 1071 9.54 22.95 -63.11
C PHE C 1071 10.61 22.42 -62.17
N TYR C 1072 10.42 22.65 -60.88
CA TYR C 1072 11.33 22.18 -59.84
C TYR C 1072 10.55 21.42 -58.79
N LEU C 1073 11.24 20.52 -58.11
CA LEU C 1073 10.69 19.75 -57.01
C LEU C 1073 11.49 20.03 -55.76
N THR C 1074 10.81 20.15 -54.62
CA THR C 1074 11.50 20.32 -53.35
C THR C 1074 10.81 19.51 -52.26
N PRO C 1075 11.58 18.96 -51.32
CA PRO C 1075 10.96 18.40 -50.11
C PRO C 1075 10.43 19.51 -49.20
N ARG C 1076 9.49 19.14 -48.35
CA ARG C 1076 8.88 20.10 -47.44
C ARG C 1076 9.62 20.24 -46.12
N THR C 1077 10.52 19.32 -45.79
CA THR C 1077 11.29 19.45 -44.57
C THR C 1077 12.35 20.53 -44.71
N MET C 1078 13.06 20.56 -45.83
CA MET C 1078 14.08 21.54 -46.11
C MET C 1078 13.87 22.05 -47.53
N TYR C 1079 14.26 23.30 -47.77
CA TYR C 1079 14.16 23.88 -49.10
C TYR C 1079 15.41 23.51 -49.89
N GLN C 1080 15.30 22.42 -50.64
CA GLN C 1080 16.39 21.90 -51.48
C GLN C 1080 15.85 21.68 -52.88
N PRO C 1081 15.64 22.74 -53.65
CA PRO C 1081 15.05 22.58 -54.98
C PRO C 1081 15.95 21.82 -55.94
N ARG C 1082 15.31 21.07 -56.84
CA ARG C 1082 16.03 20.32 -57.86
C ARG C 1082 15.18 20.26 -59.13
N VAL C 1083 15.85 20.09 -60.26
CA VAL C 1083 15.18 20.10 -61.55
C VAL C 1083 14.38 18.82 -61.74
N ALA C 1084 13.12 18.96 -62.12
CA ALA C 1084 12.24 17.81 -62.30
C ALA C 1084 12.51 17.13 -63.64
N THR C 1085 12.47 15.79 -63.62
CA THR C 1085 12.65 14.98 -64.80
C THR C 1085 11.38 14.18 -65.07
N ILE C 1086 11.33 13.56 -66.25
CA ILE C 1086 10.14 12.80 -66.65
C ILE C 1086 9.94 11.59 -65.74
N SER C 1087 11.02 11.07 -65.16
CA SER C 1087 10.92 9.91 -64.27
C SER C 1087 10.30 10.24 -62.93
N ASP C 1088 10.09 11.52 -62.62
CA ASP C 1088 9.47 11.95 -61.39
C ASP C 1088 7.97 12.10 -61.49
N PHE C 1089 7.37 11.75 -62.62
CA PHE C 1089 5.96 11.98 -62.86
C PHE C 1089 5.25 10.70 -63.24
N VAL C 1090 3.96 10.65 -62.94
CA VAL C 1090 3.07 9.57 -63.31
C VAL C 1090 1.97 10.13 -64.21
N GLN C 1091 1.74 9.47 -65.34
CA GLN C 1091 0.76 9.92 -66.32
C GLN C 1091 -0.61 9.35 -66.01
N ILE C 1092 -1.62 10.22 -66.03
CA ILE C 1092 -3.01 9.84 -65.78
C ILE C 1092 -3.89 10.43 -66.87
N GLU C 1093 -5.10 9.88 -66.99
CA GLU C 1093 -5.98 10.26 -68.08
C GLU C 1093 -6.53 11.68 -67.88
N GLY C 1094 -7.24 11.91 -66.78
CA GLY C 1094 -7.91 13.17 -66.55
C GLY C 1094 -7.00 14.24 -66.00
N CYS C 1095 -7.58 15.44 -65.87
CA CYS C 1095 -6.91 16.60 -65.29
C CYS C 1095 -7.79 17.20 -64.20
N ASP C 1096 -7.15 17.82 -63.22
CA ASP C 1096 -7.86 18.53 -62.17
C ASP C 1096 -7.92 20.02 -62.48
N VAL C 1097 -8.90 20.69 -61.87
CA VAL C 1097 -9.08 22.12 -62.11
C VAL C 1097 -7.89 22.91 -61.57
N LEU C 1098 -7.22 22.41 -60.55
CA LEU C 1098 -6.09 23.10 -59.93
C LEU C 1098 -4.76 22.82 -60.62
N PHE C 1099 -4.74 22.00 -61.66
CA PHE C 1099 -3.51 21.70 -62.37
C PHE C 1099 -3.06 22.92 -63.18
N VAL C 1100 -1.78 22.95 -63.50
CA VAL C 1100 -1.22 24.01 -64.32
C VAL C 1100 -1.20 23.54 -65.78
N ASN C 1101 -1.73 24.36 -66.68
CA ASN C 1101 -1.76 24.02 -68.10
C ASN C 1101 -0.39 24.15 -68.72
N ALA C 1102 -0.02 23.19 -69.55
CA ALA C 1102 1.27 23.22 -70.24
C ALA C 1102 1.16 22.48 -71.56
N THR C 1103 2.10 22.78 -72.45
CA THR C 1103 2.19 22.13 -73.74
C THR C 1103 3.29 21.06 -73.70
N VAL C 1104 3.37 20.27 -74.77
CA VAL C 1104 4.36 19.22 -74.84
C VAL C 1104 5.77 19.79 -74.88
N ILE C 1105 5.95 20.94 -75.53
CA ILE C 1105 7.28 21.53 -75.65
C ILE C 1105 7.83 21.93 -74.29
N GLU C 1106 6.97 22.52 -73.45
CA GLU C 1106 7.40 23.06 -72.14
C GLU C 1106 7.30 22.02 -71.02
N LEU C 1107 7.38 20.74 -71.35
CA LEU C 1107 7.37 19.73 -70.29
C LEU C 1107 8.79 19.40 -69.85
N PRO C 1108 8.96 18.99 -68.60
CA PRO C 1108 10.30 18.62 -68.12
C PRO C 1108 10.83 17.38 -68.82
N GLY C 1109 12.15 17.31 -68.94
CA GLY C 1109 12.81 16.17 -69.53
C GLY C 1109 12.52 15.99 -71.01
C1 NAG D . 8.50 -18.89 -69.98
C2 NAG D . 7.63 -19.93 -69.26
C3 NAG D . 8.50 -21.05 -68.74
C4 NAG D . 9.43 -21.60 -69.81
C5 NAG D . 10.20 -20.45 -70.45
C6 NAG D . 11.14 -20.87 -71.57
C7 NAG D . 5.56 -19.24 -68.11
C8 NAG D . 5.03 -18.57 -66.86
N2 NAG D . 6.90 -19.33 -68.19
O3 NAG D . 7.66 -22.05 -68.22
O4 NAG D . 10.30 -22.51 -69.19
O5 NAG D . 9.28 -19.52 -70.97
O6 NAG D . 10.41 -21.54 -72.57
O7 NAG D . 4.81 -19.66 -68.98
C1 NAG D . 10.01 -23.85 -69.66
C2 NAG D . 11.32 -24.64 -69.69
C3 NAG D . 11.03 -26.07 -70.15
C4 NAG D . 9.95 -26.69 -69.25
C5 NAG D . 8.72 -25.78 -69.27
C6 NAG D . 7.57 -26.29 -68.42
C7 NAG D . 13.46 -23.51 -70.10
C8 NAG D . 14.33 -22.90 -71.17
N2 NAG D . 12.29 -24.02 -70.53
O3 NAG D . 12.23 -26.80 -70.11
O4 NAG D . 9.67 -27.97 -69.76
O5 NAG D . 9.09 -24.49 -68.81
O6 NAG D . 6.53 -25.34 -68.43
O7 NAG D . 13.81 -23.53 -68.92
C1 NAG E . -17.57 -0.63 -56.22
C2 NAG E . -17.85 -1.98 -56.87
C3 NAG E . -18.45 -1.80 -58.27
C4 NAG E . -19.59 -0.80 -58.29
C5 NAG E . -19.13 0.49 -57.60
C6 NAG E . -20.19 1.57 -57.52
C7 NAG E . -16.53 -4.07 -56.76
C8 NAG E . -15.16 -4.66 -56.97
N2 NAG E . -16.63 -2.75 -57.00
O3 NAG E . -18.87 -3.07 -58.72
O4 NAG E . -19.89 -0.59 -59.65
O5 NAG E . -18.73 0.18 -56.29
O6 NAG E . -21.35 1.05 -56.92
O7 NAG E . -17.48 -4.77 -56.40
C1 NAG E . -21.29 -0.79 -59.90
C2 NAG E . -21.50 -0.74 -61.41
C3 NAG E . -22.99 -0.95 -61.74
C4 NAG E . -23.47 -2.23 -61.07
C5 NAG E . -23.14 -2.22 -59.59
C6 NAG E . -23.56 -3.48 -58.85
C7 NAG E . -19.90 0.68 -62.63
C8 NAG E . -19.62 2.09 -63.09
N2 NAG E . -21.04 0.52 -61.94
O3 NAG E . -23.12 -1.00 -63.12
O4 NAG E . -24.87 -2.31 -61.29
O5 NAG E . -21.75 -2.04 -59.42
O6 NAG E . -23.09 -4.61 -59.55
O7 NAG E . -19.14 -0.24 -62.90
C1 NAG F . -47.06 24.50 7.56
C2 NAG F . -47.96 23.65 6.66
C3 NAG F . -47.39 23.60 5.25
C4 NAG F . -47.07 25.00 4.71
C5 NAG F . -46.24 25.76 5.74
C6 NAG F . -45.93 27.20 5.39
C7 NAG F . -49.20 21.77 7.68
C8 NAG F . -49.07 20.35 8.15
N2 NAG F . -48.07 22.31 7.18
O3 NAG F . -48.30 22.93 4.44
O4 NAG F . -46.37 24.80 3.51
O5 NAG F . -46.92 25.77 6.98
O6 NAG F . -45.29 27.83 6.47
O7 NAG F . -50.26 22.38 7.75
C1 NAG F . -46.95 25.62 2.46
C2 NAG F . -45.91 25.74 1.33
C3 NAG F . -46.48 26.62 0.23
C4 NAG F . -47.83 26.09 -0.23
C5 NAG F . -48.75 25.90 0.98
C6 NAG F . -50.10 25.29 0.63
C7 NAG F . -43.47 25.65 1.76
C8 NAG F . -43.49 24.28 1.11
N2 NAG F . -44.67 26.27 1.83
O3 NAG F . -45.55 26.66 -0.82
O4 NAG F . -48.36 27.02 -1.14
O5 NAG F . -48.12 25.05 1.93
O6 NAG F . -49.91 24.12 -0.12
O7 NAG F . -42.44 26.14 2.19
C1 NAG G . -26.17 -10.71 54.34
C2 NAG G . -27.44 -9.98 54.78
C3 NAG G . -27.13 -9.13 56.02
C4 NAG G . -26.43 -9.94 57.10
C5 NAG G . -25.24 -10.71 56.49
C6 NAG G . -24.53 -11.62 57.46
C7 NAG G . -29.12 -9.37 53.06
C8 NAG G . -29.93 -10.55 53.52
N2 NAG G . -27.96 -9.17 53.71
O3 NAG G . -28.35 -8.60 56.49
O4 NAG G . -26.01 -9.03 58.08
O5 NAG G . -25.69 -11.48 55.41
O6 NAG G . -25.45 -12.56 57.95
O7 NAG G . -29.51 -8.65 52.16
C1 NAG G . -26.61 -9.38 59.35
C2 NAG G . -25.87 -8.61 60.45
C3 NAG G . -26.51 -8.89 61.80
C4 NAG G . -28.01 -8.63 61.75
C5 NAG G . -28.62 -9.42 60.59
C6 NAG G . -30.10 -9.23 60.43
C7 NAG G . -23.49 -8.10 60.12
C8 NAG G . -22.09 -8.68 60.20
N2 NAG G . -24.47 -8.95 60.47
O3 NAG G . -25.87 -8.08 62.76
O4 NAG G . -28.55 -9.03 63.00
O5 NAG G . -27.98 -9.05 59.40
O6 NAG G . -30.39 -7.85 60.32
O7 NAG G . -23.68 -6.96 59.74
C1 NAG H . -21.09 -42.75 14.50
C2 NAG H . -22.46 -42.09 14.68
C3 NAG H . -23.35 -42.95 15.56
C4 NAG H . -23.40 -44.39 15.06
C5 NAG H . -21.97 -44.91 14.94
C6 NAG H . -21.84 -46.32 14.42
C7 NAG H . -22.86 -39.66 14.68
C8 NAG H . -22.62 -38.39 15.44
N2 NAG H . -22.35 -40.77 15.23
O3 NAG H . -24.63 -42.36 15.59
O4 NAG H . -24.15 -45.14 16.00
O5 NAG H . -21.27 -44.07 14.05
O6 NAG H . -22.44 -46.40 13.15
O7 NAG H . -23.46 -39.67 13.62
C1 NAG H . -25.24 -45.79 15.32
C2 NAG H . -25.47 -47.17 15.98
C3 NAG H . -26.66 -47.86 15.33
C4 NAG H . -27.88 -46.94 15.36
C5 NAG H . -27.53 -45.59 14.75
C6 NAG H . -28.66 -44.59 14.78
C7 NAG H . -23.47 -48.30 16.88
C8 NAG H . -23.81 -47.69 18.22
N2 NAG H . -24.30 -48.00 15.87
O3 NAG H . -26.89 -49.05 16.03
O4 NAG H . -28.91 -47.59 14.64
O5 NAG H . -26.43 -45.04 15.44
O6 NAG H . -29.06 -44.38 16.12
O7 NAG H . -22.49 -49.01 16.74
C1 NAG I . -16.54 -19.36 -32.92
C2 NAG I . -17.40 -20.62 -33.07
C3 NAG I . -16.55 -21.81 -33.51
C4 NAG I . -15.79 -21.46 -34.80
C5 NAG I . -14.98 -20.19 -34.52
C6 NAG I . -14.16 -19.70 -35.70
C7 NAG I . -19.40 -20.93 -31.69
C8 NAG I . -19.89 -21.33 -30.31
N2 NAG I . -18.07 -20.95 -31.84
O3 NAG I . -17.42 -22.90 -33.65
O4 NAG I . -14.94 -22.54 -35.13
O5 NAG I . -15.86 -19.14 -34.14
O6 NAG I . -15.00 -19.35 -36.77
O7 NAG I . -20.19 -20.61 -32.57
C1 NAG I . -15.62 -23.49 -35.99
C2 NAG I . -14.67 -24.02 -37.06
C3 NAG I . -15.39 -25.07 -37.91
C4 NAG I . -16.13 -26.12 -37.09
C5 NAG I . -16.92 -25.46 -35.96
C6 NAG I . -17.53 -26.42 -34.97
C7 NAG I . -12.93 -22.60 -38.10
C8 NAG I . -12.74 -21.44 -39.05
N2 NAG I . -14.22 -22.96 -37.91
O3 NAG I . -14.43 -25.65 -38.76
O4 NAG I . -16.99 -26.76 -38.01
O5 NAG I . -16.07 -24.58 -35.24
O6 NAG I . -16.51 -27.20 -34.38
O7 NAG I . -11.99 -23.15 -37.55
C1 BMA I . -16.86 -28.24 -37.82
C2 BMA I . -17.54 -28.77 -39.09
C3 BMA I . -17.56 -30.31 -39.12
C4 BMA I . -16.23 -30.98 -38.73
C5 BMA I . -15.45 -30.25 -37.63
C6 BMA I . -13.98 -30.63 -37.60
O2 BMA I . -16.87 -28.23 -40.20
O3 BMA I . -18.00 -30.66 -40.41
O4 BMA I . -16.56 -32.28 -38.32
O5 BMA I . -15.59 -28.83 -37.65
O6 BMA I . -13.93 -32.00 -37.25
C1 NAG J . -23.69 28.25 -41.94
C2 NAG J . -24.64 27.61 -40.94
C3 NAG J . -26.02 27.46 -41.55
C4 NAG J . -26.51 28.75 -42.20
C5 NAG J . -25.43 29.30 -43.13
C6 NAG J . -25.77 30.62 -43.78
C7 NAG J . -23.65 26.01 -39.32
C8 NAG J . -23.59 27.14 -38.32
N2 NAG J . -24.15 26.32 -40.52
O3 NAG J . -26.90 27.02 -40.55
O4 NAG J . -27.69 28.43 -42.89
O5 NAG J . -24.24 29.47 -42.39
O6 NAG J . -26.01 31.60 -42.80
O7 NAG J . -23.24 24.89 -39.04
C1 NAG J . -28.79 29.23 -42.40
C2 NAG J . -29.90 29.19 -43.45
C3 NAG J . -31.11 29.97 -42.95
C4 NAG J . -31.53 29.47 -41.57
C5 NAG J . -30.32 29.52 -40.63
C6 NAG J . -30.61 29.04 -39.23
C7 NAG J . -29.14 29.00 -45.80
C8 NAG J . -29.34 27.51 -45.67
N2 NAG J . -29.42 29.72 -44.71
O3 NAG J . -32.14 29.81 -43.89
O4 NAG J . -32.57 30.30 -41.11
O5 NAG J . -29.28 28.73 -41.17
O6 NAG J . -29.44 29.11 -38.45
O7 NAG J . -28.75 29.49 -46.84
C1 NAG K . -26.16 7.19 -37.67
C2 NAG K . -26.97 8.41 -38.12
C3 NAG K . -28.09 7.96 -39.05
C4 NAG K . -27.54 7.12 -40.20
C5 NAG K . -26.65 6.00 -39.64
C6 NAG K . -25.94 5.19 -40.69
C7 NAG K . -27.27 10.41 -36.72
C8 NAG K . -27.93 10.93 -35.46
N2 NAG K . -27.51 9.11 -36.98
O3 NAG K . -28.74 9.11 -39.53
O4 NAG K . -28.64 6.60 -40.90
O5 NAG K . -25.66 6.55 -38.79
O6 NAG K . -26.86 4.49 -41.48
O7 NAG K . -26.58 11.13 -37.42
C1 NAG K . -28.70 7.16 -42.23
C2 NAG K . -29.60 6.26 -43.08
C3 NAG K . -29.76 6.85 -44.47
C4 NAG K . -30.25 8.29 -44.39
C5 NAG K . -29.28 9.07 -43.50
C6 NAG K . -29.64 10.53 -43.34
C7 NAG K . -29.70 3.88 -42.52
C8 NAG K . -29.03 2.54 -42.74
N2 NAG K . -29.12 4.91 -43.15
O3 NAG K . -30.65 6.02 -45.17
O4 NAG K . -30.29 8.80 -45.71
O5 NAG K . -29.20 8.47 -42.23
O6 NAG K . -30.92 10.63 -42.74
O7 NAG K . -30.69 3.98 -41.83
C1 BMA K . -31.57 8.87 -46.26
C2 BMA K . -31.77 9.93 -47.32
C3 BMA K . -33.18 9.88 -47.83
C4 BMA K . -33.50 8.49 -48.33
C5 BMA K . -33.25 7.47 -47.24
C6 BMA K . -33.39 6.04 -47.73
O2 BMA K . -30.83 9.74 -48.39
O3 BMA K . -33.34 10.83 -48.89
O4 BMA K . -34.87 8.42 -48.71
O5 BMA K . -31.90 7.58 -46.77
O6 BMA K . -32.54 5.82 -48.85
C1 NAG L . -11.46 -3.89 -37.82
C2 NAG L . -12.33 -4.90 -37.07
C3 NAG L . -12.87 -5.93 -38.03
C4 NAG L . -13.64 -5.25 -39.16
C5 NAG L . -12.71 -4.25 -39.84
C6 NAG L . -13.41 -3.43 -40.90
C7 NAG L . -11.82 -5.46 -34.74
C8 NAG L . -10.93 -6.24 -33.83
N2 NAG L . -11.57 -5.59 -36.05
O3 NAG L . -13.72 -6.83 -37.34
O4 NAG L . -14.02 -6.22 -40.12
O5 NAG L . -12.21 -3.31 -38.87
O6 NAG L . -12.48 -2.57 -41.56
O7 NAG L . -12.72 -4.74 -34.32
C1 NAG L . -15.37 -6.38 -40.40
C2 NAG L . -15.44 -7.13 -41.72
C3 NAG L . -16.89 -7.45 -42.05
C4 NAG L . -17.55 -8.19 -40.90
C5 NAG L . -17.40 -7.38 -39.62
C6 NAG L . -17.92 -8.12 -38.41
C7 NAG L . -13.63 -6.54 -43.23
C8 NAG L . -13.21 -5.68 -44.38
N2 NAG L . -14.85 -6.31 -42.75
O3 NAG L . -16.93 -8.23 -43.25
O4 NAG L . -18.94 -8.31 -41.17
O5 NAG L . -16.01 -7.09 -39.35
O6 NAG L . -17.35 -9.41 -38.32
O7 NAG L . -12.89 -7.40 -42.75
C1 BMA L . -19.50 -9.58 -41.29
C2 BMA L . -20.95 -9.44 -40.91
C3 BMA L . -21.65 -10.77 -41.04
C4 BMA L . -21.47 -11.30 -42.44
C5 BMA L . -19.99 -11.39 -42.78
C6 BMA L . -19.78 -11.80 -44.22
O2 BMA L . -21.57 -8.47 -41.75
O3 BMA L . -23.04 -10.59 -40.76
O4 BMA L . -22.05 -12.60 -42.53
O5 BMA L . -19.38 -10.11 -42.62
O6 BMA L . -20.81 -11.21 -45.02
C1 MAN L . -23.32 -10.25 -39.44
C2 MAN L . -23.02 -11.45 -38.56
C3 MAN L . -23.93 -12.60 -38.89
C4 MAN L . -25.38 -12.15 -38.78
C5 MAN L . -25.62 -10.93 -39.66
C6 MAN L . -27.01 -10.35 -39.48
O2 MAN L . -23.12 -11.08 -37.19
O3 MAN L . -23.69 -13.68 -38.00
O4 MAN L . -26.25 -13.20 -39.18
O5 MAN L . -24.69 -9.88 -39.31
O6 MAN L . -27.24 -10.04 -38.10
C1 MAN L . -21.25 -12.02 -46.07
C2 MAN L . -20.17 -12.03 -47.14
C3 MAN L . -19.96 -10.64 -47.68
C4 MAN L . -21.27 -10.07 -48.19
C5 MAN L . -22.33 -10.12 -47.09
C6 MAN L . -23.69 -9.69 -47.56
O2 MAN L . -20.53 -12.93 -48.18
O3 MAN L . -19.00 -10.67 -48.73
O4 MAN L . -21.10 -8.72 -48.60
O5 MAN L . -22.46 -11.46 -46.60
O6 MAN L . -23.70 -8.31 -47.94
C1 NAG M . -51.76 4.36 33.66
C2 NAG M . -53.26 4.49 33.96
C3 NAG M . -53.63 3.60 35.13
C4 NAG M . -53.15 2.17 34.92
C5 NAG M . -51.66 2.18 34.54
C6 NAG M . -51.06 0.83 34.24
C7 NAG M . -54.40 6.65 33.50
C8 NAG M . -54.98 6.00 32.27
N2 NAG M . -53.60 5.87 34.25
O3 NAG M . -55.03 3.65 35.29
O4 NAG M . -53.38 1.48 36.13
O5 NAG M . -51.48 3.01 33.40
O6 NAG M . -51.76 0.22 33.18
O7 NAG M . -54.66 7.81 33.78
C1 NAG M . -54.23 0.34 35.89
C2 NAG M . -53.98 -0.70 36.98
C3 NAG M . -54.86 -1.91 36.74
C4 NAG M . -56.32 -1.48 36.65
C5 NAG M . -56.47 -0.36 35.63
C6 NAG M . -57.88 0.20 35.55
C7 NAG M . -51.79 -0.90 38.11
C8 NAG M . -50.37 -1.37 37.95
N2 NAG M . -52.59 -1.08 37.04
O3 NAG M . -54.64 -2.83 37.77
O4 NAG M . -57.07 -2.62 36.29
O5 NAG M . -55.60 0.71 35.94
O6 NAG M . -58.79 -0.86 35.35
O7 NAG M . -52.18 -0.39 39.16
C1 NAG N . -31.03 7.47 20.42
C2 NAG N . -31.57 6.52 19.35
C3 NAG N . -32.61 5.58 19.94
C4 NAG N . -32.10 4.89 21.20
C5 NAG N . -31.53 5.93 22.16
C6 NAG N . -30.90 5.34 23.40
C7 NAG N . -31.73 7.22 16.99
C8 NAG N . -30.54 6.35 16.72
N2 NAG N . -32.16 7.25 18.26
O3 NAG N . -32.96 4.66 18.95
O4 NAG N . -33.21 4.25 21.81
O5 NAG N . -30.55 6.70 21.48
O6 NAG N . -30.32 6.36 24.17
O7 NAG N . -32.27 7.87 16.09
C1 NAG N . -33.17 2.84 21.55
C2 NAG N . -33.45 2.07 22.85
C3 NAG N . -33.46 0.58 22.57
C4 NAG N . -34.41 0.23 21.44
C5 NAG N . -34.13 1.12 20.22
C6 NAG N . -35.11 0.92 19.09
C7 NAG N . -32.72 2.90 25.06
C8 NAG N . -34.17 3.21 25.35
N2 NAG N . -32.46 2.37 23.85
O3 NAG N . -33.79 -0.07 23.76
O4 NAG N . -34.19 -1.11 21.13
O5 NAG N . -34.17 2.48 20.61
O6 NAG N . -34.85 1.84 18.06
O7 NAG N . -31.86 3.15 25.89
C1 BMA N . -35.10 -2.05 21.60
C2 BMA N . -35.66 -2.95 20.52
C3 BMA N . -36.58 -4.04 21.08
C4 BMA N . -36.12 -4.60 22.41
C5 BMA N . -35.67 -3.50 23.34
C6 BMA N . -35.13 -4.03 24.66
O2 BMA N . -34.59 -3.50 19.76
O3 BMA N . -36.64 -5.10 20.12
O4 BMA N . -37.19 -5.28 23.03
O5 BMA N . -34.61 -2.80 22.70
O6 BMA N . -35.60 -3.24 25.76
C1 MAN N . -37.87 -5.47 19.57
C2 MAN N . -37.66 -6.53 18.47
C3 MAN N . -37.26 -5.90 17.14
C4 MAN N . -38.34 -4.92 16.73
C5 MAN N . -38.41 -3.82 17.79
C6 MAN N . -39.52 -2.83 17.53
O2 MAN N . -38.87 -7.24 18.36
O3 MAN N . -37.10 -6.92 16.20
O4 MAN N . -37.98 -4.40 15.47
O5 MAN N . -38.64 -4.37 19.09
O6 MAN N . -40.75 -3.50 17.65
C1 NAG O . -61.03 17.29 23.86
C2 NAG O . -62.05 16.51 24.67
C3 NAG O . -63.45 17.12 24.53
C4 NAG O . -63.43 18.62 24.74
C5 NAG O . -62.37 19.24 23.82
C6 NAG O . -62.25 20.75 23.92
C7 NAG O . -61.64 14.09 24.98
C8 NAG O . -61.10 14.41 26.34
N2 NAG O . -62.07 15.14 24.25
O3 NAG O . -64.28 16.48 25.46
O4 NAG O . -64.72 19.10 24.45
O5 NAG O . -61.13 18.67 24.15
O6 NAG O . -61.17 21.19 23.15
O7 NAG O . -61.68 12.94 24.57
C1 NAG O . -65.25 19.74 25.62
C2 NAG O . -66.31 20.76 25.17
C3 NAG O . -66.92 21.43 26.39
C4 NAG O . -67.45 20.37 27.34
C5 NAG O . -66.35 19.37 27.67
C6 NAG O . -66.78 18.25 28.59
C7 NAG O . -65.95 21.80 22.96
C8 NAG O . -65.23 22.92 22.24
N2 NAG O . -65.73 21.74 24.28
O3 NAG O . -67.92 22.30 25.95
O4 NAG O . -67.92 21.04 28.49
O5 NAG O . -65.87 18.81 26.48
O6 NAG O . -67.88 17.58 28.03
O7 NAG O . -66.66 21.01 22.36
C1 NAG P . -7.69 -16.15 -61.63
C2 NAG P . -7.14 -17.47 -62.19
C3 NAG P . -7.58 -17.66 -63.63
C4 NAG P . -9.08 -17.41 -63.83
C5 NAG P . -9.47 -16.08 -63.16
C6 NAG P . -10.94 -15.76 -63.22
C7 NAG P . -4.97 -18.25 -61.29
C8 NAG P . -3.48 -18.04 -61.40
N2 NAG P . -5.70 -17.47 -62.10
O3 NAG P . -7.23 -18.96 -64.02
O4 NAG P . -9.28 -17.37 -65.21
O5 NAG P . -9.08 -16.12 -61.80
O6 NAG P . -11.20 -14.56 -62.52
O7 NAG P . -5.44 -19.07 -60.52
C1 NAG P . -10.28 -18.35 -65.58
C2 NAG P . -10.57 -18.19 -67.08
C3 NAG P . -11.62 -19.22 -67.50
C4 NAG P . -11.17 -20.62 -67.10
C5 NAG P . -10.81 -20.64 -65.61
C6 NAG P . -10.31 -21.98 -65.12
C7 NAG P . -10.26 -15.94 -68.05
C8 NAG P . -10.91 -14.60 -68.25
N2 NAG P . -11.01 -16.85 -67.38
O3 NAG P . -11.83 -19.09 -68.88
O4 NAG P . -12.23 -21.49 -67.39
O5 NAG P . -9.82 -19.66 -65.37
O6 NAG P . -9.23 -22.41 -65.93
O7 NAG P . -9.14 -16.19 -68.47
C1 NAG Q . 38.36 15.47 -60.13
C2 NAG Q . 39.31 15.22 -58.95
C3 NAG Q . 39.64 16.54 -58.27
C4 NAG Q . 40.09 17.61 -59.26
C5 NAG Q . 39.06 17.71 -60.38
C6 NAG Q . 39.41 18.72 -61.46
C7 NAG Q . 39.22 13.10 -57.71
C8 NAG Q . 38.44 12.32 -56.67
N2 NAG Q . 38.74 14.31 -58.01
O3 NAG Q . 40.63 16.29 -57.29
O4 NAG Q . 40.21 18.82 -58.56
O5 NAG Q . 38.91 16.44 -60.98
O6 NAG Q . 40.67 18.38 -62.02
O7 NAG Q . 40.23 12.63 -58.22
C1 NAG Q . 41.59 19.19 -58.50
C2 NAG Q . 41.68 20.73 -58.52
C3 NAG Q . 43.15 21.15 -58.42
C4 NAG Q . 43.78 20.52 -57.18
C5 NAG Q . 43.59 19.00 -57.26
C6 NAG Q . 44.17 18.26 -56.08
C7 NAG Q . 39.97 22.05 -59.70
C8 NAG Q . 39.49 22.49 -61.06
N2 NAG Q . 41.07 21.26 -59.70
O3 NAG Q . 43.19 22.56 -58.38
O4 NAG Q . 45.14 20.88 -57.17
O5 NAG Q . 42.20 18.71 -57.32
O6 NAG Q . 43.88 16.89 -56.19
O7 NAG Q . 39.38 22.39 -58.68
C1 NAG R . 29.76 -15.96 -48.27
C2 NAG R . 31.24 -15.56 -48.36
C3 NAG R . 31.90 -16.19 -49.59
C4 NAG R . 31.59 -17.68 -49.72
C5 NAG R . 30.08 -17.89 -49.59
C6 NAG R . 29.63 -19.33 -49.67
C7 NAG R . 32.32 -13.40 -47.84
C8 NAG R . 32.26 -11.92 -48.11
N2 NAG R . 31.38 -14.12 -48.46
O3 NAG R . 33.28 -15.96 -49.51
O4 NAG R . 32.07 -18.06 -50.98
O5 NAG R . 29.66 -17.35 -48.36
O6 NAG R . 30.34 -20.09 -48.71
O7 NAG R . 33.15 -13.88 -47.09
C1 NAG R . 32.95 -19.20 -50.87
C2 NAG R . 33.57 -19.43 -52.24
C3 NAG R . 34.53 -20.63 -52.18
C4 NAG R . 35.53 -20.43 -51.05
C5 NAG R . 34.80 -20.12 -49.75
C6 NAG R . 35.73 -19.86 -48.58
C7 NAG R . 32.19 -18.73 -54.15
C8 NAG R . 31.09 -19.17 -55.09
N2 NAG R . 32.56 -19.64 -53.23
O3 NAG R . 35.15 -20.75 -53.42
O4 NAG R . 36.30 -21.61 -50.95
O5 NAG R . 33.98 -18.99 -49.93
O6 NAG R . 36.71 -18.92 -48.94
O7 NAG R . 32.69 -17.63 -54.25
C1 NAG S . -2.04 -52.91 8.24
C2 NAG S . -0.60 -53.30 7.86
C3 NAG S . -0.28 -52.81 6.46
C4 NAG S . -1.34 -53.21 5.44
C5 NAG S . -2.73 -52.83 5.98
C6 NAG S . -3.90 -53.26 5.12
C7 NAG S . 1.07 -53.48 9.66
C8 NAG S . 2.00 -52.66 10.54
N2 NAG S . 0.34 -52.75 8.80
O3 NAG S . 0.98 -53.29 6.11
O4 NAG S . -1.03 -52.52 4.26
O5 NAG S . -2.91 -53.42 7.25
O6 NAG S . -5.10 -52.99 5.79
O7 NAG S . 1.02 -54.69 9.73
C1 NAG S . -1.05 -53.44 3.14
C2 NAG S . -1.17 -52.61 1.85
C3 NAG S . -1.21 -53.54 0.65
C4 NAG S . -0.01 -54.48 0.67
C5 NAG S . 0.10 -55.17 2.03
C6 NAG S . 1.31 -56.07 2.17
C7 NAG S . -2.33 -50.43 1.79
C8 NAG S . -0.97 -49.78 1.64
N2 NAG S . -2.34 -51.76 1.89
O3 NAG S . -1.25 -52.76 -0.52
O4 NAG S . -0.18 -55.41 -0.37
O5 NAG S . 0.14 -54.19 3.06
O6 NAG S . 2.47 -55.34 1.83
O7 NAG S . -3.34 -49.74 1.82
C1 NAG T . -0.56 -16.90 58.87
C2 NAG T . -0.75 -18.36 59.30
C3 NAG T . -2.05 -18.48 60.10
C4 NAG T . -2.12 -17.44 61.23
C5 NAG T . -1.80 -16.05 60.68
C6 NAG T . -1.73 -14.97 61.74
C7 NAG T . 0.14 -20.13 57.84
C8 NAG T . 1.28 -20.27 58.81
N2 NAG T . -0.78 -19.21 58.14
O3 NAG T . -2.12 -19.78 60.60
O4 NAG T . -3.42 -17.51 61.76
O5 NAG T . -0.55 -16.09 60.02
O6 NAG T . -0.74 -15.31 62.68
O7 NAG T . 0.07 -20.84 56.85
C1 NAG T . -3.35 -17.84 63.16
C2 NAG T . -4.73 -17.55 63.77
C3 NAG T . -4.74 -17.95 65.25
C4 NAG T . -4.26 -19.39 65.41
C5 NAG T . -2.91 -19.56 64.71
C6 NAG T . -2.36 -20.96 64.79
C7 NAG T . -6.07 -15.72 62.83
C8 NAG T . -6.25 -14.22 62.82
N2 NAG T . -5.08 -16.17 63.63
O3 NAG T . -6.04 -17.77 65.74
O4 NAG T . -4.18 -19.65 66.80
O5 NAG T . -3.04 -19.20 63.36
O6 NAG T . -3.31 -21.88 64.30
O7 NAG T . -6.77 -16.44 62.14
C1 NAG U . 38.46 2.41 31.59
C2 NAG U . 38.47 0.88 31.80
C3 NAG U . 39.22 0.54 33.08
C4 NAG U . 40.60 1.18 33.10
C5 NAG U . 40.43 2.69 32.87
C6 NAG U . 41.72 3.47 32.83
C7 NAG U . 36.66 -0.63 31.08
C8 NAG U . 35.23 -1.02 31.32
N2 NAG U . 37.14 0.36 31.86
O3 NAG U . 39.29 -0.86 33.17
O4 NAG U . 41.18 0.90 34.36
O5 NAG U . 39.78 2.88 31.64
O6 NAG U . 42.54 2.97 31.80
O7 NAG U . 37.34 -1.18 30.23
C1 NAG U . 42.45 0.25 34.16
C2 NAG U . 43.41 0.72 35.27
C3 NAG U . 44.74 0.00 35.13
C4 NAG U . 44.54 -1.51 35.10
C5 NAG U . 43.51 -1.86 34.02
C6 NAG U . 43.19 -3.34 33.94
C7 NAG U . 43.11 3.04 36.07
C8 NAG U . 42.25 2.46 37.18
N2 NAG U . 43.61 2.14 35.21
O3 NAG U . 45.55 0.38 36.21
O4 NAG U . 45.79 -2.10 34.84
O5 NAG U . 42.31 -1.15 34.26
O6 NAG U . 42.69 -3.77 35.19
O7 NAG U . 43.30 4.24 35.99
C1 NAG V . 35.61 -5.65 -20.80
C2 NAG V . 37.06 -5.80 -20.35
C3 NAG V . 37.82 -4.49 -20.54
C4 NAG V . 37.70 -4.00 -21.99
C5 NAG V . 36.20 -3.91 -22.31
C6 NAG V . 35.90 -3.43 -23.72
C7 NAG V . 37.68 -7.38 -18.57
C8 NAG V . 37.68 -7.58 -17.08
N2 NAG V . 37.17 -6.20 -18.97
O3 NAG V . 39.14 -4.73 -20.13
O4 NAG V . 38.33 -2.74 -22.11
O5 NAG V . 35.60 -5.17 -22.12
O6 NAG V . 36.39 -4.36 -24.65
O7 NAG V . 38.10 -8.23 -19.34
C1 NAG V . 39.72 -2.90 -22.46
C2 NAG V . 40.15 -1.82 -23.45
C3 NAG V . 41.65 -1.96 -23.76
C4 NAG V . 42.52 -2.08 -22.51
C5 NAG V . 41.89 -3.08 -21.53
C6 NAG V . 42.56 -3.14 -20.17
C7 NAG V . 38.62 -1.00 -25.23
C8 NAG V . 37.97 -1.41 -26.52
N2 NAG V . 39.41 -1.95 -24.68
O3 NAG V . 42.03 -0.86 -24.54
O4 NAG V . 43.76 -2.54 -22.98
O5 NAG V . 40.53 -2.76 -21.31
O6 NAG V . 42.52 -1.85 -19.58
O7 NAG V . 38.44 0.10 -24.73
C1 BMA V . 44.83 -1.72 -22.35
C2 BMA V . 46.05 -2.07 -23.20
C3 BMA V . 47.32 -1.35 -22.72
C4 BMA V . 47.13 0.15 -22.41
C5 BMA V . 45.77 0.49 -21.79
C6 BMA V . 45.43 1.97 -21.92
O2 BMA V . 45.74 -1.77 -24.54
O3 BMA V . 48.29 -1.58 -23.72
O4 BMA V . 48.18 0.49 -21.53
O5 BMA V . 44.68 -0.32 -22.24
O6 BMA V . 46.37 2.67 -21.16
C1 NAG W . 3.56 -35.04 -43.34
C2 NAG W . 4.11 -35.54 -42.01
C3 NAG W . 5.07 -36.69 -42.26
C4 NAG W . 4.49 -37.75 -43.18
C5 NAG W . 3.93 -37.09 -44.43
C6 NAG W . 3.26 -38.03 -45.40
C7 NAG W . 4.35 -33.88 -40.19
C8 NAG W . 3.04 -34.36 -39.65
N2 NAG W . 4.78 -34.49 -41.31
O3 NAG W . 5.44 -37.23 -41.01
O4 NAG W . 5.53 -38.64 -43.49
O5 NAG W . 2.98 -36.11 -44.05
O6 NAG W . 2.18 -38.69 -44.77
O7 NAG W . 4.98 -32.98 -39.64
C1 NAG W . 5.18 -39.98 -43.08
C2 NAG W . 6.11 -40.95 -43.82
C3 NAG W . 5.83 -42.38 -43.36
C4 NAG W . 5.88 -42.48 -41.85
C5 NAG W . 4.94 -41.43 -41.23
C6 NAG W . 4.93 -41.43 -39.73
C7 NAG W . 6.83 -40.23 -46.07
C8 NAG W . 8.09 -39.69 -45.42
N2 NAG W . 5.95 -40.81 -45.24
O3 NAG W . 6.77 -43.22 -43.98
O4 NAG W . 5.49 -43.79 -41.49
O5 NAG W . 5.34 -40.15 -41.68
O6 NAG W . 4.05 -40.43 -39.26
O7 NAG W . 6.65 -40.14 -47.27
C1 NAG X . 20.10 -26.98 -31.99
C2 NAG X . 19.65 -28.28 -32.65
C3 NAG X . 20.87 -29.05 -33.14
C4 NAG X . 21.75 -28.17 -34.04
C5 NAG X . 22.05 -26.85 -33.33
C6 NAG X . 22.79 -25.85 -34.18
C7 NAG X . 17.62 -29.48 -31.95
C8 NAG X . 17.00 -30.28 -30.83
N2 NAG X . 18.88 -29.07 -31.72
O3 NAG X . 20.41 -30.18 -33.83
O4 NAG X . 22.92 -28.90 -34.30
O5 NAG X . 20.85 -26.24 -32.92
O6 NAG X . 24.07 -26.33 -34.49
O7 NAG X . 17.00 -29.23 -32.97
C1 NAG X . 23.00 -29.24 -35.69
C2 NAG X . 24.45 -29.62 -36.01
C3 NAG X . 24.58 -30.06 -37.45
C4 NAG X . 23.60 -31.18 -37.76
C5 NAG X . 22.19 -30.69 -37.38
C6 NAG X . 21.10 -31.71 -37.64
C7 NAG X . 26.22 -28.54 -34.69
C8 NAG X . 27.09 -27.31 -34.59
N2 NAG X . 25.36 -28.54 -35.72
O3 NAG X . 25.92 -30.44 -37.65
O4 NAG X . 23.69 -31.48 -39.14
O5 NAG X . 22.16 -30.31 -36.02
O6 NAG X . 21.36 -32.87 -36.87
O7 NAG X . 26.31 -29.45 -33.88
C1 BMA X . 24.42 -32.64 -39.41
C2 BMA X . 24.04 -33.34 -40.71
C3 BMA X . 24.90 -34.58 -40.88
C4 BMA X . 26.37 -34.19 -40.82
C5 BMA X . 26.67 -33.45 -39.52
C6 BMA X . 28.07 -32.90 -39.49
O2 BMA X . 24.20 -32.46 -41.81
O3 BMA X . 24.61 -35.19 -42.14
O4 BMA X . 27.18 -35.36 -40.87
O5 BMA X . 25.81 -32.33 -39.39
O6 BMA X . 28.31 -32.06 -40.61
C1 NAG Y . 22.68 -8.75 -31.40
C2 NAG Y . 23.60 -9.01 -30.20
C3 NAG Y . 25.05 -9.00 -30.64
C4 NAG Y . 25.26 -10.01 -31.76
C5 NAG Y . 24.29 -9.71 -32.90
C6 NAG Y . 24.35 -10.72 -34.01
C7 NAG Y . 22.93 -8.26 -27.97
C8 NAG Y . 22.83 -7.08 -27.05
N2 NAG Y . 23.44 -8.00 -29.18
O3 NAG Y . 25.89 -9.30 -29.54
O4 NAG Y . 26.58 -9.90 -32.26
O5 NAG Y . 22.93 -9.70 -32.41
O6 NAG Y . 23.49 -10.33 -35.08
O7 NAG Y . 22.60 -9.39 -27.63
C1 NAG Y . 27.41 -11.01 -32.19
C2 NAG Y . 28.56 -10.73 -33.16
C3 NAG Y . 29.59 -11.84 -33.07
C4 NAG Y . 30.03 -12.05 -31.64
C5 NAG Y . 28.82 -12.28 -30.74
C6 NAG Y . 29.19 -12.36 -29.28
C7 NAG Y . 27.86 -9.45 -35.10
C8 NAG Y . 27.41 -9.51 -36.53
N2 NAG Y . 28.02 -10.62 -34.49
O3 NAG Y . 30.69 -11.52 -33.91
O4 NAG Y . 30.85 -13.21 -31.57
O5 NAG Y . 27.88 -11.21 -30.87
O6 NAG Y . 29.95 -11.23 -28.89
O7 NAG Y . 28.04 -8.38 -34.52
C1 BMA Y . 32.17 -13.10 -31.15
C2 BMA Y . 32.56 -14.43 -30.56
C3 BMA Y . 33.98 -14.40 -30.10
C4 BMA Y . 34.88 -14.01 -31.26
C5 BMA Y . 34.44 -12.67 -31.83
C6 BMA Y . 35.23 -12.31 -33.07
O2 BMA Y . 32.36 -15.45 -31.54
O3 BMA Y . 34.35 -15.69 -29.63
O4 BMA Y . 36.22 -13.89 -30.80
O5 BMA Y . 33.06 -12.75 -32.23
O6 BMA Y . 35.50 -13.50 -33.80
C1 MAN Y . 33.69 -16.08 -28.47
C2 MAN Y . 34.19 -15.23 -27.32
C3 MAN Y . 35.66 -15.49 -27.07
C4 MAN Y . 35.88 -16.96 -26.83
C5 MAN Y . 35.35 -17.78 -27.99
C6 MAN Y . 35.42 -19.26 -27.74
O2 MAN Y . 33.42 -15.47 -26.16
O3 MAN Y . 36.10 -14.73 -25.94
O4 MAN Y . 37.28 -17.23 -26.68
O5 MAN Y . 33.95 -17.46 -28.20
O6 MAN Y . 34.74 -19.60 -26.53
C1 MAN Y . 36.75 -13.52 -34.42
C2 MAN Y . 36.69 -12.60 -35.62
C3 MAN Y . 35.68 -13.09 -36.62
C4 MAN Y . 35.99 -14.51 -37.02
C5 MAN Y . 36.07 -15.40 -35.77
C6 MAN Y . 36.51 -16.81 -36.08
O2 MAN Y . 37.98 -12.48 -36.21
O3 MAN Y . 35.69 -12.24 -37.76
O4 MAN Y . 34.97 -15.01 -37.87
O5 MAN Y . 37.03 -14.85 -34.85
O6 MAN Y . 35.54 -17.49 -36.88
C1 NAG Z . 6.41 -46.91 39.88
C2 NAG Z . 6.84 -48.28 40.41
C3 NAG Z . 7.29 -48.16 41.86
C4 NAG Z . 8.32 -47.04 42.04
C5 NAG Z . 7.79 -45.75 41.39
C6 NAG Z . 8.75 -44.58 41.44
C7 NAG Z . 5.78 -50.32 39.51
C8 NAG Z . 7.03 -50.53 38.69
N2 NAG Z . 5.76 -49.23 40.29
O3 NAG Z . 7.79 -49.40 42.26
O4 NAG Z . 8.51 -46.88 43.43
O5 NAG Z . 7.49 -46.00 40.03
O6 NAG Z . 9.95 -44.91 40.80
O7 NAG Z . 4.84 -51.10 39.44
C1 NAG Z . 9.90 -47.09 43.75
C2 NAG Z . 10.22 -46.34 45.05
C3 NAG Z . 11.68 -46.54 45.40
C4 NAG Z . 12.01 -48.02 45.46
C5 NAG Z . 11.56 -48.72 44.18
C6 NAG Z . 11.76 -50.22 44.20
C7 NAG Z . 8.99 -44.32 45.73
C8 NAG Z . 8.81 -42.85 45.45
N2 NAG Z . 9.89 -44.95 44.95
O3 NAG Z . 11.94 -45.89 46.61
O4 NAG Z . 13.40 -48.14 45.65
O5 NAG Z . 10.19 -48.46 43.95
O6 NAG Z . 13.10 -50.51 44.54
O7 NAG Z . 8.35 -44.89 46.60
C1 NAG AA . -0.19 -30.46 22.54
C2 NAG AA . 1.22 -30.49 21.96
C3 NAG AA . 2.22 -30.94 23.03
C4 NAG AA . 2.07 -30.14 24.32
C5 NAG AA . 0.60 -30.12 24.74
C6 NAG AA . 0.33 -29.27 25.96
C7 NAG AA . 1.63 -31.02 19.59
C8 NAG AA . 1.92 -29.55 19.39
N2 NAG AA . 1.31 -31.38 20.84
O3 NAG AA . 3.50 -30.82 22.48
O4 NAG AA . 2.85 -30.78 25.31
O5 NAG AA . -0.19 -29.64 23.68
O6 NAG AA . -1.05 -29.25 26.23
O7 NAG AA . 1.69 -31.80 18.65
C1 NAG AA . 4.08 -30.08 25.53
C2 NAG AA . 4.32 -29.93 27.03
C3 NAG AA . 5.65 -29.22 27.26
C4 NAG AA . 6.78 -29.92 26.52
C5 NAG AA . 6.40 -30.11 25.05
C6 NAG AA . 7.43 -30.90 24.26
C7 NAG AA . 2.48 -29.67 28.65
C8 NAG AA . 2.76 -31.07 29.11
N2 NAG AA . 3.26 -29.20 27.66
O3 NAG AA . 5.86 -29.18 28.65
O4 NAG AA . 7.90 -29.06 26.63
O5 NAG AA . 5.16 -30.79 24.97
O6 NAG AA . 6.96 -31.13 22.96
O7 NAG AA . 1.59 -29.00 29.17
C1 BMA AA . 8.87 -29.41 27.55
C2 BMA AA . 10.27 -29.47 26.97
C3 BMA AA . 11.35 -29.74 28.02
C4 BMA AA . 11.09 -29.04 29.35
C5 BMA AA . 9.64 -29.18 29.75
C6 BMA AA . 9.33 -28.43 31.04
O2 BMA AA . 10.53 -28.29 26.23
O3 BMA AA . 12.60 -29.31 27.49
O4 BMA AA . 11.86 -29.66 30.35
O5 BMA AA . 8.85 -28.60 28.72
O6 BMA AA . 8.46 -29.20 31.88
C1 MAN AA . 13.65 -30.21 27.35
C2 MAN AA . 14.84 -29.53 26.64
C3 MAN AA . 14.65 -29.51 25.12
C4 MAN AA . 14.50 -30.94 24.64
C5 MAN AA . 13.22 -31.50 25.27
C6 MAN AA . 13.02 -32.96 24.93
O2 MAN AA . 15.99 -30.26 27.01
O3 MAN AA . 15.79 -28.88 24.56
O4 MAN AA . 14.40 -30.89 23.23
O5 MAN AA . 13.30 -31.42 26.70
O6 MAN AA . 14.06 -33.72 25.50
C1 NAG BA . 3.73 -61.41 28.41
C2 NAG BA . 4.52 -61.92 29.62
C3 NAG BA . 4.70 -63.44 29.57
C4 NAG BA . 3.38 -64.14 29.26
C5 NAG BA . 2.76 -63.53 28.00
C6 NAG BA . 1.46 -64.15 27.58
C7 NAG BA . 6.19 -60.38 30.63
C8 NAG BA . 5.15 -60.04 31.66
N2 NAG BA . 5.80 -61.28 29.69
O3 NAG BA . 5.23 -63.84 30.80
O4 NAG BA . 3.67 -65.50 29.09
O5 NAG BA . 2.55 -62.16 28.25
O6 NAG BA . 0.91 -63.43 26.51
O7 NAG BA . 7.29 -59.86 30.63
C1 NAG BA . 2.95 -66.27 30.07
C2 NAG BA . 2.75 -67.69 29.52
C3 NAG BA . 2.02 -68.53 30.56
C4 NAG BA . 2.74 -68.47 31.89
C5 NAG BA . 2.93 -67.01 32.30
C6 NAG BA . 3.68 -66.84 33.61
C7 NAG BA . 2.60 -67.90 27.08
C8 NAG BA . 1.64 -67.83 25.91
N2 NAG BA . 2.04 -67.66 28.27
O3 NAG BA . 1.91 -69.84 30.06
O4 NAG BA . 1.96 -69.18 32.82
O5 NAG BA . 3.65 -66.33 31.29
O6 NAG BA . 4.93 -67.49 33.52
O7 NAG BA . 3.78 -68.16 26.92
C1 NAG CA . 40.09 0.11 -50.12
C2 NAG CA . 41.13 1.22 -50.31
C3 NAG CA . 42.03 0.89 -51.49
C4 NAG CA . 42.55 -0.54 -51.46
C5 NAG CA . 41.40 -1.51 -51.20
C6 NAG CA . 41.80 -2.96 -51.07
C7 NAG CA . 40.46 3.51 -49.65
C8 NAG CA . 39.68 4.71 -50.12
N2 NAG CA . 40.47 2.47 -50.51
O3 NAG CA . 43.07 1.83 -51.50
O4 NAG CA . 43.14 -0.77 -52.71
O5 NAG CA . 40.74 -1.13 -50.01
O6 NAG CA . 40.68 -3.75 -50.77
O7 NAG CA . 41.04 3.50 -48.58
C1 NAG CA . 44.52 -1.16 -52.54
C2 NAG CA . 45.09 -1.52 -53.92
C3 NAG CA . 46.55 -1.96 -53.76
C4 NAG CA . 47.34 -0.87 -53.02
C5 NAG CA . 46.63 -0.52 -51.71
C6 NAG CA . 47.30 0.57 -50.92
C7 NAG CA . 43.51 -2.35 -55.60
C8 NAG CA . 42.78 -3.57 -56.10
N2 NAG CA . 44.32 -2.55 -54.55
O3 NAG CA . 47.07 -2.21 -55.03
O4 NAG CA . 48.63 -1.38 -52.79
O5 NAG CA . 45.30 -0.12 -52.00
O6 NAG CA . 47.50 1.70 -51.73
O7 NAG CA . 43.37 -1.26 -56.14
C1 NAG DA . -6.47 25.18 -68.19
C2 NAG DA . -7.14 26.15 -67.21
C3 NAG DA . -8.62 25.81 -67.08
C4 NAG DA . -9.30 25.68 -68.43
C5 NAG DA . -8.50 24.71 -69.30
C6 NAG DA . -9.05 24.52 -70.70
C7 NAG DA . -5.85 27.12 -65.35
C8 NAG DA . -5.28 26.82 -63.98
N2 NAG DA . -6.50 26.10 -65.93
O3 NAG DA . -9.21 26.81 -66.29
O4 NAG DA . -10.60 25.20 -68.21
O5 NAG DA . -7.17 25.18 -69.41
O6 NAG DA . -9.13 25.76 -71.36
O7 NAG DA . -5.71 28.22 -65.87
C1 NAG DA . -11.54 26.23 -68.55
C2 NAG DA . -12.82 25.57 -69.09
C3 NAG DA . -13.84 26.65 -69.43
C4 NAG DA . -14.08 27.53 -68.20
C5 NAG DA . -12.74 28.10 -67.73
C6 NAG DA . -12.85 28.99 -66.52
C7 NAG DA . -12.68 23.42 -70.27
C8 NAG DA . -12.31 22.77 -71.59
N2 NAG DA . -12.53 24.75 -70.23
O3 NAG DA . -15.02 26.02 -69.86
O4 NAG DA . -14.98 28.55 -68.58
O5 NAG DA . -11.87 27.02 -67.43
O6 NAG DA . -11.56 29.39 -66.11
O7 NAG DA . -13.09 22.77 -69.32
C1 NAG EA . 18.29 33.02 -45.23
C2 NAG EA . 17.36 34.11 -45.74
C3 NAG EA . 18.06 34.97 -46.80
C4 NAG EA . 19.45 35.42 -46.36
C5 NAG EA . 20.23 34.20 -45.88
C6 NAG EA . 21.64 34.50 -45.39
C7 NAG EA . 14.93 34.01 -46.17
C8 NAG EA . 13.85 33.24 -46.90
N2 NAG EA . 16.18 33.53 -46.33
O3 NAG EA . 17.22 36.07 -47.07
O4 NAG EA . 20.03 36.01 -47.50
O5 NAG EA . 19.52 33.58 -44.83
O6 NAG EA . 21.56 35.51 -44.40
O7 NAG EA . 14.67 35.00 -45.49
C1 NAG EA . 20.52 37.32 -47.20
C2 NAG EA . 20.96 37.97 -48.51
C3 NAG EA . 21.48 39.37 -48.25
C4 NAG EA . 20.44 40.19 -47.47
C5 NAG EA . 20.02 39.41 -46.23
C6 NAG EA . 18.96 40.12 -45.41
C7 NAG EA . 21.74 36.38 -50.23
C8 NAG EA . 22.94 35.62 -50.74
N2 NAG EA . 21.96 37.15 -49.16
O3 NAG EA . 21.79 39.96 -49.48
O4 NAG EA . 21.04 41.41 -47.14
O5 NAG EA . 19.53 38.14 -46.60
O6 NAG EA . 17.91 40.52 -46.25
O7 NAG EA . 20.65 36.28 -50.78
C1 NAG FA . 40.71 23.89 25.37
C2 NAG FA . 40.54 25.33 24.87
C3 NAG FA . 40.52 25.36 23.35
C4 NAG FA . 41.71 24.60 22.75
C5 NAG FA . 41.81 23.21 23.40
C6 NAG FA . 43.01 22.38 22.97
C7 NAG FA . 39.25 26.91 26.26
C8 NAG FA . 37.84 27.34 26.62
N2 NAG FA . 39.31 25.91 25.37
O3 NAG FA . 40.50 26.69 22.94
O4 NAG FA . 41.47 24.53 21.37
O5 NAG FA . 41.88 23.36 24.80
O6 NAG FA . 43.06 21.21 23.74
O7 NAG FA . 40.23 27.46 26.73
C1 NAG FA . 42.64 24.94 20.63
C2 NAG FA . 42.52 24.40 19.20
C3 NAG FA . 43.76 24.81 18.40
C4 NAG FA . 43.97 26.31 18.49
C5 NAG FA . 43.98 26.76 19.96
C6 NAG FA . 44.11 28.26 20.14
C7 NAG FA . 41.28 22.33 18.65
C8 NAG FA . 40.22 23.21 18.04
N2 NAG FA . 42.34 22.98 19.19
O3 NAG FA . 43.58 24.38 17.08
O4 NAG FA . 45.21 26.59 17.87
O5 NAG FA . 42.78 26.33 20.58
O6 NAG FA . 43.15 28.92 19.36
O7 NAG FA . 41.17 21.12 18.66
C1 NAG GA . -8.56 8.59 60.04
C2 NAG GA . -7.46 9.13 60.95
C3 NAG GA . -7.09 8.07 61.99
C4 NAG GA . -8.33 7.53 62.70
C5 NAG GA . -9.39 7.13 61.67
C6 NAG GA . -10.70 6.68 62.29
C7 NAG GA . -5.84 10.75 60.01
C8 NAG GA . -6.61 11.84 60.72
N2 NAG GA . -6.31 9.50 60.17
O3 NAG GA . -6.18 8.64 62.89
O4 NAG GA . -7.91 6.42 63.47
O5 NAG GA . -9.66 8.23 60.83
O6 NAG GA . -11.22 7.72 63.08
O7 NAG GA . -4.86 11.01 59.34
C1 NAG GA . -8.20 6.66 64.86
C2 NAG GA . -8.06 5.33 65.60
C3 NAG GA . -8.30 5.54 67.10
C4 NAG GA . -7.40 6.65 67.63
C5 NAG GA . -7.60 7.90 66.77
C6 NAG GA . -6.73 9.07 67.20
C7 NAG GA . -8.60 3.26 64.39
C8 NAG GA . -9.74 2.38 63.93
N2 NAG GA . -8.97 4.35 65.09
O3 NAG GA . -8.05 4.31 67.75
O4 NAG GA . -7.76 6.87 68.98
O5 NAG GA . -7.32 7.60 65.43
O6 NAG GA . -5.38 8.67 67.23
O7 NAG GA . -7.44 2.98 64.14
C1 NAG HA . -31.00 33.00 20.80
C2 NAG HA . -29.85 33.75 21.49
C3 NAG HA . -30.39 34.59 22.64
C4 NAG HA . -31.53 35.49 22.18
C5 NAG HA . -32.59 34.62 21.50
C6 NAG HA . -33.77 35.37 20.95
C7 NAG HA . -27.55 32.90 21.68
C8 NAG HA . -26.69 31.83 22.32
N2 NAG HA . -28.86 32.83 21.99
O3 NAG HA . -29.32 35.34 23.16
O4 NAG HA . -32.03 36.16 23.32
O5 NAG HA . -31.98 33.94 20.43
O6 NAG HA . -33.33 36.32 20.01
O7 NAG HA . -27.08 33.74 20.94
C1 NAG HA . -31.99 37.58 23.10
C2 NAG HA . -33.22 38.21 23.77
C3 NAG HA . -33.17 39.73 23.62
C4 NAG HA . -31.83 40.27 24.13
C5 NAG HA . -30.69 39.53 23.45
C6 NAG HA . -29.33 39.95 23.92
C7 NAG HA . -35.27 36.84 23.82
C8 NAG HA . -34.85 36.38 25.20
N2 NAG HA . -34.44 37.70 23.21
O3 NAG HA . -34.26 40.27 24.33
O4 NAG HA . -31.82 41.65 23.84
O5 NAG HA . -30.83 38.13 23.67
O6 NAG HA . -29.23 39.74 25.32
O7 NAG HA . -36.30 36.42 23.31
C1 NAG IA . -3.16 33.58 -24.39
C2 NAG IA . -3.85 34.93 -24.22
C3 NAG IA . -5.18 34.96 -24.97
C4 NAG IA . -4.96 34.60 -26.44
C5 NAG IA . -4.25 33.24 -26.47
C6 NAG IA . -3.96 32.72 -27.87
C7 NAG IA . -3.52 36.26 -22.18
C8 NAG IA . -3.93 36.39 -20.73
N2 NAG IA . -4.09 35.24 -22.83
O3 NAG IA . -5.72 36.24 -24.77
O4 NAG IA . -6.21 34.54 -27.09
O5 NAG IA . -3.03 33.31 -25.77
O6 NAG IA . -3.07 33.58 -28.53
O7 NAG IA . -2.72 37.03 -22.69
C1 NAG IA . -6.58 35.83 -27.64
C2 NAG IA . -7.26 35.67 -29.00
C3 NAG IA . -7.68 37.03 -29.53
C4 NAG IA . -8.44 37.88 -28.50
C5 NAG IA . -7.73 37.82 -27.14
C6 NAG IA . -8.50 38.46 -26.01
C7 NAG IA . -6.56 33.91 -30.60
C8 NAG IA . -5.45 33.51 -31.53
N2 NAG IA . -6.35 35.07 -29.94
O3 NAG IA . -8.45 36.82 -30.68
O4 NAG IA . -8.43 39.18 -29.04
O5 NAG IA . -7.48 36.48 -26.79
O6 NAG IA . -9.75 37.82 -25.87
O7 NAG IA . -7.56 33.23 -30.47
C1 BMA IA . -9.83 39.74 -28.93
C2 BMA IA . -9.74 40.95 -29.85
C3 BMA IA . -11.08 41.73 -29.89
C4 BMA IA . -12.32 40.84 -30.06
C5 BMA IA . -12.24 39.50 -29.32
C6 BMA IA . -13.23 38.47 -29.86
O2 BMA IA . -9.34 40.51 -31.12
O3 BMA IA . -10.94 42.67 -30.93
O4 BMA IA . -13.40 41.61 -29.56
O5 BMA IA . -10.93 38.93 -29.26
O6 BMA IA . -14.53 38.98 -29.58
C1 NAG JA . 43.46 19.36 -29.24
C2 NAG JA . 43.12 20.11 -27.96
C3 NAG JA . 43.72 21.50 -28.00
C4 NAG JA . 45.19 21.48 -28.39
C5 NAG JA . 45.38 20.65 -29.65
C6 NAG JA . 46.81 20.51 -30.11
C7 NAG JA . 40.96 19.54 -26.87
C8 NAG JA . 41.73 18.63 -25.95
N2 NAG JA . 41.70 20.19 -27.79
O3 NAG JA . 43.52 22.09 -26.74
O4 NAG JA . 45.57 22.83 -28.59
O5 NAG JA . 44.86 19.36 -29.43
O6 NAG JA . 47.58 19.89 -29.09
O7 NAG JA . 39.75 19.67 -26.78
C1 NAG JA . 46.65 23.17 -27.70
C2 NAG JA . 47.32 24.44 -28.25
C3 NAG JA . 48.43 24.89 -27.30
C4 NAG JA . 47.91 25.01 -25.88
C5 NAG JA . 47.23 23.69 -25.47
C6 NAG JA . 46.67 23.70 -24.08
C7 NAG JA . 47.28 24.68 -30.70
C8 NAG JA . 46.04 25.53 -30.53
N2 NAG JA . 47.82 24.21 -29.58
O3 NAG JA . 48.93 26.11 -27.79
O4 NAG JA . 49.01 25.30 -25.05
O5 NAG JA . 46.19 23.41 -26.38
O6 NAG JA . 46.06 22.46 -23.81
O7 NAG JA . 47.74 24.46 -31.81
C1 NAG KA . 25.27 30.12 -24.67
C2 NAG KA . 26.79 30.35 -24.76
C3 NAG KA . 27.06 31.78 -25.20
C4 NAG KA . 26.31 32.11 -26.49
C5 NAG KA . 24.82 31.75 -26.33
C6 NAG KA . 24.01 31.90 -27.59
C7 NAG KA . 28.38 29.16 -23.32
C8 NAG KA . 28.89 29.03 -21.90
N2 NAG KA . 27.41 30.06 -23.49
O3 NAG KA . 28.44 31.91 -25.38
O4 NAG KA . 26.48 33.49 -26.73
O5 NAG KA . 24.71 30.41 -25.92
O6 NAG KA . 23.97 33.25 -27.97
O7 NAG KA . 28.85 28.49 -24.23
C1 NAG KA . 27.26 33.69 -27.92
C2 NAG KA . 27.04 35.15 -28.37
C3 NAG KA . 27.90 35.45 -29.59
C4 NAG KA . 29.36 35.13 -29.31
C5 NAG KA . 29.44 33.67 -28.84
C6 NAG KA . 30.84 33.20 -28.53
C7 NAG KA . 24.88 36.19 -27.85
C8 NAG KA . 23.46 36.36 -28.34
N2 NAG KA . 25.66 35.43 -28.64
O3 NAG KA . 27.69 36.80 -29.91
O4 NAG KA . 30.09 35.34 -30.50
O5 NAG KA . 28.63 33.48 -27.71
O6 NAG KA . 31.38 33.99 -27.49
O7 NAG KA . 25.27 36.72 -26.83
C1 BMA KA . 30.82 36.53 -30.52
C2 BMA KA . 32.04 36.52 -31.41
C3 BMA KA . 32.72 37.86 -31.34
C4 BMA KA . 31.74 38.96 -31.70
C5 BMA KA . 30.52 38.89 -30.80
C6 BMA KA . 29.44 39.85 -31.22
O2 BMA KA . 31.68 36.21 -32.75
O3 BMA KA . 33.84 37.89 -32.24
O4 BMA KA . 32.36 40.23 -31.52
O5 BMA KA . 29.94 37.59 -30.88
O6 BMA KA . 29.08 39.63 -32.58
C1 NAG LA . 9.11 23.60 -30.61
C2 NAG LA . 8.46 24.54 -29.60
C3 NAG LA . 7.99 25.80 -30.30
C4 NAG LA . 9.15 26.45 -31.04
C5 NAG LA . 9.75 25.44 -32.00
C6 NAG LA . 10.98 25.96 -32.71
C7 NAG LA . 7.29 23.63 -27.65
C8 NAG LA . 6.03 22.98 -27.17
N2 NAG LA . 7.33 23.92 -28.96
O3 NAG LA . 7.44 26.69 -29.35
O4 NAG LA . 8.66 27.55 -31.80
O5 NAG LA . 10.16 24.26 -31.29
O6 NAG LA . 11.45 25.01 -33.65
O7 NAG LA . 8.23 23.88 -26.91
C1 NAG LA . 9.17 28.82 -31.53
C2 NAG LA . 8.80 29.67 -32.75
C3 NAG LA . 9.23 31.11 -32.50
C4 NAG LA . 8.64 31.63 -31.20
C5 NAG LA . 9.02 30.69 -30.06
C6 NAG LA . 8.37 31.08 -28.75
C7 NAG LA . 8.81 28.41 -34.82
C8 NAG LA . 9.61 28.02 -36.04
N2 NAG LA . 9.46 29.13 -33.91
O3 NAG LA . 8.79 31.91 -33.60
O4 NAG LA . 9.20 32.90 -30.92
O5 NAG LA . 8.62 29.34 -30.34
O6 NAG LA . 6.96 31.19 -28.91
O7 NAG LA . 7.65 28.06 -34.68
C1 BMA LA . 8.36 34.00 -30.83
C2 BMA LA . 9.05 35.00 -29.93
C3 BMA LA . 8.23 36.25 -29.79
C4 BMA LA . 7.94 36.81 -31.16
C5 BMA LA . 7.28 35.77 -32.05
C6 BMA LA . 7.12 36.27 -33.46
O2 BMA LA . 10.34 35.30 -30.45
O3 BMA LA . 8.93 37.19 -29.00
O4 BMA LA . 7.09 37.94 -31.05
O5 BMA LA . 8.10 34.59 -32.11
O6 BMA LA . 8.24 37.08 -33.80
C1 MAN LA . 9.09 36.82 -27.67
C2 MAN LA . 7.74 36.87 -26.99
C3 MAN LA . 7.20 38.28 -26.97
C4 MAN LA . 8.21 39.19 -26.30
C5 MAN LA . 9.56 39.10 -27.00
C6 MAN LA . 10.64 39.88 -26.30
O2 MAN LA . 7.84 36.33 -25.69
O3 MAN LA . 5.96 38.31 -26.26
O4 MAN LA . 7.75 40.54 -26.36
O5 MAN LA . 9.99 37.72 -27.02
O6 MAN LA . 10.75 39.46 -24.93
C1 MAN LA . 7.93 38.17 -34.62
C2 MAN LA . 7.67 37.66 -36.01
C3 MAN LA . 8.90 36.98 -36.57
C4 MAN LA . 10.08 37.94 -36.54
C5 MAN LA . 10.29 38.46 -35.11
C6 MAN LA . 11.36 39.52 -35.03
O2 MAN LA . 7.24 38.72 -36.86
O3 MAN LA . 8.65 36.57 -37.91
O4 MAN LA . 11.26 37.29 -36.96
O5 MAN LA . 9.06 39.05 -34.63
O6 MAN LA . 12.64 38.98 -35.35
C1 NAG MA . 19.99 28.88 50.96
C2 NAG MA . 20.72 29.93 51.82
C3 NAG MA . 19.86 30.29 53.03
C4 NAG MA . 18.44 30.65 52.63
C5 NAG MA . 17.87 29.56 51.70
C6 NAG MA . 16.48 29.83 51.18
C7 NAG MA . 23.19 29.96 51.87
C8 NAG MA . 23.13 31.15 50.94
N2 NAG MA . 22.01 29.44 52.24
O3 NAG MA . 20.50 31.33 53.71
O4 NAG MA . 17.70 30.76 53.82
O5 NAG MA . 18.74 29.39 50.60
O6 NAG MA . 16.47 31.03 50.46
O7 NAG MA . 24.27 29.52 52.24
C1 NAG MA . 17.13 32.09 53.91
C2 NAG MA . 15.89 32.03 54.80
C3 NAG MA . 15.27 33.41 54.90
C4 NAG MA . 16.30 34.41 55.39
C5 NAG MA . 17.56 34.33 54.51
C6 NAG MA . 18.67 35.23 54.98
C7 NAG MA . 14.53 29.99 55.01
C8 NAG MA . 13.52 29.11 54.31
N2 NAG MA . 14.94 31.06 54.32
O3 NAG MA . 14.16 33.34 55.76
O4 NAG MA . 15.70 35.69 55.32
O5 NAG MA . 18.04 33.00 54.49
O6 NAG MA . 18.20 36.55 55.13
O7 NAG MA . 14.94 29.71 56.13
C1 NAG NA . 16.19 14.89 30.85
C2 NAG NA . 15.81 16.14 30.05
C3 NAG NA . 15.33 17.24 30.99
C4 NAG NA . 14.26 16.75 31.95
C5 NAG NA . 14.73 15.45 32.62
C6 NAG NA . 13.69 14.82 33.52
C7 NAG NA . 16.97 16.70 27.95
C8 NAG NA . 15.72 16.24 27.22
N2 NAG NA . 16.92 16.62 29.28
O3 NAG NA . 14.87 18.30 30.19
O4 NAG NA . 14.06 17.75 32.92
O5 NAG NA . 15.08 14.51 31.64
O6 NAG NA . 14.17 13.62 34.03
O7 NAG NA . 17.94 17.13 27.33
C1 NAG NA . 12.85 18.50 32.64
C2 NAG NA . 12.05 18.66 33.94
C3 NAG NA . 10.80 19.48 33.66
C4 NAG NA . 11.15 20.80 32.98
C5 NAG NA . 12.04 20.53 31.76
C6 NAG NA . 12.52 21.79 31.08
C7 NAG NA . 12.03 16.94 35.71
C8 NAG NA . 12.87 17.87 36.54
N2 NAG NA . 11.69 17.38 34.49
O3 NAG NA . 10.15 19.68 34.88
O4 NAG NA . 9.93 21.36 32.58
O5 NAG NA . 13.17 19.78 32.15
O6 NAG NA . 13.42 21.48 30.05
O7 NAG NA . 11.69 15.85 36.15
C1 BMA NA . 9.42 22.40 33.35
C2 BMA NA . 9.09 23.64 32.55
C3 BMA NA . 8.43 24.73 33.40
C4 BMA NA . 7.47 24.19 34.45
C5 BMA NA . 8.05 22.99 35.16
C6 BMA NA . 7.10 22.38 36.16
O2 BMA NA . 8.29 23.29 31.43
O3 BMA NA . 7.72 25.61 32.52
O4 BMA NA . 7.24 25.19 35.43
O5 BMA NA . 8.33 22.01 34.17
O6 BMA NA . 7.77 22.01 37.36
C1 MAN NA . 8.05 26.97 32.48
C2 MAN NA . 7.24 27.67 31.37
C3 MAN NA . 7.88 27.47 30.00
C4 MAN NA . 9.30 28.01 30.05
C5 MAN NA . 10.07 27.19 31.07
C6 MAN NA . 11.48 27.71 31.27
O2 MAN NA . 7.18 29.03 31.72
O3 MAN NA . 7.09 28.15 29.05
O4 MAN NA . 9.84 27.88 28.75
O5 MAN NA . 9.44 27.23 32.35
O6 MAN NA . 11.42 28.99 31.84
C1 NAG OA . 37.34 33.37 45.66
C2 NAG OA . 36.94 34.31 46.79
C3 NAG OA . 38.12 35.21 47.20
C4 NAG OA . 39.39 34.38 47.41
C5 NAG OA . 39.64 33.53 46.17
C6 NAG OA . 40.89 32.68 46.24
C7 NAG OA . 34.58 35.05 46.88
C8 NAG OA . 34.37 34.00 47.93
N2 NAG OA . 35.84 35.13 46.39
O3 NAG OA . 37.75 35.89 48.37
O4 NAG OA . 40.43 35.31 47.64
O5 NAG OA . 38.53 32.69 45.99
O6 NAG OA . 40.96 31.83 45.12
O7 NAG OA . 33.67 35.77 46.50
C1 NAG OA . 41.00 35.04 48.94
C2 NAG OA . 42.45 35.55 48.94
C3 NAG OA . 43.06 35.33 50.31
C4 NAG OA . 42.18 35.96 51.38
C5 NAG OA . 40.75 35.43 51.25
C6 NAG OA . 39.79 36.02 52.25
C7 NAG OA . 43.63 35.48 46.78
C8 NAG OA . 44.44 34.60 45.86
N2 NAG OA . 43.23 34.89 47.92
O3 NAG OA . 44.36 35.87 50.31
O4 NAG OA . 42.75 35.63 52.63
O5 NAG OA . 40.28 35.71 49.95
O6 NAG OA . 39.79 37.42 52.14
O7 NAG OA . 43.37 36.64 46.49
C1 NAG PA . 1.41 34.26 -54.25
C2 NAG PA . 0.12 34.64 -54.99
C3 NAG PA . 0.44 35.56 -56.16
C4 NAG PA . 1.36 36.71 -55.76
C5 NAG PA . 2.56 36.17 -54.97
C6 NAG PA . 3.51 37.24 -54.46
C7 NAG PA . -1.69 32.96 -55.00
C8 NAG PA . -2.15 31.68 -55.68
N2 NAG PA . -0.52 33.45 -55.46
O3 NAG PA . -0.77 36.02 -56.67
O4 NAG PA . 1.76 37.32 -56.96
O5 NAG PA . 2.08 35.44 -53.87
O6 NAG PA . 4.53 36.64 -53.70
O7 NAG PA . -2.35 33.49 -54.12
C1 NAG PA . 1.41 38.72 -56.94
C2 NAG PA . 1.98 39.38 -58.21
C3 NAG PA . 1.63 40.86 -58.21
C4 NAG PA . 0.12 41.04 -58.04
C5 NAG PA . -0.35 40.27 -56.80
C6 NAG PA . -1.84 40.35 -56.56
C7 NAG PA . 3.99 38.36 -59.18
C8 NAG PA . 5.50 38.30 -59.10
N2 NAG PA . 3.40 39.18 -58.30
O3 NAG PA . 2.09 41.42 -59.40
O4 NAG PA . -0.12 42.42 -57.91
O5 NAG PA . 0.01 38.91 -56.94
O6 NAG PA . -2.53 39.95 -57.72
O7 NAG PA . 3.38 37.70 -60.01
C1 NAG QA . -16.47 -30.61 58.18
C2 NAG QA . -17.84 -30.81 58.85
C3 NAG QA . -17.88 -32.14 59.58
C4 NAG QA . -17.42 -33.28 58.67
C5 NAG QA . -16.05 -32.92 58.08
C6 NAG QA . -15.47 -33.98 57.15
C7 NAG QA . -19.08 -28.80 59.60
C8 NAG QA . -19.16 -27.77 60.69
N2 NAG QA . -18.11 -29.72 59.76
O3 NAG QA . -19.19 -32.34 60.03
O4 NAG QA . -17.36 -34.44 59.46
O5 NAG QA . -16.18 -31.71 57.35
O6 NAG QA . -14.24 -33.53 56.66
O7 NAG QA . -19.83 -28.79 58.63
C1 NAG RA . -31.15 -26.30 41.82
C2 NAG RA . -31.75 -27.35 42.75
C3 NAG RA . -32.73 -28.24 41.99
C4 NAG RA . -33.75 -27.39 41.26
C5 NAG RA . -33.01 -26.40 40.36
C6 NAG RA . -33.93 -25.51 39.54
C7 NAG RA . -30.27 -28.05 44.62
C8 NAG RA . -31.00 -27.04 45.47
N2 NAG RA . -30.70 -28.15 43.34
O3 NAG RA . -33.33 -29.12 42.91
O4 NAG RA . -34.59 -28.25 40.53
O5 NAG RA . -32.19 -25.59 41.16
O6 NAG RA . -33.17 -24.62 38.77
O7 NAG RA . -29.37 -28.74 45.08
C1 NAG SA . -49.40 15.08 44.22
C2 NAG SA . -49.00 14.25 45.46
C3 NAG SA . -50.21 14.02 46.34
C4 NAG SA . -50.90 15.35 46.66
C5 NAG SA . -51.20 16.08 45.35
C6 NAG SA . -51.87 17.43 45.55
C7 NAG SA . -47.13 12.65 45.29
C8 NAG SA . -46.75 11.28 44.80
N2 NAG SA . -48.42 12.99 45.07
O3 NAG SA . -49.77 13.38 47.51
O4 NAG SA . -52.08 15.05 47.37
O5 NAG SA . -50.00 16.28 44.64
O6 NAG SA . -51.13 18.19 46.47
O7 NAG SA . -46.33 13.38 45.83
C1 NAG TA . -42.99 -22.27 -21.92
C2 NAG TA . -44.36 -21.98 -21.30
C3 NAG TA . -45.22 -23.25 -21.30
C4 NAG TA . -45.25 -23.89 -22.69
C5 NAG TA . -43.81 -24.10 -23.17
C6 NAG TA . -43.70 -24.73 -24.54
C7 NAG TA . -44.48 -20.26 -19.53
C8 NAG TA . -45.00 -19.31 -20.59
N2 NAG TA . -44.20 -21.50 -19.95
O3 NAG TA . -46.52 -22.89 -20.87
O4 NAG TA . -45.94 -25.11 -22.58
O5 NAG TA . -43.17 -22.85 -23.20
O6 NAG TA . -42.36 -24.77 -24.95
O7 NAG TA . -44.32 -19.89 -18.38
C1 NAG UA . -35.65 -30.71 12.65
C2 NAG UA . -36.38 -30.19 11.40
C3 NAG UA . -37.81 -30.72 11.36
C4 NAG UA . -37.82 -32.23 11.53
C5 NAG UA . -37.05 -32.60 12.81
C6 NAG UA . -36.98 -34.10 13.07
C7 NAG UA . -35.78 -27.99 10.44
C8 NAG UA . -35.09 -28.73 9.33
N2 NAG UA . -36.37 -28.75 11.39
O3 NAG UA . -38.37 -30.33 10.13
O4 NAG UA . -39.18 -32.62 11.61
O5 NAG UA . -35.73 -32.11 12.69
O6 NAG UA . -36.17 -34.34 14.19
O7 NAG UA . -35.81 -26.76 10.47
C1 NAG VA . -50.75 34.68 31.24
C2 NAG VA . -50.37 36.08 31.74
C3 NAG VA . -51.16 36.36 33.02
C4 NAG VA . -52.66 36.21 32.73
C5 NAG VA . -52.94 34.85 32.09
C6 NAG VA . -54.38 34.65 31.70
C7 NAG VA . -48.13 36.96 31.25
C8 NAG VA . -46.67 36.92 31.66
N2 NAG VA . -48.95 36.18 31.97
O3 NAG VA . -50.83 37.64 33.48
O4 NAG VA . -53.34 36.36 33.96
O5 NAG VA . -52.13 34.68 30.95
O6 NAG VA . -54.78 35.68 30.81
O7 NAG VA . -48.51 37.67 30.33
C1 PAM WA . -36.33 24.79 14.54
O1 PAM WA . -36.29 26.02 14.77
O2 PAM WA . -36.19 24.29 13.41
C2 PAM WA . -36.57 23.86 15.71
C3 PAM WA . -35.65 24.07 16.88
C4 PAM WA . -35.82 23.00 17.94
C5 PAM WA . -36.12 23.53 19.31
C6 PAM WA . -36.35 22.46 20.34
C7 PAM WA . -36.67 22.98 21.74
C8 PAM WA . -38.10 23.33 21.93
C9 PAM WA . -38.42 23.77 23.32
C10 PAM WA . -39.37 23.23 24.05
C11 PAM WA . -40.10 21.98 23.69
C12 PAM WA . -41.57 22.19 23.57
C13 PAM WA . -42.35 20.98 23.09
C14 PAM WA . -43.64 21.32 22.40
C15 PAM WA . -44.87 20.88 23.14
C16 PAM WA . -44.80 19.44 23.58
C1 NAG XA . -20.60 -43.05 -2.55
C2 NAG XA . -20.49 -43.32 -4.05
C3 NAG XA . -21.87 -43.49 -4.66
C4 NAG XA . -22.68 -44.53 -3.89
C5 NAG XA . -22.72 -44.13 -2.41
C6 NAG XA . -23.44 -45.16 -1.56
C7 NAG XA . -18.53 -42.45 -5.21
C8 NAG XA . -17.91 -41.27 -5.90
N2 NAG XA . -19.75 -42.27 -4.72
O3 NAG XA . -21.75 -43.86 -6.02
O4 NAG XA . -24.01 -44.56 -4.40
O5 NAG XA . -21.37 -44.05 -1.90
O6 NAG XA . -22.80 -46.43 -1.63
O7 NAG XA . -17.94 -43.52 -5.11
C1 PAM YA . 7.06 24.13 -5.48
O1 PAM YA . 7.33 24.64 -6.57
O2 PAM YA . 7.87 24.05 -4.53
C2 PAM YA . 5.66 23.58 -5.27
C3 PAM YA . 5.05 22.97 -6.49
C4 PAM YA . 3.70 22.34 -6.21
C5 PAM YA . 2.53 23.23 -6.58
C6 PAM YA . 2.06 24.12 -5.46
C7 PAM YA . 1.85 25.56 -5.87
C8 PAM YA . 0.67 26.21 -5.22
C9 PAM YA . 0.53 27.67 -5.55
C10 PAM YA . -0.59 28.31 -5.69
C11 PAM YA . -1.95 27.79 -5.33
C12 PAM YA . -2.83 28.83 -4.70
C13 PAM YA . -3.88 28.26 -3.75
C14 PAM YA . -4.40 29.26 -2.74
C15 PAM YA . -4.93 28.62 -1.48
C16 PAM YA . -5.52 29.62 -0.50
C1 PAM ZA . -20.61 -5.55 -14.37
O1 PAM ZA . -20.73 -5.58 -15.61
O2 PAM ZA . -21.25 -4.79 -13.62
C2 PAM ZA . -19.63 -6.51 -13.72
C3 PAM ZA . -18.39 -6.76 -14.53
C4 PAM ZA . -17.39 -7.64 -13.80
C5 PAM ZA . -17.45 -9.09 -14.19
C6 PAM ZA . -18.39 -9.93 -13.36
C7 PAM ZA . -19.32 -10.82 -14.17
C8 PAM ZA . -19.57 -12.15 -13.56
C9 PAM ZA . -20.57 -12.97 -14.31
C10 PAM ZA . -20.54 -14.28 -14.43
C11 PAM ZA . -19.67 -15.20 -13.65
C12 PAM ZA . -20.35 -16.47 -13.24
C13 PAM ZA . -19.81 -17.09 -11.97
C14 PAM ZA . -20.76 -18.02 -11.26
C15 PAM ZA . -20.50 -18.17 -9.79
C16 PAM ZA . -21.42 -19.14 -9.08
C1 NAG AB . 9.86 1.27 67.04
C2 NAG AB . 10.36 0.17 67.99
C3 NAG AB . 11.19 0.80 69.11
C4 NAG AB . 12.25 1.73 68.56
C5 NAG AB . 11.59 2.74 67.62
C6 NAG AB . 12.54 3.74 67.00
C7 NAG AB . 9.00 -1.87 68.27
C8 NAG AB . 7.78 -2.42 68.96
N2 NAG AB . 9.26 -0.57 68.54
O3 NAG AB . 11.75 -0.25 69.86
O4 NAG AB . 12.86 2.36 69.65
O5 NAG AB . 10.95 2.04 66.58
O6 NAG AB . 11.82 4.61 66.16
O7 NAG AB . 9.68 -2.55 67.52
C1 NAG BB . 19.09 -13.92 53.41
C2 NAG BB . 19.86 -13.92 54.74
C3 NAG BB . 21.30 -14.37 54.52
C4 NAG BB . 21.33 -15.69 53.77
C5 NAG BB . 20.55 -15.53 52.46
C6 NAG BB . 20.54 -16.77 51.60
C7 NAG BB . 19.05 -12.27 56.40
C8 NAG BB . 18.22 -13.38 57.00
N2 NAG BB . 19.80 -12.61 55.33
O3 NAG BB . 21.92 -14.46 55.78
O4 NAG BB . 22.68 -16.02 53.54
O5 NAG BB . 19.22 -15.18 52.77
O6 NAG BB . 19.78 -16.55 50.44
O7 NAG BB . 19.03 -11.14 56.87
C1 NAG CB . -7.38 -49.84 45.66
C2 NAG CB . -7.35 -49.08 46.99
C3 NAG CB . -6.98 -50.01 48.12
C4 NAG CB . -7.86 -51.25 48.11
C5 NAG CB . -7.83 -51.90 46.73
C6 NAG CB . -8.71 -53.12 46.60
C7 NAG CB . -6.81 -46.67 46.99
C8 NAG CB . -5.67 -45.68 46.91
N2 NAG CB . -6.44 -47.97 46.93
O3 NAG CB . -7.09 -49.30 49.33
O4 NAG CB . -7.38 -52.13 49.10
O5 NAG CB . -8.25 -50.94 45.77
O6 NAG CB . -10.00 -52.82 47.05
O7 NAG CB . -7.96 -46.31 47.10
C1 NAG DB . 45.43 -27.22 -4.45
C2 NAG DB . 45.56 -28.55 -3.70
C3 NAG DB . 46.97 -28.70 -3.12
C4 NAG DB . 48.03 -28.44 -4.19
C5 NAG DB . 47.76 -27.09 -4.85
C6 NAG DB . 48.74 -26.71 -5.93
C7 NAG DB . 43.53 -29.47 -2.61
C8 NAG DB . 43.40 -30.40 -3.80
N2 NAG DB . 44.58 -28.63 -2.65
O3 NAG DB . 47.08 -30.00 -2.59
O4 NAG DB . 49.28 -28.45 -3.55
O5 NAG DB . 46.45 -27.12 -5.42
O6 NAG DB . 48.33 -25.52 -6.56
O7 NAG DB . 42.73 -29.49 -1.70
C1 NAG EB . 35.82 -16.20 28.80
C2 NAG EB . 36.18 -17.10 27.62
C3 NAG EB . 37.26 -18.09 28.04
C4 NAG EB . 38.44 -17.37 28.69
C5 NAG EB . 37.91 -16.49 29.84
C6 NAG EB . 38.99 -15.72 30.56
C7 NAG EB . 34.50 -17.66 25.89
C8 NAG EB . 35.23 -16.71 24.97
N2 NAG EB . 35.02 -17.79 27.13
O3 NAG EB . 37.67 -18.79 26.88
O4 NAG EB . 39.32 -18.36 29.17
O5 NAG EB . 36.98 -15.57 29.31
O6 NAG EB . 38.40 -14.86 31.52
O7 NAG EB . 33.51 -18.26 25.52
C1 NAG FB . -17.74 -60.70 27.49
C2 NAG FB . -19.23 -61.02 27.43
C3 NAG FB . -19.59 -61.84 28.67
C4 NAG FB . -18.70 -63.08 28.75
C5 NAG FB . -17.23 -62.67 28.66
C6 NAG FB . -16.27 -63.86 28.65
C7 NAG FB . -20.75 -59.51 26.24
C8 NAG FB . -21.50 -58.20 26.34
N2 NAG FB . -20.03 -59.83 27.33
O3 NAG FB . -20.95 -62.16 28.61
O4 NAG FB . -18.99 -63.72 29.98
O5 NAG FB . -17.02 -61.90 27.50
O6 NAG FB . -16.61 -64.71 27.57
O7 NAG FB . -20.80 -60.19 25.23
C1 PAM GB . -9.67 -43.56 12.47
O1 PAM GB . -10.77 -44.10 12.27
O2 PAM GB . -8.90 -43.21 11.56
C2 PAM GB . -9.26 -43.29 13.91
C3 PAM GB . -10.28 -42.57 14.73
C4 PAM GB . -9.75 -42.19 16.09
C5 PAM GB . -10.57 -42.69 17.25
C6 PAM GB . -9.99 -42.36 18.59
C7 PAM GB . -10.80 -42.86 19.78
C8 PAM GB . -10.53 -44.29 20.13
C9 PAM GB . -11.28 -44.75 21.33
C10 PAM GB . -10.71 -45.30 22.36
C11 PAM GB . -9.23 -45.36 22.59
C12 PAM GB . -8.71 -46.74 22.69
C13 PAM GB . -7.20 -46.85 22.81
C14 PAM GB . -6.64 -48.16 22.31
C15 PAM GB . -6.01 -49.00 23.38
C16 PAM GB . -5.06 -48.24 24.25
C1 NAG HB . 45.01 2.70 15.83
C2 NAG HB . 45.75 2.92 14.52
C3 NAG HB . 46.73 1.78 14.28
C4 NAG HB . 47.63 1.58 15.50
C5 NAG HB . 46.78 1.38 16.74
C6 NAG HB . 47.59 1.26 18.00
C7 NAG HB . 44.63 4.20 12.77
C8 NAG HB . 43.66 4.14 11.62
N2 NAG HB . 44.84 3.04 13.40
O3 NAG HB . 47.50 2.05 13.12
O4 NAG HB . 48.45 0.43 15.30
O5 NAG HB . 45.92 2.52 16.91
O6 NAG HB . 48.38 2.42 18.22
O7 NAG HB . 45.20 5.23 13.10
C1 PAM IB . 19.10 -15.59 -7.38
O1 PAM IB . 19.64 -15.69 -8.49
O2 PAM IB . 18.48 -16.51 -6.82
C2 PAM IB . 19.19 -14.26 -6.66
C3 PAM IB . 19.15 -13.07 -7.58
C4 PAM IB . 19.15 -11.76 -6.81
C5 PAM IB . 20.51 -11.11 -6.68
C6 PAM IB . 21.29 -11.51 -5.45
C7 PAM IB . 22.73 -11.92 -5.72
C8 PAM IB . 23.69 -11.48 -4.67
C9 PAM IB . 25.09 -11.97 -4.90
C10 PAM IB . 26.17 -11.33 -4.59
C11 PAM IB . 26.25 -10.09 -3.74
C12 PAM IB . 27.41 -10.08 -2.81
C13 PAM IB . 27.19 -9.27 -1.54
C14 PAM IB . 28.09 -9.66 -0.39
C15 PAM IB . 27.53 -9.33 0.97
C16 PAM IB . 28.46 -9.66 2.12
C1 NAG JB . -31.03 9.06 59.57
C2 NAG JB . -30.72 10.05 60.71
C3 NAG JB . -32.02 10.50 61.37
C4 NAG JB . -33.03 10.96 60.35
C5 NAG JB . -33.21 9.87 59.28
C6 NAG JB . -34.21 10.21 58.19
C7 NAG JB . -28.57 9.84 61.90
C8 NAG JB . -27.84 9.06 62.96
N2 NAG JB . -29.84 9.45 61.67
O3 NAG JB . -31.70 11.50 62.30
O4 NAG JB . -34.24 11.21 61.03
O5 NAG JB . -31.96 9.63 58.67
O6 NAG JB . -34.27 9.16 57.27
O7 NAG JB . -28.03 10.76 61.30
C1 NAG KB . -17.55 24.27 50.14
C2 NAG KB . -18.39 24.96 51.21
C3 NAG KB . -18.59 26.43 50.87
C4 NAG KB . -17.24 27.09 50.60
C5 NAG KB . -16.53 26.31 49.50
C6 NAG KB . -15.18 26.90 49.11
C7 NAG KB . -20.02 23.49 52.36
C8 NAG KB . -18.97 23.30 53.45
N2 NAG KB . -19.66 24.29 51.34
O3 NAG KB . -19.27 27.04 51.94
O4 NAG KB . -17.48 28.43 50.24
O5 NAG KB . -16.35 24.98 49.94
O6 NAG KB . -14.58 26.10 48.12
O7 NAG KB . -21.10 22.93 52.43
C1 NAG LB . 26.25 18.31 59.99
C2 NAG LB . 25.11 17.99 60.96
C3 NAG LB . 25.27 18.79 62.24
C4 NAG LB . 26.67 18.61 62.82
C5 NAG LB . 27.71 18.93 61.74
C6 NAG LB . 29.14 18.76 62.20
C7 NAG LB . 22.91 17.30 60.07
C8 NAG LB . 21.64 17.81 59.45
N2 NAG LB . 23.82 18.26 60.36
O3 NAG LB . 24.28 18.36 63.14
O4 NAG LB . 26.78 19.48 63.92
O5 NAG LB . 27.48 18.09 60.62
O6 NAG LB . 29.30 17.48 62.77
O7 NAG LB . 23.09 16.12 60.27
C1 NAG MB . 3.78 52.86 -4.15
C2 NAG MB . 4.52 53.62 -3.04
C3 NAG MB . 3.79 54.94 -2.74
C4 NAG MB . 3.51 55.72 -4.02
C5 NAG MB . 2.79 54.81 -5.02
C6 NAG MB . 2.46 55.48 -6.34
C7 NAG MB . 5.73 52.30 -1.34
C8 NAG MB . 7.00 52.62 -2.10
N2 NAG MB . 4.60 52.81 -1.85
O3 NAG MB . 4.59 55.67 -1.84
O4 NAG MB . 2.73 56.84 -3.67
O5 NAG MB . 3.61 53.69 -5.27
O6 NAG MB . 1.92 54.53 -7.23
O7 NAG MB . 5.76 51.62 -0.33
C1 NAG NB . -13.66 39.63 24.85
C2 NAG NB . -12.64 40.36 23.98
C3 NAG NB . -12.47 41.80 24.48
C4 NAG NB . -13.82 42.49 24.62
C5 NAG NB . -14.74 41.62 25.50
C6 NAG NB . -16.12 42.21 25.69
C7 NAG NB . -10.78 39.14 22.90
C8 NAG NB . -11.52 39.30 21.60
N2 NAG NB . -11.38 39.67 23.99
O3 NAG NB . -11.64 42.47 23.56
O4 NAG NB . -13.59 43.75 25.21
O5 NAG NB . -14.87 40.36 24.89
O6 NAG NB . -16.92 41.29 26.41
O7 NAG NB . -9.71 38.56 22.95
C1 NAG OB . 46.58 14.21 48.81
C2 NAG OB . 47.53 13.06 49.16
C3 NAG OB . 47.87 13.15 50.64
C4 NAG OB . 48.46 14.53 50.95
C5 NAG OB . 47.52 15.62 50.44
C6 NAG OB . 48.07 17.03 50.63
C7 NAG OB . 47.42 10.97 47.86
C8 NAG OB . 46.66 9.68 47.68
N2 NAG OB . 46.95 11.78 48.83
O3 NAG OB . 48.77 12.11 50.96
O4 NAG OB . 48.64 14.60 52.35
O5 NAG OB . 47.25 15.42 49.07
O6 NAG OB . 49.31 17.13 49.98
O7 NAG OB . 48.39 11.24 47.16
C1 PAM PB . 34.85 12.76 27.72
O1 PAM PB . 35.86 12.05 27.93
O2 PAM PB . 34.58 13.25 26.61
C2 PAM PB . 33.91 13.01 28.88
C3 PAM PB . 33.47 11.78 29.61
C4 PAM PB . 32.39 12.09 30.63
C5 PAM PB . 32.72 11.63 32.03
C6 PAM PB . 31.68 12.00 33.05
C7 PAM PB . 32.00 11.54 34.47
C8 PAM PB . 32.90 12.47 35.20
C9 PAM PB . 33.14 12.07 36.62
C10 PAM PB . 32.95 12.85 37.64
C11 PAM PB . 32.25 14.18 37.57
C12 PAM PB . 33.11 15.30 38.02
C13 PAM PB . 32.49 16.67 37.86
C14 PAM PB . 33.49 17.79 37.73
C15 PAM PB . 33.50 18.76 38.87
C16 PAM PB . 32.12 19.24 39.23
C1 NAG QB . -28.10 38.35 4.86
C2 NAG QB . -28.09 38.88 3.43
C3 NAG QB . -27.51 40.29 3.38
C4 NAG QB . -28.22 41.19 4.39
C5 NAG QB . -28.15 40.55 5.77
C6 NAG QB . -28.90 41.35 6.82
C7 NAG QB . -27.97 37.25 1.61
C8 NAG QB . -27.06 36.40 0.76
N2 NAG QB . -27.36 37.99 2.53
O3 NAG QB . -27.63 40.81 2.07
O4 NAG QB . -27.56 42.45 4.43
O5 NAG QB . -28.77 39.25 5.73
O6 NAG QB . -30.27 41.46 6.49
O7 NAG QB . -29.19 37.25 1.46
#